data_6OY6
#
_entry.id   6OY6
#
_cell.length_a   186.882
_cell.length_b   102.138
_cell.length_c   297.364
_cell.angle_alpha   90.00
_cell.angle_beta   98.81
_cell.angle_gamma   90.00
#
_symmetry.space_group_name_H-M   'C 1 2 1'
#
loop_
_entity.id
_entity.type
_entity.pdbx_description
1 polymer 'DNA-directed RNA polymerase subunit alpha'
2 polymer 'DNA-directed RNA polymerase subunit beta'
3 polymer "DNA-directed RNA polymerase subunit beta'"
4 polymer 'DNA-directed RNA polymerase subunit omega'
5 polymer 'RNA polymerase sigma factor SigA'
6 polymer "DNA (5'-D(P*CP*CP*TP*GP*CP*AP*TP*CP*AP*GP*AP*GP*CP*CP*CP*AP*AP*AP*A)-3')"
7 polymer "DNA (5'-D(*TP*AP*TP*AP*AP*TP*GP*GP*GP*GP*AP*TP*CP*TP*GP*AP*TP*GP*CP*AP*GP*G)-3')"
8 polymer "RNA (5'-D(*(GTP))-R(P*GP*GP*G)-3')"
9 non-polymer 'MAGNESIUM ION'
10 non-polymer 'ZINC ION'
11 non-polymer "GUANOSINE-5'-TRIPHOSPHATE"
#
loop_
_entity_poly.entity_id
_entity_poly.type
_entity_poly.pdbx_seq_one_letter_code
_entity_poly.pdbx_strand_id
1 'polypeptide(L)'
;MLDSKLKAPVFTVRTQGREYGEFVLEPLERGFGVTLGNPLRRILLSSIPGTAVTSVYIEDVLHEFSTIPGVKEDVVEIIL
NLKELVVRFLNPSLQTVTLLLKAEGPKEVKARDFLPVADVEIMNPDLHIATLEEGGRLNMEVRVDRGVGYVPAEKHGIKD
RINAIPVDAVFSPVRRVAFQVEDTRLGQRTDLDKLTLRIWTDGSVTPLEALNQAVEILREHLTYFSNPQAAAVAAPEEAK
EPEAPPEQEEELDLPLEELGLSTRVLHSLKEEGIESVRALLALNLKDLKNIPGIGERSLEEIKEALEKKGFTLKE
;
A,B
2 'polypeptide(L)'
;MEIKRFGRIREVIPLPPLTEIQVESYRRALQADVPPEKRENVGIQAAFRETFPIEEEDKGKGGLVLDFLEYRLGEPPFPQ
DECREKDLTYQAPLYARLQLIHKDTGLIKEDEVFLGHIPLMTEDGSFIINGADRVIVSQIHRSPGVYFTPDPARPGRYIA
SIIPLPKRGPWIDLEVEPNGVVSMKVNKRKFPLVLLLRVLGYDQETLARELGAYGELVQGLMDESVFAMRPEEALIRLFT
LLRPGDPPKRDKAVAYVYGLIADPRRYDLGEAGRYKAEEKLGIRLSGRTLARFEDGEFKDEVFLPTLRYLFALTAGVPGH
EVDDIDHLGNRRIRTVGELMTDQFRVGLARLARGVRERMLMGSEDSLTPAKLVNSRPLEAAIREFFSRSQLSQFKDETNP
LSSLRHKRRISALGPGGLTRERAGFDVRDVHRTHYGRICPVETPEGANIGLITSLAAYARVDELGFIRTPYRRVVGGVVT
DEVVYMTATEEDRYTIAQANTPLEGNRIAAERVVARRKGEPVIVSPEEVEFMDVSPKQVFSVNTNLIPFLEHDDANRALM
GSNMQTQAVPLIRAQAPVVMTGLEERVVRDSLAALYAEEDGEVAKVDGNRIVVRYEDGRLVEYPLRRFYRSNQGTALDQR
PRVVVGQRVRKGDLLADGPASENGFLALGQNVLVAIMPFDGYNFEDAIVISEELLKRDFYTSIHIERYEIEARDTKLGPE
RITRDIPHLSEAALRDLDEEGVVRIGAEVKPGDILVGRTSFKGESEPTPEERLLRSIFGEKARDVKDTSLRVPPGEGGIV
VRTVRLRRGDPGVELKPGVREVVRVYVAQKRKLQVGDKLANRHGNKGVVAKILPVEDMPHLPDGTPVDVILNPLGVPSRM
NLGQILETHLGLAGYFLGQRYISPIFDGAKEPEIKELLAQAFEVYFGKRKGEGFGVDKREVEVLRRAEKLGLVTPGKTPE
EQLKELFLQGKVVLYDGRTGEPIEGPIVVGQMFIMKLYHMVEDKMHARSTGPYSLITQQPLGGKAQFGGQRFGEMEVWAL
EAYGAAHTLQEMLTLKSDDIEGRNAAYEAIIKGEDVPEPSVPESFRVLVKELQALALDVQTLDEKDNPVDIFEGLASKR
;
C
3 'polypeptide(L)'
;MKKEVRKVRIALASPEKIRSWSYGEVEKPETINYRTLKPERDGLFDERIFGPIKDYECACGKYKRQRFEGKVCERCGVEV
TKSIVRRYRMGHIELATPAAHIWFVKDVPSKIGTLLDLSATELEQVLYFSKYIVLDPKGAILNGVPVEKRQLLTDEEYRE
LRYGKQETYPLPPGVDALVKDGEEVVKGQELAPGVVSRLDGVALYRFPRRVRVEYVKKERAGLRLPLAAWVEKEAYKPGE
ILAELPEPYLFRAEEEGVVELKELEEGAFLVLRREDEPVATYFLPVGMTPLVVHGEIVEKGQPLAEAKGLLRMPRQVRAA
QVEAEEEGETVYLTLFLEWTEPKDYRVQPHMNVVVPEGARVEAGDKIVAAIDPEEEVIAEAEGVVHLHEPASILVVKARV
YPFEDDVEVSTGDRVAPGDVLADGGKVKSDVYGRVEVDLVRNVVRVVESYDIDARMGAEAIQQLLKELDLEALEKELLEE
MKHPSRARRAKARKRLEVVRAFLDSGNRPEWMILEAVPVLPPDLRPMVQVDGGRFATSDLNDLYRRLINRNNRLKKLLAQ
GAPEIIIRNEKRMLQEAVDALLDNGRRGAPVTNPGSDRPLRSLTDILSGKQGRFRQNLLGKRVDYSGRSVIVVGPQLKLH
QCGLPKRMALELFKPFLLKKMEEKGIAPNVKAARRMLERQRDIKDEVWDALEEVIHGKVVLLNRAPTLHRLGIQAFQPVL
VEGQSIQLHPLVCEAFNADFDGDQMAVHVPLSSFAQAEARIQMLSAHNLLSPASGEPLAKPSRDIILGLYYITQVRKEKK
GAGLEFATPEEALAAHERGEVALNAPIKVAGRETSVGRLKYVFANPDEALLAVAHGIVDLQDVVTVRYMGKRLETSPGRI
LFARIVAEAVEDEKVAWELIQLDVPQEKNSLKDLVYQAFLRLGMEKTARLLDALKYYGFTFSTTSGITIGIDDAVIPEEK
KQYLEEADRKLLQIEQAYEMGFLTDRERYDQILQLWTETTEKVTQAVFKNFEENYPFNPLYVMAQSGARGNPQQIRQLCG
LRGLMQKPSGETFEVPVRSSFREGLTVLEYFISSHGARKGGADTALRTADSGYLTRKLVDVTHEIVVREADCGTTNYISV
PLFQPDEVTRSLRLRKRADIEAGLYGRVLAREVEVLGVRLEEGRYLSMDDVHLLIKAAEAGEIQEVPVRSPLTCQTRYGV
CQKCYGYDLSMARPVSIGEAVGIVAAQSIGEPGTQLTMRTFHTGGVAGAADITQGLPRVIELFEARRPKAKAVISEIDGV
VRIEETEEKLSVFVESEGFSKEYKLPKEARLLVKDGDYVEAGQPLTRGAIDPHQLLEAKGPEAVERYLVEEIQKVYRAQG
VKLHDKHIEIVVRQMMKYVEVTDPGDSRLLEGQVLEKWDVEALNERLIAEGKTPVAWKPLLMGVTKSALSTKSWLSAASF
QNTTHVLTEAAIAGKKDELIGLKENVILGRLIPAGTGSDFVRFTQVVDQKTLKAIEEARKEA
;
D
4 'polypeptide(L)'
;MAEPGIDKLFGMVDSKYRLTVVVAKRAQQLLRHGFKNTVLEPEERPKMQTLEGLFDDPNAVTWAMKELLTGRLVFGENLV
PEDRLQKEMERLYPVEREE
;
E
5 'polypeptide(L)'
;MKKSKRKNAQAQEAQETEVLVQEEAEELPEFPEGEPDPDLEDPDLTLEDDLLDLPEEGEGLDLEEEEEDLPIPKISTSDP
VRQYLHEIGQVPLLTLEEEVELARKVEEGMEAIKKLSEITGLDPDLIREVVRAKILGSARVRHIPGLKETLDPKTVEEID
QKLKSLPKEHKRYLHIAREGEAARQHLIEANLRLVVSIAKKYTGRGLSFLDLIQEGNQGLIRAVEKFEYKRRFKFSTYAT
WWIRQAINRAIADQARTIRIPVHMVETINKLSRTARQLQQELGREPTYEEIAEAMGPGWDAKRVEETLKIAQEPVSLETP
IGDEKDSFYGDFIPDEHLPSPVDAATQSLLSEELEKALSKLSEREAMVLKLRKGLIDGREHTLEEVGAFFGVTRERIRQI
ENKALRKLKYHESRTRKLRDFLD
;
F
6 'polydeoxyribonucleotide'
;(DC)(DC)(DT)(DG)(DC)(DA)(DT)(DC)(DA)(DG)(DA)(DG)(DC)(DC)(DC)(DA)(DA)(DA)(DA)(DT)
(DA)(DC)
;
G
7 'polydeoxyribonucleotide'
;(DT)(DA)(DT)(DA)(DA)(DT)(DG)(DG)(DG)(DA)(DG)(DC)(DT)(DG)(DG)(DA)(DT)(DC)(DT)(DG)
(DA)(DT)(DG)(DC)(DA)(DG)(DG)
;
H
8 'polyribonucleotide' (GTP)GGG I
#
# COMPACT_ATOMS: atom_id res chain seq x y z
N SER A 4 -73.45 19.53 16.02
CA SER A 4 -73.52 20.11 17.37
C SER A 4 -72.35 19.62 18.23
N LYS A 5 -71.97 20.45 19.21
CA LYS A 5 -70.81 20.17 20.06
C LYS A 5 -71.05 18.92 20.92
N LEU A 6 -70.10 17.99 20.89
CA LEU A 6 -70.24 16.79 21.69
C LEU A 6 -69.95 17.08 23.15
N LYS A 7 -70.56 16.28 24.01
CA LYS A 7 -70.40 16.42 25.45
C LYS A 7 -69.48 15.34 26.03
N ALA A 8 -69.00 15.63 27.24
CA ALA A 8 -67.99 14.84 27.92
C ALA A 8 -68.30 13.33 27.89
N PRO A 9 -67.36 12.50 27.46
CA PRO A 9 -67.59 11.06 27.26
C PRO A 9 -67.50 10.20 28.54
N VAL A 10 -68.14 9.02 28.49
CA VAL A 10 -68.01 8.02 29.55
C VAL A 10 -66.63 7.36 29.54
N PHE A 11 -66.05 7.22 30.74
CA PHE A 11 -64.71 6.70 30.95
C PHE A 11 -64.79 5.36 31.69
N THR A 12 -64.53 4.26 30.98
CA THR A 12 -64.64 2.90 31.51
C THR A 12 -63.23 2.37 31.87
N VAL A 13 -63.14 1.54 32.91
CA VAL A 13 -61.88 0.98 33.42
C VAL A 13 -62.00 -0.53 33.66
N ARG A 14 -61.18 -1.32 32.97
CA ARG A 14 -61.15 -2.78 33.14
C ARG A 14 -59.78 -3.29 33.58
N THR A 15 -59.34 -3.00 34.81
CA THR A 15 -58.03 -3.45 35.23
C THR A 15 -58.08 -4.94 35.60
N GLN A 16 -57.05 -5.67 35.19
CA GLN A 16 -56.77 -7.04 35.64
C GLN A 16 -55.45 -7.08 36.38
N GLY A 17 -55.52 -7.32 37.69
CA GLY A 17 -54.40 -7.39 38.64
C GLY A 17 -53.61 -6.10 38.67
N ARG A 18 -52.32 -6.21 39.03
CA ARG A 18 -51.47 -5.01 39.03
C ARG A 18 -50.67 -4.85 37.76
N GLU A 19 -50.72 -5.86 36.87
CA GLU A 19 -49.91 -5.96 35.66
C GLU A 19 -50.53 -5.23 34.44
N TYR A 20 -51.84 -5.34 34.24
CA TYR A 20 -52.50 -5.00 32.98
C TYR A 20 -53.75 -4.16 33.23
N GLY A 21 -54.10 -3.33 32.25
CA GLY A 21 -55.34 -2.56 32.27
C GLY A 21 -55.82 -2.21 30.87
N GLU A 22 -57.13 -1.99 30.73
CA GLU A 22 -57.71 -1.51 29.48
C GLU A 22 -58.48 -0.25 29.87
N PHE A 23 -58.29 0.85 29.15
CA PHE A 23 -58.89 2.14 29.53
C PHE A 23 -59.61 2.76 28.33
N VAL A 24 -60.97 2.84 28.42
CA VAL A 24 -61.84 3.28 27.32
C VAL A 24 -62.34 4.70 27.57
N LEU A 25 -62.46 5.47 26.49
CA LEU A 25 -63.05 6.81 26.50
C LEU A 25 -64.00 6.85 25.31
N GLU A 26 -65.30 7.02 25.56
CA GLU A 26 -66.30 7.10 24.48
C GLU A 26 -67.49 7.98 24.84
N PRO A 27 -68.12 8.66 23.85
CA PRO A 27 -67.68 8.89 22.46
C PRO A 27 -66.77 10.16 22.39
N LEU A 28 -65.84 10.22 21.40
CA LEU A 28 -64.92 11.33 21.14
C LEU A 28 -65.06 11.83 19.70
N GLU A 29 -64.83 13.13 19.52
CA GLU A 29 -64.87 13.71 18.17
C GLU A 29 -63.91 13.03 17.20
N ARG A 30 -64.32 12.95 15.93
CA ARG A 30 -63.54 12.24 14.91
C ARG A 30 -62.11 12.74 14.87
N GLY A 31 -61.17 11.80 14.92
CA GLY A 31 -59.75 12.11 14.84
C GLY A 31 -59.10 12.36 16.17
N PHE A 32 -59.88 12.51 17.23
CA PHE A 32 -59.38 12.73 18.58
C PHE A 32 -58.96 11.44 19.26
N GLY A 33 -59.27 10.29 18.65
CA GLY A 33 -58.83 9.02 19.21
C GLY A 33 -57.32 8.99 19.31
N VAL A 34 -56.64 9.27 18.20
CA VAL A 34 -55.19 9.35 18.20
C VAL A 34 -54.69 10.68 18.77
N THR A 35 -55.47 11.77 18.68
CA THR A 35 -54.99 13.03 19.25
C THR A 35 -54.75 12.86 20.74
N LEU A 36 -55.61 12.14 21.43
CA LEU A 36 -55.32 11.80 22.82
C LEU A 36 -54.41 10.60 22.95
N GLY A 37 -54.66 9.55 22.15
CA GLY A 37 -53.95 8.29 22.35
C GLY A 37 -52.45 8.36 22.18
N ASN A 38 -51.97 9.02 21.12
CA ASN A 38 -50.54 8.98 20.83
C ASN A 38 -49.69 9.73 21.85
N PRO A 39 -49.96 11.01 22.19
CA PRO A 39 -49.08 11.68 23.16
C PRO A 39 -49.08 10.99 24.50
N LEU A 40 -50.18 10.36 24.90
CA LEU A 40 -50.14 9.67 26.19
C LEU A 40 -49.21 8.45 26.11
N ARG A 41 -49.22 7.70 25.01
CA ARG A 41 -48.30 6.57 24.83
C ARG A 41 -46.84 7.02 24.90
N ARG A 42 -46.53 8.13 24.25
CA ARG A 42 -45.16 8.62 24.27
C ARG A 42 -44.73 8.92 25.70
N ILE A 43 -45.57 9.64 26.45
CA ILE A 43 -45.25 10.00 27.83
C ILE A 43 -45.20 8.76 28.73
N LEU A 44 -46.09 7.78 28.48
CA LEU A 44 -46.16 6.54 29.26
C LEU A 44 -44.90 5.68 29.11
N LEU A 45 -44.32 5.63 27.91
CA LEU A 45 -43.14 4.78 27.66
C LEU A 45 -41.83 5.39 28.19
N SER A 46 -41.77 6.72 28.35
CA SER A 46 -40.56 7.44 28.70
C SER A 46 -40.55 8.01 30.12
N SER A 47 -41.49 8.90 30.47
CA SER A 47 -41.37 9.82 31.62
C SER A 47 -42.01 9.32 32.91
N ILE A 48 -42.50 8.07 32.94
CA ILE A 48 -43.15 7.52 34.13
C ILE A 48 -42.12 7.03 35.14
N PRO A 49 -42.01 7.63 36.34
CA PRO A 49 -41.00 7.14 37.31
C PRO A 49 -41.22 5.69 37.75
N GLY A 50 -40.12 5.05 38.18
CA GLY A 50 -40.08 3.65 38.54
C GLY A 50 -38.83 3.28 39.35
N THR A 51 -38.56 1.96 39.43
CA THR A 51 -37.37 1.45 40.12
C THR A 51 -36.52 0.47 39.29
N ALA A 52 -35.19 0.53 39.56
CA ALA A 52 -34.20 -0.37 39.00
C ALA A 52 -32.96 -0.50 39.90
N VAL A 53 -32.33 -1.68 39.86
CA VAL A 53 -31.03 -1.94 40.47
C VAL A 53 -29.97 -1.04 39.88
N THR A 54 -29.31 -0.20 40.70
CA THR A 54 -28.20 0.63 40.20
C THR A 54 -26.76 0.18 40.53
N SER A 55 -26.52 -0.71 41.50
CA SER A 55 -25.15 -1.09 41.89
C SER A 55 -25.13 -2.46 42.59
N VAL A 56 -24.00 -3.17 42.53
CA VAL A 56 -23.85 -4.46 43.21
C VAL A 56 -22.47 -4.57 43.85
N TYR A 57 -22.41 -5.02 45.11
CA TYR A 57 -21.13 -5.39 45.73
C TYR A 57 -21.26 -6.86 46.13
N ILE A 58 -20.43 -7.71 45.53
CA ILE A 58 -20.38 -9.12 45.88
C ILE A 58 -19.11 -9.33 46.66
N GLU A 59 -19.20 -10.10 47.74
CA GLU A 59 -18.02 -10.29 48.57
C GLU A 59 -16.97 -11.05 47.78
N ASP A 60 -15.70 -10.63 47.92
CA ASP A 60 -14.59 -11.22 47.17
C ASP A 60 -14.71 -11.00 45.65
N VAL A 61 -15.29 -9.87 45.23
CA VAL A 61 -15.38 -9.54 43.80
C VAL A 61 -14.97 -8.09 43.56
N LEU A 62 -13.93 -7.90 42.74
CA LEU A 62 -13.39 -6.59 42.49
C LEU A 62 -14.01 -5.87 41.29
N HIS A 63 -14.66 -6.59 40.36
CA HIS A 63 -15.17 -6.00 39.13
C HIS A 63 -16.12 -6.96 38.41
N GLU A 64 -16.73 -6.48 37.31
CA GLU A 64 -17.82 -7.21 36.64
C GLU A 64 -17.38 -8.53 35.99
N PHE A 65 -16.12 -8.67 35.61
CA PHE A 65 -15.70 -9.84 34.82
C PHE A 65 -15.26 -11.01 35.67
N SER A 66 -15.49 -10.98 36.97
CA SER A 66 -15.14 -12.06 37.88
C SER A 66 -16.05 -13.29 37.71
N THR A 67 -15.75 -14.33 38.48
CA THR A 67 -16.52 -15.57 38.47
C THR A 67 -16.40 -16.14 39.89
N ILE A 68 -17.46 -16.74 40.42
CA ILE A 68 -17.55 -17.15 41.83
C ILE A 68 -17.46 -18.66 41.94
N PRO A 69 -16.56 -19.19 42.80
CA PRO A 69 -16.48 -20.66 43.00
C PRO A 69 -17.79 -21.18 43.57
N GLY A 70 -18.27 -22.29 43.00
CA GLY A 70 -19.52 -22.88 43.44
C GLY A 70 -20.74 -22.39 42.68
N VAL A 71 -20.62 -21.25 42.00
CA VAL A 71 -21.72 -20.65 41.27
C VAL A 71 -21.55 -21.01 39.79
N LYS A 72 -22.67 -21.34 39.16
CA LYS A 72 -22.66 -21.69 37.75
C LYS A 72 -22.53 -20.45 36.88
N GLU A 73 -23.31 -19.44 37.23
CA GLU A 73 -23.38 -18.21 36.46
C GLU A 73 -22.15 -17.34 36.73
N ASP A 74 -21.64 -16.72 35.66
CA ASP A 74 -20.63 -15.68 35.78
C ASP A 74 -21.24 -14.38 36.29
N VAL A 75 -20.39 -13.49 36.82
CA VAL A 75 -20.89 -12.22 37.37
C VAL A 75 -21.65 -11.39 36.32
N VAL A 76 -21.23 -11.44 35.05
CA VAL A 76 -21.94 -10.71 34.01
C VAL A 76 -23.40 -11.15 33.96
N GLU A 77 -23.63 -12.46 34.00
CA GLU A 77 -24.99 -13.00 34.01
C GLU A 77 -25.74 -12.67 35.30
N ILE A 78 -25.02 -12.68 36.43
CA ILE A 78 -25.65 -12.38 37.72
C ILE A 78 -26.23 -10.96 37.72
N ILE A 79 -25.45 -9.98 37.27
CA ILE A 79 -25.92 -8.60 37.18
C ILE A 79 -27.02 -8.50 36.13
N LEU A 80 -26.91 -9.28 35.06
CA LEU A 80 -27.97 -9.34 34.06
C LEU A 80 -29.32 -9.81 34.65
N ASN A 81 -29.28 -10.75 35.62
CA ASN A 81 -30.50 -11.21 36.29
C ASN A 81 -31.02 -10.18 37.28
N LEU A 82 -30.12 -9.51 38.01
CA LEU A 82 -30.54 -8.47 38.93
C LEU A 82 -31.15 -7.26 38.21
N LYS A 83 -30.88 -7.10 36.92
CA LYS A 83 -31.47 -6.01 36.14
C LYS A 83 -32.95 -6.23 35.85
N GLU A 84 -33.46 -7.45 36.06
CA GLU A 84 -34.87 -7.77 35.87
C GLU A 84 -35.67 -7.64 37.16
N LEU A 85 -34.99 -7.35 38.28
CA LEU A 85 -35.65 -7.30 39.57
C LEU A 85 -36.54 -6.07 39.63
N VAL A 86 -37.83 -6.29 39.95
CA VAL A 86 -38.80 -5.21 40.07
C VAL A 86 -39.07 -5.00 41.57
N VAL A 87 -38.74 -3.81 42.08
CA VAL A 87 -38.83 -3.57 43.52
C VAL A 87 -39.72 -2.36 43.73
N ARG A 88 -40.86 -2.60 44.40
CA ARG A 88 -41.88 -1.59 44.66
C ARG A 88 -41.65 -0.91 46.01
N PHE A 89 -41.62 0.43 46.02
CA PHE A 89 -41.51 1.20 47.25
C PHE A 89 -42.92 1.59 47.71
N LEU A 90 -43.32 1.10 48.89
CA LEU A 90 -44.63 1.44 49.41
C LEU A 90 -44.66 2.88 49.92
N ASN A 91 -43.60 3.30 50.57
CA ASN A 91 -43.50 4.66 51.09
C ASN A 91 -43.02 5.62 49.99
N PRO A 92 -43.82 6.61 49.60
CA PRO A 92 -43.42 7.52 48.52
C PRO A 92 -42.20 8.37 48.84
N SER A 93 -41.83 8.51 50.11
CA SER A 93 -40.69 9.33 50.50
C SER A 93 -39.34 8.61 50.39
N LEU A 94 -39.33 7.31 50.10
CA LEU A 94 -38.13 6.47 50.13
C LEU A 94 -37.49 6.41 48.74
N GLN A 95 -36.31 7.01 48.58
CA GLN A 95 -35.64 7.02 47.27
C GLN A 95 -34.55 5.96 47.07
N THR A 96 -34.07 5.30 48.14
CA THR A 96 -33.00 4.30 48.02
C THR A 96 -33.01 3.26 49.14
N VAL A 97 -32.64 2.00 48.81
CA VAL A 97 -32.55 0.96 49.83
C VAL A 97 -31.28 0.15 49.59
N THR A 98 -31.16 -1.01 50.24
CA THR A 98 -30.07 -1.94 49.94
C THR A 98 -30.52 -3.33 50.37
N LEU A 99 -30.79 -4.19 49.39
CA LEU A 99 -31.17 -5.58 49.66
C LEU A 99 -29.94 -6.44 49.97
N LEU A 100 -30.08 -7.36 50.93
CA LEU A 100 -29.01 -8.27 51.29
C LEU A 100 -29.41 -9.71 50.99
N LEU A 101 -28.45 -10.51 50.50
CA LEU A 101 -28.69 -11.91 50.16
C LEU A 101 -27.51 -12.71 50.69
N LYS A 102 -27.80 -13.80 51.41
CA LYS A 102 -26.80 -14.78 51.83
C LYS A 102 -27.36 -16.18 51.59
N ALA A 103 -26.66 -16.97 50.79
CA ALA A 103 -27.13 -18.29 50.42
C ALA A 103 -25.93 -19.23 50.37
N GLU A 104 -26.19 -20.53 50.56
CA GLU A 104 -25.15 -21.55 50.44
C GLU A 104 -25.76 -22.87 49.96
N GLY A 105 -24.92 -23.92 49.91
CA GLY A 105 -25.37 -25.26 49.66
C GLY A 105 -25.97 -25.49 48.29
N PRO A 106 -26.41 -26.73 48.05
CA PRO A 106 -27.06 -27.06 46.76
C PRO A 106 -28.44 -26.45 46.59
N LYS A 107 -28.52 -25.12 46.36
CA LYS A 107 -29.79 -24.42 46.17
C LYS A 107 -29.71 -23.55 44.93
N GLU A 108 -30.88 -23.30 44.31
CA GLU A 108 -30.99 -22.35 43.22
C GLU A 108 -31.56 -21.07 43.81
N VAL A 109 -30.72 -20.06 43.98
CA VAL A 109 -31.16 -18.82 44.63
C VAL A 109 -32.12 -18.08 43.71
N LYS A 110 -33.29 -17.71 44.24
CA LYS A 110 -34.28 -16.91 43.53
C LYS A 110 -34.39 -15.54 44.20
N ALA A 111 -35.25 -14.69 43.67
CA ALA A 111 -35.35 -13.35 44.24
C ALA A 111 -35.96 -13.31 45.65
N ARG A 112 -36.69 -14.36 46.07
CA ARG A 112 -37.28 -14.38 47.40
C ARG A 112 -36.18 -14.30 48.49
N ASP A 113 -35.02 -14.94 48.25
CA ASP A 113 -34.03 -15.19 49.30
C ASP A 113 -33.39 -13.90 49.80
N PHE A 114 -33.65 -12.76 49.14
CA PHE A 114 -33.20 -11.48 49.65
C PHE A 114 -33.85 -11.26 51.02
N LEU A 115 -33.05 -10.79 51.97
CA LEU A 115 -33.53 -10.52 53.33
C LEU A 115 -34.57 -9.40 53.32
N PRO A 116 -35.81 -9.66 53.80
CA PRO A 116 -36.92 -8.69 53.72
C PRO A 116 -36.64 -7.36 54.42
N VAL A 117 -37.01 -6.26 53.76
CA VAL A 117 -36.88 -4.91 54.29
C VAL A 117 -38.26 -4.24 54.25
N ALA A 118 -38.53 -3.42 55.27
CA ALA A 118 -39.80 -2.73 55.39
C ALA A 118 -40.05 -1.76 54.25
N ASP A 119 -41.34 -1.66 53.87
CA ASP A 119 -41.84 -0.79 52.79
C ASP A 119 -41.24 -1.12 51.40
N VAL A 120 -40.79 -2.36 51.18
CA VAL A 120 -40.29 -2.79 49.88
C VAL A 120 -40.80 -4.20 49.63
N GLU A 121 -41.50 -4.40 48.51
CA GLU A 121 -42.08 -5.69 48.17
C GLU A 121 -41.47 -6.13 46.84
N ILE A 122 -40.99 -7.37 46.79
CA ILE A 122 -40.41 -7.91 45.56
C ILE A 122 -41.54 -8.56 44.78
N MET A 123 -41.89 -7.91 43.65
CA MET A 123 -43.06 -8.24 42.85
C MET A 123 -42.88 -9.53 42.06
N ASN A 124 -41.64 -9.97 41.83
CA ASN A 124 -41.36 -11.22 41.11
C ASN A 124 -40.43 -12.11 41.92
N PRO A 125 -40.96 -12.76 42.97
CA PRO A 125 -40.11 -13.56 43.86
C PRO A 125 -39.63 -14.87 43.25
N ASP A 126 -40.09 -15.24 42.06
CA ASP A 126 -39.70 -16.51 41.45
C ASP A 126 -38.46 -16.41 40.53
N LEU A 127 -37.98 -15.19 40.25
CA LEU A 127 -36.87 -14.96 39.31
C LEU A 127 -35.60 -15.68 39.74
N HIS A 128 -35.01 -16.45 38.83
CA HIS A 128 -33.78 -17.17 39.13
C HIS A 128 -32.59 -16.20 39.19
N ILE A 129 -31.69 -16.40 40.16
CA ILE A 129 -30.51 -15.54 40.33
C ILE A 129 -29.19 -16.28 40.11
N ALA A 130 -28.87 -17.28 40.93
CA ALA A 130 -27.64 -18.06 40.71
C ALA A 130 -27.87 -19.51 41.07
N THR A 131 -27.26 -20.43 40.33
CA THR A 131 -27.29 -21.83 40.71
C THR A 131 -26.01 -22.16 41.50
N LEU A 132 -26.17 -22.56 42.76
CA LEU A 132 -25.05 -22.89 43.62
C LEU A 132 -24.97 -24.41 43.81
N GLU A 133 -23.77 -24.91 44.03
CA GLU A 133 -23.49 -26.33 44.08
C GLU A 133 -22.90 -26.62 45.46
N GLU A 134 -22.80 -27.90 45.84
CA GLU A 134 -22.28 -28.22 47.16
C GLU A 134 -20.95 -27.49 47.37
N GLY A 135 -20.91 -26.67 48.44
CA GLY A 135 -19.80 -25.80 48.77
C GLY A 135 -19.84 -24.39 48.19
N GLY A 136 -20.77 -24.11 47.27
CA GLY A 136 -20.94 -22.77 46.69
C GLY A 136 -21.53 -21.75 47.67
N ARG A 137 -20.90 -20.55 47.78
CA ARG A 137 -21.38 -19.54 48.71
C ARG A 137 -21.73 -18.26 47.93
N LEU A 138 -22.39 -17.29 48.60
CA LEU A 138 -22.81 -16.02 48.00
C LEU A 138 -23.37 -14.96 48.95
N ASN A 139 -22.65 -13.84 49.11
CA ASN A 139 -23.07 -12.72 49.95
C ASN A 139 -23.01 -11.41 49.16
N MET A 140 -24.17 -10.78 48.92
CA MET A 140 -24.15 -9.57 48.11
C MET A 140 -25.08 -8.51 48.70
N GLU A 141 -24.84 -7.29 48.25
CA GLU A 141 -25.60 -6.08 48.59
C GLU A 141 -26.01 -5.39 47.28
N VAL A 142 -27.32 -5.34 47.02
CA VAL A 142 -27.85 -4.71 45.82
C VAL A 142 -28.51 -3.38 46.18
N ARG A 143 -28.05 -2.28 45.58
CA ARG A 143 -28.67 -0.97 45.78
C ARG A 143 -29.72 -0.74 44.72
N VAL A 144 -30.99 -0.56 45.14
CA VAL A 144 -32.14 -0.28 44.26
C VAL A 144 -32.59 1.16 44.43
N ASP A 145 -32.77 1.89 43.31
CA ASP A 145 -33.20 3.29 43.35
C ASP A 145 -34.44 3.59 42.52
N ARG A 146 -35.05 4.73 42.85
CA ARG A 146 -36.14 5.35 42.10
C ARG A 146 -35.55 6.42 41.21
N GLY A 147 -36.01 6.45 39.96
CA GLY A 147 -35.54 7.38 38.94
C GLY A 147 -36.46 7.33 37.75
N VAL A 148 -36.07 8.09 36.71
CA VAL A 148 -36.86 8.19 35.49
C VAL A 148 -36.05 7.76 34.27
N GLY A 149 -36.76 7.19 33.31
CA GLY A 149 -36.15 6.88 32.04
C GLY A 149 -35.13 5.77 32.13
N TYR A 150 -34.17 5.83 31.21
CA TYR A 150 -33.09 4.84 31.06
C TYR A 150 -31.73 5.51 31.36
N VAL A 151 -31.09 5.17 32.48
CA VAL A 151 -29.79 5.76 32.79
C VAL A 151 -28.72 4.67 32.74
N PRO A 152 -27.87 4.65 31.69
CA PRO A 152 -26.82 3.62 31.52
C PRO A 152 -25.70 3.69 32.56
N ALA A 153 -25.07 2.53 32.80
CA ALA A 153 -24.04 2.39 33.84
C ALA A 153 -22.91 3.42 33.76
N GLU A 154 -22.45 3.74 32.55
CA GLU A 154 -21.41 4.75 32.43
C GLU A 154 -21.86 6.11 32.97
N LYS A 155 -23.16 6.43 32.85
CA LYS A 155 -23.72 7.71 33.27
C LYS A 155 -23.75 7.91 34.79
N HIS A 156 -24.38 6.98 35.53
CA HIS A 156 -24.55 7.18 36.98
C HIS A 156 -23.32 6.79 37.81
N GLY A 157 -22.62 5.73 37.43
CA GLY A 157 -21.40 5.30 38.13
C GLY A 157 -21.56 5.10 39.62
N ILE A 158 -22.70 4.54 40.05
CA ILE A 158 -23.04 4.41 41.46
C ILE A 158 -22.24 3.27 42.10
N LYS A 159 -21.48 3.61 43.16
CA LYS A 159 -20.70 2.65 43.92
C LYS A 159 -20.93 2.89 45.42
N ASP A 160 -21.47 1.86 46.10
CA ASP A 160 -21.64 1.93 47.56
C ASP A 160 -20.30 1.81 48.29
N ARG A 161 -19.36 1.01 47.77
CA ARG A 161 -18.02 0.88 48.36
C ARG A 161 -17.01 0.81 47.20
N ILE A 162 -15.71 0.58 47.50
CA ILE A 162 -14.67 0.66 46.47
C ILE A 162 -14.93 -0.38 45.38
N ASN A 163 -15.30 -1.61 45.76
CA ASN A 163 -15.48 -2.73 44.86
C ASN A 163 -16.88 -2.86 44.24
N ALA A 164 -17.75 -1.85 44.42
CA ALA A 164 -19.10 -1.86 43.84
C ALA A 164 -19.07 -1.83 42.30
N ILE A 165 -20.01 -2.54 41.66
CA ILE A 165 -20.15 -2.65 40.21
C ILE A 165 -21.34 -1.81 39.72
N PRO A 166 -21.13 -0.68 39.03
CA PRO A 166 -22.28 0.03 38.44
C PRO A 166 -23.06 -0.85 37.45
N VAL A 167 -24.41 -0.73 37.51
CA VAL A 167 -25.37 -1.50 36.72
C VAL A 167 -26.30 -0.60 35.88
N ASP A 168 -26.60 -1.07 34.67
CA ASP A 168 -27.61 -0.44 33.80
C ASP A 168 -29.02 -0.39 34.45
N ALA A 169 -29.60 0.81 34.45
CA ALA A 169 -30.90 1.06 35.09
C ALA A 169 -32.02 1.32 34.09
N VAL A 170 -33.00 0.42 34.03
CA VAL A 170 -34.25 0.68 33.31
C VAL A 170 -35.25 1.12 34.38
N PHE A 171 -35.47 2.44 34.50
CA PHE A 171 -36.27 2.88 35.62
C PHE A 171 -37.74 2.65 35.31
N SER A 172 -38.12 2.98 34.07
CA SER A 172 -39.49 3.04 33.60
C SER A 172 -40.24 1.75 33.98
N PRO A 173 -41.35 1.86 34.73
CA PRO A 173 -42.17 0.67 35.06
C PRO A 173 -43.02 0.13 33.92
N VAL A 174 -43.25 0.89 32.86
CA VAL A 174 -44.13 0.51 31.76
C VAL A 174 -43.44 -0.45 30.80
N ARG A 175 -43.97 -1.69 30.70
CA ARG A 175 -43.43 -2.67 29.76
C ARG A 175 -44.03 -2.54 28.32
N ARG A 176 -45.35 -2.31 28.17
CA ARG A 176 -45.95 -2.16 26.83
C ARG A 176 -47.19 -1.25 26.86
N VAL A 177 -47.38 -0.49 25.77
CA VAL A 177 -48.54 0.39 25.57
C VAL A 177 -49.07 0.25 24.14
N ALA A 178 -50.35 -0.09 24.01
CA ALA A 178 -51.01 -0.05 22.70
C ALA A 178 -52.32 0.72 22.85
N PHE A 179 -52.84 1.28 21.76
CA PHE A 179 -54.18 1.85 21.82
C PHE A 179 -54.96 1.66 20.53
N GLN A 180 -56.21 1.20 20.69
CA GLN A 180 -57.17 0.96 19.63
C GLN A 180 -58.07 2.18 19.41
N VAL A 181 -58.33 2.51 18.15
CA VAL A 181 -59.33 3.51 17.79
C VAL A 181 -60.36 2.84 16.88
N GLU A 182 -61.61 2.70 17.38
CA GLU A 182 -62.72 2.03 16.72
C GLU A 182 -63.86 2.99 16.44
N ASP A 183 -64.70 2.62 15.46
CA ASP A 183 -65.83 3.46 15.05
C ASP A 183 -66.96 3.42 16.08
N THR A 184 -67.64 4.56 16.25
CA THR A 184 -68.78 4.68 17.17
C THR A 184 -69.66 5.86 16.74
N ARG A 185 -70.89 5.89 17.27
CA ARG A 185 -71.87 6.94 17.00
C ARG A 185 -72.68 7.29 18.24
N LEU A 186 -73.15 8.56 18.29
CA LEU A 186 -74.15 9.06 19.25
C LEU A 186 -75.55 9.03 18.65
N GLY A 187 -75.69 8.39 17.50
CA GLY A 187 -76.91 8.00 16.86
C GLY A 187 -77.45 9.12 16.03
N GLN A 188 -76.95 10.31 16.27
CA GLN A 188 -77.25 11.50 15.48
C GLN A 188 -76.13 11.69 14.47
N ARG A 189 -74.89 11.41 14.90
CA ARG A 189 -73.66 11.68 14.18
C ARG A 189 -72.85 10.38 14.11
N THR A 190 -72.05 10.26 13.03
CA THR A 190 -71.26 9.07 12.70
C THR A 190 -69.80 9.45 12.49
N ASP A 191 -68.97 8.40 12.48
CA ASP A 191 -67.51 8.50 12.35
C ASP A 191 -66.88 9.13 13.60
N LEU A 192 -67.52 8.98 14.75
CA LEU A 192 -66.96 9.33 16.06
C LEU A 192 -65.94 8.27 16.47
N ASP A 193 -65.10 8.60 17.47
CA ASP A 193 -63.97 7.75 17.84
C ASP A 193 -64.17 7.09 19.22
N LYS A 194 -63.93 5.77 19.31
CA LYS A 194 -63.90 5.10 20.60
C LYS A 194 -62.48 4.64 20.91
N LEU A 195 -61.90 5.18 21.98
CA LEU A 195 -60.48 5.02 22.27
C LEU A 195 -60.29 4.05 23.42
N THR A 196 -59.43 3.06 23.22
CA THR A 196 -59.12 2.07 24.25
C THR A 196 -57.61 2.01 24.41
N LEU A 197 -57.11 2.42 25.59
CA LEU A 197 -55.68 2.40 25.96
C LEU A 197 -55.34 1.11 26.72
N ARG A 198 -54.48 0.24 26.14
CA ARG A 198 -53.98 -0.94 26.87
C ARG A 198 -52.65 -0.60 27.51
N ILE A 199 -52.52 -0.85 28.82
CA ILE A 199 -51.35 -0.44 29.59
C ILE A 199 -50.86 -1.65 30.38
N TRP A 200 -49.63 -2.11 30.09
CA TRP A 200 -48.92 -3.14 30.85
C TRP A 200 -47.78 -2.58 31.72
N THR A 201 -47.63 -3.08 32.96
CA THR A 201 -46.59 -2.60 33.87
C THR A 201 -45.93 -3.78 34.59
N ASP A 202 -44.76 -3.50 35.20
CA ASP A 202 -43.99 -4.47 35.99
C ASP A 202 -44.53 -4.69 37.41
N GLY A 203 -45.49 -3.88 37.87
CA GLY A 203 -46.11 -4.01 39.17
C GLY A 203 -45.62 -3.03 40.24
N SER A 204 -44.46 -2.37 40.06
CA SER A 204 -44.08 -1.39 41.08
C SER A 204 -45.08 -0.23 41.06
N VAL A 205 -45.49 0.19 39.86
CA VAL A 205 -46.68 1.02 39.70
C VAL A 205 -47.60 0.25 38.77
N THR A 206 -48.90 0.51 38.90
CA THR A 206 -50.13 -0.04 38.34
C THR A 206 -50.52 0.67 37.05
N PRO A 207 -51.08 -0.11 36.09
CA PRO A 207 -51.52 0.49 34.81
C PRO A 207 -52.36 1.76 34.96
N LEU A 208 -53.28 1.76 35.94
CA LEU A 208 -54.08 2.96 36.20
C LEU A 208 -53.20 4.11 36.71
N GLU A 209 -52.31 3.82 37.68
CA GLU A 209 -51.43 4.85 38.21
C GLU A 209 -50.61 5.51 37.11
N ALA A 210 -50.07 4.70 36.20
CA ALA A 210 -49.31 5.22 35.05
C ALA A 210 -50.14 6.21 34.24
N LEU A 211 -51.33 5.76 33.82
CA LEU A 211 -52.24 6.58 33.02
C LEU A 211 -52.52 7.92 33.69
N ASN A 212 -52.72 7.92 35.00
CA ASN A 212 -52.95 9.19 35.69
C ASN A 212 -51.69 10.06 35.65
N GLN A 213 -50.50 9.47 35.90
CA GLN A 213 -49.25 10.23 35.83
C GLN A 213 -48.98 10.76 34.43
N ALA A 214 -49.26 9.94 33.41
CA ALA A 214 -49.07 10.39 32.04
C ALA A 214 -49.93 11.61 31.72
N VAL A 215 -51.23 11.51 32.02
CA VAL A 215 -52.14 12.64 31.81
C VAL A 215 -51.65 13.85 32.59
N GLU A 216 -51.23 13.64 33.83
CA GLU A 216 -50.74 14.75 34.63
C GLU A 216 -49.50 15.41 34.02
N ILE A 217 -48.57 14.62 33.46
CA ILE A 217 -47.41 15.23 32.78
C ILE A 217 -47.87 16.08 31.61
N LEU A 218 -48.74 15.49 30.77
CA LEU A 218 -49.22 16.18 29.59
C LEU A 218 -49.95 17.47 29.97
N ARG A 219 -50.78 17.43 31.02
CA ARG A 219 -51.46 18.63 31.49
C ARG A 219 -50.45 19.70 31.89
N GLU A 220 -49.53 19.32 32.78
CA GLU A 220 -48.47 20.21 33.25
C GLU A 220 -47.65 20.78 32.10
N HIS A 221 -47.50 20.03 31.01
CA HIS A 221 -46.73 20.54 29.86
C HIS A 221 -47.45 21.67 29.12
N LEU A 222 -48.76 21.54 28.94
CA LEU A 222 -49.58 22.55 28.26
C LEU A 222 -49.57 23.91 28.97
N THR A 223 -49.39 23.92 30.29
CA THR A 223 -49.24 25.15 31.07
C THR A 223 -48.17 26.10 30.55
N TYR A 224 -47.07 25.58 29.98
CA TYR A 224 -45.88 26.36 29.59
C TYR A 224 -46.18 27.43 28.55
N PHE A 225 -47.35 27.37 27.91
CA PHE A 225 -47.79 28.30 26.89
C PHE A 225 -48.37 29.61 27.45
N SER A 226 -48.38 29.79 28.77
CA SER A 226 -49.05 30.94 29.36
C SER A 226 -48.38 32.28 28.99
N ASN A 227 -47.09 32.44 29.33
CA ASN A 227 -46.42 33.74 29.26
C ASN A 227 -45.65 33.93 27.96
N PRO A 228 -46.14 34.73 27.00
CA PRO A 228 -45.45 34.90 25.72
C PRO A 228 -44.25 35.86 25.80
N GLN A 229 -43.60 36.06 24.64
CA GLN A 229 -42.59 37.12 24.41
C GLN A 229 -42.31 37.35 22.91
N LEU B 6 -34.69 20.27 35.46
CA LEU B 6 -35.97 20.51 34.80
C LEU B 6 -36.37 21.98 34.98
N LYS B 7 -35.91 22.87 34.10
CA LYS B 7 -36.35 24.26 34.20
C LYS B 7 -37.73 24.50 33.59
N ALA B 8 -38.20 25.74 33.69
CA ALA B 8 -39.44 26.20 33.08
C ALA B 8 -39.22 26.60 31.62
N PRO B 9 -39.80 25.92 30.63
CA PRO B 9 -39.52 26.29 29.24
C PRO B 9 -39.84 27.76 28.99
N VAL B 10 -39.11 28.41 28.11
CA VAL B 10 -39.47 29.76 27.71
C VAL B 10 -40.32 29.71 26.44
N PHE B 11 -41.36 30.55 26.39
CA PHE B 11 -42.36 30.60 25.33
C PHE B 11 -42.24 31.92 24.57
N THR B 12 -42.05 31.87 23.24
CA THR B 12 -41.69 33.07 22.47
C THR B 12 -42.60 33.24 21.26
N VAL B 13 -43.09 34.47 21.05
CA VAL B 13 -44.06 34.76 20.00
C VAL B 13 -43.51 35.83 19.06
N ARG B 14 -43.74 35.64 17.75
CA ARG B 14 -43.42 36.63 16.72
C ARG B 14 -44.63 36.69 15.80
N THR B 15 -45.32 37.86 15.75
CA THR B 15 -46.58 38.00 15.02
C THR B 15 -46.49 39.05 13.92
N GLN B 16 -47.23 38.79 12.83
CA GLN B 16 -47.43 39.78 11.77
C GLN B 16 -48.87 40.17 11.51
N GLY B 17 -49.52 40.80 12.49
CA GLY B 17 -50.91 41.17 12.30
C GLY B 17 -51.85 40.08 12.76
N ARG B 18 -53.00 39.97 12.09
CA ARG B 18 -53.92 38.94 12.53
C ARG B 18 -53.86 37.64 11.74
N GLU B 19 -53.08 37.52 10.67
CA GLU B 19 -53.11 36.25 9.92
C GLU B 19 -51.92 35.32 10.18
N TYR B 20 -50.88 35.74 10.89
CA TYR B 20 -49.73 34.85 11.04
C TYR B 20 -48.95 35.12 12.32
N GLY B 21 -48.48 34.03 12.92
CA GLY B 21 -47.64 34.11 14.10
C GLY B 21 -46.78 32.88 14.12
N GLU B 22 -45.62 33.01 14.77
CA GLU B 22 -44.65 31.93 14.96
C GLU B 22 -44.42 31.74 16.45
N PHE B 23 -44.42 30.49 16.91
CA PHE B 23 -44.39 30.22 18.36
C PHE B 23 -43.34 29.18 18.69
N VAL B 24 -42.33 29.58 19.48
CA VAL B 24 -41.20 28.71 19.82
C VAL B 24 -41.16 28.40 21.33
N LEU B 25 -41.19 27.12 21.70
CA LEU B 25 -41.07 26.68 23.08
C LEU B 25 -39.84 25.77 23.20
N GLU B 26 -38.80 26.23 23.90
CA GLU B 26 -37.60 25.42 24.17
C GLU B 26 -36.95 25.84 25.47
N PRO B 27 -36.21 24.94 26.13
CA PRO B 27 -36.02 23.51 25.90
C PRO B 27 -37.08 22.60 26.48
N LEU B 28 -37.28 21.43 25.83
CA LEU B 28 -38.17 20.38 26.31
C LEU B 28 -37.37 19.09 26.40
N GLU B 29 -37.77 18.17 27.27
CA GLU B 29 -37.10 16.88 27.39
C GLU B 29 -37.23 16.07 26.09
N ARG B 30 -36.32 15.10 25.91
CA ARG B 30 -36.23 14.34 24.66
C ARG B 30 -37.57 13.68 24.31
N GLY B 31 -38.05 13.94 23.09
CA GLY B 31 -39.26 13.37 22.53
C GLY B 31 -40.48 14.27 22.60
N PHE B 32 -40.48 15.24 23.52
CA PHE B 32 -41.66 16.06 23.77
C PHE B 32 -41.97 17.07 22.67
N GLY B 33 -41.01 17.38 21.80
CA GLY B 33 -41.31 18.29 20.70
C GLY B 33 -42.44 17.81 19.81
N VAL B 34 -42.41 16.53 19.43
CA VAL B 34 -43.48 15.98 18.61
C VAL B 34 -44.68 15.54 19.45
N THR B 35 -44.48 15.29 20.75
CA THR B 35 -45.61 14.93 21.61
C THR B 35 -46.57 16.09 21.77
N LEU B 36 -46.09 17.32 21.90
CA LEU B 36 -47.03 18.43 21.89
C LEU B 36 -47.45 18.86 20.49
N GLY B 37 -46.50 18.99 19.58
CA GLY B 37 -46.85 19.58 18.29
C GLY B 37 -47.87 18.76 17.50
N ASN B 38 -47.71 17.45 17.45
CA ASN B 38 -48.62 16.68 16.62
C ASN B 38 -50.05 16.76 17.13
N PRO B 39 -50.33 16.53 18.42
CA PRO B 39 -51.73 16.69 18.88
C PRO B 39 -52.25 18.10 18.69
N LEU B 40 -51.47 19.13 19.06
CA LEU B 40 -51.92 20.51 18.85
C LEU B 40 -52.23 20.78 17.36
N ARG B 41 -51.43 20.23 16.45
CA ARG B 41 -51.71 20.44 15.03
C ARG B 41 -53.05 19.82 14.62
N ARG B 42 -53.33 18.59 15.07
CA ARG B 42 -54.58 17.93 14.73
C ARG B 42 -55.76 18.78 15.20
N ILE B 43 -55.65 19.31 16.41
CA ILE B 43 -56.69 20.14 16.99
C ILE B 43 -56.86 21.43 16.22
N LEU B 44 -55.76 22.15 15.97
CA LEU B 44 -55.82 23.42 15.25
C LEU B 44 -56.51 23.32 13.89
N LEU B 45 -56.41 22.16 13.24
CA LEU B 45 -57.05 21.88 11.97
C LEU B 45 -58.51 21.39 12.05
N SER B 46 -58.84 20.49 12.99
CA SER B 46 -60.16 19.87 13.11
C SER B 46 -61.17 20.68 13.93
N SER B 47 -60.74 21.22 15.07
CA SER B 47 -61.62 21.78 16.09
C SER B 47 -61.73 23.30 16.23
N ILE B 48 -61.04 24.13 15.46
CA ILE B 48 -61.20 25.56 15.78
C ILE B 48 -62.47 26.15 15.18
N PRO B 49 -63.42 26.66 16.01
CA PRO B 49 -64.71 27.18 15.51
C PRO B 49 -64.58 28.42 14.60
N GLY B 50 -65.25 28.36 13.45
CA GLY B 50 -65.20 29.40 12.45
C GLY B 50 -66.46 29.43 11.60
N THR B 51 -66.49 30.24 10.54
CA THR B 51 -67.68 30.39 9.72
C THR B 51 -67.37 30.08 8.25
N ALA B 52 -68.39 29.63 7.52
CA ALA B 52 -68.23 29.24 6.12
C ALA B 52 -69.52 29.42 5.31
N VAL B 53 -69.35 29.62 3.99
CA VAL B 53 -70.47 29.66 3.06
C VAL B 53 -70.91 28.22 2.77
N THR B 54 -72.11 27.84 3.23
CA THR B 54 -72.60 26.48 2.99
C THR B 54 -73.58 26.34 1.84
N SER B 55 -74.22 27.43 1.38
CA SER B 55 -75.21 27.30 0.32
C SER B 55 -75.40 28.63 -0.40
N VAL B 56 -75.71 28.54 -1.70
CA VAL B 56 -75.90 29.74 -2.50
C VAL B 56 -77.03 29.51 -3.51
N TYR B 57 -77.96 30.49 -3.62
CA TYR B 57 -79.01 30.57 -4.65
C TYR B 57 -78.81 31.82 -5.51
N ILE B 58 -78.69 31.63 -6.82
CA ILE B 58 -78.58 32.70 -7.83
C ILE B 58 -79.76 32.62 -8.79
N GLU B 59 -80.40 33.76 -9.06
CA GLU B 59 -81.75 33.81 -9.59
C GLU B 59 -82.00 32.85 -10.74
N ASP B 60 -81.43 33.11 -11.91
CA ASP B 60 -81.72 32.29 -13.09
C ASP B 60 -80.71 31.17 -13.31
N VAL B 61 -80.29 30.47 -12.26
CA VAL B 61 -79.26 29.45 -12.40
C VAL B 61 -79.79 28.15 -11.83
N LEU B 62 -79.84 27.11 -12.68
CA LEU B 62 -80.38 25.80 -12.31
C LEU B 62 -79.38 24.94 -11.52
N HIS B 63 -78.13 24.83 -11.97
CA HIS B 63 -77.17 23.98 -11.28
C HIS B 63 -75.78 24.64 -11.25
N GLU B 64 -74.81 23.91 -10.66
CA GLU B 64 -73.49 24.46 -10.34
C GLU B 64 -72.64 24.76 -11.58
N PHE B 65 -72.82 23.96 -12.63
CA PHE B 65 -72.03 24.03 -13.87
C PHE B 65 -72.64 24.91 -14.96
N SER B 66 -73.73 25.59 -14.67
CA SER B 66 -74.29 26.54 -15.63
C SER B 66 -73.38 27.77 -15.79
N THR B 67 -73.64 28.47 -16.90
CA THR B 67 -73.02 29.76 -17.19
C THR B 67 -74.13 30.82 -17.09
N ILE B 68 -73.78 32.01 -16.62
CA ILE B 68 -74.72 33.13 -16.44
C ILE B 68 -74.61 34.05 -17.64
N PRO B 69 -75.70 34.32 -18.38
CA PRO B 69 -75.60 35.31 -19.45
C PRO B 69 -75.43 36.71 -18.87
N GLY B 70 -74.49 37.46 -19.48
CA GLY B 70 -74.21 38.80 -19.02
C GLY B 70 -73.19 38.89 -17.91
N VAL B 71 -72.78 37.76 -17.33
CA VAL B 71 -71.73 37.70 -16.30
C VAL B 71 -70.52 36.88 -16.79
N LYS B 72 -69.32 37.48 -16.64
CA LYS B 72 -68.04 36.90 -17.10
C LYS B 72 -67.68 35.58 -16.38
N GLU B 73 -67.58 35.60 -15.04
CA GLU B 73 -67.29 34.39 -14.27
C GLU B 73 -68.36 33.34 -14.53
N ASP B 74 -67.95 32.06 -14.52
CA ASP B 74 -68.98 31.02 -14.52
C ASP B 74 -69.51 30.83 -13.11
N VAL B 75 -70.52 29.95 -12.98
CA VAL B 75 -71.13 29.77 -11.66
C VAL B 75 -70.12 29.20 -10.67
N VAL B 76 -69.31 28.23 -11.12
CA VAL B 76 -68.30 27.63 -10.26
C VAL B 76 -67.37 28.72 -9.73
N GLU B 77 -66.91 29.60 -10.63
CA GLU B 77 -65.98 30.65 -10.25
C GLU B 77 -66.59 31.55 -9.17
N ILE B 78 -67.89 31.88 -9.29
CA ILE B 78 -68.52 32.70 -8.26
C ILE B 78 -68.53 31.96 -6.92
N ILE B 79 -68.93 30.68 -6.93
CA ILE B 79 -68.90 29.89 -5.69
C ILE B 79 -67.51 29.88 -5.08
N LEU B 80 -66.49 29.74 -5.93
CA LEU B 80 -65.10 29.70 -5.46
C LEU B 80 -64.77 30.95 -4.65
N ASN B 81 -65.01 32.13 -5.25
CA ASN B 81 -64.83 33.40 -4.54
C ASN B 81 -65.59 33.43 -3.22
N LEU B 82 -66.80 32.85 -3.20
CA LEU B 82 -67.57 32.81 -1.97
C LEU B 82 -66.89 31.94 -0.92
N LYS B 83 -66.23 30.85 -1.35
CA LYS B 83 -65.46 30.03 -0.43
C LYS B 83 -64.39 30.86 0.26
N GLU B 84 -63.96 31.95 -0.40
CA GLU B 84 -62.91 32.77 0.18
C GLU B 84 -63.46 33.61 1.33
N LEU B 85 -64.48 34.42 1.05
CA LEU B 85 -65.10 35.35 2.01
C LEU B 85 -64.97 34.97 3.49
N VAL B 86 -64.46 35.90 4.30
CA VAL B 86 -64.24 35.72 5.74
C VAL B 86 -65.30 36.50 6.50
N VAL B 87 -66.23 35.80 7.14
CA VAL B 87 -67.35 36.43 7.85
C VAL B 87 -67.21 36.11 9.33
N ARG B 88 -67.34 37.15 10.15
CA ARG B 88 -67.12 37.07 11.59
C ARG B 88 -68.42 37.32 12.38
N PHE B 89 -68.90 36.30 13.10
CA PHE B 89 -70.09 36.45 13.94
C PHE B 89 -69.69 37.12 15.26
N LEU B 90 -70.23 38.32 15.49
CA LEU B 90 -69.96 39.07 16.70
C LEU B 90 -70.80 38.60 17.89
N ASN B 91 -71.99 38.03 17.62
CA ASN B 91 -72.94 37.52 18.61
C ASN B 91 -72.60 36.11 19.06
N PRO B 92 -72.25 35.91 20.33
CA PRO B 92 -71.90 34.55 20.80
C PRO B 92 -72.95 33.50 20.50
N SER B 93 -74.22 33.88 20.37
CA SER B 93 -75.28 32.90 20.18
C SER B 93 -75.64 32.67 18.71
N LEU B 94 -75.05 33.40 17.79
CA LEU B 94 -75.46 33.35 16.40
C LEU B 94 -74.89 32.12 15.72
N GLN B 95 -75.77 31.22 15.32
CA GLN B 95 -75.35 29.99 14.72
C GLN B 95 -75.52 29.93 13.20
N THR B 96 -76.10 30.96 12.56
CA THR B 96 -76.31 31.00 11.10
C THR B 96 -76.94 32.32 10.66
N VAL B 97 -76.74 32.65 9.37
CA VAL B 97 -77.23 33.88 8.73
C VAL B 97 -77.40 33.63 7.24
N THR B 98 -78.37 34.35 6.62
CA THR B 98 -78.49 34.43 5.15
C THR B 98 -78.13 35.86 4.71
N LEU B 99 -77.12 35.96 3.84
CA LEU B 99 -76.69 37.24 3.25
C LEU B 99 -77.30 37.45 1.87
N LEU B 100 -77.81 38.66 1.60
CA LEU B 100 -78.45 38.97 0.32
C LEU B 100 -77.64 39.97 -0.49
N LEU B 101 -77.59 39.75 -1.81
CA LEU B 101 -76.97 40.67 -2.76
C LEU B 101 -77.78 40.78 -4.04
N LYS B 102 -78.06 42.02 -4.45
CA LYS B 102 -78.72 42.33 -5.71
C LYS B 102 -77.95 43.45 -6.37
N ALA B 103 -77.49 43.22 -7.61
CA ALA B 103 -76.81 44.28 -8.35
C ALA B 103 -76.92 43.96 -9.84
N GLU B 104 -76.67 44.97 -10.68
CA GLU B 104 -76.81 44.76 -12.12
C GLU B 104 -76.00 45.82 -12.86
N GLY B 105 -76.09 45.75 -14.20
CA GLY B 105 -75.47 46.69 -15.11
C GLY B 105 -73.97 46.52 -15.10
N PRO B 106 -73.23 47.46 -15.69
CA PRO B 106 -71.74 47.36 -15.74
C PRO B 106 -70.92 47.69 -14.48
N LYS B 107 -70.79 46.70 -13.58
CA LYS B 107 -70.04 46.88 -12.34
C LYS B 107 -69.38 45.56 -11.93
N GLU B 108 -68.19 45.69 -11.33
CA GLU B 108 -67.48 44.56 -10.73
C GLU B 108 -67.87 44.49 -9.25
N VAL B 109 -68.57 43.41 -8.90
CA VAL B 109 -69.17 43.24 -7.57
C VAL B 109 -68.14 42.76 -6.56
N LYS B 110 -67.97 43.53 -5.49
CA LYS B 110 -67.11 43.20 -4.35
C LYS B 110 -67.91 42.65 -3.15
N ALA B 111 -67.17 42.39 -2.07
CA ALA B 111 -67.75 41.92 -0.80
C ALA B 111 -68.62 42.98 -0.14
N ARG B 112 -68.24 44.26 -0.24
CA ARG B 112 -68.94 45.31 0.51
C ARG B 112 -70.43 45.35 0.16
N ASP B 113 -70.77 44.98 -1.09
CA ASP B 113 -72.13 45.06 -1.65
C ASP B 113 -73.16 44.18 -0.93
N PHE B 114 -72.77 43.14 -0.19
CA PHE B 114 -73.76 42.37 0.56
C PHE B 114 -74.52 43.27 1.53
N LEU B 115 -75.85 43.05 1.61
CA LEU B 115 -76.69 43.88 2.48
C LEU B 115 -76.30 43.70 3.94
N PRO B 116 -75.84 44.75 4.61
CA PRO B 116 -75.37 44.65 6.00
C PRO B 116 -76.40 43.98 6.92
N VAL B 117 -75.90 43.11 7.78
CA VAL B 117 -76.70 42.38 8.75
C VAL B 117 -76.15 42.68 10.12
N ALA B 118 -77.06 42.82 11.08
CA ALA B 118 -76.68 43.15 12.45
C ALA B 118 -75.81 42.04 13.02
N ASP B 119 -74.68 42.43 13.64
CA ASP B 119 -73.72 41.49 14.24
C ASP B 119 -73.04 40.56 13.20
N VAL B 120 -72.98 40.97 11.93
CA VAL B 120 -72.23 40.24 10.90
C VAL B 120 -71.21 41.19 10.29
N GLU B 121 -69.93 40.90 10.56
CA GLU B 121 -68.79 41.70 10.11
C GLU B 121 -68.13 40.99 8.95
N ILE B 122 -67.97 41.69 7.84
CA ILE B 122 -67.23 41.17 6.69
C ILE B 122 -65.81 41.71 6.81
N MET B 123 -64.86 40.78 7.09
CA MET B 123 -63.48 41.14 7.42
C MET B 123 -62.73 41.63 6.21
N ASN B 124 -63.05 41.09 5.02
CA ASN B 124 -62.33 41.33 3.78
C ASN B 124 -63.23 41.99 2.74
N PRO B 125 -63.64 43.24 2.97
CA PRO B 125 -64.65 43.85 2.10
C PRO B 125 -64.24 44.08 0.64
N ASP B 126 -62.94 44.10 0.31
CA ASP B 126 -62.54 44.36 -1.08
C ASP B 126 -62.49 43.12 -1.96
N LEU B 127 -62.82 41.95 -1.40
CA LEU B 127 -62.80 40.70 -2.16
C LEU B 127 -63.75 40.74 -3.34
N HIS B 128 -63.21 40.42 -4.52
CA HIS B 128 -64.00 40.38 -5.75
C HIS B 128 -64.92 39.17 -5.74
N ILE B 129 -66.16 39.36 -6.23
CA ILE B 129 -67.15 38.28 -6.39
C ILE B 129 -67.46 38.00 -7.87
N ALA B 130 -67.98 39.00 -8.59
CA ALA B 130 -68.18 38.77 -10.02
C ALA B 130 -68.12 40.10 -10.77
N THR B 131 -67.73 40.01 -12.06
CA THR B 131 -67.79 41.15 -12.97
C THR B 131 -69.06 41.00 -13.78
N LEU B 132 -69.85 42.06 -13.85
CA LEU B 132 -71.11 42.08 -14.59
C LEU B 132 -71.01 43.02 -15.79
N GLU B 133 -71.43 42.53 -16.96
CA GLU B 133 -71.38 43.36 -18.16
C GLU B 133 -72.68 44.15 -18.26
N GLU B 134 -72.86 44.91 -19.33
CA GLU B 134 -74.12 45.62 -19.52
C GLU B 134 -75.27 44.62 -19.69
N GLY B 135 -76.31 44.78 -18.88
CA GLY B 135 -77.47 43.90 -18.93
C GLY B 135 -77.26 42.56 -18.27
N GLY B 136 -76.14 42.38 -17.59
CA GLY B 136 -75.92 41.18 -16.78
C GLY B 136 -76.53 41.41 -15.41
N ARG B 137 -77.12 40.35 -14.85
CA ARG B 137 -77.87 40.54 -13.62
C ARG B 137 -77.57 39.47 -12.58
N LEU B 138 -77.21 39.92 -11.37
CA LEU B 138 -76.87 39.07 -10.23
C LEU B 138 -77.78 39.32 -9.03
N ASN B 139 -78.60 38.32 -8.71
CA ASN B 139 -79.48 38.36 -7.54
C ASN B 139 -79.21 37.07 -6.75
N MET B 140 -78.65 37.19 -5.55
CA MET B 140 -78.33 35.94 -4.85
C MET B 140 -78.39 36.04 -3.33
N GLU B 141 -78.69 34.88 -2.74
CA GLU B 141 -78.71 34.63 -1.30
C GLU B 141 -77.68 33.55 -1.03
N VAL B 142 -76.76 33.82 -0.09
CA VAL B 142 -75.74 32.89 0.39
C VAL B 142 -75.97 32.59 1.88
N ARG B 143 -75.86 31.31 2.25
CA ARG B 143 -76.09 30.87 3.63
C ARG B 143 -74.75 30.67 4.36
N VAL B 144 -74.55 31.37 5.49
CA VAL B 144 -73.29 31.35 6.25
C VAL B 144 -73.53 30.79 7.65
N ASP B 145 -72.90 29.65 7.95
CA ASP B 145 -73.06 28.93 9.21
C ASP B 145 -71.79 28.94 10.07
N ARG B 146 -72.01 28.76 11.38
CA ARG B 146 -70.92 28.57 12.34
C ARG B 146 -70.52 27.09 12.41
N GLY B 147 -69.23 26.80 12.39
CA GLY B 147 -68.78 25.42 12.46
C GLY B 147 -67.27 25.24 12.65
N VAL B 148 -66.86 23.97 12.59
CA VAL B 148 -65.45 23.59 12.72
C VAL B 148 -65.08 22.61 11.62
N GLY B 149 -63.79 22.62 11.25
CA GLY B 149 -63.24 21.63 10.34
C GLY B 149 -63.57 21.85 8.87
N TYR B 150 -63.75 20.74 8.14
CA TYR B 150 -64.03 20.86 6.71
C TYR B 150 -65.07 19.81 6.31
N VAL B 151 -66.21 20.24 5.77
CA VAL B 151 -67.24 19.34 5.28
C VAL B 151 -67.48 19.53 3.77
N PRO B 152 -67.19 18.51 2.92
CA PRO B 152 -67.48 18.64 1.48
C PRO B 152 -68.96 18.87 1.27
N ALA B 153 -69.33 19.54 0.15
CA ALA B 153 -70.75 19.87 -0.12
C ALA B 153 -71.65 18.64 -0.24
N GLU B 154 -71.22 17.67 -1.04
CA GLU B 154 -71.98 16.45 -1.33
C GLU B 154 -72.20 15.61 -0.07
N LYS B 155 -71.89 16.17 1.14
CA LYS B 155 -71.98 15.48 2.44
C LYS B 155 -72.74 16.25 3.51
N HIS B 156 -72.67 17.58 3.56
CA HIS B 156 -73.52 18.23 4.57
C HIS B 156 -74.96 18.31 4.05
N GLY B 157 -75.11 18.54 2.74
CA GLY B 157 -76.39 18.59 2.05
C GLY B 157 -77.43 19.57 2.57
N ILE B 158 -77.08 20.84 2.66
CA ILE B 158 -77.99 21.88 3.11
C ILE B 158 -78.61 22.55 1.89
N LYS B 159 -79.95 22.57 1.89
CA LYS B 159 -80.77 23.28 0.92
C LYS B 159 -81.88 24.00 1.68
N ASP B 160 -81.88 25.34 1.64
CA ASP B 160 -83.02 26.10 2.15
C ASP B 160 -84.23 26.03 1.22
N ARG B 161 -84.00 25.93 -0.08
CA ARG B 161 -85.03 25.91 -1.09
C ARG B 161 -84.55 25.09 -2.27
N ILE B 162 -85.40 24.96 -3.29
CA ILE B 162 -84.93 24.27 -4.49
C ILE B 162 -83.97 25.18 -5.23
N ASN B 163 -83.11 24.56 -6.06
CA ASN B 163 -82.08 25.26 -6.82
C ASN B 163 -80.94 25.86 -5.98
N ALA B 164 -81.02 25.78 -4.64
CA ALA B 164 -79.92 26.20 -3.81
C ALA B 164 -78.78 25.17 -3.96
N ILE B 165 -77.57 25.66 -4.20
CA ILE B 165 -76.39 24.82 -4.43
C ILE B 165 -75.60 24.66 -3.14
N PRO B 166 -75.35 23.42 -2.68
CA PRO B 166 -74.49 23.24 -1.50
C PRO B 166 -73.03 23.52 -1.88
N VAL B 167 -72.31 24.20 -0.98
CA VAL B 167 -70.94 24.67 -1.21
C VAL B 167 -70.05 23.92 -0.23
N ASP B 168 -68.85 23.52 -0.69
CA ASP B 168 -67.88 22.90 0.22
C ASP B 168 -67.61 23.88 1.38
N ALA B 169 -67.80 23.42 2.63
CA ALA B 169 -67.81 24.33 3.78
C ALA B 169 -66.43 24.37 4.43
N VAL B 170 -65.72 25.49 4.29
CA VAL B 170 -64.40 25.65 4.88
C VAL B 170 -64.58 26.45 6.16
N PHE B 171 -64.74 25.73 7.28
CA PHE B 171 -65.08 26.47 8.51
C PHE B 171 -63.84 27.04 9.14
N SER B 172 -62.82 26.22 9.23
CA SER B 172 -61.64 26.47 10.02
C SER B 172 -61.04 27.83 9.71
N PRO B 173 -60.92 28.70 10.70
CA PRO B 173 -60.20 29.96 10.47
C PRO B 173 -58.71 29.68 10.24
N VAL B 174 -58.20 28.50 10.66
CA VAL B 174 -56.81 28.07 10.43
C VAL B 174 -56.65 27.56 8.99
N ARG B 175 -55.78 28.23 8.20
CA ARG B 175 -55.48 27.81 6.82
C ARG B 175 -54.40 26.73 6.72
N ARG B 176 -53.38 26.79 7.59
CA ARG B 176 -52.31 25.82 7.60
C ARG B 176 -51.66 25.82 8.97
N VAL B 177 -51.17 24.63 9.35
CA VAL B 177 -50.30 24.46 10.50
C VAL B 177 -49.15 23.62 10.04
N ALA B 178 -47.93 24.16 10.17
CA ALA B 178 -46.68 23.46 9.92
C ALA B 178 -45.86 23.63 11.19
N PHE B 179 -45.26 22.53 11.65
CA PHE B 179 -44.40 22.56 12.82
C PHE B 179 -43.14 21.77 12.51
N GLN B 180 -42.02 22.24 13.10
CA GLN B 180 -40.67 21.70 12.91
C GLN B 180 -40.01 21.56 14.27
N VAL B 181 -39.48 20.36 14.55
CA VAL B 181 -38.74 20.04 15.79
C VAL B 181 -37.23 19.97 15.50
N GLU B 182 -36.42 20.56 16.39
CA GLU B 182 -34.98 20.51 16.24
C GLU B 182 -34.27 20.20 17.54
N ASP B 183 -33.11 19.55 17.44
CA ASP B 183 -32.31 19.19 18.62
C ASP B 183 -31.74 20.47 19.26
N THR B 184 -31.63 20.47 20.59
CA THR B 184 -31.04 21.64 21.25
C THR B 184 -30.44 21.20 22.57
N ARG B 185 -29.50 22.01 23.11
CA ARG B 185 -28.75 21.64 24.31
C ARG B 185 -28.75 22.78 25.34
N LEU B 186 -28.94 22.41 26.61
CA LEU B 186 -28.72 23.29 27.76
C LEU B 186 -27.56 22.73 28.58
N GLY B 187 -26.40 23.41 28.54
CA GLY B 187 -25.22 22.92 29.27
C GLY B 187 -24.76 21.56 28.78
N GLN B 188 -24.77 20.59 29.71
CA GLN B 188 -24.33 19.21 29.46
C GLN B 188 -25.38 18.36 28.73
N ARG B 189 -26.69 18.61 28.89
CA ARG B 189 -27.73 17.81 28.22
C ARG B 189 -27.91 18.31 26.78
N THR B 190 -27.59 17.45 25.78
CA THR B 190 -27.75 17.79 24.36
C THR B 190 -28.96 17.17 23.63
N ASP B 191 -29.77 16.33 24.27
CA ASP B 191 -30.78 15.61 23.50
C ASP B 191 -32.15 16.33 23.48
N LEU B 192 -32.20 17.56 24.01
CA LEU B 192 -33.44 18.28 24.24
C LEU B 192 -34.11 18.72 22.93
N ASP B 193 -35.40 19.04 23.02
CA ASP B 193 -36.23 19.42 21.87
C ASP B 193 -36.50 20.93 21.84
N LYS B 194 -36.55 21.52 20.64
CA LYS B 194 -36.98 22.90 20.44
C LYS B 194 -38.11 22.90 19.43
N LEU B 195 -39.29 23.38 19.86
CA LEU B 195 -40.51 23.33 19.08
C LEU B 195 -40.82 24.70 18.45
N THR B 196 -41.00 24.72 17.14
CA THR B 196 -41.37 25.90 16.37
C THR B 196 -42.68 25.60 15.66
N LEU B 197 -43.69 26.44 15.93
CA LEU B 197 -45.05 26.30 15.44
C LEU B 197 -45.40 27.48 14.54
N ARG B 198 -45.95 27.17 13.37
CA ARG B 198 -46.33 28.18 12.39
C ARG B 198 -47.82 28.01 12.14
N ILE B 199 -48.60 29.07 12.39
CA ILE B 199 -50.06 29.06 12.26
C ILE B 199 -50.50 30.19 11.32
N TRP B 200 -51.31 29.86 10.33
CA TRP B 200 -51.88 30.83 9.39
C TRP B 200 -53.41 30.89 9.52
N THR B 201 -53.96 32.06 9.83
CA THR B 201 -55.42 32.16 9.87
C THR B 201 -55.91 33.10 8.77
N ASP B 202 -57.26 33.24 8.67
CA ASP B 202 -57.91 34.10 7.69
C ASP B 202 -58.20 35.49 8.24
N GLY B 203 -57.78 35.78 9.48
CA GLY B 203 -57.93 37.07 10.10
C GLY B 203 -59.08 37.16 11.09
N SER B 204 -60.07 36.27 10.99
CA SER B 204 -61.18 36.26 11.95
C SER B 204 -60.68 35.85 13.35
N VAL B 205 -60.06 34.67 13.45
CA VAL B 205 -59.36 34.30 14.68
C VAL B 205 -57.89 34.61 14.45
N THR B 206 -57.26 35.20 15.43
CA THR B 206 -55.84 35.53 15.40
C THR B 206 -54.98 34.29 15.68
N PRO B 207 -53.75 34.22 15.09
CA PRO B 207 -52.93 33.03 15.29
C PRO B 207 -52.67 32.70 16.75
N LEU B 208 -52.29 33.68 17.57
CA LEU B 208 -52.12 33.42 19.00
C LEU B 208 -53.43 32.96 19.64
N GLU B 209 -54.54 33.58 19.24
CA GLU B 209 -55.85 33.15 19.75
C GLU B 209 -56.10 31.70 19.39
N ALA B 210 -55.87 31.35 18.12
CA ALA B 210 -56.07 29.99 17.64
C ALA B 210 -55.32 28.96 18.48
N LEU B 211 -54.03 29.21 18.75
CA LEU B 211 -53.26 28.28 19.57
C LEU B 211 -53.89 28.09 20.97
N ASN B 212 -54.14 29.20 21.67
CA ASN B 212 -54.70 29.11 23.01
C ASN B 212 -55.99 28.31 23.05
N GLN B 213 -56.86 28.48 22.05
CA GLN B 213 -58.08 27.68 22.02
C GLN B 213 -57.73 26.19 21.92
N ALA B 214 -56.74 25.87 21.07
CA ALA B 214 -56.29 24.50 20.86
C ALA B 214 -55.72 23.90 22.15
N VAL B 215 -54.84 24.65 22.82
CA VAL B 215 -54.28 24.21 24.09
C VAL B 215 -55.38 23.97 25.14
N GLU B 216 -56.36 24.88 25.19
CA GLU B 216 -57.49 24.78 26.11
C GLU B 216 -58.29 23.48 25.87
N ILE B 217 -58.66 23.22 24.61
CA ILE B 217 -59.38 21.99 24.26
C ILE B 217 -58.68 20.75 24.81
N LEU B 218 -57.35 20.69 24.64
CA LEU B 218 -56.57 19.51 25.07
C LEU B 218 -56.64 19.32 26.58
N ARG B 219 -56.50 20.41 27.35
CA ARG B 219 -56.58 20.30 28.79
C ARG B 219 -57.91 19.67 29.21
N GLU B 220 -59.01 20.19 28.64
CA GLU B 220 -60.36 19.69 28.90
C GLU B 220 -60.44 18.19 28.62
N HIS B 221 -59.90 17.76 27.48
CA HIS B 221 -59.91 16.34 27.14
C HIS B 221 -59.15 15.50 28.17
N LEU B 222 -58.14 16.09 28.83
CA LEU B 222 -57.41 15.35 29.85
C LEU B 222 -58.27 15.10 31.09
N THR B 223 -59.21 16.00 31.38
CA THR B 223 -60.14 15.81 32.49
C THR B 223 -61.08 14.61 32.31
N TYR B 224 -61.22 14.08 31.08
CA TYR B 224 -62.16 12.99 30.84
C TYR B 224 -61.72 11.70 31.49
N PHE B 225 -60.56 11.75 32.13
CA PHE B 225 -60.01 10.63 32.88
C PHE B 225 -60.36 10.70 34.38
N SER B 226 -61.68 10.89 34.67
CA SER B 226 -62.23 11.07 36.02
C SER B 226 -63.18 9.94 36.45
N ASN B 227 -64.49 10.19 36.48
CA ASN B 227 -65.44 9.25 37.08
C ASN B 227 -65.34 7.98 36.26
N PRO B 228 -64.85 6.86 36.83
CA PRO B 228 -64.82 5.58 36.09
C PRO B 228 -66.10 4.74 36.01
N GLN B 229 -65.87 3.46 35.65
CA GLN B 229 -66.83 2.33 35.57
C GLN B 229 -66.05 1.05 35.17
N MET C 1 -37.77 -23.76 21.81
CA MET C 1 -38.72 -23.84 20.69
C MET C 1 -38.44 -24.99 19.68
N GLU C 2 -39.48 -25.31 18.91
CA GLU C 2 -39.44 -26.35 17.88
C GLU C 2 -38.55 -25.87 16.73
N ILE C 3 -37.89 -26.82 16.07
CA ILE C 3 -37.04 -26.56 14.91
C ILE C 3 -37.59 -27.39 13.75
N LYS C 4 -38.11 -26.69 12.74
CA LYS C 4 -38.74 -27.32 11.57
C LYS C 4 -37.76 -27.32 10.42
N ARG C 5 -37.44 -28.50 9.93
CA ARG C 5 -36.50 -28.61 8.84
C ARG C 5 -37.17 -28.95 7.52
N PHE C 6 -36.78 -28.24 6.48
CA PHE C 6 -37.28 -28.44 5.13
C PHE C 6 -36.25 -29.29 4.39
N GLY C 7 -36.57 -29.58 3.14
CA GLY C 7 -35.65 -30.20 2.21
C GLY C 7 -35.77 -31.71 2.16
N ARG C 8 -35.67 -32.23 0.93
CA ARG C 8 -35.82 -33.65 0.65
C ARG C 8 -34.50 -34.38 0.43
N ILE C 9 -33.38 -33.67 0.41
CA ILE C 9 -32.08 -34.27 0.12
C ILE C 9 -31.55 -35.04 1.31
N ARG C 10 -31.25 -36.31 1.10
CA ARG C 10 -30.67 -37.19 2.10
C ARG C 10 -29.19 -37.17 1.76
N GLU C 11 -28.36 -36.66 2.66
CA GLU C 11 -26.93 -36.58 2.40
C GLU C 11 -26.28 -37.86 2.89
N VAL C 12 -25.77 -38.64 1.94
CA VAL C 12 -25.24 -39.97 2.25
C VAL C 12 -24.01 -39.92 3.12
N ILE C 13 -23.25 -38.84 3.12
CA ILE C 13 -22.06 -38.77 3.97
C ILE C 13 -22.04 -37.42 4.68
N PRO C 14 -21.55 -37.35 5.90
CA PRO C 14 -21.38 -36.06 6.57
C PRO C 14 -20.15 -35.33 6.02
N LEU C 15 -20.10 -34.04 6.34
CA LEU C 15 -18.93 -33.22 6.05
C LEU C 15 -17.69 -33.87 6.67
N PRO C 16 -16.53 -33.88 5.99
CA PRO C 16 -15.28 -34.48 6.57
C PRO C 16 -14.81 -33.68 7.77
N PRO C 17 -13.86 -34.18 8.58
CA PRO C 17 -13.33 -33.31 9.66
C PRO C 17 -12.77 -32.05 9.03
N LEU C 18 -13.27 -30.90 9.48
CA LEU C 18 -13.07 -29.68 8.70
C LEU C 18 -11.66 -29.12 8.78
N THR C 19 -10.96 -29.31 9.91
CA THR C 19 -9.57 -28.86 10.04
C THR C 19 -8.59 -29.95 9.66
N GLU C 20 -9.06 -31.08 9.12
CA GLU C 20 -8.19 -32.21 8.79
C GLU C 20 -7.09 -31.83 7.81
N ILE C 21 -7.32 -30.84 6.95
CA ILE C 21 -6.29 -30.44 6.00
C ILE C 21 -5.04 -29.98 6.73
N GLN C 22 -5.20 -29.42 7.93
CA GLN C 22 -4.08 -28.99 8.76
C GLN C 22 -3.56 -30.16 9.59
N VAL C 23 -4.41 -30.72 10.46
CA VAL C 23 -3.99 -31.79 11.38
C VAL C 23 -3.32 -32.95 10.63
N GLU C 24 -3.98 -33.48 9.60
CA GLU C 24 -3.44 -34.65 8.89
C GLU C 24 -2.15 -34.36 8.14
N SER C 25 -1.99 -33.17 7.57
CA SER C 25 -0.77 -32.84 6.85
C SER C 25 0.46 -32.86 7.77
N TYR C 26 0.40 -32.18 8.91
CA TYR C 26 1.56 -32.11 9.83
C TYR C 26 1.80 -33.42 10.56
N ARG C 27 0.74 -34.12 10.99
CA ARG C 27 0.94 -35.40 11.64
C ARG C 27 1.71 -36.33 10.72
N ARG C 28 1.35 -36.34 9.42
CA ARG C 28 2.05 -37.15 8.41
C ARG C 28 3.53 -36.73 8.25
N ALA C 29 3.84 -35.44 8.36
CA ALA C 29 5.23 -35.02 8.24
C ALA C 29 6.07 -35.46 9.44
N LEU C 30 5.56 -35.30 10.68
CA LEU C 30 6.37 -35.62 11.85
C LEU C 30 6.40 -37.11 12.17
N GLN C 31 5.30 -37.81 11.97
CA GLN C 31 5.17 -39.21 12.31
C GLN C 31 5.65 -39.50 13.74
N ALA C 32 5.33 -38.61 14.67
CA ALA C 32 5.88 -38.72 16.03
C ALA C 32 5.31 -39.94 16.74
N ASP C 33 4.06 -40.30 16.46
CA ASP C 33 3.41 -41.44 17.12
C ASP C 33 3.72 -42.79 16.43
N VAL C 34 4.50 -42.80 15.35
CA VAL C 34 4.99 -44.01 14.66
C VAL C 34 6.37 -44.49 15.13
N PRO C 35 6.54 -45.78 15.42
CA PRO C 35 7.88 -46.33 15.76
C PRO C 35 8.84 -46.23 14.59
N PRO C 36 10.08 -45.73 14.86
CA PRO C 36 11.02 -45.38 13.77
C PRO C 36 11.17 -46.41 12.67
N GLU C 37 11.22 -47.71 12.99
CA GLU C 37 11.44 -48.71 11.96
C GLU C 37 10.25 -48.82 11.00
N LYS C 38 9.05 -48.42 11.44
CA LYS C 38 7.85 -48.54 10.64
C LYS C 38 7.51 -47.27 9.86
N ARG C 39 8.38 -46.25 9.90
CA ARG C 39 8.08 -45.01 9.20
C ARG C 39 8.19 -45.21 7.69
N GLU C 40 7.24 -44.66 6.94
CA GLU C 40 7.35 -44.58 5.49
C GLU C 40 8.26 -43.40 5.13
N ASN C 41 8.78 -43.41 3.91
CA ASN C 41 9.74 -42.38 3.49
C ASN C 41 8.98 -41.17 2.92
N VAL C 42 8.70 -40.21 3.80
CA VAL C 42 7.86 -39.04 3.51
C VAL C 42 8.15 -38.02 4.61
N GLY C 43 7.84 -36.76 4.33
CA GLY C 43 8.01 -35.69 5.30
C GLY C 43 9.40 -35.62 5.89
N ILE C 44 9.48 -35.36 7.20
CA ILE C 44 10.77 -35.31 7.91
C ILE C 44 11.62 -36.52 7.60
N GLN C 45 11.04 -37.71 7.69
CA GLN C 45 11.82 -38.91 7.39
C GLN C 45 12.49 -38.80 6.02
N ALA C 46 11.71 -38.44 4.99
CA ALA C 46 12.25 -38.34 3.64
C ALA C 46 13.37 -37.32 3.53
N ALA C 47 13.31 -36.21 4.27
CA ALA C 47 14.38 -35.21 4.24
C ALA C 47 15.70 -35.77 4.72
N PHE C 48 15.69 -36.50 5.84
CA PHE C 48 16.92 -37.10 6.36
C PHE C 48 17.52 -38.09 5.36
N ARG C 49 16.68 -38.99 4.83
CA ARG C 49 17.06 -40.02 3.86
C ARG C 49 17.65 -39.42 2.59
N GLU C 50 17.19 -38.22 2.22
CA GLU C 50 17.69 -37.50 1.04
C GLU C 50 19.06 -36.86 1.30
N THR C 51 19.24 -36.19 2.45
CA THR C 51 20.52 -35.49 2.73
C THR C 51 21.67 -36.46 3.05
N PHE C 52 21.38 -37.67 3.66
CA PHE C 52 22.44 -38.59 4.11
C PHE C 52 22.49 -39.86 3.25
N PRO C 53 23.71 -40.51 3.15
CA PRO C 53 25.02 -40.22 3.78
C PRO C 53 25.86 -39.04 3.18
N ILE C 54 26.61 -38.36 4.06
CA ILE C 54 27.50 -37.24 3.74
C ILE C 54 28.97 -37.62 3.47
N GLU C 55 29.42 -37.54 2.19
CA GLU C 55 30.70 -38.05 1.70
C GLU C 55 31.83 -37.03 1.92
N GLU C 56 33.08 -37.46 1.74
CA GLU C 56 34.22 -36.58 2.08
C GLU C 56 34.63 -35.69 0.90
N LEU C 64 35.87 -40.41 4.71
CA LEU C 64 34.93 -39.96 5.74
C LEU C 64 33.44 -40.03 5.33
N VAL C 65 32.58 -40.68 6.13
CA VAL C 65 31.13 -40.77 5.84
C VAL C 65 30.32 -40.68 7.12
N LEU C 66 29.35 -39.75 7.17
CA LEU C 66 28.43 -39.58 8.31
C LEU C 66 27.06 -40.11 7.85
N ASP C 67 26.53 -41.11 8.55
CA ASP C 67 25.33 -41.76 8.08
C ASP C 67 24.21 -41.57 9.10
N PHE C 68 22.98 -41.55 8.57
CA PHE C 68 21.79 -41.32 9.38
C PHE C 68 21.12 -42.62 9.82
N LEU C 69 20.86 -42.73 11.12
CA LEU C 69 20.20 -43.92 11.65
C LEU C 69 18.69 -43.73 11.79
N GLU C 70 18.27 -42.76 12.60
CA GLU C 70 16.87 -42.52 12.94
C GLU C 70 16.81 -41.26 13.78
N TYR C 71 15.61 -40.68 13.87
CA TYR C 71 15.38 -39.49 14.67
C TYR C 71 14.33 -39.81 15.71
N ARG C 72 14.26 -38.96 16.72
CA ARG C 72 13.14 -39.07 17.63
C ARG C 72 12.71 -37.66 18.02
N LEU C 73 11.44 -37.53 18.39
CA LEU C 73 10.88 -36.28 18.90
C LEU C 73 10.55 -36.44 20.37
N GLY C 74 11.00 -35.49 21.18
CA GLY C 74 10.69 -35.52 22.59
C GLY C 74 9.29 -34.98 22.85
N GLU C 75 9.00 -34.79 24.10
CA GLU C 75 7.77 -34.19 24.56
C GLU C 75 7.96 -32.69 24.75
N PRO C 76 6.91 -31.87 24.68
CA PRO C 76 7.10 -30.42 24.84
C PRO C 76 7.56 -30.04 26.23
N PRO C 77 8.58 -29.17 26.33
CA PRO C 77 9.06 -28.68 27.64
C PRO C 77 7.99 -27.99 28.45
N PHE C 78 7.03 -27.33 27.76
CA PHE C 78 5.97 -26.59 28.41
C PHE C 78 4.66 -26.83 27.68
N PRO C 79 3.51 -26.89 28.43
CA PRO C 79 2.20 -27.12 27.80
C PRO C 79 1.67 -25.92 27.02
N GLN C 80 0.53 -26.08 26.33
CA GLN C 80 0.11 -25.03 25.40
C GLN C 80 -0.21 -23.74 26.14
N ASP C 81 -1.03 -23.82 27.18
CA ASP C 81 -1.39 -22.64 27.96
C ASP C 81 -0.14 -21.91 28.47
N GLU C 82 0.82 -22.66 29.00
CA GLU C 82 2.04 -22.05 29.53
C GLU C 82 2.84 -21.29 28.46
N CYS C 83 2.95 -21.88 27.27
CA CYS C 83 3.68 -21.24 26.17
C CYS C 83 3.07 -19.88 25.83
N ARG C 84 1.73 -19.82 25.69
CA ARG C 84 1.04 -18.57 25.35
C ARG C 84 1.33 -17.48 26.39
N GLU C 85 1.32 -17.86 27.67
CA GLU C 85 1.62 -16.96 28.77
C GLU C 85 3.01 -16.29 28.68
N LYS C 86 4.05 -17.07 28.47
CA LYS C 86 5.44 -16.63 28.64
C LYS C 86 6.10 -16.15 27.36
N ASP C 87 5.33 -16.03 26.27
CA ASP C 87 5.86 -15.61 24.96
C ASP C 87 6.89 -16.63 24.50
N LEU C 88 6.53 -17.92 24.66
CA LEU C 88 7.35 -19.08 24.32
C LEU C 88 6.73 -19.77 23.10
N THR C 89 7.56 -20.43 22.31
CA THR C 89 7.09 -21.28 21.24
C THR C 89 6.77 -22.68 21.72
N TYR C 90 5.59 -23.19 21.33
CA TYR C 90 5.16 -24.56 21.63
C TYR C 90 5.85 -25.51 20.65
N GLN C 91 6.72 -26.38 21.15
CA GLN C 91 7.68 -27.12 20.32
C GLN C 91 8.17 -28.36 21.07
N ALA C 92 8.77 -29.29 20.33
CA ALA C 92 9.36 -30.51 20.90
C ALA C 92 10.86 -30.59 20.61
N PRO C 93 11.69 -31.10 21.54
CA PRO C 93 13.12 -31.31 21.24
C PRO C 93 13.30 -32.45 20.22
N LEU C 94 14.12 -32.19 19.20
CA LEU C 94 14.47 -33.17 18.17
C LEU C 94 15.90 -33.71 18.35
N TYR C 95 16.04 -35.04 18.34
CA TYR C 95 17.35 -35.67 18.41
C TYR C 95 17.52 -36.56 17.18
N ALA C 96 18.77 -36.77 16.75
CA ALA C 96 19.04 -37.69 15.65
C ALA C 96 20.23 -38.58 15.95
N ARG C 97 20.04 -39.89 15.79
CA ARG C 97 21.12 -40.86 15.92
C ARG C 97 21.93 -40.97 14.63
N LEU C 98 23.22 -40.67 14.74
CA LEU C 98 24.16 -40.67 13.64
C LEU C 98 25.33 -41.63 13.94
N GLN C 99 25.81 -42.35 12.92
CA GLN C 99 27.01 -43.15 13.03
C GLN C 99 28.07 -42.57 12.09
N LEU C 100 29.22 -42.21 12.66
CA LEU C 100 30.39 -41.78 11.90
C LEU C 100 31.21 -42.96 11.40
N ILE C 101 31.52 -42.96 10.10
CA ILE C 101 32.31 -44.00 9.48
C ILE C 101 33.49 -43.25 8.87
N HIS C 102 34.68 -43.84 9.01
CA HIS C 102 35.88 -43.34 8.36
C HIS C 102 36.15 -44.17 7.09
N LYS C 103 35.99 -43.54 5.91
CA LYS C 103 36.16 -44.28 4.65
C LYS C 103 37.61 -44.73 4.49
N ASP C 104 38.55 -43.97 5.05
CA ASP C 104 39.96 -44.36 5.06
C ASP C 104 40.24 -45.53 6.03
N THR C 105 39.94 -45.36 7.34
CA THR C 105 40.20 -46.33 8.42
C THR C 105 39.25 -47.54 8.47
N GLY C 106 38.18 -47.39 9.26
CA GLY C 106 37.21 -48.41 9.62
C GLY C 106 36.46 -47.98 10.87
N LEU C 107 37.00 -46.94 11.52
CA LEU C 107 36.49 -46.37 12.77
C LEU C 107 35.00 -46.05 12.70
N ILE C 108 34.27 -46.41 13.77
CA ILE C 108 32.84 -46.11 13.90
C ILE C 108 32.57 -45.55 15.30
N LYS C 109 32.19 -44.27 15.37
CA LYS C 109 31.65 -43.61 16.56
C LYS C 109 30.21 -43.16 16.31
N GLU C 110 29.30 -43.52 17.22
CA GLU C 110 27.86 -43.27 17.07
C GLU C 110 27.33 -42.52 18.27
N ASP C 111 26.53 -41.49 18.03
CA ASP C 111 26.02 -40.70 19.15
C ASP C 111 24.70 -40.07 18.69
N GLU C 112 23.86 -39.67 19.64
CA GLU C 112 22.61 -39.00 19.33
C GLU C 112 22.76 -37.50 19.56
N VAL C 113 22.77 -36.71 18.46
CA VAL C 113 23.02 -35.26 18.51
C VAL C 113 21.72 -34.47 18.54
N PHE C 114 21.73 -33.37 19.30
CA PHE C 114 20.58 -32.49 19.48
C PHE C 114 20.54 -31.44 18.38
N LEU C 115 19.45 -31.44 17.60
CA LEU C 115 19.26 -30.55 16.47
C LEU C 115 18.40 -29.33 16.78
N GLY C 116 18.01 -29.11 18.03
CA GLY C 116 17.12 -28.00 18.33
C GLY C 116 15.68 -28.47 18.51
N HIS C 117 14.75 -27.51 18.45
CA HIS C 117 13.32 -27.80 18.66
C HIS C 117 12.52 -27.66 17.37
N ILE C 118 11.39 -28.38 17.28
CA ILE C 118 10.45 -28.23 16.18
C ILE C 118 9.08 -27.85 16.74
N PRO C 119 8.39 -26.87 16.16
CA PRO C 119 7.09 -26.45 16.71
C PRO C 119 6.01 -27.53 16.51
N LEU C 120 5.17 -27.73 17.54
CA LEU C 120 4.07 -28.70 17.45
C LEU C 120 2.75 -28.00 17.16
N MET C 121 1.92 -28.66 16.34
CA MET C 121 0.54 -28.24 16.06
C MET C 121 -0.44 -28.67 17.16
N THR C 122 -1.33 -27.76 17.55
CA THR C 122 -2.34 -28.06 18.54
C THR C 122 -3.46 -28.93 17.95
N GLU C 123 -4.45 -29.25 18.77
CA GLU C 123 -5.53 -30.14 18.32
C GLU C 123 -6.40 -29.49 17.24
N ASP C 124 -6.56 -28.15 17.25
CA ASP C 124 -7.50 -27.52 16.33
C ASP C 124 -6.81 -27.07 15.04
N GLY C 125 -5.54 -27.41 14.87
CA GLY C 125 -4.85 -27.12 13.64
C GLY C 125 -4.07 -25.84 13.61
N SER C 126 -3.77 -25.25 14.76
CA SER C 126 -2.99 -24.02 14.78
C SER C 126 -1.63 -24.22 15.48
N PHE C 127 -0.82 -23.17 15.52
CA PHE C 127 0.49 -23.18 16.15
C PHE C 127 0.61 -22.07 17.18
N ILE C 128 1.57 -22.22 18.09
CA ILE C 128 1.94 -21.18 19.04
C ILE C 128 3.40 -20.82 18.81
N ILE C 129 3.64 -19.62 18.29
CA ILE C 129 4.98 -19.15 17.93
C ILE C 129 5.26 -17.87 18.71
N ASN C 130 6.19 -17.93 19.67
CA ASN C 130 6.46 -16.78 20.54
C ASN C 130 5.20 -16.25 21.25
N GLY C 131 4.33 -17.14 21.71
CA GLY C 131 3.20 -16.69 22.52
C GLY C 131 1.95 -16.36 21.75
N ALA C 132 2.05 -16.18 20.44
CA ALA C 132 0.92 -15.82 19.60
C ALA C 132 0.47 -17.04 18.81
N ASP C 133 -0.82 -17.21 18.67
CA ASP C 133 -1.37 -18.33 17.93
C ASP C 133 -1.22 -18.00 16.44
N ARG C 134 -0.76 -18.96 15.61
CA ARG C 134 -0.56 -18.73 14.16
C ARG C 134 -1.16 -19.84 13.27
N VAL C 135 -1.45 -19.51 12.01
CA VAL C 135 -1.97 -20.47 11.02
C VAL C 135 -1.05 -20.53 9.80
N ILE C 136 -0.79 -21.74 9.27
CA ILE C 136 -0.08 -21.91 7.99
C ILE C 136 -1.06 -22.14 6.84
N VAL C 137 -1.17 -21.17 5.92
CA VAL C 137 -2.10 -21.23 4.79
C VAL C 137 -1.54 -22.09 3.67
N SER C 138 -2.34 -23.04 3.19
CA SER C 138 -1.99 -23.88 2.04
C SER C 138 -1.72 -23.02 0.79
N GLN C 139 -0.87 -23.53 -0.10
CA GLN C 139 -0.49 -22.80 -1.31
C GLN C 139 -0.84 -23.61 -2.55
N ILE C 140 -1.66 -23.04 -3.45
CA ILE C 140 -1.94 -23.65 -4.75
C ILE C 140 -0.79 -23.31 -5.70
N HIS C 141 -0.42 -24.23 -6.61
CA HIS C 141 0.64 -23.94 -7.59
C HIS C 141 0.54 -24.94 -8.72
N ARG C 142 1.37 -24.76 -9.75
CA ARG C 142 1.39 -25.71 -10.85
C ARG C 142 2.04 -27.03 -10.41
N SER C 143 1.35 -28.13 -10.66
CA SER C 143 1.86 -29.46 -10.37
C SER C 143 3.07 -29.78 -11.23
N PRO C 144 4.11 -30.41 -10.66
CA PRO C 144 5.19 -30.94 -11.50
C PRO C 144 4.66 -31.98 -12.47
N GLY C 145 5.42 -32.19 -13.54
CA GLY C 145 5.03 -33.09 -14.60
C GLY C 145 5.56 -32.59 -15.93
N VAL C 146 4.98 -33.12 -17.02
CA VAL C 146 5.34 -32.70 -18.37
C VAL C 146 4.09 -32.18 -19.07
N TYR C 147 4.13 -30.92 -19.50
CA TYR C 147 2.99 -30.24 -20.11
C TYR C 147 3.30 -29.86 -21.54
N PHE C 148 2.25 -29.77 -22.38
CA PHE C 148 2.42 -29.32 -23.75
C PHE C 148 1.44 -28.19 -24.03
N THR C 149 1.95 -26.99 -24.29
CA THR C 149 1.08 -25.86 -24.56
C THR C 149 1.33 -25.35 -25.97
N PRO C 150 0.35 -24.74 -26.63
CA PRO C 150 0.60 -24.15 -27.95
C PRO C 150 1.51 -22.95 -27.89
N ASP C 151 2.45 -22.88 -28.84
CA ASP C 151 3.37 -21.77 -29.01
C ASP C 151 2.60 -20.61 -29.61
N PRO C 152 2.44 -19.50 -28.88
CA PRO C 152 1.61 -18.38 -29.37
C PRO C 152 2.09 -17.80 -30.70
N ALA C 153 3.39 -17.79 -30.93
CA ALA C 153 3.94 -17.21 -32.15
C ALA C 153 3.58 -18.03 -33.39
N ARG C 154 3.87 -19.34 -33.40
CA ARG C 154 3.61 -20.08 -34.62
C ARG C 154 2.37 -20.96 -34.47
N PRO C 155 1.24 -20.58 -35.12
CA PRO C 155 -0.06 -21.26 -34.90
C PRO C 155 -0.13 -22.76 -35.16
N GLY C 156 0.97 -23.40 -35.55
CA GLY C 156 0.91 -24.81 -35.87
C GLY C 156 1.97 -25.61 -35.13
N ARG C 157 2.65 -24.97 -34.19
CA ARG C 157 3.76 -25.57 -33.45
C ARG C 157 3.45 -25.51 -31.95
N TYR C 158 4.17 -26.31 -31.16
CA TYR C 158 3.91 -26.40 -29.73
C TYR C 158 5.21 -26.42 -28.91
N ILE C 159 5.11 -26.01 -27.64
CA ILE C 159 6.21 -26.07 -26.69
C ILE C 159 5.89 -27.09 -25.61
N ALA C 160 6.83 -28.00 -25.37
CA ALA C 160 6.76 -28.94 -24.26
C ALA C 160 7.62 -28.39 -23.12
N SER C 161 7.02 -28.21 -21.94
CA SER C 161 7.71 -27.67 -20.77
C SER C 161 7.77 -28.73 -19.67
N ILE C 162 8.97 -29.04 -19.20
CA ILE C 162 9.16 -29.95 -18.08
C ILE C 162 9.41 -29.14 -16.82
N ILE C 163 8.44 -29.12 -15.90
CA ILE C 163 8.52 -28.28 -14.71
C ILE C 163 8.58 -29.22 -13.52
N PRO C 164 9.62 -29.13 -12.69
CA PRO C 164 9.71 -29.92 -11.45
C PRO C 164 9.13 -29.19 -10.23
N LEU C 165 9.24 -29.78 -9.04
CA LEU C 165 8.79 -29.06 -7.85
C LEU C 165 9.61 -27.77 -7.68
N PRO C 166 9.01 -26.74 -7.08
CA PRO C 166 9.73 -25.46 -6.87
C PRO C 166 11.07 -25.59 -6.14
N LYS C 167 12.07 -24.87 -6.69
CA LYS C 167 13.44 -24.77 -6.17
C LYS C 167 14.20 -26.09 -6.26
N ARG C 168 13.57 -27.13 -6.83
CA ARG C 168 14.15 -28.45 -7.00
C ARG C 168 14.57 -28.72 -8.46
N GLY C 169 14.76 -27.67 -9.26
CA GLY C 169 15.27 -27.83 -10.60
C GLY C 169 14.88 -26.70 -11.53
N PRO C 170 15.46 -26.68 -12.72
CA PRO C 170 15.17 -25.64 -13.72
C PRO C 170 13.88 -25.88 -14.50
N TRP C 171 13.41 -24.80 -15.11
CA TRP C 171 12.27 -24.89 -16.01
C TRP C 171 12.90 -25.24 -17.37
N ILE C 172 12.26 -26.14 -18.13
CA ILE C 172 12.64 -26.52 -19.49
C ILE C 172 11.61 -26.15 -20.57
N ASP C 173 12.06 -25.57 -21.70
CA ASP C 173 11.23 -25.33 -22.89
C ASP C 173 11.80 -26.06 -24.11
N LEU C 174 10.97 -26.86 -24.80
CA LEU C 174 11.36 -27.51 -26.06
C LEU C 174 10.78 -26.88 -27.33
N GLU C 175 10.98 -25.57 -27.57
CA GLU C 175 10.39 -24.91 -28.74
C GLU C 175 10.99 -25.53 -30.01
N VAL C 176 10.22 -25.59 -31.10
CA VAL C 176 10.76 -26.00 -32.40
C VAL C 176 10.97 -24.74 -33.26
N GLU C 177 12.25 -24.39 -33.47
CA GLU C 177 12.69 -23.15 -34.13
C GLU C 177 12.31 -23.09 -35.61
N PRO C 178 12.27 -21.87 -36.18
CA PRO C 178 12.00 -21.74 -37.63
C PRO C 178 12.93 -22.54 -38.55
N ASN C 179 14.21 -22.76 -38.17
CA ASN C 179 15.14 -23.54 -38.99
C ASN C 179 14.79 -25.02 -39.11
N GLY C 180 13.89 -25.55 -38.28
CA GLY C 180 13.41 -26.92 -38.38
C GLY C 180 13.95 -27.87 -37.33
N VAL C 181 15.02 -27.47 -36.58
CA VAL C 181 15.64 -28.29 -35.53
C VAL C 181 14.95 -28.04 -34.18
N VAL C 182 14.82 -29.10 -33.39
CA VAL C 182 14.12 -29.04 -32.10
C VAL C 182 15.09 -28.56 -31.03
N SER C 183 14.76 -27.41 -30.42
CA SER C 183 15.62 -26.70 -29.46
C SER C 183 15.16 -26.93 -28.03
N MET C 184 16.14 -26.95 -27.12
CA MET C 184 15.93 -27.09 -25.69
C MET C 184 16.36 -25.82 -24.94
N LYS C 185 15.49 -25.35 -24.04
CA LYS C 185 15.67 -24.11 -23.26
C LYS C 185 15.84 -24.45 -21.78
N VAL C 186 16.99 -24.06 -21.20
CA VAL C 186 17.37 -24.31 -19.80
C VAL C 186 18.04 -23.06 -19.23
N ASN C 187 17.49 -22.57 -18.11
CA ASN C 187 17.95 -21.35 -17.45
C ASN C 187 17.94 -20.20 -18.44
N LYS C 188 16.87 -20.14 -19.25
CA LYS C 188 16.63 -19.10 -20.24
C LYS C 188 17.62 -19.13 -21.43
N ARG C 189 18.63 -20.05 -21.45
CA ARG C 189 19.59 -20.24 -22.57
C ARG C 189 19.12 -21.37 -23.48
N LYS C 190 19.27 -21.18 -24.80
CA LYS C 190 18.91 -22.18 -25.81
C LYS C 190 20.11 -22.74 -26.58
N PHE C 191 19.98 -24.01 -26.97
CA PHE C 191 20.91 -24.70 -27.85
C PHE C 191 20.13 -25.76 -28.61
N PRO C 192 20.75 -26.45 -29.59
CA PRO C 192 20.05 -27.56 -30.27
C PRO C 192 19.91 -28.79 -29.38
N LEU C 193 18.69 -29.33 -29.32
CA LEU C 193 18.43 -30.51 -28.48
C LEU C 193 19.20 -31.75 -28.92
N VAL C 194 19.57 -31.84 -30.20
CA VAL C 194 20.26 -33.02 -30.70
C VAL C 194 21.54 -33.28 -29.90
N LEU C 195 22.24 -32.21 -29.53
CA LEU C 195 23.51 -32.34 -28.80
C LEU C 195 23.30 -33.08 -27.47
N LEU C 196 22.27 -32.70 -26.73
CA LEU C 196 21.98 -33.39 -25.47
C LEU C 196 21.62 -34.86 -25.68
N LEU C 197 20.90 -35.16 -26.76
CA LEU C 197 20.57 -36.55 -27.07
C LEU C 197 21.82 -37.43 -27.25
N ARG C 198 22.87 -36.89 -27.90
CA ARG C 198 24.08 -37.67 -28.09
C ARG C 198 24.75 -38.00 -26.76
N VAL C 199 24.72 -37.06 -25.80
CA VAL C 199 25.28 -37.31 -24.48
C VAL C 199 24.61 -38.49 -23.79
N LEU C 200 23.33 -38.72 -24.08
CA LEU C 200 22.62 -39.84 -23.49
C LEU C 200 23.07 -41.15 -24.13
N GLY C 201 23.85 -41.06 -25.20
CA GLY C 201 24.40 -42.20 -25.90
C GLY C 201 23.57 -42.57 -27.10
N TYR C 202 22.73 -41.66 -27.56
CA TYR C 202 21.87 -41.88 -28.72
C TYR C 202 22.65 -41.74 -30.02
N ASP C 203 22.28 -42.56 -30.99
CA ASP C 203 22.83 -42.55 -32.34
C ASP C 203 21.73 -42.20 -33.32
N GLN C 204 22.14 -41.73 -34.51
CA GLN C 204 21.21 -41.30 -35.56
C GLN C 204 20.15 -42.36 -35.85
N GLU C 205 20.52 -43.64 -35.74
CA GLU C 205 19.61 -44.75 -35.97
C GLU C 205 18.43 -44.75 -34.98
N THR C 206 18.72 -44.60 -33.68
CA THR C 206 17.67 -44.65 -32.66
C THR C 206 16.62 -43.56 -32.90
N LEU C 207 17.07 -42.33 -33.16
CA LEU C 207 16.15 -41.22 -33.41
C LEU C 207 15.36 -41.42 -34.71
N ALA C 208 16.02 -41.92 -35.76
CA ALA C 208 15.33 -42.19 -37.02
C ALA C 208 14.29 -43.30 -36.87
N ARG C 209 14.69 -44.45 -36.30
CA ARG C 209 13.79 -45.61 -36.15
C ARG C 209 12.64 -45.36 -35.17
N GLU C 210 12.91 -44.62 -34.08
CA GLU C 210 11.90 -44.41 -33.05
C GLU C 210 10.83 -43.46 -33.57
N LEU C 211 11.27 -42.32 -34.08
CA LEU C 211 10.41 -41.21 -34.45
C LEU C 211 10.18 -41.35 -35.95
N GLY C 212 11.16 -40.91 -36.75
CA GLY C 212 11.10 -40.77 -38.20
C GLY C 212 9.76 -40.67 -38.93
N ALA C 213 8.70 -41.26 -38.37
CA ALA C 213 7.39 -41.33 -39.01
C ALA C 213 6.90 -39.98 -39.50
N TYR C 214 7.40 -38.89 -38.90
CA TYR C 214 7.03 -37.53 -39.24
C TYR C 214 8.14 -37.02 -40.14
N GLY C 215 7.81 -36.85 -41.43
CA GLY C 215 8.80 -36.87 -42.48
C GLY C 215 9.78 -35.75 -42.24
N GLU C 216 9.27 -34.52 -42.16
CA GLU C 216 10.13 -33.35 -42.15
C GLU C 216 10.59 -32.98 -40.75
N LEU C 217 9.94 -33.50 -39.70
CA LEU C 217 10.32 -33.02 -38.38
C LEU C 217 11.52 -33.80 -37.84
N VAL C 218 11.52 -35.14 -37.96
CA VAL C 218 12.60 -35.96 -37.42
C VAL C 218 13.92 -35.69 -38.12
N GLN C 219 13.88 -35.44 -39.43
CA GLN C 219 15.10 -35.09 -40.18
C GLN C 219 15.63 -33.70 -39.81
N GLY C 220 14.77 -32.78 -39.41
CA GLY C 220 15.23 -31.47 -38.96
C GLY C 220 15.99 -31.47 -37.64
N LEU C 221 15.79 -32.51 -36.81
CA LEU C 221 16.57 -32.65 -35.58
C LEU C 221 17.97 -33.15 -35.82
N MET C 222 18.20 -33.81 -36.97
CA MET C 222 19.46 -34.48 -37.31
C MET C 222 20.53 -33.46 -37.69
N ASP C 223 21.64 -33.46 -36.95
CA ASP C 223 22.79 -32.60 -37.24
C ASP C 223 24.07 -33.43 -37.21
N GLU C 224 24.74 -33.49 -38.38
CA GLU C 224 25.90 -34.36 -38.60
C GLU C 224 27.08 -34.01 -37.69
N SER C 225 27.40 -32.72 -37.54
CA SER C 225 28.56 -32.32 -36.73
C SER C 225 28.51 -32.90 -35.32
N VAL C 226 27.29 -32.96 -34.75
CA VAL C 226 27.10 -33.51 -33.41
C VAL C 226 27.38 -35.02 -33.37
N PHE C 227 26.96 -35.76 -34.41
CA PHE C 227 27.21 -37.20 -34.46
C PHE C 227 28.69 -37.56 -34.58
N ALA C 228 29.50 -36.67 -35.18
CA ALA C 228 30.94 -36.87 -35.35
C ALA C 228 31.74 -36.92 -34.04
N MET C 229 31.19 -37.52 -32.99
CA MET C 229 31.87 -37.57 -31.70
C MET C 229 31.15 -38.55 -30.77
N ARG C 230 31.93 -39.35 -30.04
CA ARG C 230 31.37 -40.30 -29.10
C ARG C 230 30.69 -39.57 -27.93
N PRO C 231 29.85 -40.25 -27.15
CA PRO C 231 29.11 -39.56 -26.07
C PRO C 231 29.93 -38.68 -25.13
N GLU C 232 31.24 -38.95 -24.95
CA GLU C 232 32.05 -38.13 -24.04
C GLU C 232 32.36 -36.75 -24.65
N GLU C 233 32.78 -36.74 -25.92
CA GLU C 233 33.09 -35.47 -26.60
C GLU C 233 31.87 -34.57 -26.71
N ALA C 234 30.68 -35.13 -26.88
CA ALA C 234 29.47 -34.32 -26.99
C ALA C 234 29.12 -33.65 -25.66
N LEU C 235 29.48 -34.31 -24.54
CA LEU C 235 29.22 -33.75 -23.21
C LEU C 235 30.10 -32.53 -22.96
N ILE C 236 31.37 -32.61 -23.35
CA ILE C 236 32.30 -31.48 -23.23
C ILE C 236 31.85 -30.31 -24.12
N ARG C 237 31.39 -30.61 -25.34
CA ARG C 237 30.93 -29.58 -26.28
C ARG C 237 29.76 -28.76 -25.71
N LEU C 238 28.73 -29.42 -25.17
CA LEU C 238 27.58 -28.76 -24.54
C LEU C 238 27.95 -27.88 -23.34
N PHE C 239 28.86 -28.36 -22.47
CA PHE C 239 29.25 -27.61 -21.27
C PHE C 239 29.84 -26.25 -21.62
N THR C 240 30.59 -26.16 -22.72
CA THR C 240 31.16 -24.88 -23.14
C THR C 240 30.07 -23.88 -23.54
N LEU C 241 28.92 -24.40 -23.99
CA LEU C 241 27.77 -23.54 -24.31
C LEU C 241 27.11 -22.97 -23.05
N LEU C 242 26.98 -23.80 -21.99
CA LEU C 242 26.29 -23.39 -20.76
C LEU C 242 27.15 -22.57 -19.80
N ARG C 243 28.45 -22.82 -19.72
CA ARG C 243 29.32 -22.09 -18.78
C ARG C 243 30.56 -21.49 -19.45
N PRO C 244 30.40 -20.39 -20.19
CA PRO C 244 31.59 -19.81 -20.84
C PRO C 244 32.66 -19.42 -19.82
N GLY C 245 33.92 -19.62 -20.19
CA GLY C 245 35.06 -19.27 -19.36
C GLY C 245 35.48 -20.30 -18.32
N ASP C 246 34.62 -21.25 -17.95
CA ASP C 246 35.00 -22.33 -17.02
C ASP C 246 35.64 -23.49 -17.79
N PRO C 247 36.89 -23.84 -17.49
CA PRO C 247 37.59 -24.96 -18.21
C PRO C 247 36.83 -26.27 -18.15
N PRO C 248 36.61 -26.91 -19.32
CA PRO C 248 35.71 -28.09 -19.44
C PRO C 248 36.36 -29.40 -19.01
N LYS C 249 36.87 -29.44 -17.77
CA LYS C 249 37.38 -30.69 -17.20
C LYS C 249 36.30 -31.76 -17.12
N ARG C 250 36.67 -33.00 -17.49
CA ARG C 250 35.68 -34.08 -17.62
C ARG C 250 34.95 -34.38 -16.30
N ASP C 251 35.65 -34.43 -15.16
CA ASP C 251 34.94 -34.61 -13.89
C ASP C 251 34.08 -33.38 -13.54
N LYS C 252 34.56 -32.16 -13.84
CA LYS C 252 33.77 -30.95 -13.62
C LYS C 252 32.48 -30.90 -14.46
N ALA C 253 32.56 -31.27 -15.76
CA ALA C 253 31.37 -31.25 -16.61
C ALA C 253 30.33 -32.26 -16.15
N VAL C 254 30.75 -33.51 -15.90
CA VAL C 254 29.85 -34.54 -15.38
C VAL C 254 29.14 -34.03 -14.13
N ALA C 255 29.91 -33.46 -13.20
CA ALA C 255 29.34 -32.93 -11.95
C ALA C 255 28.22 -31.90 -12.23
N TYR C 256 28.48 -30.94 -13.13
CA TYR C 256 27.49 -29.90 -13.41
C TYR C 256 26.22 -30.49 -14.02
N VAL C 257 26.36 -31.27 -15.10
CA VAL C 257 25.22 -31.89 -15.77
C VAL C 257 24.50 -32.90 -14.87
N TYR C 258 25.26 -33.73 -14.13
CA TYR C 258 24.61 -34.66 -13.19
C TYR C 258 23.75 -33.93 -12.16
N GLY C 259 24.32 -32.90 -11.51
CA GLY C 259 23.56 -32.19 -10.48
C GLY C 259 22.34 -31.49 -11.04
N LEU C 260 22.42 -31.05 -12.28
CA LEU C 260 21.31 -30.36 -12.93
C LEU C 260 20.24 -31.32 -13.45
N ILE C 261 20.60 -32.56 -13.84
CA ILE C 261 19.64 -33.37 -14.58
C ILE C 261 19.36 -34.69 -13.85
N ALA C 262 20.39 -35.48 -13.59
CA ALA C 262 20.19 -36.83 -13.06
C ALA C 262 20.25 -36.97 -11.54
N ASP C 263 20.66 -35.93 -10.79
CA ASP C 263 20.86 -36.10 -9.34
C ASP C 263 19.60 -36.13 -8.49
N PRO C 264 19.24 -37.29 -7.89
CA PRO C 264 18.05 -37.33 -7.01
C PRO C 264 18.31 -36.59 -5.70
N ARG C 265 18.99 -35.45 -5.78
CA ARG C 265 19.22 -34.61 -4.61
C ARG C 265 19.07 -33.15 -5.05
N ARG C 266 19.63 -32.81 -6.21
CA ARG C 266 19.54 -31.46 -6.76
C ARG C 266 18.37 -31.27 -7.73
N TYR C 267 17.79 -32.37 -8.23
CA TYR C 267 16.64 -32.36 -9.14
C TYR C 267 15.56 -33.30 -8.63
N ASP C 268 14.40 -32.73 -8.28
CA ASP C 268 13.28 -33.51 -7.77
C ASP C 268 12.03 -33.20 -8.57
N LEU C 269 11.57 -34.18 -9.37
CA LEU C 269 10.20 -34.13 -9.87
C LEU C 269 9.33 -34.49 -8.67
N GLY C 270 8.08 -34.16 -8.70
CA GLY C 270 7.24 -34.57 -7.60
C GLY C 270 6.98 -36.07 -7.53
N GLU C 271 6.37 -36.50 -6.42
CA GLU C 271 5.67 -37.78 -6.46
C GLU C 271 4.48 -37.66 -7.37
N ALA C 272 3.84 -36.49 -7.37
CA ALA C 272 2.78 -36.23 -8.33
C ALA C 272 3.37 -36.06 -9.72
N GLY C 273 4.57 -35.47 -9.80
CA GLY C 273 5.26 -35.36 -11.08
C GLY C 273 5.52 -36.72 -11.71
N ARG C 274 6.04 -37.67 -10.94
CA ARG C 274 6.20 -39.03 -11.46
C ARG C 274 4.87 -39.60 -11.98
N TYR C 275 3.79 -39.52 -11.19
CA TYR C 275 2.50 -40.03 -11.68
C TYR C 275 2.03 -39.32 -12.93
N LYS C 276 2.11 -37.99 -12.96
CA LYS C 276 1.61 -37.27 -14.13
C LYS C 276 2.44 -37.59 -15.37
N ALA C 277 3.77 -37.70 -15.20
CA ALA C 277 4.67 -38.07 -16.29
C ALA C 277 4.42 -39.49 -16.80
N GLU C 278 4.39 -40.46 -15.89
CA GLU C 278 4.10 -41.85 -16.26
C GLU C 278 2.77 -41.99 -16.99
N GLU C 279 1.75 -41.25 -16.55
CA GLU C 279 0.39 -41.33 -17.10
C GLU C 279 0.27 -40.62 -18.45
N LYS C 280 0.93 -39.46 -18.58
CA LYS C 280 0.85 -38.65 -19.81
C LYS C 280 1.63 -39.25 -20.98
N LEU C 281 2.89 -39.62 -20.75
CA LEU C 281 3.75 -40.09 -21.84
C LEU C 281 3.66 -41.60 -22.05
N GLY C 282 2.97 -42.31 -21.17
CA GLY C 282 2.86 -43.75 -21.29
C GLY C 282 4.19 -44.44 -21.15
N ILE C 283 4.93 -44.09 -20.09
CA ILE C 283 6.22 -44.69 -19.77
C ILE C 283 6.18 -44.96 -18.27
N ARG C 284 7.23 -45.56 -17.72
CA ARG C 284 7.18 -45.73 -16.27
C ARG C 284 8.52 -45.20 -15.76
N LEU C 285 8.49 -44.33 -14.75
CA LEU C 285 9.74 -43.74 -14.23
C LEU C 285 10.32 -44.54 -13.06
N SER C 286 11.64 -44.82 -13.14
CA SER C 286 12.38 -45.48 -12.06
C SER C 286 12.65 -44.57 -10.88
N GLY C 287 12.53 -43.27 -11.07
CA GLY C 287 12.76 -42.34 -9.99
C GLY C 287 12.22 -40.97 -10.37
N ARG C 288 12.58 -39.99 -9.56
CA ARG C 288 12.08 -38.64 -9.72
C ARG C 288 13.01 -37.77 -10.54
N THR C 289 13.98 -38.35 -11.24
CA THR C 289 14.92 -37.58 -12.03
C THR C 289 14.70 -37.80 -13.52
N LEU C 290 15.13 -36.80 -14.29
CA LEU C 290 14.99 -36.82 -15.75
C LEU C 290 15.95 -37.80 -16.41
N ALA C 291 17.10 -38.08 -15.78
CA ALA C 291 18.03 -39.08 -16.29
C ALA C 291 18.77 -39.75 -15.14
N ARG C 292 19.65 -40.69 -15.52
CA ARG C 292 20.45 -41.50 -14.61
C ARG C 292 21.94 -41.47 -14.98
N PHE C 293 22.78 -41.77 -13.97
CA PHE C 293 24.19 -42.09 -14.14
C PHE C 293 24.34 -43.57 -13.82
N GLU C 294 24.53 -44.38 -14.86
CA GLU C 294 24.54 -45.84 -14.72
C GLU C 294 25.62 -46.43 -15.62
N ASP C 295 26.47 -47.28 -15.01
CA ASP C 295 27.59 -47.93 -15.69
C ASP C 295 28.55 -46.93 -16.37
N GLY C 296 28.72 -45.76 -15.74
CA GLY C 296 29.65 -44.73 -16.14
C GLY C 296 29.15 -43.69 -17.12
N GLU C 297 28.06 -43.95 -17.85
CA GLU C 297 27.50 -43.01 -18.82
C GLU C 297 26.08 -42.63 -18.39
N PHE C 298 25.43 -41.75 -19.16
CA PHE C 298 24.06 -41.32 -18.87
C PHE C 298 23.01 -42.11 -19.65
N LYS C 299 21.92 -42.50 -18.97
CA LYS C 299 20.84 -43.22 -19.63
C LYS C 299 19.52 -42.45 -19.47
N ASP C 300 18.91 -42.12 -20.61
CA ASP C 300 17.70 -41.30 -20.70
C ASP C 300 16.46 -42.01 -20.13
N GLU C 301 15.54 -41.20 -19.60
CA GLU C 301 14.25 -41.65 -19.07
C GLU C 301 13.10 -40.86 -19.67
N VAL C 302 13.14 -39.55 -19.47
CA VAL C 302 12.06 -38.62 -19.82
C VAL C 302 12.25 -38.06 -21.23
N PHE C 303 13.43 -37.48 -21.49
CA PHE C 303 13.69 -36.69 -22.71
C PHE C 303 13.18 -37.32 -24.01
N LEU C 304 13.48 -38.59 -24.25
CA LEU C 304 13.01 -39.14 -25.52
C LEU C 304 11.49 -39.28 -25.56
N PRO C 305 10.82 -39.81 -24.52
CA PRO C 305 9.35 -39.80 -24.52
C PRO C 305 8.73 -38.42 -24.64
N THR C 306 9.36 -37.40 -24.06
CA THR C 306 8.84 -36.03 -24.17
C THR C 306 9.02 -35.51 -25.61
N LEU C 307 10.16 -35.81 -26.22
CA LEU C 307 10.39 -35.43 -27.62
C LEU C 307 9.42 -36.20 -28.53
N ARG C 308 9.21 -37.48 -28.22
CA ARG C 308 8.29 -38.35 -28.97
C ARG C 308 6.85 -37.81 -28.92
N TYR C 309 6.38 -37.39 -27.74
CA TYR C 309 5.02 -36.88 -27.65
C TYR C 309 4.87 -35.57 -28.43
N LEU C 310 5.86 -34.68 -28.36
CA LEU C 310 5.81 -33.40 -29.08
C LEU C 310 5.70 -33.58 -30.60
N PHE C 311 6.56 -34.42 -31.19
CA PHE C 311 6.46 -34.63 -32.64
C PHE C 311 5.12 -35.24 -33.03
N ALA C 312 4.67 -36.26 -32.28
CA ALA C 312 3.37 -36.91 -32.55
C ALA C 312 2.21 -35.91 -32.43
N LEU C 313 2.35 -34.92 -31.54
CA LEU C 313 1.32 -33.90 -31.39
C LEU C 313 1.32 -32.95 -32.58
N THR C 314 2.51 -32.47 -33.00
CA THR C 314 2.59 -31.56 -34.14
C THR C 314 1.99 -32.21 -35.39
N ALA C 315 2.21 -33.51 -35.57
CA ALA C 315 1.67 -34.26 -36.71
C ALA C 315 0.16 -34.52 -36.61
N GLY C 316 -0.49 -34.30 -35.45
CA GLY C 316 -1.92 -34.53 -35.35
C GLY C 316 -2.31 -35.98 -35.13
N VAL C 317 -1.43 -36.75 -34.48
CA VAL C 317 -1.64 -38.16 -34.15
C VAL C 317 -2.74 -38.32 -33.10
N PRO C 318 -3.70 -39.22 -33.28
CA PRO C 318 -4.74 -39.45 -32.27
C PRO C 318 -4.17 -39.81 -30.90
N GLY C 319 -4.77 -39.25 -29.84
CA GLY C 319 -4.35 -39.50 -28.48
C GLY C 319 -3.42 -38.46 -27.90
N HIS C 320 -3.14 -37.37 -28.63
CA HIS C 320 -2.25 -36.31 -28.18
C HIS C 320 -3.03 -35.00 -28.14
N GLU C 321 -3.05 -34.34 -26.98
CA GLU C 321 -3.81 -33.12 -26.75
C GLU C 321 -2.91 -32.09 -26.07
N VAL C 322 -3.29 -30.81 -26.16
CA VAL C 322 -2.64 -29.82 -25.31
C VAL C 322 -3.24 -29.87 -23.90
N ASP C 323 -2.48 -29.43 -22.92
CA ASP C 323 -2.92 -29.41 -21.52
C ASP C 323 -3.32 -28.00 -21.11
N ASP C 324 -4.47 -27.91 -20.44
CA ASP C 324 -4.97 -26.68 -19.85
C ASP C 324 -4.32 -26.54 -18.48
N ILE C 325 -3.53 -25.48 -18.27
CA ILE C 325 -2.69 -25.41 -17.07
C ILE C 325 -3.45 -24.94 -15.84
N ASP C 326 -4.67 -24.44 -15.98
CA ASP C 326 -5.48 -24.03 -14.82
C ASP C 326 -6.46 -25.10 -14.37
N HIS C 327 -6.52 -26.23 -15.09
CA HIS C 327 -7.33 -27.37 -14.67
C HIS C 327 -6.86 -27.86 -13.31
N LEU C 328 -7.80 -28.20 -12.44
CA LEU C 328 -7.42 -28.54 -11.06
C LEU C 328 -6.85 -29.95 -10.94
N GLY C 329 -6.76 -30.68 -12.07
CA GLY C 329 -5.97 -31.92 -12.13
C GLY C 329 -4.48 -31.69 -12.33
N ASN C 330 -4.11 -30.58 -13.01
CA ASN C 330 -2.73 -30.20 -13.26
C ASN C 330 -2.26 -29.13 -12.27
N ARG C 331 -3.10 -28.78 -11.30
CA ARG C 331 -2.79 -27.80 -10.26
C ARG C 331 -2.99 -28.48 -8.92
N ARG C 332 -2.02 -28.38 -8.05
CA ARG C 332 -2.04 -29.11 -6.79
C ARG C 332 -1.81 -28.14 -5.63
N ILE C 333 -2.16 -28.62 -4.43
CA ILE C 333 -2.07 -27.84 -3.19
C ILE C 333 -0.84 -28.26 -2.40
N ARG C 334 -0.06 -27.27 -1.91
CA ARG C 334 1.05 -27.53 -0.98
C ARG C 334 0.62 -27.22 0.45
N THR C 335 0.39 -28.26 1.25
CA THR C 335 -0.15 -28.13 2.61
C THR C 335 0.93 -27.87 3.66
N VAL C 336 0.54 -27.71 4.93
CA VAL C 336 1.48 -27.35 6.01
C VAL C 336 2.71 -28.24 6.04
N GLY C 337 2.49 -29.56 6.05
CA GLY C 337 3.63 -30.48 6.12
C GLY C 337 4.62 -30.24 5.01
N GLU C 338 4.11 -30.13 3.79
CA GLU C 338 4.98 -29.93 2.64
C GLU C 338 5.73 -28.60 2.72
N LEU C 339 5.06 -27.51 3.12
CA LEU C 339 5.74 -26.22 3.20
C LEU C 339 6.84 -26.26 4.23
N MET C 340 6.50 -26.70 5.44
CA MET C 340 7.50 -26.88 6.49
C MET C 340 8.63 -27.83 6.04
N THR C 341 8.29 -28.97 5.42
CA THR C 341 9.34 -29.90 4.99
C THR C 341 10.29 -29.28 3.98
N ASP C 342 9.81 -28.44 3.07
CA ASP C 342 10.72 -27.75 2.17
C ASP C 342 11.71 -26.90 2.96
N GLN C 343 11.23 -26.11 3.91
CA GLN C 343 12.17 -25.34 4.71
C GLN C 343 13.04 -26.25 5.56
N PHE C 344 12.49 -27.37 6.03
CA PHE C 344 13.32 -28.32 6.78
C PHE C 344 14.47 -28.86 5.90
N ARG C 345 14.15 -29.22 4.65
CA ARG C 345 15.15 -29.75 3.71
C ARG C 345 16.26 -28.74 3.45
N VAL C 346 15.91 -27.46 3.30
CA VAL C 346 16.94 -26.44 3.14
C VAL C 346 17.84 -26.38 4.38
N GLY C 347 17.25 -26.28 5.57
CA GLY C 347 18.04 -26.25 6.80
C GLY C 347 18.94 -27.47 7.00
N LEU C 348 18.51 -28.65 6.53
CA LEU C 348 19.35 -29.85 6.66
C LEU C 348 20.56 -29.79 5.75
N ALA C 349 20.34 -29.38 4.50
CA ALA C 349 21.43 -29.23 3.54
C ALA C 349 22.46 -28.19 4.00
N ARG C 350 22.02 -27.09 4.63
CA ARG C 350 22.99 -26.12 5.16
C ARG C 350 23.88 -26.73 6.26
N LEU C 351 23.27 -27.45 7.21
CA LEU C 351 24.04 -28.17 8.24
C LEU C 351 25.10 -29.10 7.62
N ALA C 352 24.78 -29.72 6.47
CA ALA C 352 25.71 -30.58 5.76
C ALA C 352 26.94 -29.81 5.26
N ARG C 353 26.76 -28.57 4.80
CA ARG C 353 27.91 -27.74 4.45
C ARG C 353 28.89 -27.66 5.63
N GLY C 354 28.38 -27.42 6.84
CA GLY C 354 29.21 -27.41 8.04
C GLY C 354 29.93 -28.73 8.30
N VAL C 355 29.24 -29.85 8.08
CA VAL C 355 29.85 -31.18 8.22
C VAL C 355 31.00 -31.40 7.25
N ARG C 356 30.77 -31.22 5.93
CA ARG C 356 31.85 -31.43 4.95
C ARG C 356 33.03 -30.50 5.20
N GLU C 357 32.78 -29.24 5.57
CA GLU C 357 33.90 -28.33 5.81
C GLU C 357 34.67 -28.71 7.07
N ARG C 358 33.98 -29.24 8.10
CA ARG C 358 34.67 -29.67 9.31
C ARG C 358 35.41 -31.00 9.12
N MET C 359 35.10 -31.76 8.05
CA MET C 359 35.76 -33.05 7.79
C MET C 359 37.10 -32.88 7.05
N LEU C 360 37.50 -31.62 6.83
CA LEU C 360 38.75 -31.20 6.20
C LEU C 360 39.65 -30.56 7.25
N MET C 361 39.20 -29.49 7.92
CA MET C 361 40.00 -28.86 8.98
C MET C 361 40.12 -29.81 10.19
N GLY C 362 40.79 -29.34 11.25
CA GLY C 362 41.03 -30.05 12.51
C GLY C 362 41.01 -31.57 12.57
N SER C 363 42.20 -32.18 12.57
CA SER C 363 42.52 -33.61 12.64
C SER C 363 41.50 -34.59 12.05
N GLU C 364 41.91 -35.39 11.05
CA GLU C 364 41.04 -36.38 10.40
C GLU C 364 40.87 -37.64 11.24
N ASP C 365 40.55 -37.50 12.53
CA ASP C 365 40.41 -38.68 13.38
C ASP C 365 39.68 -38.34 14.67
N SER C 366 40.17 -37.35 15.42
CA SER C 366 39.57 -37.06 16.72
C SER C 366 38.40 -36.11 16.47
N LEU C 367 37.31 -36.73 16.00
CA LEU C 367 35.99 -36.11 15.79
C LEU C 367 34.97 -37.22 15.99
N THR C 368 33.90 -36.92 16.76
CA THR C 368 32.71 -37.73 16.96
C THR C 368 31.58 -37.10 16.13
N PRO C 369 30.38 -37.70 16.05
CA PRO C 369 29.27 -36.96 15.43
C PRO C 369 28.79 -35.79 16.25
N ALA C 370 28.90 -35.83 17.58
CA ALA C 370 28.40 -34.70 18.36
C ALA C 370 29.20 -33.40 18.13
N LYS C 371 30.53 -33.48 17.93
CA LYS C 371 31.31 -32.27 17.68
C LYS C 371 31.24 -31.81 16.22
N LEU C 372 30.95 -32.73 15.31
CA LEU C 372 30.96 -32.48 13.87
C LEU C 372 29.75 -31.67 13.41
N VAL C 373 28.63 -31.73 14.17
CA VAL C 373 27.35 -31.14 13.80
C VAL C 373 27.14 -29.84 14.57
N ASN C 374 26.86 -28.76 13.84
CA ASN C 374 26.40 -27.49 14.38
C ASN C 374 24.98 -27.33 13.90
N SER C 375 24.03 -27.23 14.83
CA SER C 375 22.62 -27.25 14.45
C SER C 375 22.08 -25.88 14.09
N ARG C 376 22.87 -24.81 14.26
CA ARG C 376 22.43 -23.45 13.97
C ARG C 376 21.75 -23.26 12.62
N PRO C 377 22.28 -23.75 11.50
CA PRO C 377 21.54 -23.61 10.23
C PRO C 377 20.14 -24.24 10.23
N LEU C 378 19.97 -25.41 10.86
CA LEU C 378 18.65 -26.04 10.89
C LEU C 378 17.67 -25.26 11.76
N GLU C 379 18.07 -24.91 12.98
CA GLU C 379 17.20 -24.13 13.85
C GLU C 379 16.78 -22.83 13.18
N ALA C 380 17.69 -22.14 12.50
CA ALA C 380 17.31 -20.86 11.91
C ALA C 380 16.29 -21.04 10.79
N ALA C 381 16.48 -22.05 9.93
CA ALA C 381 15.53 -22.30 8.83
C ALA C 381 14.11 -22.58 9.32
N ILE C 382 13.96 -23.37 10.38
CA ILE C 382 12.63 -23.66 10.89
C ILE C 382 12.05 -22.43 11.58
N ARG C 383 12.86 -21.77 12.41
CA ARG C 383 12.42 -20.55 13.07
C ARG C 383 12.12 -19.46 12.04
N GLU C 384 12.86 -19.44 10.93
CA GLU C 384 12.66 -18.48 9.86
C GLU C 384 11.31 -18.70 9.18
N PHE C 385 10.99 -19.95 8.86
CA PHE C 385 9.70 -20.30 8.28
C PHE C 385 8.52 -19.92 9.17
N PHE C 386 8.56 -20.34 10.44
CA PHE C 386 7.38 -20.08 11.27
C PHE C 386 7.23 -18.62 11.66
N SER C 387 8.33 -17.95 12.02
CA SER C 387 8.23 -16.56 12.42
C SER C 387 8.18 -15.55 11.25
N ARG C 388 8.44 -15.93 9.97
CA ARG C 388 8.54 -14.86 8.97
C ARG C 388 8.11 -15.20 7.54
N SER C 389 7.67 -16.43 7.25
CA SER C 389 7.19 -16.85 5.92
C SER C 389 5.90 -16.09 5.60
N GLN C 390 5.54 -16.02 4.32
CA GLN C 390 4.32 -15.33 3.98
C GLN C 390 3.32 -16.40 3.55
N LEU C 391 2.97 -17.19 4.57
CA LEU C 391 2.02 -18.28 4.54
C LEU C 391 1.83 -18.63 6.02
N SER C 392 2.73 -18.12 6.86
CA SER C 392 2.56 -18.20 8.31
C SER C 392 1.95 -16.88 8.76
N GLN C 393 0.67 -16.92 9.14
CA GLN C 393 -0.13 -15.75 9.47
C GLN C 393 -0.65 -15.77 10.91
N PHE C 394 -0.76 -14.56 11.49
CA PHE C 394 -1.41 -14.34 12.77
C PHE C 394 -2.85 -14.89 12.72
N LYS C 395 -3.21 -15.77 13.66
CA LYS C 395 -4.50 -16.45 13.55
C LYS C 395 -5.65 -15.47 13.61
N ASP C 396 -6.67 -15.75 12.81
CA ASP C 396 -7.91 -14.98 12.84
C ASP C 396 -8.80 -15.72 13.83
N GLU C 397 -8.92 -15.19 15.05
CA GLU C 397 -9.75 -15.88 16.02
C GLU C 397 -10.73 -14.89 16.62
N THR C 398 -11.32 -14.04 15.75
CA THR C 398 -12.33 -13.08 16.21
C THR C 398 -13.48 -13.84 16.83
N ASN C 399 -13.88 -14.92 16.17
CA ASN C 399 -14.91 -15.84 16.62
C ASN C 399 -14.50 -17.21 16.11
N PRO C 400 -15.11 -18.29 16.62
CA PRO C 400 -14.66 -19.63 16.21
C PRO C 400 -14.67 -19.83 14.72
N LEU C 401 -15.67 -19.30 13.99
CA LEU C 401 -15.68 -19.47 12.54
C LEU C 401 -14.48 -18.77 11.87
N SER C 402 -14.02 -17.64 12.43
CA SER C 402 -12.87 -16.93 11.85
C SER C 402 -11.67 -17.86 11.63
N SER C 403 -11.26 -18.57 12.70
CA SER C 403 -10.10 -19.46 12.61
C SER C 403 -10.40 -20.71 11.78
N LEU C 404 -11.59 -21.30 11.90
CA LEU C 404 -11.92 -22.44 11.04
C LEU C 404 -11.77 -22.10 9.55
N ARG C 405 -12.28 -20.92 9.14
CA ARG C 405 -12.16 -20.49 7.75
C ARG C 405 -10.71 -20.22 7.36
N HIS C 406 -9.97 -19.58 8.28
CA HIS C 406 -8.56 -19.23 8.03
C HIS C 406 -7.74 -20.47 7.64
N LYS C 407 -7.92 -21.58 8.37
CA LYS C 407 -7.17 -22.81 8.15
C LYS C 407 -7.50 -23.49 6.82
N ARG C 408 -8.69 -23.25 6.25
CA ARG C 408 -9.07 -23.88 4.98
C ARG C 408 -8.80 -22.97 3.78
N ARG C 409 -8.13 -21.84 3.98
CA ARG C 409 -7.83 -20.98 2.83
C ARG C 409 -6.69 -21.47 1.96
N ILE C 410 -6.78 -21.11 0.67
CA ILE C 410 -5.84 -21.48 -0.38
C ILE C 410 -5.31 -20.22 -1.03
N SER C 411 -3.99 -20.03 -0.97
CA SER C 411 -3.34 -18.85 -1.51
C SER C 411 -2.51 -19.21 -2.72
N ALA C 412 -2.59 -18.39 -3.76
CA ALA C 412 -1.74 -18.54 -4.93
C ALA C 412 -0.51 -17.65 -4.83
N LEU C 413 -0.42 -16.84 -3.77
CA LEU C 413 0.71 -15.96 -3.50
C LEU C 413 1.77 -16.68 -2.67
N GLY C 414 2.77 -15.94 -2.14
CA GLY C 414 3.82 -16.52 -1.33
C GLY C 414 5.06 -17.06 -2.04
N PRO C 415 6.07 -17.52 -1.20
CA PRO C 415 7.34 -18.05 -1.73
C PRO C 415 7.31 -19.29 -2.60
N GLY C 416 7.09 -19.09 -3.89
CA GLY C 416 7.05 -20.15 -4.88
C GLY C 416 5.81 -20.01 -5.74
N GLY C 417 5.26 -18.79 -5.78
CA GLY C 417 4.01 -18.55 -6.46
C GLY C 417 3.94 -17.14 -6.97
N LEU C 418 2.78 -16.79 -7.52
CA LEU C 418 2.58 -15.51 -8.19
C LEU C 418 2.95 -14.36 -7.25
N THR C 419 3.35 -13.22 -7.83
CA THR C 419 3.38 -11.94 -7.14
C THR C 419 2.14 -11.12 -7.52
N ARG C 420 2.02 -9.93 -6.92
CA ARG C 420 0.82 -9.12 -7.14
C ARG C 420 0.93 -8.47 -8.50
N GLU C 421 2.10 -7.87 -8.73
CA GLU C 421 2.52 -7.27 -9.98
C GLU C 421 2.76 -8.32 -11.07
N ARG C 422 2.81 -9.62 -10.71
CA ARG C 422 3.20 -10.70 -11.62
C ARG C 422 2.02 -11.58 -12.06
N ALA C 423 0.76 -11.14 -11.86
CA ALA C 423 -0.40 -12.03 -11.92
C ALA C 423 -1.51 -11.49 -12.83
N GLY C 424 -2.07 -12.38 -13.69
CA GLY C 424 -3.09 -12.01 -14.66
C GLY C 424 -4.23 -13.01 -14.75
N PHE C 425 -5.16 -12.73 -15.69
CA PHE C 425 -6.57 -13.19 -15.58
C PHE C 425 -6.76 -14.71 -15.46
N ASP C 426 -6.00 -15.50 -16.22
CA ASP C 426 -6.25 -16.96 -16.28
C ASP C 426 -6.30 -17.60 -14.89
N VAL C 427 -5.44 -17.14 -13.98
CA VAL C 427 -5.31 -17.73 -12.65
C VAL C 427 -6.44 -17.29 -11.76
N ARG C 428 -6.93 -16.06 -11.92
CA ARG C 428 -7.97 -15.56 -11.04
C ARG C 428 -9.35 -16.08 -11.40
N ASP C 429 -9.53 -16.62 -12.60
CA ASP C 429 -10.82 -17.10 -13.08
C ASP C 429 -11.33 -18.24 -12.22
N VAL C 430 -12.62 -18.47 -12.28
CA VAL C 430 -13.23 -19.66 -11.71
C VAL C 430 -13.22 -20.71 -12.81
N HIS C 431 -12.39 -21.73 -12.65
CA HIS C 431 -12.28 -22.83 -13.61
C HIS C 431 -13.45 -23.81 -13.43
N ARG C 432 -13.83 -24.46 -14.54
CA ARG C 432 -14.91 -25.44 -14.45
C ARG C 432 -14.61 -26.53 -13.45
N THR C 433 -13.35 -26.89 -13.29
CA THR C 433 -12.98 -27.94 -12.34
C THR C 433 -13.03 -27.44 -10.89
N HIS C 434 -13.30 -26.15 -10.66
CA HIS C 434 -13.45 -25.71 -9.28
C HIS C 434 -14.70 -26.30 -8.66
N TYR C 435 -15.61 -26.83 -9.48
CA TYR C 435 -16.86 -27.40 -9.01
C TYR C 435 -16.63 -28.47 -7.95
N GLY C 436 -17.19 -28.25 -6.77
CA GLY C 436 -17.05 -29.20 -5.68
C GLY C 436 -15.72 -29.21 -4.96
N ARG C 437 -14.74 -28.40 -5.40
CA ARG C 437 -13.41 -28.43 -4.84
C ARG C 437 -13.03 -27.10 -4.20
N ILE C 438 -13.02 -26.01 -4.98
CA ILE C 438 -12.71 -24.67 -4.48
C ILE C 438 -13.97 -23.81 -4.57
N CYS C 439 -14.31 -23.12 -3.49
CA CYS C 439 -15.53 -22.33 -3.46
C CYS C 439 -15.50 -21.19 -4.46
N PRO C 440 -16.53 -21.06 -5.31
CA PRO C 440 -16.62 -19.94 -6.27
C PRO C 440 -16.99 -18.61 -5.63
N VAL C 441 -17.46 -18.62 -4.39
CA VAL C 441 -17.93 -17.40 -3.73
C VAL C 441 -16.82 -16.75 -2.90
N GLU C 442 -16.20 -17.51 -1.99
CA GLU C 442 -15.41 -16.91 -0.93
C GLU C 442 -14.02 -16.64 -1.48
N THR C 443 -13.81 -15.36 -1.78
CA THR C 443 -12.58 -14.76 -2.28
C THR C 443 -12.53 -13.30 -1.85
N PRO C 444 -11.34 -12.71 -1.75
CA PRO C 444 -11.28 -11.28 -1.40
C PRO C 444 -11.73 -10.43 -2.57
N GLU C 445 -12.44 -9.36 -2.24
CA GLU C 445 -12.75 -8.31 -3.19
C GLU C 445 -11.54 -7.37 -3.27
N GLY C 446 -11.26 -6.88 -4.45
CA GLY C 446 -10.10 -6.04 -4.64
C GLY C 446 -8.95 -6.78 -5.29
N ALA C 447 -7.72 -6.26 -5.05
CA ALA C 447 -6.54 -6.71 -5.79
C ALA C 447 -6.28 -8.22 -5.79
N ASN C 448 -6.64 -8.93 -4.73
CA ASN C 448 -6.41 -10.36 -4.58
C ASN C 448 -7.51 -11.27 -5.16
N ILE C 449 -8.51 -10.72 -5.85
CA ILE C 449 -9.61 -11.55 -6.32
C ILE C 449 -9.11 -12.73 -7.13
N GLY C 450 -9.57 -13.93 -6.75
CA GLY C 450 -9.22 -15.16 -7.41
C GLY C 450 -7.91 -15.82 -7.02
N LEU C 451 -6.98 -15.10 -6.37
CA LEU C 451 -5.71 -15.68 -5.93
C LEU C 451 -5.86 -16.43 -4.60
N ILE C 452 -6.62 -15.85 -3.65
CA ILE C 452 -6.96 -16.46 -2.38
C ILE C 452 -8.41 -16.96 -2.41
N THR C 453 -8.60 -18.25 -2.11
CA THR C 453 -9.89 -18.95 -2.15
C THR C 453 -10.08 -19.81 -0.91
N SER C 454 -11.16 -20.58 -0.88
CA SER C 454 -11.44 -21.38 0.31
C SER C 454 -11.80 -22.78 -0.14
N LEU C 455 -11.34 -23.75 0.64
CA LEU C 455 -11.60 -25.14 0.34
C LEU C 455 -13.10 -25.41 0.39
N ALA C 456 -13.60 -26.15 -0.59
CA ALA C 456 -15.01 -26.50 -0.58
C ALA C 456 -15.29 -27.44 0.58
N ALA C 457 -16.56 -27.49 1.00
CA ALA C 457 -16.90 -28.18 2.23
C ALA C 457 -16.63 -29.69 2.17
N TYR C 458 -17.00 -30.34 1.06
CA TYR C 458 -16.81 -31.78 1.02
C TYR C 458 -15.50 -32.20 0.39
N ALA C 459 -14.65 -31.25 0.02
CA ALA C 459 -13.39 -31.55 -0.65
C ALA C 459 -12.34 -32.02 0.35
N ARG C 460 -11.48 -32.95 -0.10
CA ARG C 460 -10.29 -33.27 0.66
C ARG C 460 -9.12 -33.41 -0.29
N VAL C 461 -7.93 -33.03 0.21
CA VAL C 461 -6.67 -33.08 -0.53
C VAL C 461 -6.03 -34.47 -0.38
N ASP C 462 -5.81 -35.16 -1.51
CA ASP C 462 -5.21 -36.49 -1.51
C ASP C 462 -3.67 -36.46 -1.25
N GLU C 463 -3.07 -37.66 -1.26
CA GLU C 463 -1.66 -37.82 -0.90
C GLU C 463 -0.73 -37.13 -1.88
N LEU C 464 -1.16 -37.02 -3.15
CA LEU C 464 -0.39 -36.35 -4.19
C LEU C 464 -0.59 -34.83 -4.19
N GLY C 465 -1.64 -34.34 -3.53
CA GLY C 465 -1.86 -32.92 -3.44
C GLY C 465 -2.94 -32.36 -4.34
N PHE C 466 -3.73 -33.22 -4.99
CA PHE C 466 -4.85 -32.79 -5.83
C PHE C 466 -6.11 -32.79 -4.97
N ILE C 467 -6.98 -31.79 -5.16
CA ILE C 467 -8.22 -31.70 -4.37
C ILE C 467 -9.24 -32.67 -4.94
N ARG C 468 -9.82 -33.50 -4.08
CA ARG C 468 -10.84 -34.45 -4.50
C ARG C 468 -12.19 -34.10 -3.91
N THR C 469 -13.25 -34.45 -4.65
CA THR C 469 -14.64 -34.23 -4.26
C THR C 469 -15.52 -35.47 -4.41
N PRO C 470 -16.45 -35.69 -3.48
CA PRO C 470 -17.27 -36.93 -3.50
C PRO C 470 -18.41 -36.91 -4.53
N TYR C 471 -18.67 -38.08 -5.11
CA TYR C 471 -19.83 -38.35 -5.96
C TYR C 471 -20.38 -39.75 -5.68
N ARG C 472 -21.70 -39.92 -5.84
CA ARG C 472 -22.33 -41.22 -5.69
C ARG C 472 -22.34 -41.98 -7.00
N ARG C 473 -21.98 -43.27 -6.95
CA ARG C 473 -22.03 -44.12 -8.13
C ARG C 473 -23.49 -44.37 -8.51
N VAL C 474 -23.75 -44.40 -9.81
CA VAL C 474 -25.08 -44.72 -10.33
C VAL C 474 -24.91 -45.90 -11.28
N VAL C 475 -25.51 -47.04 -10.94
CA VAL C 475 -25.41 -48.24 -11.79
C VAL C 475 -26.79 -48.52 -12.38
N GLY C 476 -26.86 -48.66 -13.71
CA GLY C 476 -28.16 -48.74 -14.35
C GLY C 476 -28.84 -47.40 -14.11
N GLY C 477 -30.02 -47.44 -13.50
CA GLY C 477 -30.65 -46.24 -13.00
C GLY C 477 -30.69 -46.15 -11.49
N VAL C 478 -30.04 -47.06 -10.78
CA VAL C 478 -30.13 -47.13 -9.31
C VAL C 478 -28.88 -46.45 -8.74
N VAL C 479 -29.08 -45.56 -7.76
CA VAL C 479 -28.00 -44.83 -7.10
C VAL C 479 -27.48 -45.60 -5.88
N THR C 480 -26.22 -46.03 -5.93
CA THR C 480 -25.67 -46.76 -4.79
C THR C 480 -25.37 -45.78 -3.64
N ASP C 481 -24.98 -46.33 -2.48
CA ASP C 481 -24.50 -45.52 -1.36
C ASP C 481 -22.99 -45.49 -1.28
N GLU C 482 -22.31 -46.12 -2.23
CA GLU C 482 -20.87 -46.13 -2.24
C GLU C 482 -20.43 -44.77 -2.81
N VAL C 483 -19.58 -44.07 -2.08
CA VAL C 483 -19.11 -42.73 -2.47
C VAL C 483 -17.66 -42.86 -2.93
N VAL C 484 -17.34 -42.20 -4.06
CA VAL C 484 -16.01 -42.20 -4.64
C VAL C 484 -15.49 -40.76 -4.65
N TYR C 485 -14.34 -40.53 -4.00
CA TYR C 485 -13.68 -39.24 -4.07
C TYR C 485 -12.84 -39.16 -5.34
N MET C 486 -13.12 -38.15 -6.18
CA MET C 486 -12.47 -38.04 -7.48
C MET C 486 -11.60 -36.79 -7.61
N THR C 487 -10.51 -36.96 -8.35
CA THR C 487 -9.70 -35.85 -8.82
C THR C 487 -10.38 -35.23 -10.03
N ALA C 488 -9.87 -34.08 -10.46
CA ALA C 488 -10.47 -33.41 -11.61
C ALA C 488 -10.24 -34.21 -12.89
N THR C 489 -9.04 -34.78 -13.05
CA THR C 489 -8.73 -35.55 -14.25
C THR C 489 -9.66 -36.73 -14.41
N GLU C 490 -9.86 -37.47 -13.32
CA GLU C 490 -10.71 -38.65 -13.34
C GLU C 490 -12.19 -38.30 -13.45
N GLU C 491 -12.63 -37.17 -12.88
CA GLU C 491 -14.04 -36.77 -12.97
C GLU C 491 -14.50 -36.54 -14.41
N ASP C 492 -13.65 -35.97 -15.26
CA ASP C 492 -14.03 -35.65 -16.65
C ASP C 492 -14.39 -36.87 -17.49
N ARG C 493 -14.12 -38.09 -17.01
CA ARG C 493 -14.42 -39.28 -17.80
C ARG C 493 -15.92 -39.60 -17.77
N TYR C 494 -16.62 -39.31 -16.67
CA TYR C 494 -17.97 -39.81 -16.43
C TYR C 494 -19.02 -38.70 -16.70
N THR C 495 -20.31 -39.07 -16.60
CA THR C 495 -21.49 -38.21 -16.73
C THR C 495 -22.16 -38.04 -15.36
N ILE C 496 -22.15 -36.82 -14.81
CA ILE C 496 -22.52 -36.61 -13.40
C ILE C 496 -23.84 -35.84 -13.27
N ALA C 497 -24.85 -36.49 -12.71
CA ALA C 497 -26.19 -35.92 -12.54
C ALA C 497 -26.19 -34.97 -11.36
N GLN C 498 -27.11 -34.01 -11.39
CA GLN C 498 -27.25 -33.05 -10.29
C GLN C 498 -27.81 -33.69 -9.02
N ALA C 499 -27.51 -33.07 -7.88
CA ALA C 499 -27.89 -33.64 -6.60
C ALA C 499 -29.38 -33.58 -6.33
N ASN C 500 -30.09 -32.65 -6.96
CA ASN C 500 -31.52 -32.52 -6.70
C ASN C 500 -32.38 -33.34 -7.65
N THR C 501 -31.80 -34.15 -8.54
CA THR C 501 -32.63 -34.92 -9.48
C THR C 501 -33.59 -35.86 -8.73
N PRO C 502 -34.88 -35.85 -9.10
CA PRO C 502 -35.91 -36.57 -8.34
C PRO C 502 -35.61 -38.05 -8.13
N LEU C 503 -35.95 -38.54 -6.94
CA LEU C 503 -35.72 -39.93 -6.58
C LEU C 503 -36.99 -40.51 -5.95
N GLU C 504 -37.30 -41.75 -6.33
CA GLU C 504 -38.25 -42.60 -5.62
C GLU C 504 -37.46 -43.78 -5.03
N GLY C 505 -37.29 -43.77 -3.70
CA GLY C 505 -36.40 -44.76 -3.13
C GLY C 505 -34.98 -44.50 -3.57
N ASN C 506 -34.32 -45.58 -3.99
CA ASN C 506 -32.97 -45.50 -4.50
C ASN C 506 -32.94 -45.33 -6.02
N ARG C 507 -34.10 -45.19 -6.67
CA ARG C 507 -34.20 -45.10 -8.12
C ARG C 507 -34.28 -43.68 -8.66
N ILE C 508 -33.61 -43.42 -9.79
CA ILE C 508 -33.73 -42.13 -10.45
C ILE C 508 -35.14 -42.06 -11.02
N ALA C 509 -35.92 -41.06 -10.56
CA ALA C 509 -37.36 -40.98 -10.84
C ALA C 509 -37.73 -40.05 -12.00
N ALA C 510 -36.77 -39.43 -12.66
CA ALA C 510 -37.07 -38.51 -13.75
C ALA C 510 -36.71 -39.16 -15.08
N GLU C 511 -37.49 -38.84 -16.12
CA GLU C 511 -37.19 -39.33 -17.46
C GLU C 511 -36.06 -38.52 -18.09
N ARG C 512 -35.91 -37.27 -17.67
CA ARG C 512 -34.81 -36.44 -18.12
C ARG C 512 -34.14 -35.85 -16.88
N VAL C 513 -32.80 -35.99 -16.80
CA VAL C 513 -32.00 -35.54 -15.66
C VAL C 513 -31.05 -34.43 -16.10
N VAL C 514 -30.70 -33.60 -15.14
CA VAL C 514 -29.76 -32.50 -15.36
C VAL C 514 -28.36 -32.96 -14.96
N ALA C 515 -27.44 -32.98 -15.93
CA ALA C 515 -26.10 -33.50 -15.65
C ALA C 515 -25.02 -32.63 -16.28
N ARG C 516 -23.77 -32.99 -15.96
CA ARG C 516 -22.54 -32.39 -16.48
C ARG C 516 -21.64 -33.43 -17.13
N ARG C 517 -21.06 -33.06 -18.27
CA ARG C 517 -19.97 -33.80 -18.88
C ARG C 517 -18.85 -32.80 -19.11
N LYS C 518 -17.73 -32.99 -18.41
CA LYS C 518 -16.61 -32.03 -18.41
C LYS C 518 -17.05 -30.60 -18.08
N GLY C 519 -17.93 -30.46 -17.08
CA GLY C 519 -18.37 -29.16 -16.61
C GLY C 519 -19.45 -28.52 -17.46
N GLU C 520 -19.60 -28.99 -18.70
CA GLU C 520 -20.56 -28.50 -19.69
C GLU C 520 -21.93 -29.06 -19.29
N PRO C 521 -22.96 -28.22 -19.09
CA PRO C 521 -24.30 -28.74 -18.71
C PRO C 521 -25.02 -29.44 -19.87
N VAL C 522 -25.67 -30.58 -19.57
CA VAL C 522 -26.26 -31.45 -20.59
C VAL C 522 -27.47 -32.17 -20.04
N ILE C 523 -28.50 -32.34 -20.89
CA ILE C 523 -29.71 -33.09 -20.56
C ILE C 523 -29.55 -34.51 -21.08
N VAL C 524 -29.84 -35.48 -20.23
CA VAL C 524 -29.46 -36.87 -20.49
C VAL C 524 -30.54 -37.74 -19.88
N SER C 525 -30.76 -38.91 -20.50
CA SER C 525 -31.68 -39.93 -20.03
C SER C 525 -31.08 -40.78 -18.90
N PRO C 526 -31.91 -41.25 -17.94
CA PRO C 526 -31.39 -42.04 -16.81
C PRO C 526 -30.51 -43.24 -17.19
N GLU C 527 -30.55 -43.71 -18.45
CA GLU C 527 -29.67 -44.82 -18.84
C GLU C 527 -28.20 -44.40 -18.90
N GLU C 528 -27.92 -43.13 -19.22
CA GLU C 528 -26.59 -42.55 -19.42
C GLU C 528 -25.92 -42.01 -18.14
N VAL C 529 -26.54 -42.15 -16.97
CA VAL C 529 -26.07 -41.51 -15.74
C VAL C 529 -25.09 -42.42 -14.97
N GLU C 530 -23.81 -42.02 -14.96
CA GLU C 530 -22.71 -42.69 -14.27
C GLU C 530 -22.51 -42.28 -12.80
N PHE C 531 -22.62 -40.99 -12.45
CA PHE C 531 -22.44 -40.58 -11.05
C PHE C 531 -23.46 -39.49 -10.72
N MET C 532 -23.49 -39.04 -9.44
CA MET C 532 -24.40 -37.98 -9.01
C MET C 532 -23.83 -37.19 -7.84
N ASP C 533 -24.09 -35.86 -7.81
CA ASP C 533 -23.61 -35.01 -6.74
C ASP C 533 -24.07 -35.52 -5.37
N VAL C 534 -23.21 -35.39 -4.37
CA VAL C 534 -23.59 -35.79 -3.02
C VAL C 534 -24.58 -34.81 -2.41
N SER C 535 -24.44 -33.53 -2.70
CA SER C 535 -25.20 -32.49 -2.00
C SER C 535 -24.92 -31.16 -2.67
N PRO C 536 -25.83 -30.18 -2.51
CA PRO C 536 -25.50 -28.83 -2.95
C PRO C 536 -24.38 -28.24 -2.11
N LYS C 537 -24.31 -28.63 -0.83
CA LYS C 537 -23.28 -28.15 0.09
C LYS C 537 -21.85 -28.38 -0.44
N GLN C 538 -21.64 -29.41 -1.29
CA GLN C 538 -20.27 -29.71 -1.68
C GLN C 538 -19.67 -28.67 -2.63
N VAL C 539 -20.50 -27.81 -3.23
CA VAL C 539 -20.01 -26.79 -4.16
C VAL C 539 -19.46 -25.52 -3.49
N PHE C 540 -19.79 -25.25 -2.23
CA PHE C 540 -19.47 -23.96 -1.63
C PHE C 540 -18.62 -24.13 -0.37
N SER C 541 -18.00 -23.03 0.05
CA SER C 541 -17.12 -23.02 1.23
C SER C 541 -17.93 -23.18 2.50
N VAL C 542 -17.25 -23.18 3.64
CA VAL C 542 -18.04 -23.32 4.87
C VAL C 542 -18.84 -22.04 5.15
N ASN C 543 -18.23 -20.87 4.94
CA ASN C 543 -18.95 -19.63 5.19
C ASN C 543 -20.14 -19.46 4.25
N THR C 544 -19.97 -19.74 2.96
CA THR C 544 -21.08 -19.64 2.02
C THR C 544 -22.20 -20.59 2.41
N ASN C 545 -21.85 -21.75 2.95
CA ASN C 545 -22.88 -22.69 3.34
C ASN C 545 -23.70 -22.21 4.52
N LEU C 546 -23.32 -21.10 5.15
CA LEU C 546 -24.04 -20.58 6.31
C LEU C 546 -25.08 -19.54 5.94
N ILE C 547 -25.25 -19.28 4.64
CA ILE C 547 -26.15 -18.26 4.13
C ILE C 547 -27.48 -18.94 3.69
N PRO C 548 -28.56 -18.78 4.46
CA PRO C 548 -29.84 -19.39 4.07
C PRO C 548 -30.43 -18.67 2.86
N PHE C 549 -31.22 -19.41 2.07
CA PHE C 549 -31.83 -18.87 0.84
C PHE C 549 -30.79 -18.35 -0.13
N LEU C 550 -29.61 -18.97 -0.11
CA LEU C 550 -28.53 -18.56 -0.99
C LEU C 550 -28.94 -18.63 -2.46
N GLU C 551 -29.83 -19.56 -2.82
CA GLU C 551 -30.27 -19.70 -4.20
C GLU C 551 -30.92 -18.43 -4.72
N HIS C 552 -31.37 -17.55 -3.81
CA HIS C 552 -32.01 -16.28 -4.14
C HIS C 552 -31.07 -15.05 -4.14
N ASP C 553 -29.77 -15.18 -3.84
CA ASP C 553 -28.84 -14.04 -3.73
C ASP C 553 -27.85 -13.89 -4.89
N ASP C 554 -27.75 -12.68 -5.46
CA ASP C 554 -26.70 -12.39 -6.45
C ASP C 554 -25.33 -12.65 -5.86
N ALA C 555 -24.47 -13.29 -6.66
CA ALA C 555 -23.16 -13.78 -6.19
C ALA C 555 -22.27 -12.67 -5.60
N ASN C 556 -22.25 -11.49 -6.21
CA ASN C 556 -21.39 -10.41 -5.71
C ASN C 556 -21.75 -10.04 -4.28
N ARG C 557 -23.02 -10.15 -3.93
CA ARG C 557 -23.45 -9.87 -2.56
C ARG C 557 -23.26 -11.07 -1.64
N ALA C 558 -23.51 -12.30 -2.15
CA ALA C 558 -23.28 -13.51 -1.36
C ALA C 558 -21.85 -13.57 -0.85
N LEU C 559 -20.91 -13.15 -1.69
CA LEU C 559 -19.51 -13.03 -1.26
C LEU C 559 -19.40 -12.24 0.03
N MET C 560 -19.97 -11.03 0.07
CA MET C 560 -19.89 -10.20 1.27
C MET C 560 -20.50 -10.89 2.48
N GLY C 561 -21.57 -11.65 2.28
CA GLY C 561 -22.16 -12.41 3.37
C GLY C 561 -21.18 -13.41 3.97
N SER C 562 -20.58 -14.24 3.12
CA SER C 562 -19.52 -15.15 3.55
C SER C 562 -18.41 -14.44 4.34
N ASN C 563 -17.69 -13.51 3.68
CA ASN C 563 -16.53 -12.88 4.30
C ASN C 563 -16.86 -12.19 5.61
N MET C 564 -18.07 -11.63 5.74
CA MET C 564 -18.32 -10.85 6.94
C MET C 564 -18.62 -11.71 8.17
N GLN C 565 -19.19 -12.91 7.99
CA GLN C 565 -19.33 -13.79 9.14
C GLN C 565 -18.01 -14.01 9.83
N THR C 566 -16.91 -13.98 9.08
CA THR C 566 -15.61 -14.05 9.71
C THR C 566 -15.40 -12.91 10.69
N GLN C 567 -16.05 -11.76 10.46
CA GLN C 567 -15.80 -10.55 11.21
C GLN C 567 -16.77 -10.34 12.36
N ALA C 568 -17.67 -11.29 12.59
CA ALA C 568 -18.66 -11.14 13.65
C ALA C 568 -17.98 -11.17 15.02
N VAL C 569 -18.32 -10.21 15.86
CA VAL C 569 -17.74 -10.09 17.19
C VAL C 569 -18.59 -10.92 18.15
N PRO C 570 -17.99 -11.73 19.02
CA PRO C 570 -18.78 -12.48 20.01
C PRO C 570 -19.54 -11.58 20.98
N LEU C 571 -20.87 -11.81 21.06
CA LEU C 571 -21.77 -11.01 21.86
C LEU C 571 -22.13 -11.78 23.13
N ILE C 572 -22.32 -11.04 24.23
CA ILE C 572 -22.64 -11.66 25.51
C ILE C 572 -23.99 -12.37 25.50
N ARG C 573 -24.95 -11.85 24.75
CA ARG C 573 -26.29 -12.42 24.55
C ARG C 573 -26.44 -13.21 23.24
N ALA C 574 -25.32 -13.58 22.59
CA ALA C 574 -25.36 -14.14 21.23
C ALA C 574 -26.39 -15.26 21.05
N GLN C 575 -27.08 -15.24 19.90
CA GLN C 575 -28.06 -16.24 19.57
C GLN C 575 -27.84 -16.78 18.17
N ALA C 576 -28.25 -18.03 17.95
CA ALA C 576 -28.25 -18.58 16.60
C ALA C 576 -29.40 -17.99 15.77
N PRO C 577 -29.23 -17.91 14.45
CA PRO C 577 -30.28 -17.31 13.61
C PRO C 577 -31.57 -18.14 13.61
N VAL C 578 -32.72 -17.45 13.45
CA VAL C 578 -33.98 -18.21 13.41
C VAL C 578 -34.10 -19.01 12.13
N VAL C 579 -33.47 -18.58 11.04
CA VAL C 579 -33.37 -19.39 9.84
C VAL C 579 -31.90 -19.84 9.65
N MET C 580 -31.63 -21.12 9.85
CA MET C 580 -30.31 -21.71 9.68
C MET C 580 -30.26 -22.57 8.42
N THR C 581 -29.05 -22.99 8.06
CA THR C 581 -28.82 -23.89 6.93
C THR C 581 -28.54 -25.32 7.38
N GLY C 582 -28.41 -25.57 8.68
CA GLY C 582 -28.10 -26.88 9.21
C GLY C 582 -26.64 -27.19 9.36
N LEU C 583 -25.75 -26.25 9.05
CA LEU C 583 -24.34 -26.48 9.25
C LEU C 583 -23.82 -25.85 10.53
N GLU C 584 -24.64 -25.07 11.23
CA GLU C 584 -24.14 -24.23 12.31
C GLU C 584 -23.84 -25.09 13.53
N GLU C 585 -24.47 -26.26 13.60
CA GLU C 585 -24.13 -27.28 14.58
C GLU C 585 -22.75 -27.90 14.36
N ARG C 586 -22.43 -28.27 13.11
CA ARG C 586 -21.15 -28.94 12.83
C ARG C 586 -19.96 -28.01 13.06
N VAL C 587 -20.10 -26.72 12.69
CA VAL C 587 -19.02 -25.72 12.77
C VAL C 587 -18.58 -25.52 14.21
N VAL C 588 -19.51 -25.46 15.15
CA VAL C 588 -19.09 -25.27 16.53
C VAL C 588 -18.28 -26.47 16.99
N ARG C 589 -18.71 -27.67 16.61
CA ARG C 589 -18.08 -28.92 17.03
C ARG C 589 -16.66 -29.10 16.47
N ASP C 590 -16.48 -28.88 15.15
CA ASP C 590 -15.14 -29.01 14.56
C ASP C 590 -14.21 -27.88 14.97
N SER C 591 -14.75 -26.71 15.29
CA SER C 591 -13.91 -25.60 15.72
C SER C 591 -13.18 -25.89 17.03
N LEU C 592 -13.82 -26.59 17.97
CA LEU C 592 -13.21 -26.99 19.27
C LEU C 592 -13.39 -25.87 20.30
N ALA C 593 -14.07 -24.78 19.92
CA ALA C 593 -14.51 -23.73 20.84
C ALA C 593 -15.37 -24.20 22.02
N ALA C 594 -16.36 -25.08 21.78
CA ALA C 594 -17.20 -25.54 22.90
C ALA C 594 -16.56 -26.62 23.80
N LEU C 595 -17.27 -27.72 24.08
CA LEU C 595 -16.78 -28.76 25.00
C LEU C 595 -17.81 -29.89 25.05
N TYR C 596 -17.37 -31.15 24.89
CA TYR C 596 -18.26 -32.32 24.86
C TYR C 596 -17.85 -33.39 25.87
N ALA C 597 -18.78 -34.30 26.16
CA ALA C 597 -18.51 -35.39 27.09
C ALA C 597 -17.82 -36.55 26.37
N GLU C 598 -16.70 -37.03 26.93
CA GLU C 598 -15.89 -38.11 26.34
C GLU C 598 -16.66 -39.43 26.29
N GLU C 599 -17.14 -39.91 27.44
CA GLU C 599 -17.92 -41.16 27.47
C GLU C 599 -19.25 -40.85 28.14
N ASP C 600 -20.12 -41.85 28.27
CA ASP C 600 -21.36 -41.66 29.01
C ASP C 600 -21.08 -41.42 30.49
N GLY C 601 -21.97 -40.70 31.17
CA GLY C 601 -21.70 -40.43 32.56
C GLY C 601 -22.72 -39.51 33.19
N GLU C 602 -22.40 -39.08 34.39
CA GLU C 602 -23.23 -38.18 35.17
C GLU C 602 -22.40 -36.99 35.61
N VAL C 603 -23.00 -35.82 35.59
CA VAL C 603 -22.29 -34.60 35.94
C VAL C 603 -22.21 -34.51 37.46
N ALA C 604 -21.00 -34.52 37.99
CA ALA C 604 -20.82 -34.44 39.43
C ALA C 604 -20.89 -33.00 39.93
N LYS C 605 -20.21 -32.09 39.26
CA LYS C 605 -20.10 -30.70 39.71
C LYS C 605 -20.14 -29.75 38.51
N VAL C 606 -20.75 -28.58 38.71
CA VAL C 606 -20.80 -27.51 37.72
C VAL C 606 -20.48 -26.18 38.39
N ASP C 607 -19.48 -25.47 37.88
CA ASP C 607 -18.93 -24.22 38.42
C ASP C 607 -18.80 -23.17 37.32
N GLY C 608 -18.54 -21.93 37.73
CA GLY C 608 -18.17 -20.92 36.75
C GLY C 608 -16.82 -21.22 36.13
N ASN C 609 -15.89 -21.73 36.95
CA ASN C 609 -14.52 -22.06 36.57
C ASN C 609 -14.33 -23.48 36.09
N ARG C 610 -15.23 -24.43 36.39
CA ARG C 610 -14.93 -25.81 36.01
C ARG C 610 -16.18 -26.67 36.01
N ILE C 611 -16.09 -27.79 35.29
CA ILE C 611 -17.13 -28.82 35.22
C ILE C 611 -16.46 -30.17 35.43
N VAL C 612 -16.91 -30.90 36.46
CA VAL C 612 -16.41 -32.25 36.79
C VAL C 612 -17.48 -33.28 36.42
N VAL C 613 -17.08 -34.27 35.62
CA VAL C 613 -18.00 -35.29 35.13
C VAL C 613 -17.55 -36.66 35.62
N ARG C 614 -18.48 -37.44 36.16
CA ARG C 614 -18.27 -38.82 36.56
C ARG C 614 -18.78 -39.76 35.47
N TYR C 615 -17.86 -40.48 34.82
CA TYR C 615 -18.26 -41.36 33.72
C TYR C 615 -18.63 -42.76 34.23
N GLU C 616 -18.98 -43.64 33.28
CA GLU C 616 -19.24 -45.04 33.60
C GLU C 616 -17.95 -45.70 34.09
N ASP C 617 -16.81 -45.31 33.52
CA ASP C 617 -15.51 -45.86 33.89
C ASP C 617 -15.19 -45.66 35.36
N GLY C 618 -15.87 -44.71 36.03
CA GLY C 618 -15.62 -44.36 37.40
C GLY C 618 -14.67 -43.19 37.56
N ARG C 619 -13.87 -42.89 36.54
CA ARG C 619 -12.93 -41.77 36.58
C ARG C 619 -13.70 -40.45 36.65
N LEU C 620 -13.21 -39.54 37.48
CA LEU C 620 -13.85 -38.25 37.74
C LEU C 620 -13.16 -37.13 36.95
N VAL C 621 -13.22 -37.26 35.62
CA VAL C 621 -12.54 -36.33 34.70
C VAL C 621 -12.97 -34.91 35.02
N GLU C 622 -12.00 -34.01 35.13
CA GLU C 622 -12.27 -32.61 35.41
C GLU C 622 -11.94 -31.80 34.18
N TYR C 623 -12.92 -31.04 33.68
CA TYR C 623 -12.73 -30.18 32.54
C TYR C 623 -12.68 -28.74 33.04
N PRO C 624 -11.53 -28.09 33.05
CA PRO C 624 -11.48 -26.67 33.39
C PRO C 624 -11.99 -25.87 32.22
N LEU C 625 -12.58 -24.72 32.51
CA LEU C 625 -13.17 -23.90 31.47
C LEU C 625 -12.33 -22.64 31.26
N ARG C 626 -12.13 -22.29 29.98
CA ARG C 626 -11.40 -21.08 29.64
C ARG C 626 -12.35 -19.91 29.83
N ARG C 627 -11.99 -18.97 30.71
CA ARG C 627 -12.85 -17.85 31.07
C ARG C 627 -12.17 -16.53 30.73
N PHE C 628 -12.83 -15.72 29.90
CA PHE C 628 -12.34 -14.39 29.50
C PHE C 628 -10.89 -14.36 29.00
N TYR C 629 -10.54 -15.20 28.02
CA TYR C 629 -9.17 -15.15 27.49
C TYR C 629 -9.24 -14.21 26.29
N ARG C 630 -8.17 -13.44 26.09
CA ARG C 630 -8.10 -12.41 25.05
C ARG C 630 -7.53 -13.01 23.78
N SER C 631 -8.32 -12.99 22.71
CA SER C 631 -7.85 -13.50 21.43
C SER C 631 -6.96 -12.47 20.75
N ASN C 632 -6.40 -12.89 19.62
CA ASN C 632 -5.51 -12.02 18.87
C ASN C 632 -6.16 -10.68 18.53
N GLN C 633 -7.46 -10.70 18.22
CA GLN C 633 -8.16 -9.49 17.82
C GLN C 633 -8.87 -8.81 18.99
N GLY C 634 -8.69 -9.33 20.21
CA GLY C 634 -9.16 -8.71 21.42
C GLY C 634 -10.60 -9.02 21.75
N THR C 635 -11.25 -9.86 20.98
CA THR C 635 -12.57 -10.31 21.36
C THR C 635 -12.38 -11.35 22.43
N ALA C 636 -13.36 -11.46 23.33
CA ALA C 636 -13.21 -12.34 24.47
C ALA C 636 -13.61 -13.75 24.09
N LEU C 637 -12.68 -14.68 24.22
CA LEU C 637 -13.00 -16.09 24.07
C LEU C 637 -13.32 -16.56 25.49
N ASP C 638 -14.58 -16.93 25.72
CA ASP C 638 -14.94 -17.41 27.03
C ASP C 638 -16.00 -18.51 26.91
N GLN C 639 -15.82 -19.58 27.70
CA GLN C 639 -16.67 -20.76 27.70
C GLN C 639 -17.60 -20.73 28.90
N ARG C 640 -18.88 -21.06 28.67
CA ARG C 640 -19.87 -21.09 29.75
C ARG C 640 -20.53 -22.47 29.95
N PRO C 641 -20.72 -22.88 31.22
CA PRO C 641 -21.35 -24.19 31.53
C PRO C 641 -22.82 -24.27 31.11
N ARG C 642 -23.17 -25.32 30.36
CA ARG C 642 -24.56 -25.57 29.95
C ARG C 642 -25.31 -26.68 30.71
N VAL C 643 -24.70 -27.34 31.71
CA VAL C 643 -25.34 -28.45 32.41
C VAL C 643 -25.42 -28.13 33.89
N VAL C 644 -26.24 -28.92 34.61
CA VAL C 644 -26.50 -28.73 36.03
C VAL C 644 -26.03 -29.95 36.81
N VAL C 645 -25.82 -29.75 38.12
CA VAL C 645 -25.30 -30.82 38.98
C VAL C 645 -26.25 -32.01 38.89
N GLY C 646 -25.71 -33.18 38.59
CA GLY C 646 -26.51 -34.37 38.54
C GLY C 646 -27.14 -34.66 37.19
N GLN C 647 -26.86 -33.85 36.17
CA GLN C 647 -27.51 -34.08 34.89
C GLN C 647 -26.93 -35.32 34.23
N ARG C 648 -27.82 -36.14 33.68
CA ARG C 648 -27.39 -37.35 32.99
C ARG C 648 -27.01 -37.00 31.56
N VAL C 649 -25.74 -37.28 31.20
CA VAL C 649 -25.21 -37.01 29.87
C VAL C 649 -24.80 -38.31 29.17
N ARG C 650 -24.95 -38.35 27.83
CA ARG C 650 -24.47 -39.46 27.01
C ARG C 650 -23.16 -39.03 26.33
N LYS C 651 -22.55 -39.92 25.52
CA LYS C 651 -21.30 -39.55 24.84
C LYS C 651 -21.52 -38.55 23.72
N GLY C 652 -20.78 -37.43 23.78
CA GLY C 652 -20.87 -36.36 22.80
C GLY C 652 -21.88 -35.27 23.06
N ASP C 653 -22.49 -35.24 24.25
CA ASP C 653 -23.44 -34.20 24.64
C ASP C 653 -22.67 -32.96 25.12
N LEU C 654 -23.27 -31.80 24.91
CA LEU C 654 -22.66 -30.53 25.27
C LEU C 654 -22.52 -30.31 26.78
N LEU C 655 -21.32 -29.84 27.19
CA LEU C 655 -21.00 -29.47 28.57
C LEU C 655 -20.89 -27.96 28.72
N ALA C 656 -20.04 -27.30 27.94
CA ALA C 656 -19.96 -25.84 27.94
C ALA C 656 -20.10 -25.30 26.53
N ASP C 657 -20.74 -24.14 26.41
CA ASP C 657 -20.80 -23.36 25.16
C ASP C 657 -19.55 -22.49 25.04
N GLY C 658 -18.96 -22.45 23.83
CA GLY C 658 -17.84 -21.56 23.56
C GLY C 658 -18.27 -20.13 23.28
N PRO C 659 -17.38 -19.28 22.77
CA PRO C 659 -17.81 -17.92 22.42
C PRO C 659 -18.64 -17.96 21.14
N ALA C 660 -19.58 -17.01 21.03
CA ALA C 660 -20.39 -16.91 19.82
C ALA C 660 -20.99 -18.26 19.44
N SER C 661 -21.44 -19.00 20.46
CA SER C 661 -22.25 -20.19 20.25
C SER C 661 -23.31 -20.27 21.35
N GLU C 662 -24.50 -20.75 20.95
CA GLU C 662 -25.68 -20.87 21.81
C GLU C 662 -26.22 -22.29 21.70
N ASN C 663 -26.14 -23.05 22.80
CA ASN C 663 -26.61 -24.44 22.84
C ASN C 663 -26.06 -25.25 21.67
N GLY C 664 -24.81 -24.93 21.26
CA GLY C 664 -24.09 -25.64 20.21
C GLY C 664 -24.26 -25.16 18.78
N PHE C 665 -25.08 -24.14 18.53
CA PHE C 665 -25.24 -23.62 17.18
C PHE C 665 -24.46 -22.31 17.04
N LEU C 666 -23.86 -22.10 15.87
CA LEU C 666 -23.06 -20.89 15.68
C LEU C 666 -23.93 -19.63 15.82
N ALA C 667 -23.56 -18.77 16.78
CA ALA C 667 -24.25 -17.50 17.04
C ALA C 667 -23.34 -16.31 16.76
N LEU C 668 -23.50 -15.72 15.58
CA LEU C 668 -22.61 -14.65 15.16
C LEU C 668 -23.24 -13.28 15.42
N GLY C 669 -24.46 -13.27 15.93
CA GLY C 669 -25.23 -12.06 16.03
C GLY C 669 -26.48 -12.27 16.85
N GLN C 670 -27.45 -11.40 16.63
CA GLN C 670 -28.72 -11.51 17.32
C GLN C 670 -29.84 -11.53 16.28
N ASN C 671 -30.99 -12.06 16.72
CA ASN C 671 -32.22 -12.06 15.94
C ASN C 671 -33.04 -10.86 16.34
N VAL C 672 -33.25 -9.93 15.41
CA VAL C 672 -33.99 -8.73 15.77
C VAL C 672 -35.23 -8.62 14.88
N LEU C 673 -36.23 -7.88 15.40
CA LEU C 673 -37.47 -7.60 14.66
C LEU C 673 -37.21 -6.38 13.78
N VAL C 674 -37.28 -6.56 12.46
CA VAL C 674 -36.89 -5.52 11.53
C VAL C 674 -38.08 -5.03 10.71
N ALA C 675 -38.10 -3.73 10.42
CA ALA C 675 -39.06 -3.14 9.49
C ALA C 675 -38.29 -2.62 8.29
N ILE C 676 -38.77 -2.95 7.10
CA ILE C 676 -38.11 -2.55 5.86
C ILE C 676 -38.86 -1.35 5.31
N MET C 677 -38.27 -0.17 5.43
CA MET C 677 -38.96 1.08 5.09
C MET C 677 -38.00 2.27 5.24
N PRO C 678 -38.14 3.31 4.44
CA PRO C 678 -37.29 4.50 4.64
C PRO C 678 -37.62 5.10 5.99
N PHE C 679 -36.63 5.75 6.63
CA PHE C 679 -36.97 6.53 7.82
C PHE C 679 -36.25 7.88 7.79
N ASP C 680 -36.97 8.94 7.45
CA ASP C 680 -36.53 10.32 7.54
C ASP C 680 -35.08 10.65 7.14
N GLY C 681 -34.51 9.97 6.15
CA GLY C 681 -33.12 10.12 5.74
C GLY C 681 -32.04 9.60 6.69
N TYR C 682 -32.42 8.98 7.81
CA TYR C 682 -31.43 8.33 8.67
C TYR C 682 -31.05 6.99 8.06
N ASN C 683 -31.78 6.57 7.05
CA ASN C 683 -31.59 5.35 6.29
C ASN C 683 -30.74 5.54 5.05
N PHE C 684 -30.29 6.76 4.81
CA PHE C 684 -29.75 7.12 3.51
C PHE C 684 -28.48 6.30 3.19
N GLU C 685 -28.43 5.78 1.95
CA GLU C 685 -27.26 5.12 1.38
C GLU C 685 -26.65 4.11 2.36
N ASP C 686 -27.48 3.17 2.81
CA ASP C 686 -27.19 1.99 3.64
C ASP C 686 -27.04 2.21 5.14
N ALA C 687 -27.12 3.43 5.64
CA ALA C 687 -27.11 3.59 7.09
C ALA C 687 -28.31 2.89 7.74
N ILE C 688 -28.17 2.59 9.03
CA ILE C 688 -29.19 1.82 9.72
C ILE C 688 -29.65 2.56 10.97
N VAL C 689 -30.95 2.49 11.23
CA VAL C 689 -31.55 3.10 12.40
C VAL C 689 -31.93 1.98 13.35
N ILE C 690 -31.60 2.11 14.64
CA ILE C 690 -31.88 1.05 15.60
C ILE C 690 -32.63 1.60 16.79
N SER C 691 -33.33 0.70 17.49
CA SER C 691 -34.12 1.12 18.65
C SER C 691 -33.27 1.13 19.90
N GLU C 692 -33.46 2.17 20.72
CA GLU C 692 -32.76 2.23 22.00
C GLU C 692 -33.08 1.00 22.87
N GLU C 693 -34.18 0.30 22.59
CA GLU C 693 -34.49 -0.94 23.29
C GLU C 693 -33.36 -1.97 23.20
N LEU C 694 -32.60 -1.96 22.11
CA LEU C 694 -31.48 -2.88 21.94
C LEU C 694 -30.38 -2.68 23.00
N LEU C 695 -29.98 -1.44 23.26
CA LEU C 695 -28.98 -1.20 24.31
C LEU C 695 -29.54 -1.52 25.70
N LYS C 696 -30.78 -1.10 25.96
CA LYS C 696 -31.45 -1.34 27.23
C LYS C 696 -31.38 -2.81 27.67
N ARG C 697 -31.65 -3.72 26.73
CA ARG C 697 -31.62 -5.16 27.01
C ARG C 697 -30.28 -5.82 26.66
N ASP C 698 -29.26 -5.03 26.34
CA ASP C 698 -27.86 -5.46 26.10
C ASP C 698 -27.70 -6.36 24.88
N PHE C 699 -28.51 -6.14 23.85
CA PHE C 699 -28.25 -6.76 22.56
C PHE C 699 -27.10 -6.00 21.90
N TYR C 700 -26.28 -6.72 21.17
CA TYR C 700 -25.14 -6.13 20.46
C TYR C 700 -24.12 -5.51 21.42
N THR C 701 -24.04 -6.01 22.65
CA THR C 701 -22.95 -5.67 23.54
C THR C 701 -21.90 -6.79 23.54
N SER C 702 -20.64 -6.41 23.46
CA SER C 702 -19.55 -7.37 23.35
C SER C 702 -18.41 -6.92 24.26
N ILE C 703 -17.70 -7.91 24.84
CA ILE C 703 -16.55 -7.64 25.71
C ILE C 703 -15.26 -7.65 24.91
N HIS C 704 -14.40 -6.66 25.16
CA HIS C 704 -13.16 -6.55 24.43
C HIS C 704 -12.01 -6.25 25.39
N ILE C 705 -10.84 -6.86 25.15
CA ILE C 705 -9.69 -6.68 26.03
C ILE C 705 -8.51 -6.19 25.20
N GLU C 706 -7.82 -5.14 25.67
CA GLU C 706 -6.62 -4.63 25.02
C GLU C 706 -5.48 -4.91 26.00
N ARG C 707 -4.30 -5.28 25.48
CA ARG C 707 -3.13 -5.64 26.27
C ARG C 707 -2.08 -4.52 26.29
N TYR C 708 -1.61 -4.16 27.48
CA TYR C 708 -0.57 -3.14 27.64
C TYR C 708 0.67 -3.79 28.25
N GLU C 709 1.86 -3.37 27.84
CA GLU C 709 3.09 -4.01 28.27
C GLU C 709 4.16 -2.95 28.48
N ILE C 710 5.02 -3.14 29.47
CA ILE C 710 6.16 -2.24 29.68
C ILE C 710 7.32 -3.02 30.28
N GLU C 711 8.54 -2.70 29.83
CA GLU C 711 9.80 -3.27 30.30
C GLU C 711 10.59 -2.24 31.11
N ALA C 712 11.25 -2.69 32.17
CA ALA C 712 12.22 -1.86 32.86
C ALA C 712 13.60 -2.47 32.61
N ARG C 713 14.51 -1.68 32.03
CA ARG C 713 15.76 -2.27 31.59
C ARG C 713 16.98 -1.53 32.15
N ASP C 714 18.13 -2.20 32.12
CA ASP C 714 19.39 -1.59 32.49
C ASP C 714 19.88 -0.67 31.38
N THR C 715 20.31 0.53 31.75
CA THR C 715 20.88 1.51 30.84
C THR C 715 22.26 1.89 31.34
N LYS C 716 23.04 2.54 30.46
CA LYS C 716 24.35 3.02 30.87
C LYS C 716 24.25 4.15 31.88
N LEU C 717 23.07 4.75 32.03
CA LEU C 717 22.82 5.83 32.98
C LEU C 717 22.22 5.34 34.30
N GLY C 718 22.03 4.01 34.45
CA GLY C 718 21.35 3.41 35.57
C GLY C 718 20.00 2.75 35.30
N PRO C 719 19.53 1.95 36.27
CA PRO C 719 18.36 1.10 36.05
C PRO C 719 17.05 1.88 35.94
N GLU C 720 16.23 1.47 34.98
CA GLU C 720 14.81 1.84 35.01
C GLU C 720 14.19 1.05 36.17
N ARG C 721 13.36 1.73 36.96
CA ARG C 721 12.74 1.05 38.08
C ARG C 721 11.23 1.23 38.04
N ILE C 722 10.52 0.14 38.29
CA ILE C 722 9.07 0.18 38.41
C ILE C 722 8.69 0.37 39.87
N THR C 723 8.17 1.55 40.16
CA THR C 723 8.02 2.02 41.53
C THR C 723 6.75 2.84 41.63
N ARG C 724 6.24 2.94 42.85
CA ARG C 724 5.09 3.80 43.08
C ARG C 724 5.49 5.26 43.28
N ASP C 725 6.79 5.53 43.42
CA ASP C 725 7.34 6.87 43.66
C ASP C 725 7.68 7.53 42.32
N ILE C 726 6.84 8.46 41.90
CA ILE C 726 6.99 9.17 40.63
C ILE C 726 7.06 10.69 40.85
N PRO C 727 8.15 11.32 40.45
CA PRO C 727 8.37 12.77 40.69
C PRO C 727 7.25 13.72 40.25
N HIS C 728 6.89 14.63 41.16
CA HIS C 728 6.00 15.78 40.96
C HIS C 728 4.56 15.39 40.65
N LEU C 729 4.08 14.26 41.14
CA LEU C 729 2.69 13.86 40.88
C LEU C 729 1.93 13.79 42.20
N SER C 730 0.70 14.31 42.17
CA SER C 730 -0.17 14.34 43.32
C SER C 730 -0.67 12.94 43.68
N GLU C 731 -1.15 12.81 44.93
CA GLU C 731 -1.77 11.55 45.37
C GLU C 731 -3.09 11.27 44.65
N ALA C 732 -3.78 12.31 44.17
CA ALA C 732 -4.96 12.07 43.35
C ALA C 732 -4.62 11.20 42.13
N ALA C 733 -3.45 11.45 41.52
CA ALA C 733 -3.01 10.70 40.34
C ALA C 733 -2.60 9.25 40.62
N LEU C 734 -2.10 8.96 41.82
CA LEU C 734 -1.58 7.63 42.14
C LEU C 734 -2.57 6.71 42.87
N ARG C 735 -3.78 7.17 43.17
CA ARG C 735 -4.69 6.47 44.09
C ARG C 735 -4.87 4.97 43.78
N ASP C 736 -5.07 4.61 42.51
CA ASP C 736 -5.43 3.24 42.17
C ASP C 736 -4.21 2.34 41.99
N LEU C 737 -3.00 2.84 42.31
CA LEU C 737 -1.74 2.07 42.24
C LEU C 737 -1.45 1.35 43.56
N ASP C 738 -1.00 0.09 43.46
CA ASP C 738 -0.65 -0.68 44.64
C ASP C 738 0.69 -0.17 45.17
N GLU C 739 1.22 -0.87 46.18
CA GLU C 739 2.47 -0.50 46.85
C GLU C 739 3.66 -0.36 45.89
N GLU C 740 3.74 -1.23 44.89
CA GLU C 740 4.86 -1.36 43.98
C GLU C 740 4.84 -0.45 42.75
N GLY C 741 3.74 0.25 42.49
CA GLY C 741 3.61 1.15 41.35
C GLY C 741 2.72 0.60 40.24
N VAL C 742 2.12 -0.59 40.44
CA VAL C 742 1.19 -1.24 39.52
C VAL C 742 -0.26 -0.91 39.90
N VAL C 743 -1.10 -0.62 38.90
CA VAL C 743 -2.51 -0.32 39.10
C VAL C 743 -3.22 -1.51 39.76
N ARG C 744 -4.15 -1.24 40.68
CA ARG C 744 -4.78 -2.33 41.42
C ARG C 744 -5.80 -3.06 40.55
N ILE C 745 -5.88 -4.38 40.69
CA ILE C 745 -6.91 -5.11 39.93
C ILE C 745 -8.29 -4.69 40.40
N GLY C 746 -9.14 -4.29 39.45
CA GLY C 746 -10.52 -3.92 39.72
C GLY C 746 -10.68 -2.43 39.87
N ALA C 747 -10.01 -1.67 39.04
CA ALA C 747 -10.06 -0.22 39.08
C ALA C 747 -10.51 0.26 37.72
N GLU C 748 -11.23 1.36 37.68
CA GLU C 748 -11.58 1.96 36.41
C GLU C 748 -10.46 2.94 36.02
N VAL C 749 -9.86 2.72 34.86
CA VAL C 749 -8.80 3.58 34.34
C VAL C 749 -9.33 4.22 33.06
N LYS C 750 -9.08 5.51 32.89
CA LYS C 750 -9.50 6.34 31.77
C LYS C 750 -8.28 7.02 31.14
N PRO C 751 -8.40 7.56 29.93
CA PRO C 751 -7.23 8.15 29.26
C PRO C 751 -6.46 9.15 30.10
N GLY C 752 -5.12 8.95 30.16
CA GLY C 752 -4.19 9.76 30.91
C GLY C 752 -3.74 9.14 32.22
N ASP C 753 -4.52 8.17 32.71
CA ASP C 753 -4.27 7.51 33.99
C ASP C 753 -3.01 6.65 33.89
N ILE C 754 -2.30 6.53 35.01
CA ILE C 754 -1.10 5.72 35.08
C ILE C 754 -1.47 4.25 35.26
N LEU C 755 -0.92 3.40 34.40
CA LEU C 755 -1.11 1.96 34.57
C LEU C 755 0.03 1.36 35.38
N VAL C 756 1.28 1.49 34.91
CA VAL C 756 2.48 1.08 35.65
C VAL C 756 3.44 2.26 35.77
N GLY C 757 3.78 2.62 37.01
CA GLY C 757 4.75 3.67 37.25
C GLY C 757 6.18 3.24 36.95
N ARG C 758 6.94 4.12 36.31
CA ARG C 758 8.34 3.82 36.02
C ARG C 758 9.17 5.09 36.01
N THR C 759 10.40 5.01 36.53
CA THR C 759 11.37 6.10 36.45
C THR C 759 12.59 5.71 35.62
N SER C 760 13.11 6.66 34.84
CA SER C 760 14.32 6.51 34.04
C SER C 760 15.28 7.65 34.36
N PHE C 761 16.57 7.33 34.44
CA PHE C 761 17.61 8.31 34.71
C PHE C 761 17.80 9.34 33.57
N LYS C 762 17.74 10.62 33.94
CA LYS C 762 17.86 11.79 33.05
C LYS C 762 19.21 11.83 32.29
N GLY C 763 19.16 12.03 30.96
CA GLY C 763 20.33 12.23 30.09
C GLY C 763 21.23 13.43 30.38
N GLU C 764 22.32 13.66 29.62
CA GLU C 764 23.21 14.80 29.91
C GLU C 764 22.48 16.14 29.80
N SER C 765 21.16 16.09 29.48
CA SER C 765 20.23 17.23 29.39
C SER C 765 19.92 17.75 30.76
N GLU C 766 20.69 17.10 31.67
CA GLU C 766 20.85 17.38 33.10
C GLU C 766 20.65 18.87 33.23
N PRO C 767 19.66 19.29 34.01
CA PRO C 767 18.76 20.36 33.58
C PRO C 767 19.51 21.62 33.17
N THR C 768 19.06 22.21 32.05
CA THR C 768 19.65 23.42 31.49
C THR C 768 19.67 24.51 32.55
N PRO C 769 20.61 25.47 32.46
CA PRO C 769 20.67 26.56 33.43
C PRO C 769 19.35 27.30 33.62
N GLU C 770 18.53 27.35 32.57
CA GLU C 770 17.20 27.93 32.72
C GLU C 770 16.41 27.19 33.82
N GLU C 771 16.41 25.85 33.78
CA GLU C 771 15.76 25.03 34.81
C GLU C 771 16.49 25.09 36.17
N ARG C 772 17.81 25.23 36.17
CA ARG C 772 18.57 25.31 37.42
C ARG C 772 18.09 26.47 38.28
N LEU C 773 17.96 27.68 37.69
CA LEU C 773 17.53 28.83 38.49
C LEU C 773 16.09 28.67 38.97
N LEU C 774 15.22 28.13 38.12
CA LEU C 774 13.83 27.93 38.52
C LEU C 774 13.74 26.97 39.71
N ARG C 775 14.41 25.83 39.60
CA ARG C 775 14.48 24.87 40.70
C ARG C 775 15.02 25.49 41.99
N SER C 776 16.02 26.38 41.89
CA SER C 776 16.58 27.05 43.06
C SER C 776 15.55 27.91 43.78
N ILE C 777 14.62 28.51 43.04
CA ILE C 777 13.61 29.41 43.61
C ILE C 777 12.68 28.67 44.56
N PHE C 778 12.23 27.46 44.17
CA PHE C 778 11.29 26.63 44.95
C PHE C 778 11.98 25.77 46.00
N GLY C 779 13.31 25.70 45.97
CA GLY C 779 14.05 24.90 46.92
C GLY C 779 13.69 23.42 46.88
N GLU C 780 13.80 22.88 45.67
CA GLU C 780 13.57 21.48 45.40
C GLU C 780 14.72 21.06 44.49
N LYS C 781 15.50 20.07 44.90
CA LYS C 781 16.62 19.60 44.09
C LYS C 781 16.07 18.96 42.82
N ALA C 782 16.71 19.24 41.68
CA ALA C 782 16.23 18.56 40.48
C ALA C 782 16.53 17.08 40.67
N ARG C 783 15.48 16.25 40.55
CA ARG C 783 15.58 14.83 40.85
C ARG C 783 16.48 14.10 39.87
N ASP C 784 17.01 12.97 40.34
CA ASP C 784 17.89 12.21 39.48
C ASP C 784 17.11 11.50 38.37
N VAL C 785 15.84 11.15 38.63
CA VAL C 785 15.03 10.36 37.70
C VAL C 785 13.83 11.17 37.23
N LYS C 786 13.33 10.81 36.05
CA LYS C 786 12.21 11.48 35.40
C LYS C 786 11.06 10.47 35.33
N ASP C 787 9.84 10.98 35.13
CA ASP C 787 8.62 10.18 35.09
C ASP C 787 8.40 9.63 33.69
N THR C 788 8.64 8.33 33.54
CA THR C 788 8.41 7.57 32.30
C THR C 788 7.18 6.66 32.36
N SER C 789 6.32 6.81 33.37
CA SER C 789 5.26 5.84 33.63
C SER C 789 4.47 5.50 32.36
N LEU C 790 4.07 4.23 32.27
CA LEU C 790 3.11 3.78 31.24
C LEU C 790 1.70 4.31 31.51
N ARG C 791 1.08 4.96 30.52
CA ARG C 791 -0.24 5.46 30.87
C ARG C 791 -1.40 4.87 30.08
N VAL C 792 -2.34 5.68 29.61
CA VAL C 792 -3.45 5.21 28.77
C VAL C 792 -3.53 6.03 27.49
N PRO C 793 -3.60 5.38 26.32
CA PRO C 793 -3.64 6.13 25.07
C PRO C 793 -4.94 6.91 24.97
N PRO C 794 -4.97 7.92 24.13
CA PRO C 794 -6.24 8.63 23.88
C PRO C 794 -7.32 7.66 23.43
N GLY C 795 -8.52 7.80 24.00
CA GLY C 795 -9.64 7.02 23.53
C GLY C 795 -9.76 5.61 24.03
N GLU C 796 -8.79 5.11 24.77
CA GLU C 796 -8.82 3.74 25.27
C GLU C 796 -9.15 3.75 26.79
N GLY C 797 -9.04 2.59 27.42
CA GLY C 797 -9.36 2.47 28.83
C GLY C 797 -10.54 1.56 29.09
N GLY C 798 -10.71 1.25 30.37
CA GLY C 798 -11.61 0.21 30.82
C GLY C 798 -11.31 -0.16 32.27
N ILE C 799 -11.67 -1.40 32.65
CA ILE C 799 -11.41 -1.95 33.97
C ILE C 799 -10.18 -2.86 33.92
N VAL C 800 -9.28 -2.71 34.90
CA VAL C 800 -8.07 -3.52 34.98
C VAL C 800 -8.53 -4.88 35.51
N VAL C 801 -8.43 -5.92 34.69
CA VAL C 801 -8.84 -7.25 35.13
C VAL C 801 -7.72 -8.21 35.55
N ARG C 802 -6.46 -7.92 35.18
CA ARG C 802 -5.32 -8.80 35.44
C ARG C 802 -4.02 -8.01 35.41
N THR C 803 -3.01 -8.46 36.17
CA THR C 803 -1.64 -7.97 36.00
C THR C 803 -0.68 -9.15 36.11
N VAL C 804 0.31 -9.18 35.21
CA VAL C 804 1.43 -10.10 35.23
C VAL C 804 2.71 -9.30 35.35
N ARG C 805 3.55 -9.65 36.32
CA ARG C 805 4.82 -8.98 36.47
C ARG C 805 5.88 -10.06 36.40
N LEU C 806 6.91 -9.84 35.54
CA LEU C 806 8.02 -10.77 35.36
C LEU C 806 9.36 -10.04 35.52
N ARG C 807 10.11 -10.39 36.56
CA ARG C 807 11.42 -9.80 36.79
C ARG C 807 12.52 -10.77 36.37
N ARG C 808 13.78 -10.34 36.50
CA ARG C 808 14.94 -11.20 36.32
C ARG C 808 15.34 -11.62 37.72
N GLY C 809 15.62 -12.90 37.90
CA GLY C 809 15.97 -13.40 39.19
C GLY C 809 14.79 -13.98 39.93
N ASP C 810 13.70 -14.26 39.20
CA ASP C 810 12.50 -14.94 39.67
C ASP C 810 12.46 -16.30 38.97
N PRO C 811 11.93 -17.33 39.61
CA PRO C 811 12.02 -18.68 39.04
C PRO C 811 11.39 -18.76 37.65
N GLY C 812 12.12 -19.33 36.70
CA GLY C 812 11.51 -19.61 35.42
C GLY C 812 11.62 -18.52 34.39
N VAL C 813 12.10 -17.32 34.76
CA VAL C 813 12.07 -16.22 33.81
C VAL C 813 13.46 -15.60 33.62
N GLU C 814 13.80 -15.42 32.35
CA GLU C 814 14.99 -14.73 31.87
C GLU C 814 14.53 -13.93 30.66
N LEU C 815 14.75 -12.62 30.69
CA LEU C 815 14.28 -11.77 29.61
C LEU C 815 15.42 -11.56 28.61
N LYS C 816 15.10 -10.84 27.55
CA LYS C 816 16.11 -10.53 26.56
C LYS C 816 17.18 -9.64 27.21
N PRO C 817 18.42 -9.72 26.72
CA PRO C 817 19.57 -9.14 27.44
C PRO C 817 19.41 -7.65 27.75
N GLY C 818 19.63 -7.31 29.02
CA GLY C 818 19.54 -5.94 29.46
C GLY C 818 18.25 -5.61 30.17
N VAL C 819 17.23 -6.45 30.02
CA VAL C 819 15.89 -6.20 30.54
C VAL C 819 15.74 -6.76 31.95
N ARG C 820 15.56 -5.87 32.94
CA ARG C 820 15.34 -6.31 34.31
C ARG C 820 13.97 -6.96 34.48
N GLU C 821 12.91 -6.26 34.10
CA GLU C 821 11.55 -6.73 34.35
C GLU C 821 10.54 -6.24 33.31
N VAL C 822 9.52 -7.09 33.12
CA VAL C 822 8.42 -6.89 32.19
C VAL C 822 7.13 -6.96 33.00
N VAL C 823 6.26 -5.96 32.80
CA VAL C 823 4.93 -5.91 33.42
C VAL C 823 3.85 -5.90 32.33
N ARG C 824 2.86 -6.77 32.46
CA ARG C 824 1.70 -6.75 31.57
C ARG C 824 0.41 -6.45 32.33
N VAL C 825 -0.39 -5.52 31.81
CA VAL C 825 -1.69 -5.14 32.37
C VAL C 825 -2.77 -5.43 31.33
N TYR C 826 -3.72 -6.28 31.67
CA TYR C 826 -4.84 -6.56 30.78
C TYR C 826 -6.05 -5.73 31.21
N VAL C 827 -6.55 -4.86 30.32
CA VAL C 827 -7.67 -3.95 30.57
C VAL C 827 -8.85 -4.32 29.68
N ALA C 828 -10.02 -4.50 30.30
CA ALA C 828 -11.25 -4.92 29.62
C ALA C 828 -12.29 -3.80 29.55
N GLN C 829 -13.14 -3.88 28.54
CA GLN C 829 -14.25 -2.95 28.39
C GLN C 829 -15.49 -3.67 27.87
N LYS C 830 -16.65 -3.32 28.42
CA LYS C 830 -17.95 -3.74 27.87
C LYS C 830 -18.43 -2.69 26.88
N ARG C 831 -18.61 -3.10 25.61
CA ARG C 831 -18.96 -2.18 24.53
C ARG C 831 -20.44 -2.30 24.17
N LYS C 832 -21.21 -1.25 24.47
CA LYS C 832 -22.59 -1.17 24.04
C LYS C 832 -22.59 -0.72 22.59
N LEU C 833 -23.59 -1.16 21.84
CA LEU C 833 -23.71 -0.69 20.46
C LEU C 833 -23.82 0.84 20.43
N GLN C 834 -23.14 1.50 19.51
CA GLN C 834 -23.26 2.94 19.44
C GLN C 834 -23.22 3.42 18.00
N VAL C 835 -23.40 4.73 17.85
CA VAL C 835 -23.53 5.32 16.53
C VAL C 835 -22.16 5.29 15.87
N GLY C 836 -22.08 4.63 14.70
CA GLY C 836 -20.84 4.39 13.98
C GLY C 836 -20.34 2.95 14.01
N ASP C 837 -20.87 2.11 14.91
CA ASP C 837 -20.53 0.68 14.87
C ASP C 837 -21.22 0.07 13.64
N LYS C 838 -20.66 -1.01 13.11
CA LYS C 838 -21.09 -1.55 11.82
C LYS C 838 -21.84 -2.87 11.95
N LEU C 839 -23.01 -2.97 11.28
CA LEU C 839 -23.85 -4.18 11.27
C LEU C 839 -23.99 -4.76 9.86
N ALA C 840 -24.21 -6.08 9.81
CA ALA C 840 -24.46 -6.77 8.54
C ALA C 840 -25.24 -8.05 8.78
N ASN C 841 -25.98 -8.49 7.75
CA ASN C 841 -26.65 -9.78 7.74
C ASN C 841 -25.86 -10.72 6.84
N ARG C 842 -26.39 -11.91 6.68
CA ARG C 842 -25.66 -12.91 5.93
C ARG C 842 -25.79 -12.77 4.42
N HIS C 843 -26.60 -11.85 3.91
CA HIS C 843 -26.76 -11.72 2.46
C HIS C 843 -25.96 -10.56 1.88
N GLY C 844 -25.19 -9.86 2.71
CA GLY C 844 -24.35 -8.80 2.22
C GLY C 844 -24.93 -7.41 2.39
N ASN C 845 -26.03 -7.26 3.11
CA ASN C 845 -26.47 -5.91 3.42
C ASN C 845 -25.65 -5.49 4.62
N LYS C 846 -24.93 -4.39 4.48
CA LYS C 846 -24.05 -3.96 5.56
C LYS C 846 -24.19 -2.45 5.64
N GLY C 847 -24.15 -1.93 6.87
CA GLY C 847 -24.28 -0.50 7.08
C GLY C 847 -23.92 -0.12 8.51
N VAL C 848 -23.65 1.18 8.69
CA VAL C 848 -23.27 1.72 9.99
C VAL C 848 -24.50 2.30 10.69
N VAL C 849 -24.53 2.22 12.03
CA VAL C 849 -25.68 2.70 12.80
C VAL C 849 -25.60 4.22 12.83
N ALA C 850 -26.56 4.87 12.17
CA ALA C 850 -26.56 6.34 12.08
C ALA C 850 -27.46 7.03 13.09
N LYS C 851 -28.44 6.31 13.66
CA LYS C 851 -29.42 6.89 14.58
C LYS C 851 -29.90 5.85 15.59
N ILE C 852 -29.96 6.26 16.85
CA ILE C 852 -30.64 5.45 17.85
C ILE C 852 -31.86 6.21 18.39
N LEU C 853 -33.12 5.72 18.00
CA LEU C 853 -34.33 6.42 18.40
C LEU C 853 -34.82 5.85 19.73
N PRO C 854 -35.41 6.68 20.59
CA PRO C 854 -36.08 6.16 21.79
C PRO C 854 -37.29 5.33 21.40
N VAL C 855 -37.63 4.35 22.24
CA VAL C 855 -38.66 3.38 21.85
C VAL C 855 -39.96 4.08 21.45
N GLU C 856 -40.25 5.26 22.01
CA GLU C 856 -41.52 5.91 21.70
C GLU C 856 -41.55 6.43 20.25
N ASP C 857 -40.39 6.63 19.57
CA ASP C 857 -40.33 7.04 18.16
C ASP C 857 -40.32 5.88 17.17
N MET C 858 -40.06 4.68 17.62
CA MET C 858 -39.94 3.57 16.72
C MET C 858 -41.29 3.17 16.14
N PRO C 859 -41.36 2.89 14.82
CA PRO C 859 -42.59 2.30 14.27
C PRO C 859 -42.92 1.00 14.98
N HIS C 860 -44.23 0.76 15.17
CA HIS C 860 -44.76 -0.35 15.97
C HIS C 860 -45.99 -1.03 15.37
N LEU C 861 -46.16 -2.29 15.73
CA LEU C 861 -47.32 -3.08 15.36
C LEU C 861 -48.58 -2.59 16.09
N PRO C 862 -49.78 -2.91 15.58
CA PRO C 862 -51.01 -2.47 16.27
C PRO C 862 -51.05 -2.90 17.71
N ASP C 863 -50.52 -4.07 18.04
CA ASP C 863 -50.61 -4.56 19.41
C ASP C 863 -49.56 -3.94 20.34
N GLY C 864 -48.79 -2.95 19.87
CA GLY C 864 -47.94 -2.14 20.71
C GLY C 864 -46.46 -2.47 20.69
N THR C 865 -46.09 -3.60 20.09
CA THR C 865 -44.69 -4.07 19.97
C THR C 865 -43.88 -3.20 19.01
N PRO C 866 -42.81 -2.52 19.48
CA PRO C 866 -41.98 -1.75 18.55
C PRO C 866 -40.97 -2.63 17.82
N VAL C 867 -40.64 -2.21 16.60
CA VAL C 867 -39.59 -2.85 15.82
C VAL C 867 -38.21 -2.46 16.37
N ASP C 868 -37.21 -3.29 16.02
CA ASP C 868 -35.81 -3.15 16.42
C ASP C 868 -34.96 -2.36 15.41
N VAL C 869 -34.93 -2.82 14.14
CA VAL C 869 -34.09 -2.22 13.10
C VAL C 869 -34.97 -1.72 11.97
N ILE C 870 -34.63 -0.56 11.40
CA ILE C 870 -35.31 -0.04 10.20
C ILE C 870 -34.29 -0.01 9.08
N LEU C 871 -34.48 -0.83 8.05
CA LEU C 871 -33.57 -0.90 6.90
C LEU C 871 -34.23 -0.23 5.69
N ASN C 872 -33.51 0.59 4.99
CA ASN C 872 -34.08 1.26 3.81
C ASN C 872 -34.27 0.28 2.65
N PRO C 873 -35.46 0.23 2.03
CA PRO C 873 -35.64 -0.71 0.90
C PRO C 873 -34.78 -0.39 -0.29
N LEU C 874 -34.23 0.83 -0.39
CA LEU C 874 -33.41 1.19 -1.55
C LEU C 874 -32.14 0.34 -1.66
N GLY C 875 -31.79 -0.38 -0.59
CA GLY C 875 -30.64 -1.25 -0.67
C GLY C 875 -30.91 -2.55 -1.39
N VAL C 876 -32.17 -2.99 -1.45
CA VAL C 876 -32.44 -4.27 -2.10
C VAL C 876 -32.34 -4.30 -3.63
N PRO C 877 -33.04 -3.47 -4.39
CA PRO C 877 -33.16 -3.79 -5.83
C PRO C 877 -31.86 -3.76 -6.62
N SER C 878 -30.95 -2.81 -6.38
CA SER C 878 -29.71 -2.80 -7.19
C SER C 878 -28.79 -3.93 -6.79
N ARG C 879 -28.85 -4.35 -5.52
CA ARG C 879 -27.97 -5.36 -4.98
C ARG C 879 -28.40 -6.78 -5.38
N MET C 880 -29.69 -7.00 -5.63
CA MET C 880 -30.23 -8.28 -6.08
C MET C 880 -29.97 -9.38 -5.08
N ASN C 881 -29.92 -9.06 -3.79
CA ASN C 881 -29.81 -10.07 -2.75
C ASN C 881 -31.17 -10.20 -2.11
N LEU C 882 -31.96 -11.17 -2.57
CA LEU C 882 -33.33 -11.32 -2.12
C LEU C 882 -33.47 -12.32 -1.00
N GLY C 883 -32.43 -13.09 -0.71
CA GLY C 883 -32.54 -14.04 0.35
C GLY C 883 -32.94 -13.34 1.63
N GLN C 884 -32.47 -12.10 1.82
CA GLN C 884 -32.82 -11.41 3.05
C GLN C 884 -34.34 -11.17 3.12
N ILE C 885 -34.99 -10.98 1.97
CA ILE C 885 -36.43 -10.77 1.97
C ILE C 885 -37.16 -12.05 2.37
N LEU C 886 -36.86 -13.16 1.68
CA LEU C 886 -37.46 -14.42 2.09
C LEU C 886 -37.11 -14.75 3.54
N GLU C 887 -35.87 -14.44 3.96
CA GLU C 887 -35.45 -14.65 5.36
C GLU C 887 -36.36 -13.90 6.34
N THR C 888 -36.79 -12.68 5.98
CA THR C 888 -37.65 -11.91 6.88
C THR C 888 -39.03 -12.53 7.00
N HIS C 889 -39.64 -12.93 5.87
CA HIS C 889 -40.99 -13.50 5.86
C HIS C 889 -41.05 -14.77 6.71
N LEU C 890 -40.19 -15.76 6.41
CA LEU C 890 -40.18 -16.94 7.27
C LEU C 890 -39.89 -16.53 8.71
N GLY C 891 -39.14 -15.45 8.88
CA GLY C 891 -38.86 -14.93 10.22
C GLY C 891 -40.08 -14.34 10.91
N LEU C 892 -41.02 -13.81 10.13
CA LEU C 892 -42.28 -13.28 10.68
C LEU C 892 -43.13 -14.39 11.27
N ALA C 893 -43.42 -15.43 10.47
CA ALA C 893 -44.12 -16.62 10.97
C ALA C 893 -43.46 -17.14 12.24
N GLY C 894 -42.13 -17.28 12.24
CA GLY C 894 -41.46 -17.83 13.40
C GLY C 894 -41.57 -16.95 14.63
N TYR C 895 -41.75 -15.64 14.44
CA TYR C 895 -41.86 -14.78 15.61
C TYR C 895 -43.11 -15.12 16.41
N PHE C 896 -44.25 -15.29 15.73
CA PHE C 896 -45.54 -15.61 16.38
C PHE C 896 -45.77 -17.10 16.69
N LEU C 897 -45.30 -18.00 15.83
CA LEU C 897 -45.44 -19.42 16.11
C LEU C 897 -44.42 -19.91 17.13
N GLY C 898 -43.45 -19.08 17.50
CA GLY C 898 -42.40 -19.51 18.40
C GLY C 898 -41.50 -20.60 17.86
N GLN C 899 -41.02 -20.47 16.61
CA GLN C 899 -40.16 -21.51 16.04
C GLN C 899 -39.00 -20.90 15.27
N ARG C 900 -38.01 -21.77 15.04
CA ARG C 900 -36.80 -21.54 14.27
C ARG C 900 -36.81 -22.61 13.19
N TYR C 901 -36.09 -22.37 12.09
CA TYR C 901 -36.16 -23.24 10.93
C TYR C 901 -34.76 -23.64 10.47
N ILE C 902 -34.69 -24.75 9.75
CA ILE C 902 -33.50 -25.15 9.01
C ILE C 902 -33.92 -25.18 7.55
N SER C 903 -33.48 -24.20 6.76
CA SER C 903 -33.80 -24.24 5.34
C SER C 903 -32.50 -24.45 4.57
N PRO C 904 -32.22 -25.65 4.08
CA PRO C 904 -30.93 -25.91 3.44
C PRO C 904 -30.81 -25.16 2.13
N ILE C 905 -29.55 -24.91 1.75
CA ILE C 905 -29.26 -24.22 0.50
C ILE C 905 -29.70 -25.04 -0.72
N PHE C 906 -30.45 -24.39 -1.59
CA PHE C 906 -30.83 -24.96 -2.88
C PHE C 906 -31.78 -26.14 -2.75
N ASP C 907 -31.89 -26.69 -1.54
CA ASP C 907 -33.00 -27.56 -1.19
C ASP C 907 -33.59 -26.93 0.07
N GLY C 908 -34.53 -26.00 -0.12
CA GLY C 908 -34.99 -25.19 0.98
C GLY C 908 -36.48 -25.09 1.21
N ALA C 909 -36.85 -24.17 2.10
CA ALA C 909 -38.23 -23.70 2.18
C ALA C 909 -38.52 -22.95 0.89
N LYS C 910 -39.60 -23.32 0.22
CA LYS C 910 -39.99 -22.61 -0.99
C LYS C 910 -41.17 -21.71 -0.66
N GLU C 911 -41.56 -20.88 -1.62
CA GLU C 911 -42.57 -19.84 -1.34
C GLU C 911 -43.88 -20.41 -0.79
N PRO C 912 -44.56 -21.37 -1.45
CA PRO C 912 -45.81 -21.91 -0.89
C PRO C 912 -45.68 -22.41 0.56
N GLU C 913 -44.60 -23.15 0.86
CA GLU C 913 -44.43 -23.70 2.21
C GLU C 913 -44.32 -22.61 3.26
N ILE C 914 -43.66 -21.51 2.90
CA ILE C 914 -43.55 -20.36 3.80
C ILE C 914 -44.91 -19.71 4.00
N LYS C 915 -45.73 -19.64 2.94
CA LYS C 915 -47.08 -19.10 3.02
C LYS C 915 -47.94 -19.89 3.99
N GLU C 916 -47.86 -21.24 3.97
CA GLU C 916 -48.63 -22.03 4.93
C GLU C 916 -48.26 -21.60 6.34
N LEU C 917 -46.96 -21.56 6.64
CA LEU C 917 -46.45 -21.12 7.94
C LEU C 917 -46.89 -19.69 8.29
N LEU C 918 -46.86 -18.75 7.31
CA LEU C 918 -47.29 -17.38 7.59
C LEU C 918 -48.78 -17.28 7.94
N ALA C 919 -49.62 -18.11 7.32
CA ALA C 919 -51.04 -18.05 7.63
C ALA C 919 -51.27 -18.48 9.07
N GLN C 920 -50.69 -19.62 9.46
CA GLN C 920 -50.79 -20.11 10.84
C GLN C 920 -50.38 -19.06 11.87
N ALA C 921 -49.45 -18.19 11.53
CA ALA C 921 -49.05 -17.14 12.47
C ALA C 921 -50.15 -16.10 12.62
N PHE C 922 -50.81 -15.75 11.52
CA PHE C 922 -51.82 -14.70 11.56
C PHE C 922 -52.89 -14.97 12.60
N GLU C 923 -53.30 -16.24 12.72
CA GLU C 923 -54.26 -16.62 13.76
C GLU C 923 -53.81 -16.15 15.14
N VAL C 924 -52.51 -16.27 15.45
CA VAL C 924 -52.08 -15.83 16.76
C VAL C 924 -51.98 -14.30 16.80
N TYR C 925 -51.62 -13.66 15.69
CA TYR C 925 -51.49 -12.21 15.71
C TYR C 925 -52.85 -11.52 15.79
N PHE C 926 -53.91 -12.18 15.33
CA PHE C 926 -55.25 -11.60 15.15
C PHE C 926 -56.28 -12.30 16.02
N GLY C 927 -56.44 -13.62 15.88
CA GLY C 927 -57.40 -14.36 16.69
C GLY C 927 -57.33 -14.04 18.17
N LYS C 928 -56.12 -13.82 18.71
CA LYS C 928 -55.98 -13.31 20.07
C LYS C 928 -56.83 -12.06 20.25
N ARG C 929 -56.68 -11.09 19.32
CA ARG C 929 -57.41 -9.84 19.37
C ARG C 929 -58.92 -10.02 19.30
N LYS C 930 -59.41 -10.84 18.35
CA LYS C 930 -60.87 -11.00 18.21
C LYS C 930 -61.48 -11.58 19.48
N GLY C 931 -60.78 -12.54 20.12
CA GLY C 931 -61.22 -13.05 21.40
C GLY C 931 -61.06 -12.09 22.57
N GLU C 932 -60.03 -11.23 22.53
CA GLU C 932 -59.74 -10.26 23.60
C GLU C 932 -60.75 -9.12 23.64
N GLY C 933 -61.70 -9.12 22.71
CA GLY C 933 -62.72 -8.09 22.63
C GLY C 933 -62.30 -6.82 21.94
N PHE C 934 -61.57 -6.93 20.83
CA PHE C 934 -61.22 -5.80 19.99
C PHE C 934 -61.49 -6.13 18.52
N GLY C 935 -62.04 -5.17 17.80
CA GLY C 935 -62.31 -5.31 16.40
C GLY C 935 -61.25 -4.59 15.59
N VAL C 936 -61.47 -4.55 14.28
CA VAL C 936 -60.53 -3.87 13.39
C VAL C 936 -60.42 -2.38 13.73
N ASP C 937 -59.22 -1.83 13.60
CA ASP C 937 -58.95 -0.42 13.87
C ASP C 937 -59.40 0.48 12.74
N LYS C 938 -59.70 1.74 13.09
CA LYS C 938 -60.00 2.75 12.08
C LYS C 938 -58.85 2.92 11.09
N ARG C 939 -57.64 3.03 11.60
CA ARG C 939 -56.47 3.26 10.75
C ARG C 939 -56.14 2.06 9.86
N GLU C 940 -56.38 0.84 10.35
CA GLU C 940 -56.21 -0.35 9.52
C GLU C 940 -57.11 -0.29 8.28
N VAL C 941 -58.29 0.33 8.40
CA VAL C 941 -59.16 0.52 7.24
C VAL C 941 -58.54 1.52 6.26
N GLU C 942 -58.01 2.64 6.77
CA GLU C 942 -57.43 3.62 5.87
C GLU C 942 -56.31 2.99 5.05
N VAL C 943 -55.44 2.22 5.69
CA VAL C 943 -54.36 1.51 4.98
C VAL C 943 -54.94 0.50 3.98
N LEU C 944 -55.99 -0.23 4.39
CA LEU C 944 -56.63 -1.18 3.49
C LEU C 944 -57.20 -0.49 2.26
N ARG C 945 -57.75 0.72 2.45
CA ARG C 945 -58.20 1.53 1.32
C ARG C 945 -57.03 1.71 0.35
N ARG C 946 -55.90 2.26 0.86
CA ARG C 946 -54.69 2.44 0.05
C ARG C 946 -54.20 1.11 -0.52
N ALA C 947 -54.38 0.02 0.22
CA ALA C 947 -53.86 -1.25 -0.28
C ALA C 947 -54.66 -1.77 -1.47
N GLU C 948 -55.99 -1.62 -1.48
CA GLU C 948 -56.73 -2.08 -2.64
C GLU C 948 -56.48 -1.22 -3.88
N LYS C 949 -56.12 0.06 -3.71
CA LYS C 949 -55.67 0.80 -4.89
C LYS C 949 -54.35 0.25 -5.43
N LEU C 950 -53.56 -0.44 -4.58
CA LEU C 950 -52.30 -1.02 -5.00
C LEU C 950 -52.45 -2.44 -5.51
N GLY C 951 -53.62 -3.04 -5.41
CA GLY C 951 -53.72 -4.42 -5.89
C GLY C 951 -53.15 -5.42 -4.93
N LEU C 952 -52.95 -5.02 -3.67
CA LEU C 952 -52.39 -5.91 -2.67
C LEU C 952 -53.42 -6.86 -2.09
N VAL C 953 -54.62 -6.34 -1.81
CA VAL C 953 -55.75 -7.11 -1.28
C VAL C 953 -56.85 -7.09 -2.33
N THR C 954 -57.69 -8.12 -2.32
CA THR C 954 -58.82 -8.21 -3.27
C THR C 954 -60.03 -7.39 -2.78
N PRO C 955 -60.59 -6.49 -3.61
CA PRO C 955 -61.71 -5.65 -3.15
C PRO C 955 -62.96 -6.48 -2.88
N GLY C 956 -63.60 -6.22 -1.74
CA GLY C 956 -64.84 -6.90 -1.44
C GLY C 956 -64.65 -8.02 -0.45
N LYS C 957 -63.81 -7.81 0.56
CA LYS C 957 -63.61 -8.82 1.60
C LYS C 957 -63.62 -8.14 2.95
N THR C 958 -63.83 -8.94 3.99
CA THR C 958 -63.82 -8.38 5.33
C THR C 958 -62.41 -7.90 5.64
N PRO C 959 -62.27 -6.95 6.55
CA PRO C 959 -60.92 -6.54 6.97
C PRO C 959 -60.00 -7.68 7.39
N GLU C 960 -60.49 -8.69 8.13
CA GLU C 960 -59.67 -9.85 8.47
C GLU C 960 -59.19 -10.55 7.21
N GLU C 961 -60.09 -10.76 6.24
CA GLU C 961 -59.68 -11.42 5.00
C GLU C 961 -58.59 -10.63 4.27
N GLN C 962 -58.72 -9.30 4.24
CA GLN C 962 -57.70 -8.48 3.57
C GLN C 962 -56.39 -8.41 4.35
N LEU C 963 -56.44 -8.23 5.69
CA LEU C 963 -55.22 -8.23 6.49
C LEU C 963 -54.44 -9.53 6.36
N LYS C 964 -55.14 -10.67 6.34
CA LYS C 964 -54.45 -11.94 6.14
C LYS C 964 -53.83 -11.98 4.74
N GLU C 965 -54.51 -11.43 3.73
CA GLU C 965 -53.92 -11.36 2.39
C GLU C 965 -52.60 -10.58 2.40
N LEU C 966 -52.54 -9.50 3.19
CA LEU C 966 -51.30 -8.75 3.34
C LEU C 966 -50.28 -9.52 4.14
N PHE C 967 -50.74 -10.19 5.19
CA PHE C 967 -49.82 -10.94 6.04
C PHE C 967 -49.16 -12.09 5.26
N LEU C 968 -49.84 -12.69 4.28
CA LEU C 968 -49.23 -13.72 3.43
C LEU C 968 -48.20 -13.15 2.44
N GLN C 969 -48.24 -11.84 2.19
CA GLN C 969 -47.25 -11.15 1.38
C GLN C 969 -46.16 -10.61 2.28
N GLY C 970 -46.24 -10.96 3.58
CA GLY C 970 -45.27 -10.59 4.58
C GLY C 970 -45.37 -9.16 5.03
N LYS C 971 -46.50 -8.49 4.76
CA LYS C 971 -46.68 -7.09 5.14
C LYS C 971 -47.69 -6.93 6.27
N VAL C 972 -47.47 -5.92 7.11
CA VAL C 972 -48.36 -5.63 8.24
C VAL C 972 -48.64 -4.14 8.26
N VAL C 973 -49.68 -3.76 9.04
CA VAL C 973 -49.96 -2.34 9.27
C VAL C 973 -48.97 -1.81 10.31
N LEU C 974 -48.44 -0.62 10.08
CA LEU C 974 -47.41 -0.12 10.99
C LEU C 974 -47.76 1.30 11.42
N TYR C 975 -47.71 1.57 12.73
CA TYR C 975 -48.04 2.89 13.23
C TYR C 975 -46.75 3.64 13.53
N ASP C 976 -46.68 4.89 13.09
CA ASP C 976 -45.57 5.78 13.40
C ASP C 976 -45.68 6.27 14.85
N GLY C 977 -44.67 5.98 15.66
CA GLY C 977 -44.74 6.38 17.07
C GLY C 977 -44.75 7.88 17.31
N ARG C 978 -44.25 8.68 16.34
CA ARG C 978 -44.26 10.15 16.46
C ARG C 978 -45.67 10.71 16.33
N THR C 979 -46.37 10.38 15.23
CA THR C 979 -47.72 10.85 14.93
C THR C 979 -48.83 10.02 15.55
N GLY C 980 -48.69 8.71 15.52
CA GLY C 980 -49.76 7.81 15.84
C GLY C 980 -50.55 7.37 14.63
N GLU C 981 -50.44 8.10 13.52
CA GLU C 981 -51.10 7.80 12.26
C GLU C 981 -50.43 6.59 11.63
N PRO C 982 -51.12 5.82 10.80
CA PRO C 982 -50.48 4.64 10.22
C PRO C 982 -49.49 5.04 9.12
N ILE C 983 -48.59 4.11 8.78
CA ILE C 983 -47.85 4.35 7.56
C ILE C 983 -48.84 4.14 6.42
N GLU C 984 -48.78 5.01 5.41
CA GLU C 984 -49.84 5.03 4.41
C GLU C 984 -49.93 3.71 3.65
N GLY C 985 -49.03 2.80 3.91
CA GLY C 985 -49.05 1.51 3.27
C GLY C 985 -48.60 0.40 4.18
N PRO C 986 -48.92 -0.82 3.81
CA PRO C 986 -48.46 -1.97 4.58
C PRO C 986 -46.97 -2.13 4.29
N ILE C 987 -46.21 -2.50 5.35
CA ILE C 987 -44.76 -2.49 5.41
C ILE C 987 -44.30 -3.92 5.69
N VAL C 988 -43.18 -4.35 5.12
CA VAL C 988 -42.66 -5.70 5.38
C VAL C 988 -42.01 -5.72 6.76
N VAL C 989 -42.42 -6.63 7.63
CA VAL C 989 -41.82 -6.72 8.97
C VAL C 989 -41.60 -8.19 9.30
N GLY C 990 -40.48 -8.49 9.97
CA GLY C 990 -40.16 -9.87 10.36
C GLY C 990 -38.85 -9.97 11.14
N GLN C 991 -38.50 -11.22 11.51
CA GLN C 991 -37.26 -11.47 12.25
C GLN C 991 -36.10 -11.75 11.30
N MET C 992 -35.04 -10.95 11.44
CA MET C 992 -33.79 -11.10 10.69
C MET C 992 -32.60 -11.31 11.62
N PHE C 993 -31.62 -12.10 11.14
CA PHE C 993 -30.35 -12.33 11.82
C PHE C 993 -29.30 -11.32 11.36
N ILE C 994 -28.86 -10.47 12.29
CA ILE C 994 -27.93 -9.36 12.01
C ILE C 994 -26.77 -9.44 13.00
N MET C 995 -25.54 -9.28 12.50
CA MET C 995 -24.33 -9.39 13.29
C MET C 995 -23.68 -8.03 13.51
N LYS C 996 -22.97 -7.89 14.63
CA LYS C 996 -22.18 -6.69 14.89
C LYS C 996 -20.75 -6.97 14.47
N LEU C 997 -20.25 -6.27 13.46
CA LEU C 997 -18.94 -6.58 12.93
C LEU C 997 -17.80 -5.93 13.74
N TYR C 998 -16.56 -6.31 13.41
CA TYR C 998 -15.38 -5.90 14.15
C TYR C 998 -14.96 -4.43 13.95
N HIS C 999 -15.57 -3.68 13.04
CA HIS C 999 -15.23 -2.28 12.80
C HIS C 999 -16.10 -1.38 13.68
N MET C 1000 -15.51 -0.81 14.73
CA MET C 1000 -16.25 -0.08 15.76
C MET C 1000 -15.60 1.27 15.91
N VAL C 1001 -16.39 2.35 15.95
CA VAL C 1001 -15.79 3.70 16.01
C VAL C 1001 -14.81 3.86 17.16
N GLU C 1002 -15.09 3.26 18.32
CA GLU C 1002 -14.18 3.46 19.44
C GLU C 1002 -12.74 3.16 19.01
N ASP C 1003 -12.56 2.15 18.14
CA ASP C 1003 -11.25 1.79 17.66
C ASP C 1003 -10.73 2.78 16.63
N LYS C 1004 -11.62 3.35 15.79
CA LYS C 1004 -11.18 4.15 14.64
C LYS C 1004 -11.11 5.66 14.83
N MET C 1005 -11.70 6.26 15.85
CA MET C 1005 -11.67 7.71 15.88
C MET C 1005 -10.30 8.22 16.34
N HIS C 1006 -9.74 9.17 15.59
CA HIS C 1006 -8.41 9.70 15.87
C HIS C 1006 -8.27 11.14 15.37
N ALA C 1007 -7.52 11.96 16.12
CA ALA C 1007 -7.22 13.33 15.74
C ALA C 1007 -5.90 13.77 16.38
N ARG C 1008 -5.21 14.73 15.77
CA ARG C 1008 -3.92 15.22 16.26
C ARG C 1008 -3.81 16.72 16.02
N SER C 1009 -3.36 17.45 17.03
CA SER C 1009 -3.01 18.87 16.83
C SER C 1009 -1.56 18.87 16.34
N THR C 1010 -0.58 18.61 17.24
CA THR C 1010 0.83 18.32 16.93
C THR C 1010 1.28 17.04 17.65
N GLY C 1011 2.45 16.49 17.24
CA GLY C 1011 2.89 15.19 17.74
C GLY C 1011 4.27 14.71 17.27
N PRO C 1012 4.49 13.37 17.33
CA PRO C 1012 5.78 12.80 16.90
C PRO C 1012 6.13 13.04 15.44
N TYR C 1013 7.43 13.26 15.17
CA TYR C 1013 7.96 13.45 13.82
C TYR C 1013 8.97 12.37 13.47
N SER C 1014 9.19 12.19 12.17
CA SER C 1014 10.11 11.20 11.63
C SER C 1014 11.55 11.72 11.71
N LEU C 1015 12.52 10.79 11.76
CA LEU C 1015 13.92 11.21 11.93
C LEU C 1015 14.46 12.07 10.79
N ILE C 1016 14.48 11.52 9.57
CA ILE C 1016 15.15 12.23 8.46
C ILE C 1016 14.28 13.35 7.93
N THR C 1017 12.98 13.06 7.70
CA THR C 1017 12.08 14.01 7.04
C THR C 1017 11.49 15.08 7.95
N GLN C 1018 11.44 14.86 9.26
CA GLN C 1018 10.80 15.77 10.23
C GLN C 1018 9.30 15.97 9.96
N GLN C 1019 8.64 15.03 9.21
CA GLN C 1019 7.19 15.07 9.00
C GLN C 1019 6.48 14.20 10.03
N PRO C 1020 5.21 14.52 10.31
CA PRO C 1020 4.45 13.72 11.30
C PRO C 1020 4.46 12.24 10.95
N LEU C 1021 4.39 11.40 11.99
CA LEU C 1021 4.34 9.96 11.83
C LEU C 1021 2.97 9.56 11.31
N GLY C 1022 2.84 8.28 10.97
CA GLY C 1022 1.59 7.70 10.50
C GLY C 1022 0.92 6.88 11.57
N GLY C 1023 -0.40 6.71 11.40
CA GLY C 1023 -1.16 5.73 12.20
C GLY C 1023 -1.66 6.17 13.57
N LYS C 1024 -2.79 5.60 13.99
CA LYS C 1024 -3.38 6.01 15.27
C LYS C 1024 -2.48 5.67 16.45
N ALA C 1025 -1.79 4.52 16.40
CA ALA C 1025 -1.05 4.11 17.57
C ALA C 1025 0.15 5.01 17.82
N GLN C 1026 0.66 5.67 16.79
CA GLN C 1026 1.78 6.58 16.99
C GLN C 1026 1.33 8.01 17.20
N PHE C 1027 0.04 8.25 17.27
CA PHE C 1027 -0.49 9.61 17.34
C PHE C 1027 -0.11 10.40 16.08
N GLY C 1028 -0.26 9.73 14.93
CA GLY C 1028 0.21 10.23 13.66
C GLY C 1028 -0.69 11.29 13.09
N GLY C 1029 -0.19 11.97 12.11
CA GLY C 1029 -0.98 12.87 11.32
C GLY C 1029 -1.55 12.18 10.09
N GLN C 1030 -2.56 12.78 9.50
CA GLN C 1030 -3.14 12.16 8.33
C GLN C 1030 -2.24 12.40 7.15
N ARG C 1031 -2.21 11.46 6.22
CA ARG C 1031 -1.42 11.68 5.02
C ARG C 1031 -2.18 12.54 4.05
N PHE C 1032 -1.64 13.70 3.73
CA PHE C 1032 -2.17 14.55 2.66
C PHE C 1032 -1.32 14.33 1.42
N GLY C 1033 -1.80 13.46 0.50
CA GLY C 1033 -0.99 12.93 -0.57
C GLY C 1033 -1.09 13.72 -1.89
N GLU C 1034 -0.41 13.15 -2.92
CA GLU C 1034 -0.37 13.77 -4.24
C GLU C 1034 -1.77 14.14 -4.72
N MET C 1035 -2.74 13.22 -4.61
CA MET C 1035 -4.06 13.54 -5.15
C MET C 1035 -4.76 14.62 -4.30
N GLU C 1036 -4.51 14.64 -2.98
CA GLU C 1036 -5.07 15.68 -2.13
C GLU C 1036 -4.51 17.05 -2.49
N VAL C 1037 -3.21 17.13 -2.77
CA VAL C 1037 -2.64 18.41 -3.23
C VAL C 1037 -3.35 18.86 -4.49
N TRP C 1038 -3.59 17.94 -5.42
CA TRP C 1038 -4.32 18.30 -6.64
C TRP C 1038 -5.68 18.91 -6.29
N ALA C 1039 -6.39 18.32 -5.33
CA ALA C 1039 -7.68 18.89 -4.94
C ALA C 1039 -7.53 20.34 -4.51
N LEU C 1040 -6.61 20.62 -3.59
CA LEU C 1040 -6.39 22.00 -3.16
C LEU C 1040 -5.96 22.90 -4.32
N GLU C 1041 -5.15 22.36 -5.24
CA GLU C 1041 -4.70 23.12 -6.41
C GLU C 1041 -5.82 23.50 -7.34
N ALA C 1042 -6.74 22.56 -7.61
CA ALA C 1042 -7.78 22.86 -8.58
C ALA C 1042 -8.73 23.93 -8.07
N TYR C 1043 -8.88 24.01 -6.74
CA TYR C 1043 -9.65 25.05 -6.09
C TYR C 1043 -8.89 26.38 -6.07
N GLY C 1044 -7.60 26.33 -6.33
CA GLY C 1044 -6.79 27.51 -6.22
C GLY C 1044 -6.61 27.97 -4.80
N ALA C 1045 -6.63 27.07 -3.82
CA ALA C 1045 -6.50 27.56 -2.45
C ALA C 1045 -5.03 27.48 -2.11
N ALA C 1046 -4.30 28.57 -2.33
CA ALA C 1046 -2.85 28.43 -2.29
C ALA C 1046 -2.34 28.49 -0.85
N HIS C 1047 -2.95 29.34 -0.03
CA HIS C 1047 -2.45 29.52 1.32
C HIS C 1047 -2.85 28.34 2.19
N THR C 1048 -3.99 27.74 1.89
CA THR C 1048 -4.36 26.51 2.56
C THR C 1048 -3.35 25.41 2.23
N LEU C 1049 -3.08 25.24 0.93
CA LEU C 1049 -2.09 24.28 0.45
C LEU C 1049 -0.71 24.53 1.04
N GLN C 1050 -0.27 25.79 1.06
CA GLN C 1050 1.05 26.09 1.58
C GLN C 1050 1.14 25.71 3.04
N GLU C 1051 0.07 25.93 3.81
CA GLU C 1051 0.04 25.48 5.20
C GLU C 1051 0.26 23.97 5.30
N MET C 1052 -0.45 23.20 4.49
CA MET C 1052 -0.24 21.74 4.48
C MET C 1052 1.22 21.40 4.17
N LEU C 1053 1.85 22.12 3.24
CA LEU C 1053 3.22 21.81 2.85
C LEU C 1053 4.26 22.36 3.84
N THR C 1054 3.92 23.30 4.73
CA THR C 1054 4.97 23.85 5.59
C THR C 1054 4.62 23.79 7.09
N LEU C 1055 3.77 24.72 7.58
CA LEU C 1055 3.50 24.84 9.02
C LEU C 1055 2.88 23.58 9.65
N LYS C 1056 2.09 22.83 8.88
CA LYS C 1056 1.44 21.65 9.43
C LYS C 1056 2.27 20.39 9.24
N SER C 1057 3.48 20.49 8.67
CA SER C 1057 4.36 19.33 8.48
C SER C 1057 5.80 19.60 8.90
N ASP C 1058 6.73 19.64 7.93
CA ASP C 1058 8.17 19.66 8.23
C ASP C 1058 8.82 21.05 8.21
N ASP C 1059 8.08 22.16 8.13
CA ASP C 1059 8.79 23.43 8.25
C ASP C 1059 8.97 23.68 9.74
N ILE C 1060 10.22 23.58 10.21
CA ILE C 1060 10.49 23.55 11.65
C ILE C 1060 10.36 24.93 12.28
N GLU C 1061 11.07 25.91 11.72
CA GLU C 1061 10.93 27.29 12.22
C GLU C 1061 9.45 27.72 12.18
N GLY C 1062 8.76 27.44 11.07
CA GLY C 1062 7.35 27.81 10.95
C GLY C 1062 6.39 27.12 11.92
N ARG C 1063 6.53 25.79 12.09
CA ARG C 1063 5.56 25.08 12.94
C ARG C 1063 5.75 25.44 14.41
N ASN C 1064 6.99 25.59 14.86
CA ASN C 1064 7.20 26.05 16.23
C ASN C 1064 6.58 27.44 16.39
N ALA C 1065 6.89 28.35 15.44
CA ALA C 1065 6.39 29.72 15.47
C ALA C 1065 4.86 29.78 15.36
N ALA C 1066 4.26 28.90 14.53
CA ALA C 1066 2.81 28.91 14.36
C ALA C 1066 2.07 28.53 15.63
N TYR C 1067 2.51 27.48 16.31
CA TYR C 1067 1.93 27.09 17.62
C TYR C 1067 2.04 28.22 18.63
N GLU C 1068 3.21 28.84 18.72
CA GLU C 1068 3.37 29.94 19.67
C GLU C 1068 2.33 31.03 19.39
N ALA C 1069 2.07 31.34 18.10
CA ALA C 1069 1.10 32.36 17.73
C ALA C 1069 -0.34 32.01 18.17
N ILE C 1070 -0.75 30.75 17.98
CA ILE C 1070 -2.14 30.40 18.32
C ILE C 1070 -2.39 30.51 19.82
N ILE C 1071 -1.43 30.08 20.64
CA ILE C 1071 -1.61 30.18 22.09
C ILE C 1071 -1.45 31.60 22.61
N LYS C 1072 -0.88 32.50 21.81
CA LYS C 1072 -0.80 33.92 22.17
C LYS C 1072 -1.90 34.74 21.52
N GLY C 1073 -2.74 34.16 20.67
CA GLY C 1073 -3.80 34.89 20.02
C GLY C 1073 -3.38 35.65 18.78
N GLU C 1074 -2.10 35.62 18.40
CA GLU C 1074 -1.63 36.20 17.15
C GLU C 1074 -1.94 35.29 15.97
N ASP C 1075 -1.91 35.86 14.77
CA ASP C 1075 -2.06 35.06 13.56
C ASP C 1075 -0.76 34.30 13.22
N VAL C 1076 -0.89 33.15 12.53
CA VAL C 1076 0.26 32.27 12.24
C VAL C 1076 1.19 32.95 11.24
N PRO C 1077 2.51 32.81 11.38
CA PRO C 1077 3.43 33.54 10.49
C PRO C 1077 3.48 32.94 9.09
N GLU C 1078 3.96 33.77 8.14
CA GLU C 1078 4.21 33.27 6.79
C GLU C 1078 5.28 32.18 6.86
N PRO C 1079 5.08 31.04 6.18
CA PRO C 1079 6.02 29.91 6.29
C PRO C 1079 7.41 30.15 5.72
N SER C 1080 8.32 29.26 6.12
CA SER C 1080 9.73 29.28 5.74
C SER C 1080 10.03 27.98 4.95
N VAL C 1081 11.30 27.75 4.62
CA VAL C 1081 11.68 26.55 3.82
C VAL C 1081 11.38 25.23 4.55
N PRO C 1082 10.65 24.32 3.90
CA PRO C 1082 10.37 23.00 4.49
C PRO C 1082 11.63 22.14 4.60
N GLU C 1083 11.81 21.50 5.77
CA GLU C 1083 13.02 20.72 6.03
C GLU C 1083 13.18 19.54 5.09
N SER C 1084 12.11 18.95 4.57
CA SER C 1084 12.34 17.82 3.67
C SER C 1084 12.89 18.24 2.31
N PHE C 1085 12.76 19.53 1.94
CA PHE C 1085 13.49 20.01 0.76
C PHE C 1085 14.99 20.13 1.00
N ARG C 1086 15.39 20.62 2.18
CA ARG C 1086 16.81 20.67 2.50
C ARG C 1086 17.41 19.27 2.44
N VAL C 1087 16.69 18.25 2.91
CA VAL C 1087 17.15 16.86 2.79
C VAL C 1087 17.34 16.52 1.33
N LEU C 1088 16.39 16.90 0.47
CA LEU C 1088 16.51 16.61 -0.95
C LEU C 1088 17.80 17.23 -1.52
N VAL C 1089 18.09 18.49 -1.17
CA VAL C 1089 19.27 19.18 -1.66
C VAL C 1089 20.55 18.43 -1.27
N LYS C 1090 20.68 18.11 0.02
CA LYS C 1090 21.84 17.38 0.51
C LYS C 1090 21.95 15.99 -0.10
N GLU C 1091 20.82 15.33 -0.36
CA GLU C 1091 20.92 14.01 -0.99
C GLU C 1091 21.43 14.11 -2.44
N LEU C 1092 21.11 15.19 -3.16
CA LEU C 1092 21.65 15.35 -4.50
C LEU C 1092 23.15 15.72 -4.46
N GLN C 1093 23.58 16.39 -3.39
CA GLN C 1093 25.00 16.64 -3.19
C GLN C 1093 25.73 15.34 -2.92
N ALA C 1094 25.11 14.43 -2.15
CA ALA C 1094 25.74 13.13 -1.95
C ALA C 1094 25.91 12.37 -3.27
N LEU C 1095 25.14 12.75 -4.29
CA LEU C 1095 25.26 12.19 -5.63
C LEU C 1095 26.18 13.02 -6.50
N ALA C 1096 26.88 13.98 -5.90
CA ALA C 1096 27.84 14.85 -6.58
C ALA C 1096 27.18 15.78 -7.60
N LEU C 1097 25.93 16.19 -7.31
CA LEU C 1097 25.20 17.20 -8.08
C LEU C 1097 25.04 18.47 -7.26
N ASP C 1098 25.32 19.61 -7.91
CA ASP C 1098 25.26 20.94 -7.29
C ASP C 1098 23.88 21.52 -7.50
N VAL C 1099 23.10 21.62 -6.43
CA VAL C 1099 21.77 22.21 -6.48
C VAL C 1099 21.85 23.58 -5.86
N GLN C 1100 21.52 24.61 -6.66
CA GLN C 1100 21.67 25.99 -6.23
C GLN C 1100 20.36 26.76 -6.35
N THR C 1101 19.90 27.29 -5.23
CA THR C 1101 18.81 28.23 -5.20
C THR C 1101 19.30 29.64 -5.58
N LEU C 1102 18.65 30.27 -6.56
CA LEU C 1102 19.05 31.57 -7.09
C LEU C 1102 17.99 32.66 -6.95
N ASP C 1103 18.41 33.93 -6.80
CA ASP C 1103 17.50 35.06 -6.86
C ASP C 1103 17.26 35.55 -8.30
N GLU C 1104 16.53 36.67 -8.45
CA GLU C 1104 16.15 37.15 -9.78
C GLU C 1104 17.35 37.67 -10.54
N LYS C 1105 18.42 38.02 -9.82
CA LYS C 1105 19.67 38.54 -10.35
C LYS C 1105 20.64 37.42 -10.67
N ASP C 1106 20.19 36.17 -10.57
CA ASP C 1106 20.98 34.95 -10.77
C ASP C 1106 22.10 34.79 -9.74
N ASN C 1107 21.98 35.42 -8.56
CA ASN C 1107 22.90 35.21 -7.44
C ASN C 1107 22.41 34.08 -6.54
N PRO C 1108 23.34 33.29 -6.02
CA PRO C 1108 22.97 32.21 -5.09
C PRO C 1108 22.24 32.73 -3.86
N VAL C 1109 21.23 31.97 -3.43
CA VAL C 1109 20.51 32.19 -2.18
C VAL C 1109 20.80 31.04 -1.20
N ASP C 1110 21.16 31.39 0.04
CA ASP C 1110 21.53 30.40 1.04
C ASP C 1110 20.35 30.00 1.88
N ILE C 1111 19.86 28.77 1.69
CA ILE C 1111 18.69 28.32 2.44
C ILE C 1111 19.10 27.64 3.75
N PHE C 1112 20.39 27.52 4.01
CA PHE C 1112 20.86 26.99 5.29
C PHE C 1112 21.26 28.08 6.27
N GLU C 1113 21.12 29.36 5.90
CA GLU C 1113 21.34 30.52 6.78
C GLU C 1113 22.73 30.44 7.43
N GLY C 1114 23.74 30.17 6.59
CA GLY C 1114 25.13 30.19 6.99
C GLY C 1114 25.66 28.96 7.68
N LEU C 1115 24.79 28.00 8.04
CA LEU C 1115 25.22 26.89 8.89
C LEU C 1115 26.15 25.88 8.20
N ALA C 1116 26.01 25.65 6.89
CA ALA C 1116 26.80 24.66 6.15
C ALA C 1116 27.99 25.22 5.37
N SER C 1117 28.30 26.50 5.47
CA SER C 1117 29.44 27.07 4.73
C SER C 1117 30.52 27.59 5.67
N LYS C 1118 31.77 27.30 5.30
CA LYS C 1118 32.96 27.62 6.09
C LYS C 1118 33.40 29.09 5.89
N LYS D 3 17.19 37.84 0.77
CA LYS D 3 16.69 37.79 -0.60
C LYS D 3 15.76 36.58 -0.87
N GLU D 4 14.89 36.68 -1.89
CA GLU D 4 13.88 35.66 -2.21
C GLU D 4 14.28 34.74 -3.36
N VAL D 5 13.94 33.47 -3.19
CA VAL D 5 14.32 32.39 -4.10
C VAL D 5 13.42 32.46 -5.34
N ARG D 6 14.01 32.78 -6.49
CA ARG D 6 13.25 32.78 -7.73
C ARG D 6 13.54 31.64 -8.71
N LYS D 7 14.60 30.84 -8.51
CA LYS D 7 15.12 29.89 -9.52
C LYS D 7 15.84 28.72 -8.86
N VAL D 8 15.84 27.55 -9.48
CA VAL D 8 16.72 26.45 -9.01
C VAL D 8 17.52 25.85 -10.17
N ARG D 9 18.87 25.97 -10.11
CA ARG D 9 19.82 25.42 -11.07
C ARG D 9 20.44 24.13 -10.53
N ILE D 10 20.65 23.15 -11.41
CA ILE D 10 21.38 21.93 -11.06
C ILE D 10 22.49 21.71 -12.08
N ALA D 11 23.70 21.44 -11.57
CA ALA D 11 24.89 21.29 -12.40
C ALA D 11 25.86 20.28 -11.76
N LEU D 12 26.77 19.81 -12.60
CA LEU D 12 27.87 18.93 -12.20
C LEU D 12 28.79 19.56 -11.16
N ALA D 13 29.37 18.71 -10.30
CA ALA D 13 30.26 19.16 -9.25
C ALA D 13 31.65 18.64 -9.54
N SER D 14 32.63 19.56 -9.66
CA SER D 14 34.04 19.21 -9.81
C SER D 14 34.54 18.51 -8.55
N PRO D 15 35.62 17.73 -8.65
CA PRO D 15 36.23 17.22 -7.41
C PRO D 15 36.71 18.36 -6.53
N GLU D 16 37.14 19.49 -7.11
CA GLU D 16 37.47 20.63 -6.26
C GLU D 16 36.27 21.08 -5.47
N LYS D 17 35.11 21.23 -6.13
CA LYS D 17 33.88 21.70 -5.47
C LYS D 17 33.38 20.68 -4.45
N ILE D 18 33.48 19.38 -4.77
CA ILE D 18 33.07 18.37 -3.81
C ILE D 18 33.83 18.57 -2.52
N ARG D 19 35.13 18.91 -2.64
CA ARG D 19 36.02 19.26 -1.53
C ARG D 19 35.67 20.64 -0.93
N SER D 20 35.12 21.56 -1.75
CA SER D 20 34.69 22.87 -1.26
C SER D 20 33.54 22.78 -0.27
N TRP D 21 32.76 21.69 -0.32
CA TRP D 21 31.63 21.48 0.59
C TRP D 21 32.15 20.91 1.90
N SER D 22 33.09 19.97 1.77
CA SER D 22 33.49 19.06 2.84
C SER D 22 34.17 19.75 4.02
N TYR D 23 33.78 19.29 5.23
CA TYR D 23 34.30 19.72 6.51
C TYR D 23 35.37 18.78 7.08
N GLY D 24 35.69 17.70 6.38
CA GLY D 24 36.69 16.75 6.85
C GLY D 24 36.69 15.47 6.03
N GLU D 25 37.75 14.67 6.08
CA GLU D 25 37.78 13.40 5.37
C GLU D 25 37.44 12.29 6.37
N VAL D 26 36.59 11.37 5.96
CA VAL D 26 36.21 10.25 6.81
C VAL D 26 37.27 9.18 6.57
N GLU D 27 38.13 8.97 7.56
CA GLU D 27 39.24 8.08 7.29
C GLU D 27 38.97 6.64 7.72
N LYS D 28 37.91 6.38 8.49
CA LYS D 28 37.74 5.04 9.07
C LYS D 28 36.31 4.54 8.89
N PRO D 29 36.15 3.24 8.61
CA PRO D 29 34.80 2.64 8.56
C PRO D 29 34.09 2.59 9.91
N GLU D 30 34.80 2.89 11.01
CA GLU D 30 34.19 2.89 12.34
C GLU D 30 32.98 3.81 12.40
N THR D 31 32.02 3.45 13.26
CA THR D 31 30.86 4.31 13.44
C THR D 31 30.87 4.98 14.80
N ILE D 32 30.49 4.24 15.85
CA ILE D 32 30.49 4.76 17.23
C ILE D 32 31.15 3.73 18.15
N ASN D 33 31.68 4.23 19.27
CA ASN D 33 32.42 3.36 20.20
C ASN D 33 31.49 2.39 20.93
N TYR D 34 31.87 1.10 20.92
CA TYR D 34 31.00 0.07 21.46
C TYR D 34 30.75 0.22 22.95
N ARG D 35 31.70 0.74 23.71
CA ARG D 35 31.41 0.96 25.13
C ARG D 35 30.74 2.31 25.38
N THR D 36 31.37 3.43 25.00
CA THR D 36 30.83 4.75 25.33
C THR D 36 29.59 5.13 24.50
N LEU D 37 29.37 4.48 23.35
CA LEU D 37 28.30 4.74 22.40
C LEU D 37 28.44 6.09 21.71
N LYS D 38 29.44 6.88 22.06
CA LYS D 38 29.81 8.12 21.39
C LYS D 38 30.52 7.84 20.04
N PRO D 39 30.49 8.82 19.11
CA PRO D 39 31.12 8.63 17.78
C PRO D 39 32.63 8.41 17.83
N GLU D 40 33.13 7.60 16.89
CA GLU D 40 34.55 7.30 16.77
C GLU D 40 35.25 8.47 16.07
N ARG D 41 36.39 8.89 16.60
CA ARG D 41 37.14 9.98 15.97
C ARG D 41 37.55 9.62 14.54
N ASP D 42 37.36 10.56 13.62
CA ASP D 42 37.69 10.45 12.20
C ASP D 42 36.80 9.45 11.45
N GLY D 43 35.80 8.87 12.13
CA GLY D 43 34.82 7.97 11.54
C GLY D 43 33.60 8.69 10.99
N LEU D 44 32.59 7.90 10.58
CA LEU D 44 31.41 8.43 9.87
C LEU D 44 30.56 9.40 10.72
N PHE D 45 30.57 9.28 12.06
CA PHE D 45 29.79 10.21 12.87
C PHE D 45 30.62 11.29 13.59
N ASP D 46 31.92 11.38 13.33
CA ASP D 46 32.81 12.28 14.09
C ASP D 46 32.26 13.70 14.19
N GLU D 47 32.23 14.23 15.41
CA GLU D 47 31.77 15.59 15.65
C GLU D 47 32.77 16.64 15.15
N ARG D 48 34.06 16.28 15.02
CA ARG D 48 35.05 17.23 14.52
C ARG D 48 34.75 17.60 13.07
N ILE D 49 34.05 16.73 12.36
CA ILE D 49 33.74 16.99 10.97
C ILE D 49 32.38 17.66 10.86
N PHE D 50 31.31 16.96 11.27
CA PHE D 50 29.92 17.35 10.98
C PHE D 50 29.20 18.21 12.02
N GLY D 51 29.82 18.54 13.15
CA GLY D 51 29.16 19.37 14.16
C GLY D 51 28.81 18.66 15.49
N PRO D 52 28.46 19.47 16.48
CA PRO D 52 28.19 18.95 17.83
C PRO D 52 26.87 18.21 17.99
N ILE D 53 26.89 17.13 18.78
CA ILE D 53 25.67 16.39 19.10
C ILE D 53 24.71 17.23 19.99
N LYS D 54 25.23 18.04 20.90
CA LYS D 54 24.40 18.82 21.81
C LYS D 54 24.53 20.31 21.52
N ASP D 55 23.43 21.06 21.68
CA ASP D 55 23.42 22.47 21.27
C ASP D 55 24.48 23.26 22.01
N TYR D 56 25.35 23.93 21.25
CA TYR D 56 26.35 24.83 21.81
C TYR D 56 27.20 24.14 22.88
N GLU D 57 27.53 22.87 22.66
CA GLU D 57 28.35 22.13 23.62
C GLU D 57 29.33 21.22 22.88
N CYS D 58 30.61 21.35 23.22
CA CYS D 58 31.67 20.57 22.60
C CYS D 58 31.71 19.14 23.15
N ALA D 59 32.58 18.30 22.56
CA ALA D 59 32.60 16.87 22.87
C ALA D 59 33.04 16.55 24.30
N CYS D 60 34.26 16.97 24.67
CA CYS D 60 34.84 16.69 25.99
C CYS D 60 34.25 17.56 27.11
N GLY D 61 33.55 18.63 26.76
CA GLY D 61 32.87 19.49 27.72
C GLY D 61 33.66 20.61 28.36
N LYS D 62 34.67 21.15 27.67
CA LYS D 62 35.36 22.32 28.20
C LYS D 62 34.51 23.59 28.03
N TYR D 63 33.89 23.77 26.85
CA TYR D 63 33.04 24.93 26.52
C TYR D 63 31.61 24.41 26.38
N LYS D 64 30.72 24.69 27.35
CA LYS D 64 29.38 24.09 27.29
C LYS D 64 28.19 24.98 26.87
N ARG D 65 28.33 26.29 26.66
CA ARG D 65 27.15 27.09 26.27
C ARG D 65 27.45 28.14 25.20
N GLN D 66 26.34 28.75 24.71
CA GLN D 66 26.22 29.66 23.57
C GLN D 66 27.01 30.96 23.65
N ARG D 67 27.57 31.34 24.80
CA ARG D 67 28.44 32.53 24.75
C ARG D 67 29.57 32.37 23.73
N PHE D 68 30.07 31.14 23.53
CA PHE D 68 30.99 30.79 22.46
C PHE D 68 30.23 30.15 21.30
N GLU D 69 30.19 30.84 20.16
CA GLU D 69 29.67 30.26 18.93
C GLU D 69 30.68 30.59 17.86
N GLY D 70 31.24 29.53 17.25
CA GLY D 70 32.37 29.64 16.34
C GLY D 70 33.70 29.20 16.91
N LYS D 71 33.81 29.02 18.23
CA LYS D 71 35.05 28.51 18.82
C LYS D 71 35.25 27.05 18.44
N VAL D 72 36.51 26.66 18.22
CA VAL D 72 36.81 25.25 17.99
C VAL D 72 37.74 24.77 19.10
N CYS D 73 37.21 23.89 19.95
CA CYS D 73 37.91 23.42 21.13
C CYS D 73 39.26 22.83 20.78
N GLU D 74 40.30 23.31 21.47
CA GLU D 74 41.67 22.86 21.21
C GLU D 74 41.86 21.39 21.55
N ARG D 75 41.24 20.93 22.65
CA ARG D 75 41.46 19.57 23.14
C ARG D 75 40.80 18.53 22.23
N CYS D 76 39.48 18.64 22.05
CA CYS D 76 38.69 17.67 21.28
C CYS D 76 38.40 18.07 19.82
N GLY D 77 38.57 19.34 19.42
CA GLY D 77 38.40 19.78 18.04
C GLY D 77 37.01 20.08 17.49
N VAL D 78 35.94 20.16 18.34
CA VAL D 78 34.55 20.31 17.89
C VAL D 78 34.07 21.75 17.95
N GLU D 79 33.38 22.19 16.89
CA GLU D 79 32.80 23.54 16.86
C GLU D 79 31.58 23.66 17.78
N VAL D 80 31.43 24.82 18.40
CA VAL D 80 30.28 25.13 19.22
C VAL D 80 29.23 25.88 18.38
N THR D 81 28.15 25.19 18.01
CA THR D 81 27.03 25.76 17.25
C THR D 81 25.83 24.90 17.57
N LYS D 82 24.74 25.11 16.83
CA LYS D 82 23.51 24.31 16.97
C LYS D 82 23.76 22.89 16.49
N SER D 83 23.21 21.91 17.21
CA SER D 83 23.42 20.51 16.82
C SER D 83 22.70 20.19 15.51
N ILE D 84 21.77 21.05 15.09
CA ILE D 84 21.05 20.91 13.83
C ILE D 84 22.01 20.76 12.64
N VAL D 85 23.24 21.29 12.76
CA VAL D 85 24.17 21.25 11.62
C VAL D 85 24.54 19.84 11.19
N ARG D 86 24.35 18.84 12.07
CA ARG D 86 24.61 17.47 11.65
C ARG D 86 23.65 17.00 10.54
N ARG D 87 22.66 17.82 10.18
CA ARG D 87 21.81 17.57 9.01
C ARG D 87 22.34 18.24 7.74
N TYR D 88 23.35 19.11 7.84
CA TYR D 88 23.69 19.99 6.74
C TYR D 88 25.11 19.76 6.25
N ARG D 89 26.11 19.85 7.14
CA ARG D 89 27.53 19.75 6.80
C ARG D 89 27.92 18.39 6.20
N MET D 90 28.56 18.43 5.03
CA MET D 90 29.00 17.26 4.28
C MET D 90 30.44 16.87 4.62
N GLY D 91 30.73 15.56 4.55
CA GLY D 91 32.08 15.05 4.55
C GLY D 91 32.52 14.63 3.15
N HIS D 92 33.68 13.98 3.08
CA HIS D 92 34.14 13.43 1.81
C HIS D 92 35.15 12.31 2.01
N ILE D 93 35.28 11.48 0.99
CA ILE D 93 36.25 10.40 0.94
C ILE D 93 37.19 10.66 -0.22
N GLU D 94 38.50 10.65 0.05
CA GLU D 94 39.51 10.88 -1.00
C GLU D 94 39.94 9.56 -1.61
N LEU D 95 39.50 9.31 -2.83
CA LEU D 95 39.80 8.07 -3.52
C LEU D 95 41.25 8.00 -3.94
N ALA D 96 41.79 6.79 -3.90
CA ALA D 96 43.16 6.59 -4.36
C ALA D 96 43.20 6.60 -5.90
N THR D 97 42.32 5.85 -6.57
CA THR D 97 42.22 5.94 -8.02
C THR D 97 40.85 6.51 -8.38
N PRO D 98 40.73 7.37 -9.39
CA PRO D 98 39.41 7.88 -9.79
C PRO D 98 38.40 6.76 -10.08
N ALA D 99 37.09 7.09 -9.86
CA ALA D 99 35.95 6.21 -10.15
C ALA D 99 34.87 6.93 -10.94
N ALA D 100 34.30 6.23 -11.92
CA ALA D 100 33.23 6.78 -12.74
C ALA D 100 31.91 6.85 -11.96
N HIS D 101 31.15 7.91 -12.20
CA HIS D 101 29.81 8.06 -11.64
C HIS D 101 28.84 7.25 -12.50
N ILE D 102 28.21 6.21 -11.90
CA ILE D 102 27.46 5.23 -12.71
C ILE D 102 26.31 5.84 -13.50
N TRP D 103 25.73 6.95 -13.03
CA TRP D 103 24.67 7.56 -13.81
C TRP D 103 25.16 7.97 -15.19
N PHE D 104 26.37 8.52 -15.27
CA PHE D 104 26.91 8.98 -16.55
C PHE D 104 27.55 7.86 -17.36
N VAL D 105 27.51 6.62 -16.89
CA VAL D 105 27.99 5.47 -17.65
C VAL D 105 26.81 4.64 -18.14
N LYS D 106 26.03 4.13 -17.20
CA LYS D 106 24.98 3.15 -17.45
C LYS D 106 23.62 3.76 -17.87
N ASP D 107 23.44 5.09 -17.85
CA ASP D 107 22.18 5.67 -18.30
C ASP D 107 22.34 5.89 -19.78
N VAL D 108 21.59 5.13 -20.57
CA VAL D 108 21.75 5.03 -22.02
C VAL D 108 20.99 6.07 -22.82
N PRO D 109 21.55 6.55 -23.95
CA PRO D 109 22.92 6.26 -24.39
C PRO D 109 23.93 6.98 -23.51
N SER D 110 24.99 6.27 -23.12
CA SER D 110 25.95 6.80 -22.18
C SER D 110 26.45 8.18 -22.57
N LYS D 111 26.56 9.07 -21.58
CA LYS D 111 27.03 10.42 -21.83
C LYS D 111 28.55 10.41 -22.05
N ILE D 112 29.27 9.69 -21.20
CA ILE D 112 30.71 9.47 -21.41
C ILE D 112 30.96 8.77 -22.75
N GLY D 113 30.24 7.65 -22.97
CA GLY D 113 30.39 6.91 -24.23
C GLY D 113 30.20 7.74 -25.50
N THR D 114 29.13 8.55 -25.56
CA THR D 114 28.91 9.36 -26.76
C THR D 114 30.04 10.37 -26.98
N LEU D 115 30.45 11.09 -25.93
CA LEU D 115 31.55 12.05 -26.09
C LEU D 115 32.82 11.42 -26.68
N LEU D 116 33.26 10.28 -26.14
CA LEU D 116 34.52 9.70 -26.57
C LEU D 116 34.38 8.75 -27.75
N ASP D 117 33.17 8.61 -28.31
CA ASP D 117 32.95 7.65 -29.41
C ASP D 117 33.36 6.23 -28.97
N LEU D 118 32.80 5.79 -27.85
CA LEU D 118 33.03 4.47 -27.28
C LEU D 118 31.69 3.76 -27.14
N SER D 119 31.62 2.50 -27.58
CA SER D 119 30.34 1.80 -27.52
C SER D 119 30.02 1.43 -26.07
N ALA D 120 28.84 0.81 -25.91
CA ALA D 120 28.43 0.36 -24.60
C ALA D 120 29.38 -0.74 -24.14
N THR D 121 29.66 -1.68 -25.04
CA THR D 121 30.54 -2.79 -24.67
C THR D 121 31.94 -2.29 -24.32
N GLU D 122 32.50 -1.38 -25.11
CA GLU D 122 33.86 -0.88 -24.86
C GLU D 122 33.97 -0.16 -23.52
N LEU D 123 33.08 0.79 -23.23
CA LEU D 123 33.14 1.51 -21.96
C LEU D 123 33.09 0.58 -20.74
N GLU D 124 32.25 -0.47 -20.80
CA GLU D 124 32.25 -1.50 -19.74
C GLU D 124 33.64 -2.09 -19.55
N GLN D 125 34.25 -2.55 -20.66
CA GLN D 125 35.52 -3.25 -20.66
C GLN D 125 36.66 -2.41 -20.10
N VAL D 126 36.73 -1.11 -20.42
CA VAL D 126 37.76 -0.26 -19.84
C VAL D 126 37.49 0.02 -18.38
N LEU D 127 36.23 0.39 -18.03
CA LEU D 127 35.87 0.76 -16.66
C LEU D 127 35.99 -0.40 -15.68
N TYR D 128 35.66 -1.62 -16.12
CA TYR D 128 35.65 -2.81 -15.28
C TYR D 128 36.86 -3.71 -15.51
N PHE D 129 37.94 -3.15 -16.09
CA PHE D 129 39.27 -3.76 -16.14
C PHE D 129 39.34 -5.06 -16.96
N SER D 130 38.58 -5.12 -18.08
CA SER D 130 38.68 -6.20 -19.06
C SER D 130 39.61 -5.92 -20.26
N LYS D 131 39.95 -4.66 -20.59
CA LYS D 131 40.70 -4.34 -21.81
C LYS D 131 41.44 -3.03 -21.60
N TYR D 132 42.63 -2.90 -22.19
CA TYR D 132 43.37 -1.63 -22.14
C TYR D 132 42.90 -0.68 -23.24
N ILE D 133 43.06 0.62 -22.98
CA ILE D 133 42.90 1.62 -24.02
C ILE D 133 44.17 2.48 -24.02
N VAL D 134 44.73 2.71 -25.21
CA VAL D 134 46.07 3.29 -25.36
C VAL D 134 46.04 4.81 -25.40
N LEU D 135 46.79 5.43 -24.48
CA LEU D 135 46.98 6.88 -24.52
C LEU D 135 48.12 7.28 -25.47
N ASP D 136 49.28 6.61 -25.39
CA ASP D 136 50.44 6.92 -26.23
C ASP D 136 51.20 5.69 -26.73
N PRO D 137 50.93 5.18 -27.95
CA PRO D 137 51.58 3.93 -28.41
C PRO D 137 53.12 3.93 -28.35
N LYS D 138 53.75 5.12 -28.37
CA LYS D 138 55.22 5.24 -28.36
C LYS D 138 55.82 4.34 -29.44
N GLY D 139 55.17 4.36 -30.61
CA GLY D 139 55.64 3.62 -31.75
C GLY D 139 55.42 2.13 -31.65
N ALA D 140 54.55 1.68 -30.75
CA ALA D 140 54.29 0.26 -30.66
C ALA D 140 53.60 -0.21 -31.94
N ILE D 141 53.77 -1.48 -32.25
CA ILE D 141 53.06 -2.11 -33.36
C ILE D 141 52.74 -3.55 -32.98
N LEU D 142 51.56 -4.02 -33.35
CA LEU D 142 51.09 -5.34 -32.95
C LEU D 142 50.49 -6.08 -34.14
N ASN D 143 51.03 -7.29 -34.41
CA ASN D 143 50.57 -8.14 -35.51
C ASN D 143 50.67 -7.42 -36.86
N GLY D 144 51.80 -6.72 -37.06
CA GLY D 144 52.15 -6.03 -38.28
C GLY D 144 51.57 -4.64 -38.52
N VAL D 145 50.59 -4.17 -37.74
CA VAL D 145 50.04 -2.84 -37.98
C VAL D 145 50.36 -1.94 -36.77
N PRO D 146 50.63 -0.65 -36.97
CA PRO D 146 51.00 0.19 -35.82
C PRO D 146 49.82 0.45 -34.89
N VAL D 147 50.11 0.42 -33.59
CA VAL D 147 49.10 0.74 -32.58
C VAL D 147 48.82 2.24 -32.58
N GLU D 148 47.55 2.60 -32.80
CA GLU D 148 47.09 3.99 -32.86
C GLU D 148 46.38 4.32 -31.55
N LYS D 149 46.52 5.58 -31.12
CA LYS D 149 45.90 6.03 -29.88
C LYS D 149 44.39 5.75 -29.88
N ARG D 150 43.83 5.49 -28.69
CA ARG D 150 42.44 5.05 -28.47
C ARG D 150 42.13 3.66 -29.02
N GLN D 151 43.14 2.81 -29.17
CA GLN D 151 42.94 1.40 -29.52
C GLN D 151 42.75 0.54 -28.26
N LEU D 152 41.82 -0.44 -28.34
CA LEU D 152 41.61 -1.37 -27.22
C LEU D 152 42.45 -2.64 -27.36
N LEU D 153 43.24 -2.95 -26.33
CA LEU D 153 44.08 -4.13 -26.30
C LEU D 153 43.60 -5.08 -25.21
N THR D 154 43.64 -6.40 -25.49
CA THR D 154 43.36 -7.39 -24.45
C THR D 154 44.56 -7.47 -23.49
N ASP D 155 44.47 -8.33 -22.47
CA ASP D 155 45.64 -8.46 -21.57
C ASP D 155 46.81 -9.13 -22.26
N GLU D 156 46.54 -10.18 -23.02
CA GLU D 156 47.58 -10.91 -23.72
C GLU D 156 48.25 -9.99 -24.72
N GLU D 157 47.46 -9.20 -25.45
CA GLU D 157 48.02 -8.26 -26.40
C GLU D 157 48.91 -7.25 -25.68
N TYR D 158 48.48 -6.76 -24.51
CA TYR D 158 49.26 -5.77 -23.78
C TYR D 158 50.58 -6.33 -23.28
N ARG D 159 50.58 -7.58 -22.79
CA ARG D 159 51.82 -8.18 -22.27
C ARG D 159 52.85 -8.36 -23.39
N GLU D 160 52.39 -8.77 -24.57
CA GLU D 160 53.29 -8.87 -25.71
C GLU D 160 53.89 -7.50 -26.06
N LEU D 161 53.08 -6.45 -26.05
CA LEU D 161 53.61 -5.11 -26.27
C LEU D 161 54.52 -4.65 -25.13
N ARG D 162 54.01 -4.73 -23.90
CA ARG D 162 54.64 -4.13 -22.73
C ARG D 162 55.82 -4.96 -22.21
N TYR D 163 55.64 -6.29 -22.02
CA TYR D 163 56.71 -7.14 -21.47
C TYR D 163 57.46 -8.04 -22.46
N GLY D 164 57.07 -8.08 -23.72
CA GLY D 164 57.71 -8.95 -24.68
C GLY D 164 57.08 -10.33 -24.67
N LYS D 165 57.42 -11.11 -25.68
CA LYS D 165 56.87 -12.45 -25.89
C LYS D 165 57.94 -13.50 -25.62
N GLN D 166 57.56 -14.55 -24.88
CA GLN D 166 58.49 -15.62 -24.52
C GLN D 166 57.70 -16.88 -24.23
N GLU D 167 58.40 -18.02 -24.21
CA GLU D 167 57.74 -19.30 -23.95
C GLU D 167 58.76 -20.24 -23.29
N THR D 168 58.29 -21.13 -22.43
CA THR D 168 59.16 -22.09 -21.76
C THR D 168 58.73 -23.52 -22.06
N TYR D 169 59.67 -24.35 -22.50
CA TYR D 169 59.39 -25.72 -22.94
C TYR D 169 60.03 -26.74 -22.00
N PRO D 170 59.24 -27.61 -21.40
CA PRO D 170 59.81 -28.61 -20.47
C PRO D 170 60.60 -29.66 -21.21
N LEU D 171 61.70 -30.08 -20.62
CA LEU D 171 62.49 -31.15 -21.23
C LEU D 171 62.26 -32.42 -20.43
N PRO D 172 61.86 -33.52 -21.08
CA PRO D 172 61.64 -34.76 -20.34
C PRO D 172 62.83 -35.10 -19.47
N PRO D 173 62.60 -35.59 -18.26
CA PRO D 173 63.70 -35.81 -17.30
C PRO D 173 64.82 -36.71 -17.84
N GLY D 174 66.06 -36.22 -17.69
CA GLY D 174 67.24 -36.93 -18.11
C GLY D 174 67.65 -36.72 -19.55
N VAL D 175 66.72 -36.27 -20.39
CA VAL D 175 67.00 -36.04 -21.80
C VAL D 175 67.77 -34.73 -21.90
N ASP D 176 68.85 -34.75 -22.64
CA ASP D 176 69.70 -33.58 -22.77
C ASP D 176 69.31 -32.80 -24.02
N ALA D 177 69.44 -31.47 -23.94
CA ALA D 177 68.98 -30.65 -25.03
C ALA D 177 69.94 -30.67 -26.21
N LEU D 178 69.35 -30.61 -27.40
CA LEU D 178 69.98 -30.52 -28.71
C LEU D 178 70.46 -29.11 -29.05
N VAL D 179 70.38 -28.13 -28.14
CA VAL D 179 70.83 -26.76 -28.41
C VAL D 179 71.61 -26.27 -27.20
N LYS D 180 72.46 -25.27 -27.41
CA LYS D 180 73.28 -24.75 -26.32
C LYS D 180 72.78 -23.41 -25.82
N ASP D 181 73.03 -23.17 -24.54
CA ASP D 181 72.64 -21.95 -23.83
C ASP D 181 73.19 -20.69 -24.52
N GLY D 182 72.29 -19.75 -24.89
CA GLY D 182 72.69 -18.52 -25.56
C GLY D 182 72.37 -18.50 -27.05
N GLU D 183 72.02 -19.65 -27.63
CA GLU D 183 71.87 -19.86 -29.07
C GLU D 183 70.60 -19.27 -29.70
N GLU D 184 70.77 -18.44 -30.73
CA GLU D 184 69.63 -17.94 -31.50
C GLU D 184 68.85 -19.10 -32.14
N VAL D 185 67.52 -19.04 -32.11
CA VAL D 185 66.67 -20.16 -32.56
C VAL D 185 65.52 -19.70 -33.48
N VAL D 186 65.31 -20.41 -34.60
CA VAL D 186 64.15 -20.17 -35.47
C VAL D 186 62.92 -20.91 -34.93
N LYS D 187 61.72 -20.42 -35.28
CA LYS D 187 60.49 -21.15 -34.98
C LYS D 187 60.46 -22.47 -35.73
N GLY D 188 60.11 -23.55 -35.00
CA GLY D 188 60.07 -24.89 -35.55
C GLY D 188 61.32 -25.73 -35.30
N GLN D 189 62.44 -25.08 -34.97
CA GLN D 189 63.70 -25.78 -34.68
C GLN D 189 63.50 -26.76 -33.51
N GLU D 190 64.22 -27.89 -33.57
CA GLU D 190 64.07 -28.93 -32.56
C GLU D 190 65.01 -28.69 -31.37
N LEU D 191 64.45 -28.47 -30.17
CA LEU D 191 65.28 -28.29 -28.97
C LEU D 191 65.71 -29.61 -28.31
N ALA D 192 64.78 -30.56 -28.16
CA ALA D 192 65.06 -31.83 -27.52
C ALA D 192 64.35 -32.95 -28.27
N PRO D 193 64.67 -34.25 -28.03
CA PRO D 193 63.98 -35.34 -28.75
C PRO D 193 62.47 -35.18 -28.85
N GLY D 194 61.79 -34.70 -27.81
CA GLY D 194 60.37 -34.48 -27.92
C GLY D 194 59.95 -33.03 -27.93
N VAL D 195 60.89 -32.08 -27.97
CA VAL D 195 60.60 -30.65 -27.80
C VAL D 195 60.96 -29.86 -29.06
N VAL D 196 60.00 -29.09 -29.57
CA VAL D 196 60.17 -28.24 -30.75
C VAL D 196 59.78 -26.81 -30.36
N SER D 197 60.65 -25.84 -30.65
CA SER D 197 60.38 -24.45 -30.29
C SER D 197 59.35 -23.81 -31.23
N ARG D 198 58.44 -23.02 -30.64
CA ARG D 198 57.36 -22.32 -31.33
C ARG D 198 57.65 -20.87 -31.76
N LEU D 199 58.78 -20.27 -31.39
CA LEU D 199 59.00 -18.85 -31.73
C LEU D 199 60.49 -18.57 -31.90
N ASP D 200 60.79 -17.48 -32.62
CA ASP D 200 62.16 -17.02 -32.76
C ASP D 200 62.64 -16.26 -31.53
N GLY D 201 63.96 -16.36 -31.28
CA GLY D 201 64.61 -15.67 -30.17
C GLY D 201 65.81 -16.43 -29.64
N VAL D 202 66.29 -15.95 -28.49
CA VAL D 202 67.43 -16.49 -27.75
C VAL D 202 66.94 -17.65 -26.89
N ALA D 203 67.56 -18.81 -27.02
CA ALA D 203 67.24 -19.92 -26.12
C ALA D 203 68.03 -19.73 -24.83
N LEU D 204 67.41 -20.01 -23.69
CA LEU D 204 68.09 -19.82 -22.42
C LEU D 204 67.95 -21.08 -21.57
N TYR D 205 69.07 -21.55 -20.99
CA TYR D 205 69.05 -22.68 -20.05
C TYR D 205 68.42 -22.32 -18.72
N ARG D 206 67.52 -23.17 -18.23
CA ARG D 206 66.91 -22.88 -16.92
C ARG D 206 67.68 -23.47 -15.73
N PHE D 207 67.58 -24.79 -15.54
CA PHE D 207 68.24 -25.45 -14.42
C PHE D 207 69.09 -26.66 -14.82
N PRO D 208 70.37 -26.46 -15.09
CA PRO D 208 71.22 -27.60 -15.46
C PRO D 208 71.30 -28.61 -14.32
N ARG D 209 70.96 -29.86 -14.64
CA ARG D 209 71.04 -30.95 -13.66
C ARG D 209 72.46 -31.50 -13.55
N ARG D 210 73.23 -31.44 -14.64
CA ARG D 210 74.59 -31.96 -14.70
C ARG D 210 75.55 -30.89 -15.23
N VAL D 211 76.56 -30.58 -14.42
CA VAL D 211 77.64 -29.67 -14.81
C VAL D 211 78.86 -30.54 -15.12
N ARG D 212 79.37 -30.49 -16.36
CA ARG D 212 80.60 -31.19 -16.74
C ARG D 212 81.76 -30.22 -16.84
N VAL D 213 82.80 -30.43 -16.02
CA VAL D 213 83.99 -29.60 -16.07
C VAL D 213 85.11 -30.37 -16.78
N GLU D 214 85.59 -29.83 -17.90
CA GLU D 214 86.73 -30.39 -18.62
C GLU D 214 87.96 -29.71 -18.03
N TYR D 215 88.74 -30.46 -17.25
CA TYR D 215 89.93 -29.90 -16.62
C TYR D 215 91.13 -29.96 -17.57
N VAL D 216 91.91 -28.86 -17.59
CA VAL D 216 93.07 -28.69 -18.46
C VAL D 216 94.32 -29.31 -17.84
N LYS D 217 94.93 -30.26 -18.56
CA LYS D 217 96.17 -30.94 -18.14
C LYS D 217 97.27 -30.76 -19.20
N LYS D 218 98.47 -30.33 -18.79
CA LYS D 218 99.61 -30.21 -19.71
C LYS D 218 100.73 -31.00 -19.05
N GLU D 219 101.11 -32.12 -19.68
CA GLU D 219 102.09 -33.07 -19.15
C GLU D 219 103.10 -33.56 -20.20
N ARG D 220 104.31 -33.86 -19.73
CA ARG D 220 105.40 -34.38 -20.55
C ARG D 220 105.49 -35.91 -20.37
N ALA D 221 105.19 -36.68 -21.44
CA ALA D 221 105.18 -38.15 -21.41
C ALA D 221 105.97 -38.71 -22.61
N GLY D 222 106.67 -39.88 -22.39
CA GLY D 222 107.48 -40.52 -23.39
C GLY D 222 106.91 -41.74 -24.14
N LEU D 223 107.48 -42.00 -25.32
CA LEU D 223 107.14 -43.18 -26.12
C LEU D 223 108.35 -43.63 -26.94
N ARG D 224 108.43 -44.95 -27.22
CA ARG D 224 109.48 -45.51 -28.08
C ARG D 224 108.85 -46.32 -29.21
N LEU D 225 109.32 -46.05 -30.43
CA LEU D 225 108.85 -46.63 -31.68
C LEU D 225 110.04 -47.01 -32.54
N PRO D 226 109.87 -47.96 -33.47
CA PRO D 226 110.89 -48.17 -34.50
C PRO D 226 111.13 -46.87 -35.26
N LEU D 227 112.13 -46.89 -36.14
CA LEU D 227 112.45 -45.66 -36.87
C LEU D 227 111.88 -45.71 -38.28
N ALA D 228 111.86 -46.90 -38.88
CA ALA D 228 111.36 -47.17 -40.22
C ALA D 228 109.82 -47.15 -40.23
N ALA D 229 109.21 -46.60 -39.17
CA ALA D 229 107.75 -46.64 -39.02
C ALA D 229 107.14 -45.33 -38.55
N TRP D 230 107.91 -44.38 -38.00
CA TRP D 230 107.36 -43.14 -37.45
C TRP D 230 107.51 -42.01 -38.45
N VAL D 231 106.48 -41.17 -38.55
CA VAL D 231 106.53 -40.00 -39.42
C VAL D 231 107.03 -38.82 -38.61
N GLU D 232 108.08 -38.19 -39.13
CA GLU D 232 108.75 -37.11 -38.43
C GLU D 232 107.91 -35.83 -38.49
N LYS D 233 107.50 -35.29 -37.35
CA LYS D 233 106.91 -33.94 -37.29
C LYS D 233 107.35 -33.37 -35.95
N GLU D 234 107.35 -32.05 -35.91
CA GLU D 234 107.72 -31.39 -34.68
C GLU D 234 106.56 -31.23 -33.73
N ALA D 235 105.33 -31.45 -34.19
CA ALA D 235 104.13 -31.36 -33.37
C ALA D 235 103.04 -32.18 -34.04
N TYR D 236 102.05 -32.58 -33.26
CA TYR D 236 100.94 -33.39 -33.76
C TYR D 236 99.59 -32.80 -33.38
N LYS D 237 98.75 -32.50 -34.38
CA LYS D 237 97.38 -32.08 -34.09
C LYS D 237 96.58 -33.32 -33.68
N PRO D 238 95.46 -33.13 -32.96
CA PRO D 238 94.67 -34.30 -32.55
C PRO D 238 94.19 -35.04 -33.79
N GLY D 239 94.24 -36.37 -33.73
CA GLY D 239 93.85 -37.20 -34.84
C GLY D 239 94.96 -37.48 -35.84
N GLU D 240 96.04 -36.68 -35.82
CA GLU D 240 97.14 -36.86 -36.77
C GLU D 240 97.90 -38.17 -36.55
N ILE D 241 98.29 -38.81 -37.65
CA ILE D 241 99.01 -40.09 -37.62
C ILE D 241 100.44 -39.86 -37.15
N LEU D 242 100.80 -40.54 -36.07
CA LEU D 242 102.12 -40.48 -35.45
C LEU D 242 103.11 -41.43 -36.13
N ALA D 243 102.71 -42.68 -36.43
CA ALA D 243 103.57 -43.68 -37.04
C ALA D 243 102.74 -44.78 -37.69
N GLU D 244 103.38 -45.56 -38.57
CA GLU D 244 102.75 -46.73 -39.20
C GLU D 244 103.71 -47.92 -39.17
N LEU D 245 103.29 -49.03 -38.50
CA LEU D 245 104.17 -50.19 -38.27
C LEU D 245 103.90 -51.30 -39.27
N PRO D 246 104.92 -51.82 -39.98
CA PRO D 246 104.69 -52.95 -40.90
C PRO D 246 104.13 -54.21 -40.23
N GLU D 247 104.69 -54.58 -39.07
CA GLU D 247 104.30 -55.73 -38.27
C GLU D 247 104.17 -55.23 -36.85
N PRO D 248 103.45 -55.95 -35.99
CA PRO D 248 103.31 -55.50 -34.59
C PRO D 248 104.65 -55.35 -33.88
N TYR D 249 104.74 -54.30 -33.07
CA TYR D 249 105.90 -53.91 -32.30
C TYR D 249 105.50 -53.92 -30.84
N LEU D 250 106.36 -54.44 -29.97
CA LEU D 250 106.08 -54.51 -28.54
C LEU D 250 106.79 -53.36 -27.84
N PHE D 251 106.03 -52.41 -27.32
CA PHE D 251 106.61 -51.32 -26.56
C PHE D 251 106.96 -51.83 -25.17
N ARG D 252 108.23 -51.67 -24.77
CA ARG D 252 108.73 -52.27 -23.55
C ARG D 252 109.04 -51.28 -22.43
N ALA D 253 108.92 -51.76 -21.20
CA ALA D 253 109.28 -50.96 -20.02
C ALA D 253 110.76 -50.58 -20.06
N GLU D 254 111.05 -49.31 -19.82
CA GLU D 254 112.42 -48.84 -19.60
C GLU D 254 112.75 -48.58 -18.13
N GLU D 255 111.82 -48.89 -17.23
CA GLU D 255 112.04 -48.83 -15.79
C GLU D 255 111.31 -49.98 -15.12
N GLU D 256 111.74 -50.30 -13.89
CA GLU D 256 110.98 -51.24 -13.06
C GLU D 256 110.03 -50.45 -12.16
N GLY D 257 108.81 -50.94 -12.00
CA GLY D 257 107.89 -50.27 -11.09
C GLY D 257 106.52 -50.92 -11.08
N VAL D 258 105.60 -50.32 -10.26
CA VAL D 258 104.19 -50.67 -10.25
C VAL D 258 103.45 -49.72 -11.20
N VAL D 259 102.46 -50.27 -11.90
CA VAL D 259 101.75 -49.56 -12.97
C VAL D 259 100.57 -48.77 -12.39
N GLU D 260 100.54 -47.45 -12.65
CA GLU D 260 99.32 -46.66 -12.48
C GLU D 260 98.75 -46.39 -13.87
N LEU D 261 97.65 -47.06 -14.22
CA LEU D 261 97.00 -46.91 -15.52
C LEU D 261 95.88 -45.87 -15.46
N LYS D 262 95.95 -44.86 -16.34
CA LYS D 262 94.93 -43.81 -16.51
C LYS D 262 94.44 -43.85 -17.95
N GLU D 263 93.20 -44.31 -18.16
CA GLU D 263 92.63 -44.50 -19.49
C GLU D 263 91.78 -43.31 -19.92
N LEU D 264 92.06 -42.77 -21.12
CA LEU D 264 91.23 -41.72 -21.68
C LEU D 264 90.08 -42.34 -22.50
N GLU D 265 89.30 -41.49 -23.17
CA GLU D 265 88.25 -41.96 -24.09
C GLU D 265 88.86 -42.90 -25.12
N GLU D 266 89.74 -42.38 -25.97
CA GLU D 266 90.65 -43.23 -26.73
C GLU D 266 92.09 -42.85 -26.39
N GLY D 267 93.00 -43.83 -26.52
CA GLY D 267 94.36 -43.68 -26.07
C GLY D 267 94.50 -43.95 -24.58
N ALA D 268 95.74 -44.08 -24.14
CA ALA D 268 96.03 -44.36 -22.73
C ALA D 268 97.33 -43.69 -22.25
N PHE D 269 97.38 -43.54 -20.93
CA PHE D 269 98.56 -43.15 -20.15
C PHE D 269 98.93 -44.32 -19.25
N LEU D 270 100.23 -44.52 -19.08
CA LEU D 270 100.73 -45.59 -18.24
C LEU D 270 101.81 -44.96 -17.38
N VAL D 271 101.79 -45.19 -16.07
CA VAL D 271 102.75 -44.52 -15.17
C VAL D 271 103.37 -45.50 -14.19
N LEU D 272 104.68 -45.68 -14.28
CA LEU D 272 105.45 -46.54 -13.40
C LEU D 272 105.96 -45.77 -12.17
N ARG D 273 105.77 -46.32 -10.98
CA ARG D 273 106.35 -45.75 -9.77
C ARG D 273 106.92 -46.85 -8.88
N ARG D 274 108.11 -46.60 -8.32
CA ARG D 274 108.72 -47.41 -7.25
C ARG D 274 108.71 -46.61 -5.95
N GLU D 275 108.40 -47.30 -4.84
CA GLU D 275 107.87 -46.57 -3.69
C GLU D 275 106.65 -45.79 -4.20
N ASP D 276 106.47 -44.53 -3.78
CA ASP D 276 105.47 -43.66 -4.41
C ASP D 276 106.07 -42.63 -5.39
N GLU D 277 107.37 -42.66 -5.64
CA GLU D 277 107.99 -41.67 -6.51
C GLU D 277 107.81 -42.11 -7.96
N PRO D 278 107.12 -41.33 -8.81
CA PRO D 278 106.94 -41.77 -10.21
C PRO D 278 108.27 -41.82 -10.94
N VAL D 279 108.59 -42.98 -11.51
CA VAL D 279 109.81 -43.14 -12.31
C VAL D 279 109.63 -42.99 -13.84
N ALA D 280 108.42 -43.14 -14.36
CA ALA D 280 108.23 -43.03 -15.80
C ALA D 280 106.79 -42.62 -16.12
N THR D 281 106.64 -41.92 -17.25
CA THR D 281 105.32 -41.57 -17.79
C THR D 281 105.32 -41.95 -19.26
N TYR D 282 104.51 -42.92 -19.65
CA TYR D 282 104.47 -43.34 -21.04
C TYR D 282 103.12 -42.95 -21.65
N PHE D 283 103.13 -42.68 -22.96
CA PHE D 283 101.92 -42.33 -23.67
C PHE D 283 101.63 -43.39 -24.72
N LEU D 284 100.48 -44.04 -24.61
CA LEU D 284 100.08 -45.03 -25.59
C LEU D 284 99.01 -44.42 -26.50
N PRO D 285 99.35 -44.10 -27.76
CA PRO D 285 98.34 -43.57 -28.70
C PRO D 285 97.31 -44.59 -29.13
N VAL D 286 96.42 -44.21 -30.04
CA VAL D 286 95.42 -45.14 -30.55
C VAL D 286 96.10 -46.07 -31.54
N GLY D 287 95.75 -47.36 -31.46
CA GLY D 287 96.43 -48.40 -32.21
C GLY D 287 97.42 -49.16 -31.36
N MET D 288 97.45 -48.86 -30.06
CA MET D 288 98.37 -49.43 -29.10
C MET D 288 97.54 -49.93 -27.92
N THR D 289 97.49 -51.25 -27.74
CA THR D 289 96.63 -51.92 -26.76
C THR D 289 97.41 -52.25 -25.49
N PRO D 290 97.07 -51.68 -24.33
CA PRO D 290 97.75 -52.08 -23.09
C PRO D 290 97.69 -53.58 -22.80
N LEU D 291 98.87 -54.15 -22.52
CA LEU D 291 99.06 -55.53 -22.04
C LEU D 291 99.23 -55.64 -20.52
N VAL D 292 99.09 -54.53 -19.77
CA VAL D 292 99.19 -54.52 -18.32
C VAL D 292 97.89 -53.96 -17.71
N VAL D 293 97.71 -54.21 -16.40
CA VAL D 293 96.53 -53.73 -15.67
C VAL D 293 96.98 -52.83 -14.51
N HIS D 294 96.07 -51.98 -14.04
CA HIS D 294 96.41 -51.05 -12.97
C HIS D 294 96.97 -51.81 -11.76
N GLY D 295 98.03 -51.25 -11.16
CA GLY D 295 98.66 -51.80 -9.96
C GLY D 295 99.48 -53.06 -10.17
N GLU D 296 100.00 -53.26 -11.38
CA GLU D 296 100.81 -54.42 -11.75
C GLU D 296 102.30 -54.11 -11.67
N ILE D 297 103.06 -55.05 -11.12
CA ILE D 297 104.52 -54.95 -11.06
C ILE D 297 105.13 -55.34 -12.41
N VAL D 298 106.01 -54.48 -12.93
CA VAL D 298 106.72 -54.78 -14.17
C VAL D 298 108.23 -54.60 -13.97
N GLU D 299 108.97 -55.36 -14.76
CA GLU D 299 110.42 -55.31 -14.78
C GLU D 299 110.89 -54.72 -16.11
N LYS D 300 112.09 -54.17 -16.06
CA LYS D 300 112.73 -53.54 -17.19
C LYS D 300 112.73 -54.51 -18.37
N GLY D 301 112.21 -54.10 -19.52
CA GLY D 301 112.28 -54.90 -20.72
C GLY D 301 111.05 -55.68 -21.10
N GLN D 302 110.03 -55.82 -20.18
CA GLN D 302 108.76 -56.53 -20.46
C GLN D 302 107.76 -55.66 -21.23
N PRO D 303 107.03 -56.26 -22.17
CA PRO D 303 106.10 -55.50 -23.02
C PRO D 303 104.98 -54.84 -22.21
N LEU D 304 104.82 -53.52 -22.37
CA LEU D 304 103.65 -52.87 -21.83
C LEU D 304 102.44 -52.89 -22.77
N ALA D 305 102.63 -52.68 -24.08
CA ALA D 305 101.55 -52.47 -25.02
C ALA D 305 101.92 -53.03 -26.39
N GLU D 306 100.94 -53.57 -27.12
CA GLU D 306 101.16 -53.94 -28.52
C GLU D 306 100.66 -52.84 -29.45
N ALA D 307 101.48 -52.51 -30.44
CA ALA D 307 101.19 -51.48 -31.44
C ALA D 307 101.11 -52.15 -32.81
N LYS D 308 99.95 -52.04 -33.45
CA LYS D 308 99.66 -52.75 -34.70
C LYS D 308 99.15 -51.77 -35.74
N GLY D 309 99.77 -51.77 -36.93
CA GLY D 309 99.32 -50.89 -38.01
C GLY D 309 99.60 -49.40 -37.83
N LEU D 310 98.59 -48.59 -38.16
CA LEU D 310 98.62 -47.14 -38.06
C LEU D 310 98.22 -46.70 -36.65
N LEU D 311 99.08 -45.92 -36.01
CA LEU D 311 98.78 -45.32 -34.70
C LEU D 311 98.72 -43.80 -34.81
N ARG D 312 97.67 -43.19 -34.23
CA ARG D 312 97.39 -41.77 -34.38
C ARG D 312 97.10 -41.11 -33.02
N MET D 313 97.19 -39.77 -33.00
CA MET D 313 96.82 -39.02 -31.80
C MET D 313 95.32 -39.19 -31.51
N PRO D 314 94.94 -39.35 -30.24
CA PRO D 314 93.51 -39.33 -29.89
C PRO D 314 92.86 -37.97 -30.09
N ARG D 315 91.52 -38.01 -30.14
CA ARG D 315 90.72 -36.85 -30.51
C ARG D 315 90.76 -35.76 -29.44
N GLN D 316 90.96 -36.13 -28.18
CA GLN D 316 90.90 -35.19 -27.06
C GLN D 316 92.27 -34.67 -26.63
N VAL D 317 93.36 -35.18 -27.20
CA VAL D 317 94.71 -34.89 -26.72
C VAL D 317 95.65 -34.46 -27.85
N ARG D 318 96.50 -33.46 -27.57
CA ARG D 318 97.38 -32.85 -28.55
C ARG D 318 98.85 -33.15 -28.24
N ALA D 319 99.74 -32.72 -29.15
CA ALA D 319 101.18 -32.76 -28.95
C ALA D 319 101.80 -31.41 -29.30
N ALA D 320 102.26 -30.66 -28.29
CA ALA D 320 102.79 -29.30 -28.49
C ALA D 320 104.20 -29.34 -29.08
N GLN D 321 105.23 -29.43 -28.23
CA GLN D 321 106.62 -29.58 -28.66
C GLN D 321 106.92 -31.08 -28.69
N VAL D 322 107.71 -31.51 -29.67
CA VAL D 322 108.12 -32.91 -29.77
C VAL D 322 109.64 -32.95 -29.87
N GLU D 323 110.30 -33.49 -28.85
CA GLU D 323 111.74 -33.71 -28.85
C GLU D 323 112.00 -35.19 -29.14
N ALA D 324 113.08 -35.48 -29.86
CA ALA D 324 113.38 -36.86 -30.22
C ALA D 324 114.86 -37.13 -30.02
N GLU D 325 115.16 -38.41 -29.76
CA GLU D 325 116.50 -38.99 -29.71
C GLU D 325 116.55 -40.28 -30.53
N GLU D 326 117.71 -40.57 -31.12
CA GLU D 326 117.87 -41.77 -31.95
C GLU D 326 118.90 -42.69 -31.30
N GLU D 327 118.51 -43.93 -31.02
CA GLU D 327 119.37 -44.94 -30.40
C GLU D 327 119.19 -46.26 -31.14
N GLY D 328 120.27 -46.79 -31.70
CA GLY D 328 120.12 -48.01 -32.49
C GLY D 328 119.09 -47.84 -33.58
N GLU D 329 118.14 -48.78 -33.65
CA GLU D 329 117.07 -48.75 -34.66
C GLU D 329 115.76 -48.14 -34.17
N THR D 330 115.73 -47.53 -32.98
CA THR D 330 114.50 -46.95 -32.47
C THR D 330 114.67 -45.45 -32.23
N VAL D 331 113.53 -44.73 -32.21
CA VAL D 331 113.45 -43.35 -31.72
C VAL D 331 112.59 -43.35 -30.45
N TYR D 332 113.02 -42.57 -29.45
CA TYR D 332 112.28 -42.23 -28.23
C TYR D 332 111.78 -40.79 -28.25
N LEU D 333 110.46 -40.63 -28.31
CA LEU D 333 109.79 -39.35 -28.32
C LEU D 333 109.55 -38.87 -26.90
N THR D 334 110.00 -37.65 -26.61
CA THR D 334 109.60 -36.91 -25.42
C THR D 334 108.54 -35.98 -25.94
N LEU D 335 107.29 -36.27 -25.57
CA LEU D 335 106.11 -35.62 -26.09
C LEU D 335 105.60 -34.65 -25.03
N PHE D 336 105.32 -33.41 -25.42
CA PHE D 336 104.68 -32.47 -24.52
C PHE D 336 103.20 -32.45 -24.89
N LEU D 337 102.40 -33.10 -24.06
CA LEU D 337 101.01 -33.39 -24.37
C LEU D 337 100.11 -32.49 -23.54
N GLU D 338 99.01 -32.06 -24.17
CA GLU D 338 97.96 -31.26 -23.55
C GLU D 338 96.64 -31.98 -23.81
N TRP D 339 95.82 -32.14 -22.76
CA TRP D 339 94.50 -32.75 -22.93
C TRP D 339 93.57 -32.32 -21.78
N THR D 340 92.27 -32.51 -22.00
CA THR D 340 91.20 -32.22 -21.05
C THR D 340 90.51 -33.50 -20.55
N GLU D 341 90.46 -33.66 -19.22
CA GLU D 341 89.79 -34.80 -18.57
C GLU D 341 88.41 -34.41 -18.04
N PRO D 342 87.30 -34.98 -18.54
CA PRO D 342 85.97 -34.57 -18.03
C PRO D 342 85.64 -35.13 -16.64
N LYS D 343 84.98 -34.30 -15.81
CA LYS D 343 84.35 -34.72 -14.54
C LYS D 343 82.95 -34.12 -14.36
N ASP D 344 81.95 -34.98 -14.07
CA ASP D 344 80.55 -34.57 -13.89
C ASP D 344 80.19 -34.31 -12.42
N TYR D 345 79.41 -33.25 -12.19
CA TYR D 345 78.85 -32.88 -10.89
C TYR D 345 77.33 -32.75 -10.98
N ARG D 346 76.62 -33.31 -9.99
CA ARG D 346 75.15 -33.28 -9.94
C ARG D 346 74.63 -32.10 -9.13
N VAL D 347 73.67 -31.38 -9.72
CA VAL D 347 73.02 -30.20 -9.12
C VAL D 347 71.61 -30.59 -8.66
N GLN D 348 71.31 -30.42 -7.34
CA GLN D 348 70.07 -30.68 -6.63
C GLN D 348 69.14 -29.47 -6.68
N PRO D 349 67.82 -29.69 -6.54
CA PRO D 349 66.85 -28.58 -6.61
C PRO D 349 67.17 -27.40 -5.71
N HIS D 350 67.77 -27.61 -4.53
CA HIS D 350 68.09 -26.47 -3.66
C HIS D 350 69.41 -25.82 -4.02
N MET D 351 70.08 -26.31 -5.06
CA MET D 351 71.35 -25.75 -5.53
C MET D 351 71.13 -24.94 -6.80
N ASN D 352 71.92 -23.89 -6.94
CA ASN D 352 71.97 -23.05 -8.13
C ASN D 352 73.39 -22.97 -8.70
N VAL D 353 73.51 -23.07 -10.02
CA VAL D 353 74.79 -22.97 -10.72
C VAL D 353 75.14 -21.48 -10.85
N VAL D 354 76.28 -21.09 -10.29
CA VAL D 354 76.75 -19.70 -10.31
C VAL D 354 77.73 -19.44 -11.45
N VAL D 355 77.90 -20.37 -12.39
CA VAL D 355 78.93 -20.22 -13.42
C VAL D 355 78.34 -20.39 -14.83
N PRO D 356 78.74 -19.55 -15.79
CA PRO D 356 78.20 -19.63 -17.16
C PRO D 356 78.82 -20.71 -18.03
N GLU D 357 78.10 -21.09 -19.08
CA GLU D 357 78.62 -22.01 -20.09
C GLU D 357 79.91 -21.44 -20.69
N GLY D 358 80.99 -22.25 -20.67
CA GLY D 358 82.28 -21.89 -21.24
C GLY D 358 83.25 -21.09 -20.36
N ALA D 359 82.95 -20.93 -19.07
CA ALA D 359 83.73 -20.15 -18.11
C ALA D 359 85.10 -20.75 -17.77
N ARG D 360 86.03 -19.88 -17.38
CA ARG D 360 87.37 -20.28 -16.96
C ARG D 360 87.53 -20.16 -15.45
N VAL D 361 87.93 -21.27 -14.83
CA VAL D 361 88.04 -21.41 -13.38
C VAL D 361 89.46 -21.88 -13.05
N GLU D 362 89.98 -21.40 -11.93
CA GLU D 362 91.23 -21.87 -11.34
C GLU D 362 90.89 -22.71 -10.12
N ALA D 363 91.91 -23.23 -9.44
CA ALA D 363 91.66 -24.06 -8.25
C ALA D 363 90.99 -23.24 -7.16
N GLY D 364 89.89 -23.77 -6.59
CA GLY D 364 89.16 -23.12 -5.50
C GLY D 364 87.86 -22.42 -5.88
N ASP D 365 87.64 -22.13 -7.16
CA ASP D 365 86.44 -21.45 -7.65
C ASP D 365 85.14 -22.23 -7.43
N LYS D 366 84.10 -21.51 -6.99
CA LYS D 366 82.77 -22.08 -6.77
C LYS D 366 82.00 -22.18 -8.09
N ILE D 367 81.45 -23.36 -8.35
CA ILE D 367 80.67 -23.63 -9.56
C ILE D 367 79.19 -23.65 -9.19
N VAL D 368 78.81 -24.54 -8.24
CA VAL D 368 77.46 -24.64 -7.70
C VAL D 368 77.45 -24.29 -6.20
N ALA D 369 76.36 -23.64 -5.76
CA ALA D 369 76.18 -23.23 -4.37
C ALA D 369 75.02 -24.04 -3.78
N ALA D 370 75.01 -24.19 -2.46
CA ALA D 370 73.95 -24.99 -1.84
C ALA D 370 73.62 -24.42 -0.46
N ILE D 371 72.62 -25.05 0.18
CA ILE D 371 72.12 -24.55 1.45
C ILE D 371 73.21 -24.55 2.50
N ASP D 372 73.90 -25.67 2.63
CA ASP D 372 74.92 -25.83 3.65
C ASP D 372 76.30 -25.95 3.01
N PRO D 373 77.38 -25.61 3.74
CA PRO D 373 78.73 -25.69 3.15
C PRO D 373 79.08 -27.00 2.45
N GLU D 374 78.71 -28.17 3.00
CA GLU D 374 78.90 -29.41 2.25
C GLU D 374 77.92 -29.39 1.09
N GLU D 375 78.15 -30.25 0.09
CA GLU D 375 77.33 -30.35 -1.12
C GLU D 375 77.66 -29.20 -2.07
N GLU D 376 78.38 -28.16 -1.64
CA GLU D 376 78.87 -27.17 -2.58
C GLU D 376 79.81 -27.85 -3.56
N VAL D 377 79.84 -27.32 -4.78
CA VAL D 377 80.78 -27.76 -5.81
C VAL D 377 81.89 -26.72 -5.95
N ILE D 378 83.11 -27.10 -5.54
CA ILE D 378 84.28 -26.24 -5.66
C ILE D 378 85.14 -26.82 -6.78
N ALA D 379 85.64 -25.93 -7.67
CA ALA D 379 86.49 -26.33 -8.79
C ALA D 379 87.78 -26.95 -8.30
N GLU D 380 88.08 -28.17 -8.78
CA GLU D 380 89.25 -28.89 -8.25
C GLU D 380 90.55 -28.25 -8.72
N ALA D 381 90.64 -27.93 -10.02
CA ALA D 381 91.82 -27.27 -10.59
C ALA D 381 91.36 -26.46 -11.81
N GLU D 382 92.33 -25.97 -12.61
CA GLU D 382 92.00 -25.24 -13.83
C GLU D 382 91.15 -26.10 -14.79
N GLY D 383 90.13 -25.47 -15.38
CA GLY D 383 89.24 -26.14 -16.34
C GLY D 383 88.24 -25.21 -16.99
N VAL D 384 87.47 -25.75 -17.94
CA VAL D 384 86.39 -25.04 -18.61
C VAL D 384 85.06 -25.73 -18.27
N VAL D 385 83.97 -24.97 -18.26
CA VAL D 385 82.67 -25.40 -17.73
C VAL D 385 81.66 -25.55 -18.87
N HIS D 386 80.87 -26.63 -18.81
CA HIS D 386 79.79 -26.88 -19.77
C HIS D 386 78.52 -27.20 -19.00
N LEU D 387 77.38 -26.62 -19.43
CA LEU D 387 76.08 -26.81 -18.81
C LEU D 387 75.27 -27.85 -19.58
N HIS D 388 74.73 -28.84 -18.88
CA HIS D 388 73.98 -29.92 -19.52
C HIS D 388 72.69 -30.23 -18.76
N GLU D 389 71.76 -30.89 -19.44
CA GLU D 389 70.49 -31.35 -18.88
C GLU D 389 69.73 -30.21 -18.19
N PRO D 390 69.31 -29.18 -18.89
CA PRO D 390 68.54 -28.11 -18.24
C PRO D 390 67.13 -28.61 -17.96
N ALA D 391 66.50 -28.01 -16.93
CA ALA D 391 65.14 -28.41 -16.57
C ALA D 391 64.16 -28.08 -17.69
N SER D 392 64.27 -26.90 -18.26
CA SER D 392 63.48 -26.49 -19.41
C SER D 392 64.30 -25.46 -20.17
N ILE D 393 63.90 -25.18 -21.40
CA ILE D 393 64.57 -24.16 -22.20
C ILE D 393 63.57 -23.01 -22.39
N LEU D 394 64.00 -21.81 -22.00
CA LEU D 394 63.17 -20.61 -22.09
C LEU D 394 63.61 -19.86 -23.35
N VAL D 395 62.73 -19.81 -24.34
CA VAL D 395 62.97 -19.07 -25.58
C VAL D 395 62.41 -17.67 -25.39
N VAL D 396 63.29 -16.68 -25.41
CA VAL D 396 62.94 -15.27 -25.27
C VAL D 396 63.20 -14.56 -26.58
N LYS D 397 62.30 -13.65 -26.96
CA LYS D 397 62.58 -12.82 -28.12
C LYS D 397 63.31 -11.59 -27.56
N ALA D 398 64.63 -11.59 -27.75
CA ALA D 398 65.53 -10.60 -27.15
C ALA D 398 66.86 -10.56 -27.91
N ARG D 399 67.58 -9.45 -27.70
CA ARG D 399 68.93 -9.25 -28.22
C ARG D 399 69.96 -9.36 -27.10
N VAL D 400 71.12 -9.92 -27.42
CA VAL D 400 72.20 -10.12 -26.45
C VAL D 400 73.35 -9.18 -26.79
N TYR D 401 73.79 -8.43 -25.79
CA TYR D 401 74.84 -7.42 -25.94
C TYR D 401 75.90 -7.68 -24.86
N PRO D 402 76.96 -8.45 -25.15
CA PRO D 402 77.98 -8.72 -24.11
C PRO D 402 78.80 -7.48 -23.74
N PHE D 403 79.30 -7.47 -22.49
CA PHE D 403 80.08 -6.34 -21.95
C PHE D 403 81.26 -6.88 -21.13
N GLU D 404 82.47 -6.32 -21.37
CA GLU D 404 83.66 -6.66 -20.58
C GLU D 404 83.79 -5.86 -19.26
N ASP D 405 83.60 -4.54 -19.31
CA ASP D 405 83.75 -3.63 -18.19
C ASP D 405 82.40 -3.39 -17.47
N ASP D 406 82.36 -2.37 -16.60
CA ASP D 406 81.15 -1.99 -15.87
C ASP D 406 80.01 -1.62 -16.82
N VAL D 407 78.78 -1.95 -16.41
CA VAL D 407 77.55 -1.67 -17.18
C VAL D 407 76.78 -0.51 -16.55
N GLU D 408 76.38 0.47 -17.37
CA GLU D 408 75.75 1.68 -16.85
C GLU D 408 74.22 1.61 -16.67
N VAL D 409 73.49 0.74 -17.38
CA VAL D 409 72.04 0.57 -17.16
C VAL D 409 71.84 -0.63 -16.26
N SER D 410 70.98 -0.48 -15.25
CA SER D 410 70.61 -1.55 -14.34
C SER D 410 69.30 -2.19 -14.80
N THR D 411 69.01 -3.38 -14.27
CA THR D 411 67.87 -4.21 -14.71
C THR D 411 66.49 -3.60 -14.42
N GLY D 412 65.63 -3.65 -15.44
CA GLY D 412 64.33 -3.07 -15.43
C GLY D 412 64.18 -1.80 -16.23
N ASP D 413 65.28 -1.09 -16.48
CA ASP D 413 65.22 0.11 -17.28
C ASP D 413 64.69 -0.20 -18.69
N ARG D 414 63.96 0.75 -19.27
CA ARG D 414 63.45 0.61 -20.64
C ARG D 414 64.28 1.41 -21.63
N VAL D 415 64.45 0.83 -22.82
CA VAL D 415 65.48 1.35 -23.71
C VAL D 415 65.00 1.30 -25.16
N ALA D 416 65.41 2.31 -25.93
CA ALA D 416 65.13 2.58 -27.32
C ALA D 416 66.39 2.44 -28.16
N PRO D 417 66.27 2.17 -29.46
CA PRO D 417 67.45 2.02 -30.31
C PRO D 417 68.35 3.23 -30.20
N GLY D 418 69.65 2.97 -29.97
CA GLY D 418 70.66 4.00 -29.83
C GLY D 418 71.06 4.31 -28.40
N ASP D 419 70.27 3.91 -27.40
CA ASP D 419 70.65 4.18 -26.02
C ASP D 419 71.92 3.41 -25.66
N VAL D 420 72.86 4.10 -24.99
CA VAL D 420 74.12 3.51 -24.59
C VAL D 420 73.90 2.54 -23.43
N LEU D 421 74.38 1.29 -23.60
CA LEU D 421 74.19 0.24 -22.56
C LEU D 421 75.37 0.12 -21.58
N ALA D 422 76.52 -0.36 -22.04
CA ALA D 422 77.66 -0.56 -21.15
C ALA D 422 78.95 -0.06 -21.81
N ASP D 423 80.05 -0.19 -21.05
CA ASP D 423 81.39 0.10 -21.53
C ASP D 423 81.48 1.51 -22.11
N GLY D 424 81.07 2.49 -21.31
CA GLY D 424 81.27 3.88 -21.66
C GLY D 424 80.76 4.36 -23.00
N GLY D 425 79.83 3.63 -23.60
CA GLY D 425 79.28 4.00 -24.90
C GLY D 425 79.65 3.08 -26.04
N LYS D 426 80.52 2.09 -25.81
CA LYS D 426 80.93 1.19 -26.88
C LYS D 426 79.75 0.32 -27.34
N VAL D 427 79.11 -0.38 -26.41
CA VAL D 427 77.97 -1.24 -26.72
C VAL D 427 76.68 -0.46 -26.48
N LYS D 428 75.78 -0.49 -27.47
CA LYS D 428 74.51 0.22 -27.41
C LYS D 428 73.39 -0.66 -27.94
N SER D 429 72.17 -0.22 -27.67
CA SER D 429 70.98 -1.01 -27.95
C SER D 429 70.49 -0.85 -29.38
N ASP D 430 70.02 -1.99 -29.95
CA ASP D 430 69.41 -2.02 -31.29
C ASP D 430 67.89 -1.87 -31.25
N VAL D 431 67.21 -2.84 -30.63
CA VAL D 431 65.76 -2.97 -30.66
C VAL D 431 65.14 -2.08 -29.59
N TYR D 432 63.82 -1.90 -29.65
CA TYR D 432 63.08 -1.31 -28.53
C TYR D 432 62.89 -2.40 -27.48
N GLY D 433 63.16 -2.08 -26.20
CA GLY D 433 63.00 -3.15 -25.23
C GLY D 433 63.32 -2.82 -23.78
N ARG D 434 63.21 -3.88 -22.98
CA ARG D 434 63.36 -3.89 -21.53
C ARG D 434 64.70 -4.53 -21.12
N VAL D 435 65.48 -3.82 -20.27
CA VAL D 435 66.85 -4.24 -19.87
C VAL D 435 66.88 -5.36 -18.83
N GLU D 436 67.61 -6.44 -19.15
CA GLU D 436 67.91 -7.55 -18.24
C GLU D 436 69.43 -7.70 -18.11
N VAL D 437 69.97 -7.39 -16.93
CA VAL D 437 71.42 -7.41 -16.68
C VAL D 437 71.77 -8.76 -16.06
N ASP D 438 72.51 -9.59 -16.82
CA ASP D 438 72.89 -10.94 -16.41
C ASP D 438 74.27 -10.90 -15.80
N LEU D 439 74.37 -11.09 -14.49
CA LEU D 439 75.71 -11.04 -13.90
C LEU D 439 76.44 -12.39 -14.03
N VAL D 440 75.71 -13.48 -14.26
CA VAL D 440 76.33 -14.78 -14.52
C VAL D 440 76.88 -14.85 -15.95
N ARG D 441 76.00 -14.76 -16.95
CA ARG D 441 76.35 -14.81 -18.38
C ARG D 441 77.10 -13.57 -18.89
N ASN D 442 77.27 -12.52 -18.09
CA ASN D 442 77.94 -11.26 -18.48
C ASN D 442 77.44 -10.64 -19.79
N VAL D 443 76.13 -10.42 -19.83
CA VAL D 443 75.45 -9.92 -21.02
C VAL D 443 74.30 -9.03 -20.56
N VAL D 444 74.01 -7.98 -21.33
CA VAL D 444 72.85 -7.13 -21.09
C VAL D 444 71.81 -7.54 -22.13
N ARG D 445 70.74 -8.18 -21.70
CA ARG D 445 69.64 -8.53 -22.59
C ARG D 445 68.68 -7.36 -22.76
N VAL D 446 68.17 -7.19 -23.97
CA VAL D 446 67.10 -6.22 -24.21
C VAL D 446 65.98 -7.01 -24.85
N VAL D 447 64.89 -7.18 -24.10
CA VAL D 447 63.74 -7.96 -24.51
C VAL D 447 62.82 -7.03 -25.30
N GLU D 448 62.47 -7.43 -26.52
CA GLU D 448 61.76 -6.51 -27.40
C GLU D 448 60.34 -6.26 -26.87
N SER D 449 60.05 -4.98 -26.60
CA SER D 449 58.84 -4.46 -25.95
C SER D 449 58.98 -2.94 -25.91
N TYR D 450 57.83 -2.27 -25.75
CA TYR D 450 57.71 -0.81 -25.90
C TYR D 450 57.32 -0.11 -24.60
N ASP D 451 57.58 1.22 -24.55
CA ASP D 451 57.32 2.07 -23.39
C ASP D 451 55.84 2.55 -23.34
N ILE D 452 55.04 1.79 -24.11
CA ILE D 452 53.63 2.04 -24.37
C ILE D 452 52.87 2.41 -23.10
N ASP D 453 51.99 3.42 -23.23
CA ASP D 453 51.09 3.87 -22.17
C ASP D 453 49.68 3.34 -22.45
N ALA D 454 49.24 2.35 -21.69
CA ALA D 454 47.90 1.78 -21.87
C ALA D 454 47.31 1.58 -20.47
N ARG D 455 46.07 2.04 -20.27
CA ARG D 455 45.52 2.03 -18.92
C ARG D 455 44.14 1.37 -18.89
N MET D 456 43.71 1.07 -17.66
CA MET D 456 42.37 0.58 -17.38
C MET D 456 41.58 1.49 -16.44
N GLY D 457 40.26 1.40 -16.53
CA GLY D 457 39.40 2.00 -15.53
C GLY D 457 39.08 3.47 -15.74
N ALA D 458 38.41 4.02 -14.73
CA ALA D 458 37.97 5.41 -14.75
C ALA D 458 39.14 6.36 -14.77
N GLU D 459 40.32 5.92 -14.32
CA GLU D 459 41.52 6.74 -14.36
C GLU D 459 41.93 7.01 -15.81
N ALA D 460 41.90 5.97 -16.64
CA ALA D 460 42.18 6.14 -18.06
C ALA D 460 41.20 7.14 -18.68
N ILE D 461 39.90 6.91 -18.43
CA ILE D 461 38.81 7.72 -18.97
C ILE D 461 38.90 9.17 -18.51
N GLN D 462 39.33 9.42 -17.27
CA GLN D 462 39.37 10.80 -16.82
C GLN D 462 40.35 11.59 -17.68
N GLN D 463 41.45 10.95 -18.09
CA GLN D 463 42.42 11.57 -19.00
C GLN D 463 41.81 11.85 -20.39
N LEU D 464 41.22 10.83 -21.03
CA LEU D 464 40.58 11.04 -22.34
C LEU D 464 39.50 12.13 -22.30
N LEU D 465 38.82 12.29 -21.16
CA LEU D 465 37.82 13.32 -21.04
C LEU D 465 38.50 14.67 -20.88
N LYS D 466 39.64 14.69 -20.18
CA LYS D 466 40.42 15.91 -20.03
C LYS D 466 41.00 16.32 -21.38
N GLU D 467 41.39 15.33 -22.20
CA GLU D 467 42.04 15.63 -23.48
C GLU D 467 40.99 15.93 -24.54
N LEU D 468 39.88 16.52 -24.14
CA LEU D 468 38.85 16.89 -25.07
C LEU D 468 38.88 18.41 -25.12
N ASP D 469 39.02 18.94 -26.33
CA ASP D 469 38.82 20.36 -26.59
C ASP D 469 37.43 20.41 -27.19
N LEU D 470 36.48 20.97 -26.42
CA LEU D 470 35.09 20.82 -26.82
C LEU D 470 34.80 21.70 -28.02
N GLU D 471 35.47 22.85 -28.10
CA GLU D 471 35.34 23.76 -29.23
C GLU D 471 35.62 23.03 -30.55
N ALA D 472 36.78 22.35 -30.63
CA ALA D 472 37.17 21.58 -31.81
C ALA D 472 36.15 20.52 -32.17
N LEU D 473 35.70 19.73 -31.18
CA LEU D 473 34.78 18.65 -31.49
C LEU D 473 33.46 19.21 -32.03
N GLU D 474 33.05 20.41 -31.58
CA GLU D 474 31.88 21.08 -32.16
C GLU D 474 32.15 21.37 -33.63
N LYS D 475 33.31 22.01 -33.93
CA LYS D 475 33.73 22.29 -35.29
C LYS D 475 33.67 21.02 -36.15
N GLU D 476 34.35 19.96 -35.70
CA GLU D 476 34.34 18.69 -36.42
C GLU D 476 32.94 18.18 -36.68
N LEU D 477 32.10 18.18 -35.66
CA LEU D 477 30.75 17.63 -35.80
C LEU D 477 29.87 18.49 -36.69
N LEU D 478 30.13 19.81 -36.72
CA LEU D 478 29.40 20.70 -37.63
C LEU D 478 29.75 20.42 -39.09
N GLU D 479 31.05 20.22 -39.38
CA GLU D 479 31.46 19.83 -40.74
C GLU D 479 30.84 18.51 -41.14
N GLU D 480 30.75 17.56 -40.19
CA GLU D 480 30.10 16.29 -40.48
C GLU D 480 28.59 16.46 -40.65
N MET D 481 27.99 17.51 -40.05
CA MET D 481 26.55 17.71 -40.18
C MET D 481 26.12 18.00 -41.62
N LYS D 482 27.09 18.32 -42.49
CA LYS D 482 26.85 18.57 -43.92
C LYS D 482 27.04 17.28 -44.73
N HIS D 483 26.24 16.24 -44.44
CA HIS D 483 26.52 15.00 -45.16
C HIS D 483 25.34 14.06 -45.39
N PRO D 484 25.21 13.49 -46.60
CA PRO D 484 24.09 12.58 -46.93
C PRO D 484 23.98 11.35 -46.01
N SER D 485 23.51 10.24 -46.60
CA SER D 485 23.25 8.96 -45.93
C SER D 485 22.37 9.03 -44.67
N ARG D 486 21.79 10.21 -44.36
CA ARG D 486 20.95 10.47 -43.19
C ARG D 486 21.53 10.03 -41.84
N ALA D 487 22.06 8.80 -41.74
CA ALA D 487 22.63 8.30 -40.49
C ALA D 487 23.82 9.13 -39.99
N ARG D 488 24.73 9.54 -40.88
CA ARG D 488 25.86 10.41 -40.47
C ARG D 488 25.39 11.68 -39.75
N ARG D 489 24.42 12.40 -40.36
CA ARG D 489 23.87 13.62 -39.77
C ARG D 489 23.17 13.35 -38.44
N ALA D 490 22.49 12.19 -38.32
CA ALA D 490 21.77 11.84 -37.09
C ALA D 490 22.70 11.66 -35.89
N LYS D 491 23.74 10.82 -36.04
CA LYS D 491 24.69 10.59 -34.95
C LYS D 491 25.52 11.83 -34.59
N ALA D 492 26.00 12.58 -35.60
CA ALA D 492 26.71 13.83 -35.28
C ALA D 492 25.82 14.78 -34.46
N ARG D 493 24.51 14.76 -34.69
CA ARG D 493 23.61 15.57 -33.88
C ARG D 493 23.58 15.12 -32.41
N LYS D 494 23.32 13.83 -32.17
CA LYS D 494 23.25 13.34 -30.79
C LYS D 494 24.54 13.65 -30.04
N ARG D 495 25.69 13.34 -30.65
CA ARG D 495 26.99 13.74 -30.10
C ARG D 495 27.05 15.27 -29.90
N LEU D 496 26.65 16.05 -30.94
CA LEU D 496 26.74 17.51 -30.87
C LEU D 496 25.86 18.08 -29.76
N GLU D 497 24.81 17.36 -29.36
CA GLU D 497 23.94 17.86 -28.32
C GLU D 497 24.62 17.76 -26.95
N VAL D 498 25.34 16.66 -26.71
CA VAL D 498 26.12 16.53 -25.48
C VAL D 498 27.25 17.56 -25.45
N VAL D 499 27.94 17.74 -26.58
CA VAL D 499 29.02 18.72 -26.64
C VAL D 499 28.48 20.11 -26.30
N ARG D 500 27.38 20.46 -26.95
CA ARG D 500 26.76 21.78 -26.79
C ARG D 500 26.22 21.92 -25.37
N ALA D 501 25.70 20.82 -24.79
CA ALA D 501 25.25 20.84 -23.40
C ALA D 501 26.36 21.32 -22.46
N PHE D 502 27.54 20.68 -22.55
CA PHE D 502 28.69 21.05 -21.72
C PHE D 502 29.16 22.47 -22.02
N LEU D 503 29.19 22.84 -23.30
CA LEU D 503 29.66 24.17 -23.72
C LEU D 503 28.82 25.29 -23.10
N ASP D 504 27.50 25.22 -23.25
CA ASP D 504 26.61 26.25 -22.73
C ASP D 504 26.66 26.33 -21.21
N SER D 505 26.59 25.16 -20.55
CA SER D 505 26.54 25.03 -19.09
C SER D 505 27.82 25.49 -18.40
N GLY D 506 29.00 25.22 -18.99
CA GLY D 506 30.27 25.47 -18.33
C GLY D 506 30.82 24.28 -17.56
N ASN D 507 30.21 23.10 -17.69
CA ASN D 507 30.65 21.88 -17.03
C ASN D 507 31.79 21.22 -17.79
N ARG D 508 32.85 20.77 -17.05
CA ARG D 508 33.94 19.99 -17.67
C ARG D 508 33.61 18.50 -17.71
N PRO D 509 33.75 17.85 -18.88
CA PRO D 509 33.39 16.44 -19.00
C PRO D 509 34.05 15.52 -17.98
N GLU D 510 35.29 15.81 -17.56
CA GLU D 510 36.00 14.98 -16.58
C GLU D 510 35.32 15.00 -15.19
N TRP D 511 34.33 15.88 -14.96
CA TRP D 511 33.59 15.88 -13.70
C TRP D 511 32.65 14.71 -13.58
N MET D 512 32.30 14.05 -14.71
CA MET D 512 31.52 12.82 -14.72
C MET D 512 32.32 11.68 -14.08
N ILE D 513 33.61 11.91 -13.78
CA ILE D 513 34.46 11.00 -13.04
C ILE D 513 34.76 11.59 -11.67
N LEU D 514 34.62 10.77 -10.62
CA LEU D 514 34.79 11.23 -9.24
C LEU D 514 36.21 10.95 -8.74
N GLU D 515 36.78 11.95 -8.07
CA GLU D 515 38.01 11.78 -7.30
C GLU D 515 37.65 11.78 -5.83
N ALA D 516 37.09 12.88 -5.34
CA ALA D 516 36.48 12.93 -4.03
C ALA D 516 35.02 12.52 -4.16
N VAL D 517 34.62 11.58 -3.31
CA VAL D 517 33.23 11.11 -3.20
C VAL D 517 32.62 11.82 -2.01
N PRO D 518 31.49 12.51 -2.19
CA PRO D 518 30.84 13.25 -1.10
C PRO D 518 30.24 12.29 -0.09
N VAL D 519 30.17 12.75 1.16
CA VAL D 519 29.50 12.01 2.24
C VAL D 519 28.34 12.84 2.81
N LEU D 520 27.12 12.30 2.68
CA LEU D 520 25.89 12.92 3.18
C LEU D 520 25.94 13.14 4.71
N PRO D 521 25.41 14.27 5.21
CA PRO D 521 25.46 14.54 6.67
C PRO D 521 24.84 13.47 7.48
N PRO D 522 25.37 13.20 8.71
CA PRO D 522 24.95 12.04 9.50
C PRO D 522 23.47 12.00 9.92
N ASP D 523 22.87 13.15 10.29
CA ASP D 523 21.47 13.10 10.75
C ASP D 523 20.50 12.61 9.67
N LEU D 524 20.95 12.55 8.41
CA LEU D 524 20.21 12.05 7.27
C LEU D 524 20.45 10.57 7.01
N ARG D 525 21.32 9.93 7.77
CA ARG D 525 21.54 8.49 7.71
C ARG D 525 21.74 7.99 9.13
N PRO D 526 20.73 8.14 9.99
CA PRO D 526 21.02 8.09 11.43
C PRO D 526 21.36 6.70 11.95
N MET D 527 22.05 6.74 13.09
CA MET D 527 22.26 5.62 13.99
C MET D 527 21.57 6.04 15.28
N VAL D 528 20.40 5.46 15.58
CA VAL D 528 19.60 5.91 16.71
C VAL D 528 19.33 4.72 17.63
N GLN D 529 19.26 5.03 18.93
CA GLN D 529 18.88 4.03 19.91
C GLN D 529 17.35 4.01 19.93
N VAL D 530 16.78 2.84 19.64
CA VAL D 530 15.33 2.72 19.66
C VAL D 530 14.88 2.53 21.11
N ASP D 531 13.61 2.17 21.27
CA ASP D 531 13.02 1.96 22.59
C ASP D 531 13.85 0.97 23.43
N GLY D 532 14.10 -0.22 22.89
CA GLY D 532 14.72 -1.28 23.67
C GLY D 532 16.18 -1.10 24.02
N GLY D 533 16.79 0.03 23.66
CA GLY D 533 18.21 0.21 23.90
C GLY D 533 19.03 -0.32 22.75
N ARG D 534 18.37 -0.94 21.80
CA ARG D 534 18.90 -1.45 20.55
C ARG D 534 19.19 -0.28 19.62
N PHE D 535 20.06 -0.54 18.67
CA PHE D 535 20.45 0.44 17.68
C PHE D 535 19.80 0.07 16.36
N ALA D 536 19.33 1.08 15.66
CA ALA D 536 18.75 0.94 14.34
C ALA D 536 19.54 1.89 13.48
N THR D 537 19.91 1.46 12.26
CA THR D 537 20.79 2.27 11.45
C THR D 537 20.40 2.21 9.98
N SER D 538 20.71 3.30 9.27
CA SER D 538 20.40 3.44 7.86
C SER D 538 21.30 2.56 6.98
N ASP D 539 20.72 2.07 5.88
CA ASP D 539 21.53 1.24 4.99
C ASP D 539 22.74 1.98 4.41
N LEU D 540 22.68 3.30 4.27
CA LEU D 540 23.82 4.00 3.68
C LEU D 540 25.10 3.78 4.46
N ASN D 541 25.00 3.63 5.80
CA ASN D 541 26.21 3.38 6.57
C ASN D 541 26.93 2.11 6.14
N ASP D 542 26.24 1.00 5.88
CA ASP D 542 26.95 -0.18 5.41
C ASP D 542 27.56 0.03 4.02
N LEU D 543 26.85 0.73 3.11
CA LEU D 543 27.44 1.01 1.79
C LEU D 543 28.71 1.88 1.89
N TYR D 544 28.68 2.98 2.68
CA TYR D 544 29.89 3.76 2.96
C TYR D 544 31.01 2.92 3.58
N ARG D 545 30.71 2.09 4.59
CA ARG D 545 31.75 1.27 5.22
C ARG D 545 32.45 0.37 4.20
N ARG D 546 31.70 -0.31 3.36
CA ARG D 546 32.32 -1.08 2.28
C ARG D 546 33.29 -0.24 1.47
N LEU D 547 32.83 0.96 1.05
CA LEU D 547 33.70 1.85 0.27
C LEU D 547 34.97 2.20 1.02
N ILE D 548 34.83 2.70 2.25
CA ILE D 548 35.98 3.15 3.03
C ILE D 548 37.02 2.02 3.19
N ASN D 549 36.59 0.81 3.59
CA ASN D 549 37.52 -0.33 3.72
C ASN D 549 38.33 -0.55 2.43
N ARG D 550 37.64 -0.67 1.29
CA ARG D 550 38.34 -0.93 0.02
C ARG D 550 39.29 0.19 -0.35
N ASN D 551 38.90 1.45 -0.11
CA ASN D 551 39.81 2.57 -0.35
C ASN D 551 41.06 2.44 0.53
N ASN D 552 40.86 2.22 1.84
CA ASN D 552 41.99 2.08 2.73
C ASN D 552 42.88 0.92 2.32
N ARG D 553 42.28 -0.23 2.04
CA ARG D 553 43.09 -1.36 1.58
C ARG D 553 43.85 -0.99 0.30
N LEU D 554 43.22 -0.26 -0.62
CA LEU D 554 43.92 0.15 -1.85
C LEU D 554 45.13 1.03 -1.55
N LYS D 555 44.97 2.02 -0.64
CA LYS D 555 46.10 2.86 -0.26
C LYS D 555 47.25 2.01 0.27
N LYS D 556 46.93 1.02 1.13
CA LYS D 556 47.94 0.12 1.69
C LYS D 556 48.60 -0.77 0.63
N LEU D 557 47.82 -1.40 -0.26
CA LEU D 557 48.43 -2.24 -1.30
C LEU D 557 49.34 -1.44 -2.24
N LEU D 558 49.00 -0.19 -2.52
CA LEU D 558 49.86 0.65 -3.36
C LEU D 558 51.20 0.93 -2.66
N ALA D 559 51.17 1.36 -1.38
CA ALA D 559 52.40 1.68 -0.67
C ALA D 559 53.30 0.47 -0.55
N GLN D 560 52.74 -0.73 -0.51
CA GLN D 560 53.53 -1.94 -0.36
C GLN D 560 53.88 -2.57 -1.70
N GLY D 561 53.55 -1.91 -2.81
CA GLY D 561 54.00 -2.33 -4.12
C GLY D 561 53.50 -3.69 -4.54
N ALA D 562 52.19 -3.94 -4.39
CA ALA D 562 51.61 -5.20 -4.81
C ALA D 562 51.64 -5.33 -6.34
N PRO D 563 51.64 -6.55 -6.85
CA PRO D 563 51.62 -6.76 -8.30
C PRO D 563 50.43 -6.12 -8.99
N GLU D 564 50.53 -5.98 -10.30
CA GLU D 564 49.46 -5.33 -11.04
C GLU D 564 48.16 -6.13 -10.99
N ILE D 565 48.23 -7.47 -10.90
CA ILE D 565 47.00 -8.28 -10.84
C ILE D 565 46.22 -7.94 -9.59
N ILE D 566 46.90 -7.86 -8.45
CA ILE D 566 46.26 -7.52 -7.18
C ILE D 566 45.78 -6.08 -7.19
N ILE D 567 46.62 -5.11 -7.58
CA ILE D 567 46.11 -3.74 -7.60
C ILE D 567 44.91 -3.64 -8.54
N ARG D 568 44.90 -4.42 -9.63
CA ARG D 568 43.76 -4.35 -10.55
C ARG D 568 42.47 -4.83 -9.90
N ASN D 569 42.53 -5.97 -9.22
CA ASN D 569 41.37 -6.47 -8.48
C ASN D 569 40.87 -5.46 -7.46
N GLU D 570 41.78 -4.88 -6.68
CA GLU D 570 41.35 -3.89 -5.67
C GLU D 570 40.66 -2.70 -6.32
N LYS D 571 41.21 -2.20 -7.42
CA LYS D 571 40.64 -1.04 -8.12
C LYS D 571 39.23 -1.32 -8.67
N ARG D 572 39.02 -2.48 -9.31
CA ARG D 572 37.69 -2.80 -9.82
C ARG D 572 36.67 -3.01 -8.69
N MET D 573 37.09 -3.56 -7.55
CA MET D 573 36.18 -3.67 -6.41
C MET D 573 35.80 -2.29 -5.91
N LEU D 574 36.72 -1.35 -6.00
CA LEU D 574 36.40 0.01 -5.59
C LEU D 574 35.32 0.57 -6.48
N GLN D 575 35.41 0.33 -7.80
CA GLN D 575 34.37 0.85 -8.68
C GLN D 575 33.02 0.30 -8.26
N GLU D 576 32.95 -1.02 -8.08
CA GLU D 576 31.71 -1.68 -7.66
C GLU D 576 31.20 -1.12 -6.33
N ALA D 577 32.10 -0.73 -5.42
CA ALA D 577 31.64 -0.17 -4.16
C ALA D 577 31.04 1.22 -4.38
N VAL D 578 31.69 2.06 -5.23
CA VAL D 578 31.11 3.34 -5.62
C VAL D 578 29.81 3.13 -6.40
N ASP D 579 29.80 2.16 -7.30
CA ASP D 579 28.56 1.89 -8.03
C ASP D 579 27.40 1.51 -7.09
N ALA D 580 27.62 0.64 -6.09
CA ALA D 580 26.53 0.32 -5.16
C ALA D 580 26.09 1.53 -4.32
N LEU D 581 27.05 2.36 -3.89
CA LEU D 581 26.69 3.55 -3.10
C LEU D 581 25.75 4.47 -3.86
N LEU D 582 26.09 4.84 -5.11
CA LEU D 582 25.25 5.78 -5.87
C LEU D 582 23.96 5.16 -6.40
N ASP D 583 24.03 4.07 -7.18
CA ASP D 583 22.80 3.38 -7.64
C ASP D 583 22.99 1.87 -7.50
N ASN D 584 22.46 1.29 -6.44
CA ASN D 584 22.70 -0.13 -6.18
C ASN D 584 21.75 -1.00 -6.98
N GLY D 585 22.28 -2.06 -7.54
CA GLY D 585 21.51 -2.96 -8.38
C GLY D 585 21.51 -2.55 -9.83
N ARG D 586 21.86 -1.27 -10.10
CA ARG D 586 21.86 -0.75 -11.46
C ARG D 586 22.74 -1.60 -12.37
N ARG D 587 24.02 -1.81 -11.98
CA ARG D 587 24.95 -2.69 -12.70
C ARG D 587 25.44 -3.81 -11.78
N GLY D 588 25.27 -5.05 -12.20
CA GLY D 588 25.76 -6.16 -11.41
C GLY D 588 24.85 -6.53 -10.27
N ALA D 589 25.30 -7.54 -9.52
CA ALA D 589 24.51 -8.07 -8.41
C ALA D 589 24.23 -6.99 -7.36
N PRO D 590 23.00 -6.87 -6.86
CA PRO D 590 22.72 -5.87 -5.83
C PRO D 590 23.46 -6.21 -4.54
N VAL D 591 24.04 -5.20 -3.91
CA VAL D 591 24.72 -5.44 -2.66
C VAL D 591 23.67 -5.67 -1.57
N THR D 592 23.88 -6.71 -0.75
CA THR D 592 22.89 -7.09 0.26
C THR D 592 23.56 -7.14 1.62
N ASN D 593 22.78 -6.99 2.69
CA ASN D 593 23.36 -7.29 3.98
C ASN D 593 23.55 -8.81 4.05
N PRO D 594 24.53 -9.28 4.81
CA PRO D 594 24.75 -10.73 4.90
C PRO D 594 23.53 -11.44 5.46
N GLY D 595 23.19 -12.58 4.86
CA GLY D 595 22.06 -13.36 5.35
C GLY D 595 20.71 -12.70 5.22
N SER D 596 20.52 -11.91 4.16
CA SER D 596 19.26 -11.26 3.82
C SER D 596 19.23 -11.13 2.31
N ASP D 597 18.04 -11.22 1.73
CA ASP D 597 17.94 -11.02 0.30
C ASP D 597 17.63 -9.58 -0.05
N ARG D 598 17.44 -8.76 0.95
CA ARG D 598 17.02 -7.42 0.70
C ARG D 598 18.14 -6.56 0.13
N PRO D 599 18.01 -6.05 -1.09
CA PRO D 599 19.02 -5.12 -1.60
C PRO D 599 19.09 -3.91 -0.67
N LEU D 600 20.30 -3.46 -0.40
CA LEU D 600 20.48 -2.26 0.41
C LEU D 600 19.92 -1.05 -0.32
N ARG D 601 19.47 -0.07 0.44
CA ARG D 601 18.81 1.08 -0.18
C ARG D 601 19.84 2.17 -0.38
N SER D 602 20.13 2.44 -1.67
CA SER D 602 21.16 3.36 -2.16
C SER D 602 20.62 4.77 -2.36
N LEU D 603 21.48 5.70 -2.78
CA LEU D 603 21.03 7.07 -2.99
C LEU D 603 19.96 7.15 -4.06
N THR D 604 20.15 6.42 -5.17
CA THR D 604 19.14 6.46 -6.23
C THR D 604 17.78 5.96 -5.76
N ASP D 605 17.74 4.86 -5.00
CA ASP D 605 16.45 4.34 -4.52
C ASP D 605 15.77 5.36 -3.61
N ILE D 606 16.54 6.10 -2.82
CA ILE D 606 15.93 7.10 -1.94
C ILE D 606 15.25 8.20 -2.75
N LEU D 607 15.91 8.67 -3.82
CA LEU D 607 15.32 9.77 -4.58
C LEU D 607 14.08 9.35 -5.34
N SER D 608 14.08 8.17 -5.95
CA SER D 608 13.13 7.84 -7.00
C SER D 608 12.15 6.74 -6.61
N GLY D 609 10.99 6.78 -7.25
CA GLY D 609 9.94 5.80 -7.07
C GLY D 609 8.83 6.33 -6.20
N LYS D 610 7.78 5.50 -6.08
CA LYS D 610 6.63 5.81 -5.23
C LYS D 610 7.04 6.14 -3.79
N GLN D 611 8.02 5.42 -3.25
CA GLN D 611 8.49 5.60 -1.90
C GLN D 611 9.60 6.61 -1.80
N GLY D 612 10.02 7.15 -2.95
CA GLY D 612 11.12 8.07 -3.06
C GLY D 612 10.90 9.40 -2.42
N ARG D 613 11.99 10.17 -2.36
CA ARG D 613 11.92 11.47 -1.70
C ARG D 613 10.85 12.37 -2.34
N PHE D 614 10.77 12.40 -3.69
CA PHE D 614 9.81 13.28 -4.39
C PHE D 614 8.32 12.92 -4.10
N ARG D 615 7.91 11.69 -4.46
CA ARG D 615 6.52 11.27 -4.32
C ARG D 615 6.11 10.90 -2.88
N GLN D 616 6.96 11.01 -1.88
CA GLN D 616 6.55 10.64 -0.53
C GLN D 616 6.58 11.82 0.40
N ASN D 617 7.67 12.57 0.40
CA ASN D 617 7.84 13.67 1.33
C ASN D 617 7.78 15.05 0.70
N LEU D 618 7.66 15.18 -0.63
CA LEU D 618 7.86 16.46 -1.33
C LEU D 618 6.60 16.97 -2.03
N LEU D 619 5.94 16.15 -2.89
CA LEU D 619 4.64 16.42 -3.50
C LEU D 619 3.44 16.08 -2.60
N GLY D 620 3.67 15.56 -1.38
CA GLY D 620 2.63 15.20 -0.43
C GLY D 620 3.26 14.86 0.92
N LYS D 621 2.57 15.02 2.04
CA LYS D 621 3.19 14.92 3.35
C LYS D 621 2.14 14.44 4.33
N ARG D 622 2.56 13.90 5.47
CA ARG D 622 1.59 13.80 6.55
C ARG D 622 1.48 15.15 7.26
N VAL D 623 0.31 15.49 7.82
CA VAL D 623 0.11 16.83 8.36
C VAL D 623 -0.48 16.80 9.76
N ASP D 624 -0.21 17.90 10.49
CA ASP D 624 -0.74 18.22 11.81
C ASP D 624 -2.19 18.68 11.68
N TYR D 625 -2.84 18.93 12.82
CA TYR D 625 -4.21 19.45 12.78
C TYR D 625 -5.15 18.66 11.85
N SER D 626 -5.07 17.34 11.90
CA SER D 626 -5.90 16.48 11.06
C SER D 626 -6.40 15.32 11.93
N GLY D 627 -7.48 14.68 11.47
CA GLY D 627 -8.07 13.55 12.18
C GLY D 627 -8.86 12.68 11.21
N ARG D 628 -9.42 11.58 11.72
CA ARG D 628 -10.18 10.71 10.83
C ARG D 628 -11.20 9.96 11.64
N SER D 629 -12.37 9.67 11.05
CA SER D 629 -13.33 8.77 11.70
C SER D 629 -14.31 8.19 10.70
N VAL D 630 -15.20 7.34 11.23
CA VAL D 630 -16.29 6.77 10.45
C VAL D 630 -17.33 7.86 10.16
N ILE D 631 -17.92 7.82 8.96
CA ILE D 631 -18.96 8.77 8.61
C ILE D 631 -20.30 8.07 8.77
N VAL D 632 -21.29 8.91 9.11
CA VAL D 632 -22.65 8.60 9.43
C VAL D 632 -23.48 9.68 8.74
N VAL D 633 -24.67 9.32 8.23
CA VAL D 633 -25.55 10.32 7.58
C VAL D 633 -26.20 11.25 8.59
N GLY D 634 -26.29 12.53 8.21
CA GLY D 634 -26.87 13.56 9.04
C GLY D 634 -27.93 14.39 8.35
N PRO D 635 -29.16 13.84 8.24
CA PRO D 635 -30.21 14.47 7.44
C PRO D 635 -30.55 15.85 7.93
N GLN D 636 -30.45 16.06 9.24
CA GLN D 636 -30.83 17.33 9.83
C GLN D 636 -29.86 18.48 9.53
N LEU D 637 -28.68 18.21 8.94
CA LEU D 637 -27.69 19.27 8.70
C LEU D 637 -28.13 20.16 7.54
N LYS D 638 -27.78 21.45 7.59
CA LYS D 638 -27.87 22.24 6.36
C LYS D 638 -26.67 21.97 5.45
N LEU D 639 -26.83 22.30 4.15
CA LEU D 639 -25.83 21.91 3.14
C LEU D 639 -24.42 22.31 3.48
N HIS D 640 -24.22 23.38 4.24
CA HIS D 640 -22.90 23.91 4.61
C HIS D 640 -22.35 23.33 5.94
N GLN D 641 -22.96 22.28 6.49
CA GLN D 641 -22.57 21.80 7.82
C GLN D 641 -22.08 20.36 7.81
N CYS D 642 -21.37 20.00 8.89
CA CYS D 642 -20.99 18.63 9.19
C CYS D 642 -21.08 18.41 10.69
N GLY D 643 -21.34 17.16 11.08
CA GLY D 643 -21.18 16.72 12.46
C GLY D 643 -19.74 16.43 12.85
N LEU D 644 -19.20 17.09 13.87
CA LEU D 644 -17.82 16.84 14.34
C LEU D 644 -17.77 16.40 15.79
N PRO D 645 -17.34 15.17 16.09
CA PRO D 645 -17.28 14.72 17.49
C PRO D 645 -16.51 15.71 18.36
N LYS D 646 -17.04 15.97 19.56
CA LYS D 646 -16.44 17.00 20.40
C LYS D 646 -15.00 16.59 20.77
N ARG D 647 -14.77 15.29 21.02
CA ARG D 647 -13.43 14.84 21.39
C ARG D 647 -12.39 15.06 20.28
N MET D 648 -12.77 14.82 19.01
CA MET D 648 -11.96 15.21 17.84
C MET D 648 -11.69 16.71 17.79
N ALA D 649 -12.74 17.52 18.01
CA ALA D 649 -12.59 18.98 17.88
C ALA D 649 -11.64 19.55 18.92
N LEU D 650 -11.68 18.98 20.13
CA LEU D 650 -10.79 19.43 21.21
C LEU D 650 -9.31 19.24 20.85
N GLU D 651 -8.98 18.13 20.17
CA GLU D 651 -7.59 17.94 19.79
C GLU D 651 -7.22 18.87 18.63
N LEU D 652 -8.04 18.90 17.57
CA LEU D 652 -7.71 19.71 16.39
C LEU D 652 -7.54 21.19 16.76
N PHE D 653 -8.37 21.72 17.64
CA PHE D 653 -8.26 23.13 17.98
C PHE D 653 -7.44 23.41 19.25
N LYS D 654 -6.78 22.37 19.80
CA LYS D 654 -6.11 22.45 21.11
C LYS D 654 -5.36 23.75 21.36
N PRO D 655 -4.51 24.25 20.47
CA PRO D 655 -3.88 25.55 20.75
C PRO D 655 -4.91 26.66 20.91
N PHE D 656 -5.92 26.73 20.03
CA PHE D 656 -7.00 27.71 20.19
C PHE D 656 -7.70 27.55 21.52
N LEU D 657 -7.98 26.30 21.89
CA LEU D 657 -8.69 26.02 23.14
C LEU D 657 -7.89 26.48 24.35
N LEU D 658 -6.56 26.32 24.31
CA LEU D 658 -5.71 26.79 25.39
C LEU D 658 -5.77 28.32 25.53
N LYS D 659 -5.58 29.06 24.43
CA LYS D 659 -5.70 30.52 24.49
C LYS D 659 -7.06 30.97 25.01
N LYS D 660 -8.14 30.37 24.51
CA LYS D 660 -9.45 30.80 24.97
C LYS D 660 -9.68 30.46 26.43
N MET D 661 -9.15 29.31 26.90
CA MET D 661 -9.32 28.97 28.32
C MET D 661 -8.66 29.96 29.26
N GLU D 662 -7.64 30.70 28.80
CA GLU D 662 -7.05 31.76 29.61
C GLU D 662 -7.86 33.05 29.54
N GLU D 663 -8.37 33.41 28.36
CA GLU D 663 -9.12 34.66 28.20
C GLU D 663 -10.33 34.69 29.12
N LYS D 664 -11.19 33.68 29.02
CA LYS D 664 -12.15 33.50 30.11
C LYS D 664 -11.32 32.99 31.30
N GLY D 665 -11.70 31.92 31.98
CA GLY D 665 -10.90 31.73 33.16
C GLY D 665 -10.61 30.32 33.62
N ILE D 666 -10.91 29.32 32.80
CA ILE D 666 -10.83 27.93 33.28
C ILE D 666 -9.44 27.54 33.78
N ALA D 667 -8.38 28.22 33.32
CA ALA D 667 -7.04 27.93 33.82
C ALA D 667 -6.22 29.21 33.96
N PRO D 668 -5.27 29.22 34.92
CA PRO D 668 -4.44 30.42 35.13
C PRO D 668 -3.62 30.85 33.93
N ASN D 669 -3.05 29.91 33.20
CA ASN D 669 -2.23 30.22 32.03
C ASN D 669 -2.25 29.05 31.05
N VAL D 670 -1.53 29.23 29.93
CA VAL D 670 -1.55 28.25 28.85
C VAL D 670 -1.01 26.89 29.29
N LYS D 671 0.10 26.88 30.04
CA LYS D 671 0.69 25.60 30.48
C LYS D 671 -0.22 24.78 31.40
N ALA D 672 -0.88 25.43 32.37
CA ALA D 672 -1.76 24.70 33.27
C ALA D 672 -2.98 24.16 32.55
N ALA D 673 -3.52 24.93 31.61
CA ALA D 673 -4.69 24.50 30.85
C ALA D 673 -4.41 23.21 30.10
N ARG D 674 -3.24 23.10 29.48
CA ARG D 674 -2.91 21.88 28.75
C ARG D 674 -2.83 20.68 29.71
N ARG D 675 -2.24 20.88 30.90
CA ARG D 675 -2.15 19.82 31.91
C ARG D 675 -3.51 19.26 32.29
N MET D 676 -4.56 20.08 32.20
CA MET D 676 -5.91 19.68 32.59
C MET D 676 -6.60 18.79 31.56
N LEU D 677 -6.31 19.01 30.29
CA LEU D 677 -6.87 18.20 29.22
C LEU D 677 -6.21 16.83 29.10
N GLU D 678 -4.99 16.65 29.65
CA GLU D 678 -4.25 15.40 29.54
C GLU D 678 -5.02 14.21 30.14
N ARG D 679 -5.54 14.36 31.35
CA ARG D 679 -6.37 13.34 31.98
C ARG D 679 -7.83 13.61 31.63
N GLN D 680 -8.56 12.57 31.17
CA GLN D 680 -9.93 12.78 30.69
C GLN D 680 -10.91 13.12 31.83
N ARG D 681 -10.61 12.67 33.05
CA ARG D 681 -11.48 12.99 34.18
C ARG D 681 -11.20 14.39 34.72
N ASP D 682 -10.07 14.99 34.35
CA ASP D 682 -9.76 16.35 34.79
C ASP D 682 -10.45 17.39 33.91
N ILE D 683 -11.19 16.97 32.89
CA ILE D 683 -11.86 17.87 31.96
C ILE D 683 -13.20 18.22 32.58
N LYS D 684 -13.44 19.50 32.84
CA LYS D 684 -14.71 19.88 33.42
C LYS D 684 -15.66 20.30 32.30
N ASP D 685 -16.90 20.66 32.66
CA ASP D 685 -17.89 20.87 31.62
C ASP D 685 -17.82 22.26 31.02
N GLU D 686 -17.18 23.19 31.72
CA GLU D 686 -17.07 24.55 31.21
C GLU D 686 -16.12 24.58 30.03
N VAL D 687 -15.22 23.58 29.94
CA VAL D 687 -14.26 23.50 28.84
C VAL D 687 -14.94 23.26 27.50
N TRP D 688 -16.09 22.57 27.51
CA TRP D 688 -16.80 22.33 26.27
C TRP D 688 -17.43 23.60 25.74
N ASP D 689 -17.97 24.42 26.65
CA ASP D 689 -18.48 25.73 26.25
C ASP D 689 -17.33 26.59 25.73
N ALA D 690 -16.16 26.48 26.37
CA ALA D 690 -14.98 27.19 25.89
C ALA D 690 -14.62 26.86 24.44
N LEU D 691 -14.69 25.58 24.05
CA LEU D 691 -14.37 25.19 22.67
C LEU D 691 -15.36 25.74 21.65
N GLU D 692 -16.66 25.78 22.01
CA GLU D 692 -17.72 26.33 21.18
C GLU D 692 -17.45 27.77 20.78
N GLU D 693 -16.94 28.57 21.71
CA GLU D 693 -16.60 29.94 21.39
C GLU D 693 -15.49 29.96 20.34
N VAL D 694 -14.53 29.05 20.45
CA VAL D 694 -13.37 29.02 19.54
C VAL D 694 -13.76 28.79 18.08
N ILE D 695 -14.63 27.79 17.83
CA ILE D 695 -14.86 27.34 16.45
C ILE D 695 -15.88 28.18 15.71
N HIS D 696 -16.33 29.27 16.33
CA HIS D 696 -17.41 30.05 15.75
C HIS D 696 -17.02 30.61 14.38
N GLY D 697 -17.81 30.28 13.36
CA GLY D 697 -17.60 30.81 12.04
C GLY D 697 -16.49 30.18 11.24
N LYS D 698 -15.61 29.39 11.88
CA LYS D 698 -14.52 28.71 11.18
C LYS D 698 -15.02 27.46 10.45
N VAL D 699 -14.28 27.04 9.41
CA VAL D 699 -14.68 25.81 8.76
C VAL D 699 -13.56 24.78 8.89
N VAL D 700 -13.92 23.51 8.66
CA VAL D 700 -12.95 22.43 8.62
C VAL D 700 -13.06 21.80 7.24
N LEU D 701 -12.06 21.04 6.86
CA LEU D 701 -12.08 20.34 5.59
C LEU D 701 -12.42 18.87 5.77
N LEU D 702 -13.33 18.36 4.93
CA LEU D 702 -13.59 16.94 4.83
C LEU D 702 -13.00 16.41 3.54
N ASN D 703 -12.34 15.26 3.63
CA ASN D 703 -11.70 14.58 2.52
C ASN D 703 -12.06 13.11 2.62
N ARG D 704 -12.34 12.47 1.49
CA ARG D 704 -12.53 11.01 1.48
C ARG D 704 -11.74 10.45 0.31
N ALA D 705 -10.89 9.47 0.60
CA ALA D 705 -10.08 8.85 -0.45
C ALA D 705 -10.83 7.72 -1.12
N PRO D 706 -10.67 7.52 -2.44
CA PRO D 706 -9.79 8.27 -3.32
C PRO D 706 -10.27 9.64 -3.71
N THR D 707 -9.38 10.62 -3.75
CA THR D 707 -9.74 11.96 -4.17
C THR D 707 -9.57 12.05 -5.68
N LEU D 708 -10.68 11.81 -6.38
CA LEU D 708 -10.60 11.67 -7.82
C LEU D 708 -10.71 13.02 -8.53
N HIS D 709 -11.55 13.97 -8.02
CA HIS D 709 -11.68 15.32 -8.60
C HIS D 709 -11.72 16.35 -7.47
N ARG D 710 -11.87 17.65 -7.82
CA ARG D 710 -11.59 18.63 -6.78
C ARG D 710 -12.60 18.60 -5.63
N LEU D 711 -13.70 17.89 -5.78
CA LEU D 711 -14.70 17.79 -4.73
C LEU D 711 -14.43 16.65 -3.76
N GLY D 712 -13.32 15.93 -3.87
CA GLY D 712 -12.99 14.98 -2.82
C GLY D 712 -12.68 15.67 -1.51
N ILE D 713 -12.40 16.98 -1.58
CA ILE D 713 -12.28 17.83 -0.42
C ILE D 713 -13.31 18.94 -0.56
N GLN D 714 -14.07 19.18 0.50
CA GLN D 714 -15.02 20.29 0.61
C GLN D 714 -14.96 20.88 2.01
N ALA D 715 -15.38 22.14 2.14
CA ALA D 715 -15.38 22.79 3.46
C ALA D 715 -16.77 22.77 4.14
N PHE D 716 -16.75 22.51 5.43
CA PHE D 716 -17.98 22.53 6.20
C PHE D 716 -17.73 23.27 7.50
N GLN D 717 -18.77 23.96 7.95
CA GLN D 717 -18.76 24.51 9.28
C GLN D 717 -19.17 23.41 10.25
N PRO D 718 -18.33 23.03 11.22
CA PRO D 718 -18.61 21.89 12.11
C PRO D 718 -19.65 22.19 13.17
N VAL D 719 -20.52 21.21 13.44
CA VAL D 719 -21.45 21.26 14.58
C VAL D 719 -21.04 20.19 15.60
N LEU D 720 -20.60 20.62 16.79
CA LEU D 720 -20.17 19.65 17.80
C LEU D 720 -21.26 18.68 18.18
N VAL D 721 -20.90 17.42 18.29
CA VAL D 721 -21.82 16.35 18.66
C VAL D 721 -21.17 15.45 19.72
N GLU D 722 -21.98 14.88 20.59
CA GLU D 722 -21.49 13.77 21.39
C GLU D 722 -21.24 12.60 20.44
N GLY D 723 -20.45 11.63 20.87
CA GLY D 723 -20.33 10.51 19.97
C GLY D 723 -19.06 10.54 19.15
N GLN D 724 -18.73 9.38 18.60
CA GLN D 724 -17.44 9.18 17.96
C GLN D 724 -17.50 9.30 16.43
N SER D 725 -18.66 9.53 15.84
CA SER D 725 -18.85 9.54 14.39
C SER D 725 -18.93 10.93 13.76
N ILE D 726 -18.41 11.04 12.54
CA ILE D 726 -18.59 12.24 11.71
C ILE D 726 -19.95 12.19 11.01
N GLN D 727 -20.69 13.29 11.04
CA GLN D 727 -21.97 13.32 10.36
C GLN D 727 -21.79 14.08 9.06
N LEU D 728 -22.18 13.46 7.95
CA LEU D 728 -22.00 14.01 6.61
C LEU D 728 -23.36 14.37 6.01
N HIS D 729 -23.41 15.51 5.32
CA HIS D 729 -24.67 15.93 4.68
C HIS D 729 -25.05 15.01 3.52
N PRO D 730 -26.33 14.67 3.38
CA PRO D 730 -26.74 13.74 2.30
C PRO D 730 -26.39 14.19 0.88
N LEU D 731 -26.63 15.46 0.52
CA LEU D 731 -26.43 15.88 -0.87
C LEU D 731 -24.98 15.75 -1.33
N VAL D 732 -24.01 15.88 -0.42
CA VAL D 732 -22.62 15.79 -0.87
C VAL D 732 -22.13 14.36 -1.01
N CYS D 733 -22.91 13.34 -0.64
CA CYS D 733 -22.37 11.97 -0.74
C CYS D 733 -21.96 11.62 -2.17
N GLU D 734 -22.63 12.18 -3.20
CA GLU D 734 -22.31 11.80 -4.57
C GLU D 734 -20.92 12.28 -4.99
N ALA D 735 -20.58 13.53 -4.70
CA ALA D 735 -19.28 14.03 -5.13
C ALA D 735 -18.16 13.28 -4.45
N PHE D 736 -18.41 12.83 -3.24
CA PHE D 736 -17.42 12.09 -2.49
C PHE D 736 -17.45 10.60 -2.85
N ASN D 737 -18.43 10.14 -3.60
CA ASN D 737 -18.71 8.71 -3.74
C ASN D 737 -18.76 8.00 -2.38
N ALA D 738 -19.37 8.67 -1.39
CA ALA D 738 -19.51 8.11 -0.05
C ALA D 738 -20.78 7.25 0.11
N ASP D 739 -20.65 6.15 0.86
CA ASP D 739 -21.73 5.32 1.41
C ASP D 739 -21.65 5.47 2.90
N PHE D 740 -22.60 4.85 3.58
CA PHE D 740 -22.51 4.52 5.01
C PHE D 740 -22.28 3.02 5.27
N ASP D 741 -21.67 2.29 4.30
CA ASP D 741 -21.28 0.88 4.51
C ASP D 741 -19.99 0.75 5.35
N GLY D 742 -19.59 1.82 6.04
CA GLY D 742 -18.42 1.86 6.89
C GLY D 742 -17.31 2.80 6.44
N ASP D 743 -17.54 3.62 5.41
CA ASP D 743 -16.58 4.64 4.96
C ASP D 743 -16.10 5.52 6.10
N GLN D 744 -14.86 6.01 5.97
CA GLN D 744 -14.29 7.00 6.88
C GLN D 744 -13.84 8.21 6.09
N MET D 745 -13.78 9.33 6.76
CA MET D 745 -13.29 10.56 6.17
C MET D 745 -12.26 11.18 7.08
N ALA D 746 -11.42 12.01 6.48
CA ALA D 746 -10.38 12.74 7.17
C ALA D 746 -10.84 14.19 7.37
N VAL D 747 -10.37 14.79 8.48
CA VAL D 747 -10.66 16.19 8.80
C VAL D 747 -9.34 16.95 8.79
N HIS D 748 -9.38 18.21 8.32
CA HIS D 748 -8.24 19.12 8.36
C HIS D 748 -8.72 20.48 8.86
N VAL D 749 -7.86 21.19 9.59
CA VAL D 749 -8.17 22.52 10.11
C VAL D 749 -7.32 23.57 9.39
N PRO D 750 -7.89 24.40 8.50
CA PRO D 750 -7.12 25.54 7.96
C PRO D 750 -6.81 26.54 9.08
N LEU D 751 -5.53 26.87 9.26
CA LEU D 751 -5.13 27.64 10.45
C LEU D 751 -5.27 29.15 10.32
N SER D 752 -4.69 29.74 9.26
CA SER D 752 -4.58 31.18 9.14
C SER D 752 -5.87 31.80 8.67
N SER D 753 -5.95 33.13 8.82
CA SER D 753 -7.03 33.90 8.21
C SER D 753 -7.04 33.69 6.70
N PHE D 754 -5.87 33.51 6.11
CA PHE D 754 -5.86 33.35 4.67
C PHE D 754 -6.47 32.02 4.26
N ALA D 755 -6.10 30.92 4.93
CA ALA D 755 -6.62 29.59 4.62
C ALA D 755 -8.11 29.52 4.84
N GLN D 756 -8.56 30.05 5.97
CA GLN D 756 -9.97 30.03 6.29
C GLN D 756 -10.77 30.74 5.22
N ALA D 757 -10.30 31.92 4.76
CA ALA D 757 -10.99 32.62 3.68
C ALA D 757 -11.08 31.79 2.41
N GLU D 758 -9.96 31.22 1.97
CA GLU D 758 -9.99 30.40 0.76
C GLU D 758 -11.03 29.31 0.87
N ALA D 759 -11.08 28.63 2.03
CA ALA D 759 -12.01 27.53 2.25
C ALA D 759 -13.46 28.00 2.22
N ARG D 760 -13.80 29.04 2.99
CA ARG D 760 -15.20 29.46 3.11
C ARG D 760 -15.72 30.03 1.79
N ILE D 761 -14.90 30.72 1.03
CA ILE D 761 -15.39 31.26 -0.23
C ILE D 761 -15.29 30.20 -1.33
N GLN D 762 -14.07 29.70 -1.58
CA GLN D 762 -13.86 28.83 -2.73
C GLN D 762 -14.29 27.38 -2.48
N MET D 763 -14.04 26.86 -1.30
CA MET D 763 -14.20 25.44 -1.02
C MET D 763 -15.50 25.05 -0.31
N LEU D 764 -16.34 26.00 0.08
CA LEU D 764 -17.55 25.65 0.83
C LEU D 764 -18.45 24.75 -0.01
N SER D 765 -19.04 23.74 0.63
CA SER D 765 -19.84 22.80 -0.17
C SER D 765 -20.93 23.53 -0.91
N ALA D 766 -21.60 24.50 -0.26
CA ALA D 766 -22.73 25.23 -0.85
C ALA D 766 -22.32 26.13 -2.03
N HIS D 767 -21.05 26.53 -2.14
CA HIS D 767 -20.64 27.37 -3.27
C HIS D 767 -20.21 26.54 -4.49
N ASN D 768 -20.07 25.23 -4.32
CA ASN D 768 -19.83 24.34 -5.46
C ASN D 768 -21.04 23.42 -5.62
N LEU D 769 -21.97 23.84 -6.46
CA LEU D 769 -23.16 23.05 -6.73
C LEU D 769 -23.11 22.37 -8.10
N LEU D 770 -22.22 22.79 -9.00
CA LEU D 770 -22.20 22.29 -10.36
C LEU D 770 -20.85 21.64 -10.68
N SER D 771 -20.90 20.58 -11.52
CA SER D 771 -19.71 19.84 -11.93
C SER D 771 -18.76 20.72 -12.75
N PRO D 772 -17.46 20.80 -12.39
CA PRO D 772 -16.51 21.51 -13.25
C PRO D 772 -16.27 20.78 -14.56
N ALA D 773 -16.67 19.51 -14.63
CA ALA D 773 -16.46 18.63 -15.79
C ALA D 773 -17.51 18.80 -16.85
N SER D 774 -18.78 18.50 -16.49
CA SER D 774 -19.92 18.63 -17.39
C SER D 774 -20.66 19.95 -17.28
N GLY D 775 -20.47 20.72 -16.21
CA GLY D 775 -21.30 21.90 -15.97
C GLY D 775 -22.70 21.69 -15.41
N GLU D 776 -23.15 20.42 -15.25
CA GLU D 776 -24.44 19.97 -14.71
C GLU D 776 -24.49 20.03 -13.16
N PRO D 777 -25.67 19.99 -12.56
CA PRO D 777 -25.73 19.96 -11.09
C PRO D 777 -25.07 18.72 -10.51
N LEU D 778 -24.24 18.93 -9.47
CA LEU D 778 -23.61 17.87 -8.66
C LEU D 778 -24.36 17.59 -7.35
N ALA D 779 -24.65 18.61 -6.55
CA ALA D 779 -25.47 18.36 -5.37
C ALA D 779 -26.91 18.37 -5.86
N LYS D 780 -27.54 17.22 -5.93
CA LYS D 780 -28.88 17.11 -6.49
C LYS D 780 -29.61 15.97 -5.81
N PRO D 781 -30.94 15.99 -5.79
CA PRO D 781 -31.71 14.86 -5.23
C PRO D 781 -31.31 13.50 -5.82
N SER D 782 -31.35 12.48 -4.93
CA SER D 782 -31.03 11.08 -5.21
C SER D 782 -31.68 10.22 -4.14
N ARG D 783 -31.79 8.94 -4.42
CA ARG D 783 -32.27 7.95 -3.45
C ARG D 783 -33.57 8.36 -2.75
N ASP D 784 -33.57 8.48 -1.41
CA ASP D 784 -34.82 8.78 -0.71
C ASP D 784 -35.44 10.09 -1.17
N ILE D 785 -34.61 11.11 -1.38
CA ILE D 785 -35.14 12.41 -1.75
C ILE D 785 -35.97 12.31 -3.02
N ILE D 786 -35.39 11.75 -4.10
CA ILE D 786 -36.16 11.46 -5.31
C ILE D 786 -37.38 10.61 -4.97
N LEU D 787 -37.18 9.55 -4.19
CA LEU D 787 -38.29 8.63 -3.89
C LEU D 787 -39.49 9.36 -3.29
N GLY D 788 -39.27 10.18 -2.25
CA GLY D 788 -40.37 10.92 -1.66
C GLY D 788 -41.08 11.85 -2.63
N LEU D 789 -40.33 12.71 -3.34
CA LEU D 789 -40.91 13.66 -4.28
C LEU D 789 -41.69 12.98 -5.42
N TYR D 790 -41.16 11.91 -6.02
CA TYR D 790 -41.92 11.17 -7.02
C TYR D 790 -43.23 10.61 -6.46
N TYR D 791 -43.22 10.07 -5.23
CA TYR D 791 -44.42 9.45 -4.66
C TYR D 791 -45.59 10.44 -4.50
N ILE D 792 -45.32 11.67 -4.04
CA ILE D 792 -46.37 12.66 -3.87
C ILE D 792 -46.76 13.36 -5.17
N THR D 793 -45.90 13.34 -6.19
CA THR D 793 -46.32 13.98 -7.44
C THR D 793 -46.84 13.01 -8.51
N GLN D 794 -46.94 11.72 -8.22
CA GLN D 794 -47.53 10.80 -9.18
C GLN D 794 -49.05 10.77 -9.01
N VAL D 795 -49.76 10.59 -10.13
CA VAL D 795 -51.22 10.62 -10.16
C VAL D 795 -51.73 9.20 -10.36
N ARG D 796 -52.86 8.92 -9.70
CA ARG D 796 -53.54 7.64 -9.81
C ARG D 796 -54.19 7.50 -11.19
N LYS D 797 -54.21 6.29 -11.73
CA LYS D 797 -55.04 6.04 -12.91
C LYS D 797 -55.77 4.74 -12.64
N GLU D 798 -57.11 4.79 -12.55
CA GLU D 798 -57.93 3.67 -12.12
C GLU D 798 -58.77 3.12 -13.26
N LYS D 799 -59.07 1.81 -13.16
CA LYS D 799 -59.68 1.01 -14.22
C LYS D 799 -61.22 0.86 -14.14
N LYS D 800 -61.86 1.23 -13.02
CA LYS D 800 -63.29 0.93 -12.82
C LYS D 800 -64.20 1.65 -13.81
N GLY D 801 -64.03 2.96 -13.92
CA GLY D 801 -64.83 3.74 -14.85
C GLY D 801 -64.71 3.25 -16.28
N ALA D 802 -63.47 3.13 -16.76
CA ALA D 802 -63.19 2.54 -18.07
C ALA D 802 -63.84 3.34 -19.19
N GLY D 803 -63.61 4.66 -19.18
CA GLY D 803 -63.98 5.54 -20.28
C GLY D 803 -65.43 5.65 -20.71
N LEU D 804 -66.38 5.75 -19.77
CA LEU D 804 -67.77 5.97 -20.17
C LEU D 804 -68.03 7.44 -20.53
N GLU D 805 -69.00 7.65 -21.41
CA GLU D 805 -69.45 9.00 -21.75
C GLU D 805 -70.69 9.34 -20.93
N PHE D 806 -70.73 10.60 -20.50
CA PHE D 806 -71.84 11.17 -19.76
C PHE D 806 -72.06 12.52 -20.40
N ALA D 807 -73.32 12.85 -20.67
CA ALA D 807 -73.63 14.15 -21.26
C ALA D 807 -73.39 15.28 -20.27
N THR D 808 -74.05 15.20 -19.08
CA THR D 808 -73.96 16.18 -17.99
C THR D 808 -73.06 15.71 -16.85
N PRO D 809 -72.16 16.60 -16.42
CA PRO D 809 -71.34 16.33 -15.23
C PRO D 809 -72.11 15.90 -13.98
N GLU D 810 -73.34 16.38 -13.77
CA GLU D 810 -74.08 15.95 -12.59
C GLU D 810 -74.51 14.49 -12.70
N GLU D 811 -74.68 14.01 -13.94
CA GLU D 811 -74.90 12.60 -14.19
C GLU D 811 -73.71 11.76 -13.70
N ALA D 812 -72.50 12.19 -14.07
CA ALA D 812 -71.26 11.51 -13.70
C ALA D 812 -71.10 11.37 -12.19
N LEU D 813 -71.23 12.46 -11.43
CA LEU D 813 -71.09 12.36 -9.98
C LEU D 813 -72.07 11.34 -9.43
N ALA D 814 -73.28 11.33 -10.00
CA ALA D 814 -74.30 10.36 -9.64
C ALA D 814 -73.85 8.94 -9.97
N ALA D 815 -73.21 8.75 -11.14
CA ALA D 815 -72.72 7.44 -11.53
C ALA D 815 -71.64 6.97 -10.56
N HIS D 816 -70.77 7.90 -10.12
CA HIS D 816 -69.77 7.58 -9.10
C HIS D 816 -70.44 7.24 -7.78
N GLU D 817 -71.50 7.97 -7.43
CA GLU D 817 -72.21 7.69 -6.19
C GLU D 817 -72.80 6.31 -6.19
N ARG D 818 -73.20 5.81 -7.36
CA ARG D 818 -73.68 4.44 -7.43
C ARG D 818 -72.54 3.44 -7.25
N GLY D 819 -71.30 3.89 -7.41
CA GLY D 819 -70.15 3.03 -7.26
C GLY D 819 -69.87 2.27 -8.53
N GLU D 820 -70.40 2.77 -9.64
CA GLU D 820 -70.18 2.22 -10.98
C GLU D 820 -68.92 2.76 -11.63
N VAL D 821 -68.41 3.90 -11.18
CA VAL D 821 -67.29 4.58 -11.83
C VAL D 821 -66.34 5.09 -10.74
N ALA D 822 -65.04 4.83 -10.93
CA ALA D 822 -64.00 5.25 -9.99
C ALA D 822 -63.63 6.73 -10.14
N LEU D 823 -63.06 7.29 -9.07
CA LEU D 823 -62.82 8.73 -8.97
C LEU D 823 -61.88 9.24 -10.06
N ASN D 824 -60.77 8.53 -10.31
CA ASN D 824 -59.71 8.91 -11.24
C ASN D 824 -59.79 8.29 -12.64
N ALA D 825 -60.83 7.50 -12.95
CA ALA D 825 -60.92 6.90 -14.29
C ALA D 825 -61.09 7.98 -15.36
N PRO D 826 -60.35 7.91 -16.46
CA PRO D 826 -60.53 8.87 -17.57
C PRO D 826 -61.86 8.68 -18.28
N ILE D 827 -62.55 9.78 -18.58
CA ILE D 827 -63.90 9.75 -19.14
C ILE D 827 -64.08 10.98 -20.02
N LYS D 828 -65.10 10.95 -20.88
CA LYS D 828 -65.44 12.11 -21.70
C LYS D 828 -66.84 12.53 -21.30
N VAL D 829 -66.94 13.66 -20.62
CA VAL D 829 -68.22 14.30 -20.37
C VAL D 829 -68.24 15.57 -21.20
N ALA D 830 -69.31 15.78 -21.98
CA ALA D 830 -69.35 16.85 -22.98
C ALA D 830 -68.13 16.86 -23.91
N GLY D 831 -67.82 15.71 -24.49
CA GLY D 831 -66.71 15.56 -25.44
C GLY D 831 -65.31 15.83 -24.94
N ARG D 832 -65.16 16.66 -23.90
CA ARG D 832 -63.85 16.98 -23.35
C ARG D 832 -63.47 15.82 -22.44
N GLU D 833 -62.18 15.63 -22.20
CA GLU D 833 -61.76 14.55 -21.30
C GLU D 833 -61.39 15.04 -19.91
N THR D 834 -62.23 14.66 -18.92
CA THR D 834 -62.02 15.01 -17.52
C THR D 834 -62.19 13.72 -16.70
N SER D 835 -62.13 13.83 -15.36
CA SER D 835 -62.41 12.71 -14.47
C SER D 835 -63.39 13.12 -13.38
N VAL D 836 -64.07 12.10 -12.84
CA VAL D 836 -65.06 12.31 -11.78
C VAL D 836 -64.50 13.19 -10.67
N GLY D 837 -63.23 12.93 -10.27
CA GLY D 837 -62.59 13.68 -9.19
C GLY D 837 -62.42 15.16 -9.50
N ARG D 838 -62.24 15.49 -10.78
CA ARG D 838 -62.08 16.87 -11.21
C ARG D 838 -63.38 17.65 -11.05
N LEU D 839 -64.53 16.99 -11.24
CA LEU D 839 -65.85 17.59 -11.09
C LEU D 839 -66.31 17.71 -9.64
N LYS D 840 -66.19 16.61 -8.88
CA LYS D 840 -66.69 16.55 -7.50
C LYS D 840 -66.03 17.63 -6.63
N TYR D 841 -64.68 17.62 -6.62
CA TYR D 841 -63.82 18.49 -5.82
C TYR D 841 -63.19 19.61 -6.66
N VAL D 842 -63.64 20.86 -6.44
CA VAL D 842 -63.05 22.07 -7.08
C VAL D 842 -62.71 23.11 -5.99
N PHE D 843 -61.40 23.38 -5.76
CA PHE D 843 -60.87 24.16 -4.63
C PHE D 843 -60.48 25.59 -5.02
N ALA D 844 -60.89 26.57 -4.20
CA ALA D 844 -60.63 28.00 -4.44
C ALA D 844 -59.16 28.36 -4.49
N ASN D 845 -58.36 27.78 -3.59
CA ASN D 845 -56.97 28.13 -3.53
C ASN D 845 -56.24 26.90 -3.01
N PRO D 846 -54.90 26.90 -3.04
CA PRO D 846 -54.16 25.73 -2.54
C PRO D 846 -54.36 25.38 -1.07
N ASP D 847 -54.36 26.40 -0.19
CA ASP D 847 -54.49 26.13 1.25
C ASP D 847 -55.66 25.21 1.55
N GLU D 848 -56.76 25.37 0.80
CA GLU D 848 -57.98 24.58 0.97
C GLU D 848 -57.79 23.13 0.51
N ALA D 849 -57.17 22.96 -0.66
CA ALA D 849 -56.92 21.63 -1.22
C ALA D 849 -56.17 20.76 -0.20
N LEU D 850 -55.12 21.30 0.45
CA LEU D 850 -54.36 20.48 1.40
C LEU D 850 -55.16 20.25 2.70
N LEU D 851 -56.05 21.21 3.03
CA LEU D 851 -56.98 21.03 4.13
C LEU D 851 -57.94 19.88 3.85
N ALA D 852 -58.31 19.67 2.59
CA ALA D 852 -59.17 18.52 2.30
C ALA D 852 -58.40 17.23 2.49
N VAL D 853 -57.13 17.20 2.02
CA VAL D 853 -56.24 16.06 2.20
C VAL D 853 -56.00 15.79 3.68
N ALA D 854 -55.85 16.87 4.46
CA ALA D 854 -55.64 16.71 5.88
C ALA D 854 -56.81 15.97 6.55
N HIS D 855 -58.04 16.17 6.05
CA HIS D 855 -59.27 15.56 6.55
C HIS D 855 -59.67 14.26 5.84
N GLY D 856 -58.82 13.75 4.97
CA GLY D 856 -58.98 12.48 4.28
C GLY D 856 -60.03 12.49 3.22
N ILE D 857 -60.40 13.66 2.74
CA ILE D 857 -61.37 13.73 1.67
C ILE D 857 -60.75 13.26 0.36
N VAL D 858 -59.52 13.71 0.10
CA VAL D 858 -58.77 13.26 -1.08
C VAL D 858 -57.34 12.98 -0.66
N ASP D 859 -56.67 12.17 -1.47
CA ASP D 859 -55.26 11.94 -1.22
C ASP D 859 -54.44 12.84 -2.13
N LEU D 860 -53.12 12.83 -1.96
CA LEU D 860 -52.30 13.74 -2.73
C LEU D 860 -52.13 13.29 -4.17
N GLN D 861 -52.38 12.02 -4.48
CA GLN D 861 -52.15 11.49 -5.81
C GLN D 861 -53.45 11.50 -6.63
N ASP D 862 -54.57 11.97 -6.03
CA ASP D 862 -55.87 12.11 -6.69
C ASP D 862 -55.90 13.31 -7.59
N VAL D 863 -56.40 13.15 -8.83
CA VAL D 863 -56.54 14.30 -9.70
C VAL D 863 -57.83 15.05 -9.32
N VAL D 864 -57.76 16.37 -9.31
CA VAL D 864 -58.67 17.23 -8.57
C VAL D 864 -58.59 18.56 -9.30
N THR D 865 -59.56 19.46 -9.10
CA THR D 865 -59.47 20.79 -9.72
C THR D 865 -59.06 21.86 -8.69
N VAL D 866 -57.91 22.54 -8.92
CA VAL D 866 -57.41 23.58 -8.02
C VAL D 866 -57.10 24.87 -8.77
N ARG D 867 -57.57 25.99 -8.22
CA ARG D 867 -57.36 27.34 -8.72
C ARG D 867 -56.12 27.92 -8.04
N TYR D 868 -55.03 28.12 -8.80
CA TYR D 868 -53.73 28.57 -8.27
C TYR D 868 -53.21 29.68 -9.17
N MET D 869 -52.92 30.85 -8.58
CA MET D 869 -52.37 31.99 -9.33
C MET D 869 -53.15 32.34 -10.60
N GLY D 870 -54.48 32.48 -10.47
CA GLY D 870 -55.26 32.95 -11.59
C GLY D 870 -55.69 31.92 -12.58
N LYS D 871 -55.14 30.71 -12.53
CA LYS D 871 -55.51 29.68 -13.48
C LYS D 871 -56.29 28.57 -12.79
N ARG D 872 -57.25 27.97 -13.51
CA ARG D 872 -58.02 26.85 -13.00
C ARG D 872 -57.29 25.62 -13.53
N LEU D 873 -56.65 24.86 -12.65
CA LEU D 873 -55.72 23.82 -13.08
C LEU D 873 -56.27 22.44 -12.80
N GLU D 874 -55.94 21.46 -13.67
CA GLU D 874 -56.13 20.05 -13.32
C GLU D 874 -54.81 19.33 -12.99
N THR D 875 -54.62 19.04 -11.70
CA THR D 875 -53.45 18.40 -11.09
C THR D 875 -53.93 17.74 -9.80
N SER D 876 -53.00 17.14 -9.11
CA SER D 876 -53.14 16.53 -7.80
C SER D 876 -52.82 17.56 -6.73
N PRO D 877 -53.33 17.38 -5.50
CA PRO D 877 -52.88 18.26 -4.41
C PRO D 877 -51.38 18.15 -4.20
N GLY D 878 -50.82 16.95 -4.41
CA GLY D 878 -49.39 16.77 -4.28
C GLY D 878 -48.58 17.69 -5.17
N ARG D 879 -48.95 17.80 -6.46
CA ARG D 879 -48.21 18.69 -7.38
C ARG D 879 -48.35 20.15 -6.95
N ILE D 880 -49.50 20.54 -6.41
CA ILE D 880 -49.62 21.88 -5.82
C ILE D 880 -48.66 22.04 -4.64
N LEU D 881 -48.56 21.01 -3.77
CA LEU D 881 -47.67 21.05 -2.60
C LEU D 881 -46.21 21.16 -3.04
N PHE D 882 -45.82 20.39 -4.05
CA PHE D 882 -44.45 20.45 -4.54
C PHE D 882 -44.16 21.86 -5.02
N ALA D 883 -45.04 22.42 -5.85
CA ALA D 883 -44.80 23.77 -6.35
C ALA D 883 -44.67 24.74 -5.20
N ARG D 884 -45.40 24.51 -4.10
CA ARG D 884 -45.28 25.44 -2.98
C ARG D 884 -43.94 25.27 -2.26
N ILE D 885 -43.44 24.01 -2.13
CA ILE D 885 -42.12 23.76 -1.51
C ILE D 885 -41.05 24.59 -2.22
N VAL D 886 -41.02 24.46 -3.55
CA VAL D 886 -40.13 25.24 -4.41
C VAL D 886 -40.33 26.73 -4.16
N ALA D 887 -41.60 27.15 -4.19
CA ALA D 887 -41.99 28.57 -4.05
C ALA D 887 -41.51 29.19 -2.74
N GLU D 888 -41.77 28.52 -1.60
CA GLU D 888 -41.34 29.06 -0.31
C GLU D 888 -39.83 29.03 -0.11
N ALA D 889 -39.15 28.00 -0.64
CA ALA D 889 -37.70 27.87 -0.48
C ALA D 889 -36.95 29.05 -1.08
N VAL D 890 -37.33 29.45 -2.31
CA VAL D 890 -36.61 30.53 -2.97
C VAL D 890 -37.23 31.89 -2.68
N GLU D 891 -38.37 31.92 -1.96
CA GLU D 891 -39.04 33.18 -1.56
C GLU D 891 -39.33 34.07 -2.76
N ASP D 892 -39.52 33.44 -3.91
CA ASP D 892 -39.99 34.12 -5.10
C ASP D 892 -41.08 33.25 -5.74
N GLU D 893 -42.33 33.72 -5.67
CA GLU D 893 -43.46 32.89 -6.09
C GLU D 893 -43.59 32.92 -7.60
N LYS D 894 -43.30 34.07 -8.21
CA LYS D 894 -43.47 34.22 -9.65
C LYS D 894 -42.43 33.41 -10.40
N VAL D 895 -41.15 33.61 -10.04
CA VAL D 895 -40.08 32.82 -10.67
C VAL D 895 -40.26 31.33 -10.40
N ALA D 896 -40.54 30.97 -9.14
CA ALA D 896 -40.77 29.56 -8.80
C ALA D 896 -41.76 28.88 -9.74
N TRP D 897 -42.90 29.51 -9.99
CA TRP D 897 -43.89 28.90 -10.88
C TRP D 897 -43.32 28.64 -12.28
N GLU D 898 -42.42 29.50 -12.74
CA GLU D 898 -41.84 29.31 -14.05
C GLU D 898 -40.96 28.05 -14.16
N LEU D 899 -40.06 27.83 -13.19
CA LEU D 899 -39.06 26.76 -13.30
C LEU D 899 -39.67 25.36 -13.38
N ILE D 900 -40.50 24.99 -12.41
CA ILE D 900 -41.09 23.65 -12.31
C ILE D 900 -41.79 23.22 -13.60
N GLN D 901 -41.71 21.93 -13.91
CA GLN D 901 -42.62 21.30 -14.86
C GLN D 901 -43.64 20.61 -14.01
N LEU D 902 -44.85 21.19 -13.95
CA LEU D 902 -45.83 20.73 -12.98
C LEU D 902 -46.58 19.49 -13.43
N ASP D 903 -46.75 19.29 -14.73
CA ASP D 903 -47.69 18.27 -15.24
C ASP D 903 -47.11 16.86 -15.28
N VAL D 904 -45.94 16.68 -14.68
CA VAL D 904 -45.19 15.45 -14.76
C VAL D 904 -44.71 15.09 -13.34
N PRO D 905 -44.54 13.81 -13.01
CA PRO D 905 -43.97 13.45 -11.71
C PRO D 905 -42.49 13.82 -11.66
N GLN D 906 -42.08 14.38 -10.53
CA GLN D 906 -40.68 14.75 -10.38
C GLN D 906 -39.86 13.46 -10.23
N GLU D 907 -38.79 13.33 -11.02
CA GLU D 907 -37.86 12.20 -10.95
C GLU D 907 -36.45 12.79 -11.12
N LYS D 908 -35.42 11.94 -11.29
CA LYS D 908 -34.05 12.42 -11.28
C LYS D 908 -33.79 13.57 -12.26
N ASN D 909 -34.24 13.44 -13.52
CA ASN D 909 -33.91 14.47 -14.52
C ASN D 909 -34.63 15.80 -14.25
N SER D 910 -35.95 15.77 -14.04
CA SER D 910 -36.60 17.06 -13.83
C SER D 910 -36.03 17.76 -12.61
N LEU D 911 -35.73 17.03 -11.55
CA LEU D 911 -35.21 17.69 -10.35
C LEU D 911 -33.81 18.25 -10.64
N LYS D 912 -33.03 17.53 -11.45
CA LYS D 912 -31.71 18.00 -11.85
C LYS D 912 -31.86 19.30 -12.63
N ASP D 913 -32.81 19.35 -13.58
CA ASP D 913 -33.05 20.57 -14.34
C ASP D 913 -33.47 21.70 -13.41
N LEU D 914 -34.34 21.39 -12.44
CA LEU D 914 -34.79 22.41 -11.49
C LEU D 914 -33.59 23.04 -10.77
N VAL D 915 -32.66 22.22 -10.23
CA VAL D 915 -31.46 22.77 -9.58
C VAL D 915 -30.68 23.67 -10.55
N TYR D 916 -30.49 23.22 -11.79
CA TYR D 916 -29.72 24.03 -12.72
C TYR D 916 -30.44 25.33 -13.01
N GLN D 917 -31.74 25.23 -13.37
CA GLN D 917 -32.59 26.39 -13.68
C GLN D 917 -32.70 27.35 -12.52
N ALA D 918 -32.85 26.82 -11.31
CA ALA D 918 -32.85 27.66 -10.11
C ALA D 918 -31.50 28.35 -9.92
N PHE D 919 -30.39 27.65 -10.25
CA PHE D 919 -29.04 28.22 -10.12
C PHE D 919 -28.83 29.43 -11.04
N LEU D 920 -29.26 29.33 -12.30
CA LEU D 920 -29.10 30.43 -13.25
C LEU D 920 -29.85 31.69 -12.81
N ARG D 921 -31.16 31.55 -12.52
CA ARG D 921 -32.07 32.67 -12.23
C ARG D 921 -31.96 33.22 -10.80
N LEU D 922 -31.99 32.36 -9.79
CA LEU D 922 -31.97 32.86 -8.42
C LEU D 922 -30.58 32.82 -7.76
N GLY D 923 -29.62 32.14 -8.37
CA GLY D 923 -28.27 32.08 -7.82
C GLY D 923 -28.01 30.99 -6.80
N MET D 924 -26.75 30.96 -6.36
CA MET D 924 -26.25 29.92 -5.46
C MET D 924 -26.92 30.01 -4.08
N GLU D 925 -26.90 31.18 -3.43
CA GLU D 925 -27.39 31.25 -2.05
C GLU D 925 -28.79 30.66 -1.93
N LYS D 926 -29.70 31.06 -2.82
CA LYS D 926 -31.07 30.55 -2.81
C LYS D 926 -31.14 29.09 -3.21
N THR D 927 -30.29 28.67 -4.17
CA THR D 927 -30.30 27.27 -4.59
C THR D 927 -29.88 26.39 -3.44
N ALA D 928 -29.00 26.89 -2.56
CA ALA D 928 -28.66 26.12 -1.37
C ALA D 928 -29.92 25.91 -0.52
N ARG D 929 -30.67 27.00 -0.30
CA ARG D 929 -31.92 26.89 0.44
C ARG D 929 -32.91 25.95 -0.24
N LEU D 930 -33.03 26.06 -1.57
CA LEU D 930 -33.93 25.17 -2.33
C LEU D 930 -33.55 23.71 -2.15
N LEU D 931 -32.23 23.41 -2.21
CA LEU D 931 -31.72 22.06 -2.08
C LEU D 931 -32.06 21.50 -0.70
N ASP D 932 -31.78 22.27 0.35
CA ASP D 932 -32.13 21.84 1.70
C ASP D 932 -33.63 21.62 1.85
N ALA D 933 -34.48 22.50 1.25
CA ALA D 933 -35.93 22.31 1.31
C ALA D 933 -36.36 21.02 0.62
N LEU D 934 -35.86 20.80 -0.62
CA LEU D 934 -36.13 19.57 -1.37
C LEU D 934 -35.68 18.38 -0.54
N LYS D 935 -34.51 18.52 0.11
CA LYS D 935 -34.02 17.50 1.02
C LYS D 935 -35.02 17.24 2.15
N TYR D 936 -35.41 18.30 2.85
CA TYR D 936 -36.29 18.15 4.02
C TYR D 936 -37.59 17.41 3.71
N TYR D 937 -38.39 17.95 2.80
CA TYR D 937 -39.71 17.35 2.54
C TYR D 937 -39.57 15.95 1.92
N GLY D 938 -38.61 15.77 1.01
CA GLY D 938 -38.38 14.48 0.38
C GLY D 938 -38.19 13.36 1.39
N PHE D 939 -37.35 13.58 2.37
CA PHE D 939 -37.16 12.55 3.39
C PHE D 939 -38.47 12.25 4.11
N THR D 940 -39.15 13.31 4.62
CA THR D 940 -40.40 13.16 5.39
C THR D 940 -41.45 12.31 4.67
N PHE D 941 -41.68 12.60 3.37
CA PHE D 941 -42.70 11.88 2.61
C PHE D 941 -42.30 10.45 2.31
N SER D 942 -41.04 10.18 2.10
CA SER D 942 -40.62 8.82 1.83
C SER D 942 -40.96 7.90 3.02
N THR D 943 -40.87 8.41 4.25
CA THR D 943 -41.12 7.58 5.43
C THR D 943 -42.57 7.15 5.55
N THR D 944 -43.51 8.10 5.38
CA THR D 944 -44.95 7.86 5.52
C THR D 944 -45.56 7.22 4.27
N SER D 945 -44.90 7.30 3.12
CA SER D 945 -45.36 6.76 1.85
C SER D 945 -45.70 5.26 1.90
N GLY D 946 -45.01 4.49 2.76
CA GLY D 946 -45.23 3.05 2.78
C GLY D 946 -44.51 2.25 1.71
N ILE D 947 -43.32 2.68 1.33
CA ILE D 947 -42.49 1.93 0.39
C ILE D 947 -41.74 0.82 1.10
N THR D 948 -41.85 -0.38 0.58
CA THR D 948 -41.22 -1.54 1.19
C THR D 948 -40.88 -2.48 0.05
N ILE D 949 -40.22 -3.61 0.36
CA ILE D 949 -40.02 -4.68 -0.61
C ILE D 949 -40.26 -6.02 0.08
N GLY D 950 -41.31 -6.73 -0.34
CA GLY D 950 -41.53 -8.10 0.04
C GLY D 950 -41.28 -8.95 -1.19
N ILE D 951 -41.22 -10.26 -0.99
CA ILE D 951 -40.92 -11.13 -2.13
C ILE D 951 -41.99 -11.07 -3.20
N ASP D 952 -43.24 -10.79 -2.81
CA ASP D 952 -44.30 -10.73 -3.79
C ASP D 952 -44.25 -9.47 -4.63
N ASP D 953 -43.34 -8.54 -4.32
CA ASP D 953 -43.25 -7.33 -5.14
C ASP D 953 -42.46 -7.55 -6.41
N ALA D 954 -41.83 -8.71 -6.57
CA ALA D 954 -41.19 -9.06 -7.85
C ALA D 954 -42.17 -9.94 -8.59
N VAL D 955 -42.79 -9.37 -9.62
CA VAL D 955 -43.99 -9.93 -10.25
C VAL D 955 -43.57 -10.61 -11.54
N ILE D 956 -43.70 -11.94 -11.58
CA ILE D 956 -43.42 -12.71 -12.78
C ILE D 956 -44.56 -12.40 -13.74
N PRO D 957 -44.28 -11.86 -14.92
CA PRO D 957 -45.36 -11.58 -15.89
C PRO D 957 -45.97 -12.84 -16.48
N GLU D 958 -47.29 -12.79 -16.72
CA GLU D 958 -47.91 -13.95 -17.37
C GLU D 958 -47.26 -14.20 -18.73
N GLU D 959 -46.75 -13.14 -19.35
CA GLU D 959 -46.18 -13.27 -20.68
C GLU D 959 -44.93 -14.17 -20.68
N LYS D 960 -44.30 -14.35 -19.51
CA LYS D 960 -43.05 -15.13 -19.44
C LYS D 960 -43.24 -16.55 -19.97
N LYS D 961 -44.22 -17.30 -19.43
CA LYS D 961 -44.45 -18.67 -19.88
C LYS D 961 -44.64 -18.77 -21.39
N GLN D 962 -45.37 -17.81 -21.98
CA GLN D 962 -45.60 -17.78 -23.43
C GLN D 962 -44.27 -17.61 -24.18
N TYR D 963 -43.51 -16.58 -23.83
CA TYR D 963 -42.22 -16.32 -24.43
C TYR D 963 -41.25 -17.51 -24.28
N LEU D 964 -41.31 -18.28 -23.17
CA LEU D 964 -40.43 -19.45 -23.01
C LEU D 964 -40.85 -20.58 -23.96
N GLU D 965 -42.16 -20.82 -24.09
CA GLU D 965 -42.66 -21.83 -25.02
C GLU D 965 -42.26 -21.52 -26.46
N GLU D 966 -42.35 -20.24 -26.85
CA GLU D 966 -41.91 -19.80 -28.18
C GLU D 966 -40.43 -20.09 -28.40
N ALA D 967 -39.60 -19.81 -27.39
CA ALA D 967 -38.16 -20.03 -27.47
C ALA D 967 -37.76 -21.51 -27.64
N ASP D 968 -38.49 -22.44 -27.02
CA ASP D 968 -38.10 -23.85 -27.13
C ASP D 968 -38.37 -24.43 -28.52
N ARG D 969 -39.50 -24.09 -29.14
CA ARG D 969 -39.76 -24.57 -30.50
C ARG D 969 -38.75 -24.00 -31.49
N LYS D 970 -38.34 -22.75 -31.33
CA LYS D 970 -37.31 -22.21 -32.21
C LYS D 970 -36.00 -22.96 -32.04
N LEU D 971 -35.57 -23.20 -30.78
CA LEU D 971 -34.32 -23.92 -30.53
C LEU D 971 -34.35 -25.34 -31.10
N LEU D 972 -35.48 -26.04 -30.97
CA LEU D 972 -35.64 -27.35 -31.59
C LEU D 972 -35.46 -27.30 -33.12
N GLN D 973 -36.02 -26.26 -33.79
CA GLN D 973 -35.89 -26.11 -35.25
C GLN D 973 -34.44 -25.91 -35.71
N ILE D 974 -33.62 -25.22 -34.91
CA ILE D 974 -32.21 -25.00 -35.24
C ILE D 974 -31.41 -26.30 -35.09
N GLU D 975 -31.81 -27.17 -34.14
CA GLU D 975 -31.19 -28.49 -33.97
C GLU D 975 -31.47 -29.39 -35.17
N GLN D 976 -32.69 -29.34 -35.71
CA GLN D 976 -32.99 -30.11 -36.92
C GLN D 976 -32.09 -29.70 -38.07
N ALA D 977 -31.82 -28.39 -38.21
CA ALA D 977 -30.91 -27.91 -39.24
C ALA D 977 -29.45 -28.22 -38.96
N TYR D 978 -29.10 -28.65 -37.73
CA TYR D 978 -27.71 -29.12 -37.49
C TYR D 978 -27.52 -30.60 -37.80
N GLU D 979 -28.18 -31.51 -37.05
CA GLU D 979 -27.93 -32.94 -37.30
C GLU D 979 -28.33 -33.38 -38.71
N MET D 980 -29.17 -32.62 -39.40
CA MET D 980 -29.47 -32.85 -40.81
C MET D 980 -28.48 -32.14 -41.74
N GLY D 981 -27.53 -31.39 -41.18
CA GLY D 981 -26.47 -30.77 -41.95
C GLY D 981 -26.87 -29.57 -42.76
N PHE D 982 -27.94 -28.85 -42.37
CA PHE D 982 -28.32 -27.62 -43.07
C PHE D 982 -27.46 -26.45 -42.63
N LEU D 983 -27.20 -26.35 -41.32
CA LEU D 983 -26.36 -25.28 -40.77
C LEU D 983 -25.16 -25.85 -40.01
N THR D 984 -24.09 -25.03 -39.97
CA THR D 984 -22.83 -25.38 -39.34
C THR D 984 -22.92 -25.36 -37.81
N ASP D 985 -21.80 -25.67 -37.14
CA ASP D 985 -21.74 -25.49 -35.68
C ASP D 985 -21.64 -24.01 -35.34
N ARG D 986 -20.84 -23.26 -36.12
CA ARG D 986 -20.75 -21.81 -35.93
C ARG D 986 -22.12 -21.18 -36.09
N GLU D 987 -22.78 -21.44 -37.23
CA GLU D 987 -24.09 -20.86 -37.53
C GLU D 987 -25.13 -21.24 -36.47
N ARG D 988 -25.14 -22.50 -36.02
CA ARG D 988 -26.11 -22.93 -35.02
C ARG D 988 -25.94 -22.21 -33.69
N TYR D 989 -24.70 -22.17 -33.17
CA TYR D 989 -24.44 -21.44 -31.92
C TYR D 989 -24.81 -19.95 -32.04
N ASP D 990 -24.37 -19.31 -33.13
CA ASP D 990 -24.69 -17.88 -33.36
C ASP D 990 -26.19 -17.62 -33.39
N GLN D 991 -26.97 -18.51 -34.01
CA GLN D 991 -28.41 -18.38 -34.08
C GLN D 991 -29.06 -18.55 -32.71
N ILE D 992 -28.54 -19.48 -31.89
CA ILE D 992 -29.09 -19.72 -30.54
C ILE D 992 -28.92 -18.48 -29.67
N LEU D 993 -27.71 -17.90 -29.64
CA LEU D 993 -27.48 -16.68 -28.85
C LEU D 993 -28.42 -15.56 -29.27
N GLN D 994 -28.61 -15.38 -30.57
CA GLN D 994 -29.50 -14.33 -31.07
C GLN D 994 -30.94 -14.55 -30.59
N LEU D 995 -31.45 -15.77 -30.75
CA LEU D 995 -32.79 -16.12 -30.27
C LEU D 995 -32.97 -15.75 -28.79
N TRP D 996 -32.03 -16.18 -27.93
CA TRP D 996 -32.16 -15.92 -26.48
C TRP D 996 -32.00 -14.44 -26.13
N THR D 997 -31.15 -13.70 -26.85
CA THR D 997 -31.08 -12.25 -26.64
C THR D 997 -32.47 -11.61 -26.83
N GLU D 998 -33.13 -11.94 -27.94
CA GLU D 998 -34.44 -11.35 -28.25
C GLU D 998 -35.49 -11.79 -27.22
N THR D 999 -35.46 -13.05 -26.78
CA THR D 999 -36.40 -13.49 -25.75
C THR D 999 -36.22 -12.71 -24.45
N THR D 1000 -34.96 -12.39 -24.10
CA THR D 1000 -34.66 -11.56 -22.93
C THR D 1000 -35.32 -10.18 -23.04
N GLU D 1001 -35.02 -9.47 -24.15
CA GLU D 1001 -35.63 -8.17 -24.41
C GLU D 1001 -37.16 -8.26 -24.32
N LYS D 1002 -37.73 -9.30 -24.94
CA LYS D 1002 -39.17 -9.53 -24.89
C LYS D 1002 -39.68 -9.58 -23.46
N VAL D 1003 -39.04 -10.38 -22.62
CA VAL D 1003 -39.50 -10.54 -21.24
C VAL D 1003 -39.34 -9.26 -20.43
N THR D 1004 -38.35 -8.44 -20.73
CA THR D 1004 -38.21 -7.17 -20.03
C THR D 1004 -39.43 -6.28 -20.29
N GLN D 1005 -39.75 -6.06 -21.58
CA GLN D 1005 -40.92 -5.25 -21.92
C GLN D 1005 -42.16 -5.79 -21.22
N ALA D 1006 -42.27 -7.11 -21.11
CA ALA D 1006 -43.39 -7.72 -20.42
C ALA D 1006 -43.42 -7.33 -18.94
N VAL D 1007 -42.26 -7.34 -18.27
CA VAL D 1007 -42.15 -6.92 -16.87
C VAL D 1007 -42.61 -5.47 -16.70
N PHE D 1008 -42.07 -4.56 -17.54
CA PHE D 1008 -42.39 -3.14 -17.42
C PHE D 1008 -43.79 -2.79 -17.93
N LYS D 1009 -44.32 -3.51 -18.92
CA LYS D 1009 -45.68 -3.25 -19.36
C LYS D 1009 -46.66 -3.68 -18.29
N ASN D 1010 -46.46 -4.88 -17.75
CA ASN D 1010 -47.31 -5.38 -16.67
C ASN D 1010 -47.28 -4.44 -15.45
N PHE D 1011 -46.13 -3.88 -15.14
CA PHE D 1011 -46.06 -2.90 -14.04
C PHE D 1011 -46.84 -1.63 -14.33
N GLU D 1012 -46.56 -0.98 -15.45
CA GLU D 1012 -47.23 0.29 -15.77
C GLU D 1012 -48.74 0.18 -15.82
N GLU D 1013 -49.27 -0.80 -16.56
CA GLU D 1013 -50.70 -0.97 -16.74
C GLU D 1013 -51.40 -1.46 -15.47
N ASN D 1014 -50.95 -2.58 -14.94
CA ASN D 1014 -51.69 -3.18 -13.83
C ASN D 1014 -51.16 -2.85 -12.42
N TYR D 1015 -49.94 -2.33 -12.26
CA TYR D 1015 -49.41 -2.01 -10.92
C TYR D 1015 -48.49 -0.80 -10.92
N PRO D 1016 -48.97 0.40 -11.24
CA PRO D 1016 -48.04 1.52 -11.42
C PRO D 1016 -47.34 2.02 -10.15
N PHE D 1017 -47.81 1.68 -8.94
CA PHE D 1017 -47.11 2.07 -7.71
C PHE D 1017 -46.29 0.96 -7.04
N ASN D 1018 -46.11 -0.18 -7.69
CA ASN D 1018 -45.24 -1.26 -7.23
C ASN D 1018 -43.85 -0.73 -6.83
N PRO D 1019 -43.29 -1.17 -5.67
CA PRO D 1019 -42.03 -0.55 -5.17
C PRO D 1019 -40.85 -0.68 -6.11
N LEU D 1020 -40.61 -1.86 -6.66
CA LEU D 1020 -39.51 -2.01 -7.60
C LEU D 1020 -39.70 -1.03 -8.75
N TYR D 1021 -40.90 -1.03 -9.36
CA TYR D 1021 -41.23 -0.13 -10.45
C TYR D 1021 -40.98 1.33 -10.08
N VAL D 1022 -41.51 1.76 -8.93
CA VAL D 1022 -41.35 3.14 -8.48
C VAL D 1022 -39.88 3.54 -8.37
N MET D 1023 -39.06 2.71 -7.69
CA MET D 1023 -37.62 3.01 -7.55
C MET D 1023 -36.91 3.13 -8.89
N ALA D 1024 -37.16 2.19 -9.81
CA ALA D 1024 -36.48 2.21 -11.11
C ALA D 1024 -36.90 3.42 -11.94
N GLN D 1025 -38.21 3.67 -12.05
CA GLN D 1025 -38.71 4.74 -12.92
C GLN D 1025 -38.29 6.12 -12.43
N SER D 1026 -38.34 6.33 -11.11
CA SER D 1026 -37.96 7.64 -10.58
C SER D 1026 -36.46 7.85 -10.62
N GLY D 1027 -35.66 6.78 -10.72
CA GLY D 1027 -34.22 6.91 -10.59
C GLY D 1027 -33.68 6.88 -9.16
N ALA D 1028 -34.48 6.37 -8.20
CA ALA D 1028 -34.02 6.25 -6.82
C ALA D 1028 -32.99 5.14 -6.67
N ARG D 1029 -33.12 4.06 -7.43
CA ARG D 1029 -32.27 2.88 -7.46
C ARG D 1029 -32.82 1.99 -8.57
N GLY D 1030 -31.97 1.09 -9.05
CA GLY D 1030 -32.40 0.12 -10.04
C GLY D 1030 -32.43 0.63 -11.46
N ASN D 1031 -32.28 -0.31 -12.38
CA ASN D 1031 -32.35 -0.13 -13.81
C ASN D 1031 -33.06 -1.33 -14.43
N PRO D 1032 -33.57 -1.20 -15.65
CA PRO D 1032 -34.37 -2.29 -16.25
C PRO D 1032 -33.72 -3.67 -16.16
N GLN D 1033 -32.40 -3.74 -16.42
CA GLN D 1033 -31.74 -5.04 -16.43
C GLN D 1033 -31.68 -5.69 -15.05
N GLN D 1034 -31.49 -4.90 -13.99
CA GLN D 1034 -31.51 -5.49 -12.65
C GLN D 1034 -32.90 -6.00 -12.29
N ILE D 1035 -33.95 -5.20 -12.57
CA ILE D 1035 -35.34 -5.63 -12.32
C ILE D 1035 -35.68 -6.90 -13.13
N ARG D 1036 -35.15 -7.00 -14.35
CA ARG D 1036 -35.39 -8.19 -15.17
C ARG D 1036 -34.85 -9.44 -14.48
N GLN D 1037 -33.70 -9.34 -13.80
CA GLN D 1037 -33.14 -10.47 -13.04
C GLN D 1037 -33.99 -10.80 -11.81
N LEU D 1038 -34.67 -9.81 -11.21
CA LEU D 1038 -35.54 -10.10 -10.07
C LEU D 1038 -36.81 -10.86 -10.50
N CYS D 1039 -37.59 -10.30 -11.45
CA CYS D 1039 -38.88 -10.87 -11.87
C CYS D 1039 -38.86 -11.72 -13.14
N GLY D 1040 -37.81 -11.67 -13.95
CA GLY D 1040 -37.73 -12.26 -15.28
C GLY D 1040 -36.98 -13.57 -15.34
N LEU D 1041 -36.07 -13.66 -16.30
CA LEU D 1041 -34.98 -14.64 -16.26
C LEU D 1041 -33.65 -13.92 -16.01
N ARG D 1042 -32.70 -14.68 -15.45
CA ARG D 1042 -31.34 -14.16 -15.27
C ARG D 1042 -30.66 -13.87 -16.61
N GLY D 1043 -30.89 -14.73 -17.61
CA GLY D 1043 -30.40 -14.49 -18.96
C GLY D 1043 -29.12 -15.25 -19.27
N LEU D 1044 -28.44 -14.79 -20.32
CA LEU D 1044 -27.21 -15.47 -20.73
C LEU D 1044 -26.04 -15.12 -19.80
N MET D 1045 -25.23 -16.14 -19.50
CA MET D 1045 -24.05 -16.02 -18.68
C MET D 1045 -22.85 -16.35 -19.55
N GLN D 1046 -21.66 -15.93 -19.13
CA GLN D 1046 -20.46 -16.06 -19.94
C GLN D 1046 -19.56 -17.15 -19.39
N LYS D 1047 -18.89 -17.86 -20.32
CA LYS D 1047 -17.87 -18.87 -20.05
C LYS D 1047 -16.63 -18.18 -19.47
N PRO D 1048 -15.66 -18.94 -18.91
CA PRO D 1048 -14.43 -18.25 -18.43
C PRO D 1048 -13.72 -17.47 -19.51
N SER D 1049 -13.77 -17.89 -20.77
CA SER D 1049 -13.13 -17.16 -21.85
C SER D 1049 -13.93 -15.88 -22.08
N GLY D 1050 -14.74 -15.80 -23.14
CA GLY D 1050 -15.48 -14.57 -23.39
C GLY D 1050 -16.76 -14.94 -24.09
N GLU D 1051 -16.70 -16.08 -24.78
CA GLU D 1051 -17.85 -16.68 -25.43
C GLU D 1051 -18.90 -17.12 -24.42
N THR D 1052 -20.16 -16.95 -24.80
CA THR D 1052 -21.33 -17.10 -23.96
C THR D 1052 -21.85 -18.55 -23.92
N PHE D 1053 -22.37 -18.98 -22.75
CA PHE D 1053 -23.01 -20.30 -22.75
C PHE D 1053 -24.28 -20.22 -23.60
N GLU D 1054 -24.53 -21.30 -24.33
CA GLU D 1054 -25.77 -21.44 -25.09
C GLU D 1054 -26.96 -21.64 -24.16
N VAL D 1055 -26.77 -22.42 -23.09
CA VAL D 1055 -27.84 -22.64 -22.11
C VAL D 1055 -27.94 -21.41 -21.22
N PRO D 1056 -29.14 -20.78 -21.10
CA PRO D 1056 -29.27 -19.65 -20.17
C PRO D 1056 -29.72 -20.08 -18.78
N VAL D 1057 -29.76 -19.11 -17.88
CA VAL D 1057 -30.31 -19.33 -16.56
C VAL D 1057 -31.76 -18.88 -16.67
N ARG D 1058 -32.70 -19.84 -16.59
CA ARG D 1058 -34.12 -19.55 -16.77
C ARG D 1058 -34.76 -18.99 -15.51
N SER D 1059 -34.18 -19.28 -14.35
CA SER D 1059 -34.71 -18.86 -13.06
C SER D 1059 -34.51 -17.35 -12.86
N SER D 1060 -35.27 -16.79 -11.92
CA SER D 1060 -35.07 -15.44 -11.41
C SER D 1060 -34.76 -15.53 -9.92
N PHE D 1061 -34.20 -14.46 -9.37
CA PHE D 1061 -33.88 -14.48 -7.94
C PHE D 1061 -35.13 -14.74 -7.10
N ARG D 1062 -36.32 -14.33 -7.58
CA ARG D 1062 -37.56 -14.62 -6.88
C ARG D 1062 -37.91 -16.10 -6.88
N GLU D 1063 -37.72 -16.76 -8.03
CA GLU D 1063 -37.98 -18.20 -8.13
C GLU D 1063 -36.90 -19.00 -7.43
N GLY D 1064 -35.66 -18.53 -7.52
CA GLY D 1064 -34.43 -19.13 -7.03
C GLY D 1064 -33.73 -19.99 -8.06
N LEU D 1065 -32.39 -19.97 -8.00
CA LEU D 1065 -31.61 -20.70 -8.98
C LEU D 1065 -31.32 -22.12 -8.51
N THR D 1066 -30.68 -22.87 -9.40
CA THR D 1066 -30.18 -24.21 -9.17
C THR D 1066 -28.66 -24.14 -9.01
N VAL D 1067 -28.10 -25.06 -8.24
CA VAL D 1067 -26.65 -24.98 -8.02
C VAL D 1067 -25.92 -24.88 -9.36
N LEU D 1068 -26.35 -25.64 -10.36
CA LEU D 1068 -25.68 -25.56 -11.66
C LEU D 1068 -25.85 -24.18 -12.30
N GLU D 1069 -27.06 -23.60 -12.23
CA GLU D 1069 -27.25 -22.25 -12.77
C GLU D 1069 -26.37 -21.27 -12.00
N TYR D 1070 -26.34 -21.41 -10.68
CA TYR D 1070 -25.52 -20.56 -9.84
C TYR D 1070 -24.04 -20.65 -10.22
N PHE D 1071 -23.51 -21.86 -10.34
CA PHE D 1071 -22.12 -22.06 -10.75
C PHE D 1071 -21.80 -21.48 -12.14
N ILE D 1072 -22.65 -21.70 -13.14
CA ILE D 1072 -22.40 -21.13 -14.46
C ILE D 1072 -22.26 -19.61 -14.36
N SER D 1073 -23.09 -19.00 -13.51
CA SER D 1073 -23.12 -17.55 -13.36
C SER D 1073 -21.89 -17.02 -12.64
N SER D 1074 -21.32 -17.81 -11.73
CA SER D 1074 -20.17 -17.36 -10.94
C SER D 1074 -19.00 -16.93 -11.82
N HIS D 1075 -18.77 -17.62 -12.95
CA HIS D 1075 -17.65 -17.30 -13.83
C HIS D 1075 -17.64 -15.83 -14.24
N GLY D 1076 -18.77 -15.32 -14.74
CA GLY D 1076 -18.82 -13.91 -15.13
C GLY D 1076 -18.60 -12.96 -13.98
N ALA D 1077 -19.17 -13.28 -12.81
CA ALA D 1077 -18.97 -12.45 -11.62
C ALA D 1077 -17.50 -12.26 -11.33
N ARG D 1078 -16.74 -13.37 -11.24
CA ARG D 1078 -15.31 -13.33 -10.94
C ARG D 1078 -14.54 -12.52 -11.99
N LYS D 1079 -14.81 -12.77 -13.29
CA LYS D 1079 -14.17 -12.01 -14.37
C LYS D 1079 -14.46 -10.52 -14.26
N GLY D 1080 -15.69 -10.16 -13.94
CA GLY D 1080 -15.99 -8.75 -13.74
C GLY D 1080 -15.21 -8.16 -12.58
N GLY D 1081 -15.21 -8.85 -11.44
CA GLY D 1081 -14.46 -8.40 -10.28
C GLY D 1081 -12.98 -8.22 -10.55
N ALA D 1082 -12.36 -9.17 -11.29
CA ALA D 1082 -10.94 -9.06 -11.61
C ALA D 1082 -10.68 -7.96 -12.62
N ASP D 1083 -11.53 -7.84 -13.64
CA ASP D 1083 -11.38 -6.74 -14.59
C ASP D 1083 -11.35 -5.40 -13.85
N THR D 1084 -12.36 -5.12 -13.02
CA THR D 1084 -12.42 -3.85 -12.31
C THR D 1084 -11.15 -3.63 -11.48
N ALA D 1085 -10.74 -4.64 -10.72
CA ALA D 1085 -9.52 -4.50 -9.92
C ALA D 1085 -8.31 -4.09 -10.76
N LEU D 1086 -8.10 -4.72 -11.93
CA LEU D 1086 -6.93 -4.35 -12.72
C LEU D 1086 -7.11 -3.03 -13.45
N ARG D 1087 -8.35 -2.53 -13.59
CA ARG D 1087 -8.63 -1.27 -14.29
C ARG D 1087 -8.35 -0.05 -13.42
N THR D 1088 -8.69 -0.11 -12.13
CA THR D 1088 -8.51 1.08 -11.32
C THR D 1088 -7.04 1.49 -11.32
N ALA D 1089 -6.14 0.51 -11.46
CA ALA D 1089 -4.72 0.83 -11.49
C ALA D 1089 -4.36 1.50 -12.80
N ASP D 1090 -4.94 1.04 -13.89
CA ASP D 1090 -4.64 1.63 -15.18
C ASP D 1090 -5.21 3.05 -15.25
N SER D 1091 -6.45 3.22 -14.75
CA SER D 1091 -7.06 4.54 -14.68
C SER D 1091 -6.25 5.45 -13.77
N GLY D 1092 -5.85 4.94 -12.60
CA GLY D 1092 -5.10 5.74 -11.64
C GLY D 1092 -3.82 6.27 -12.25
N TYR D 1093 -3.04 5.36 -12.83
CA TYR D 1093 -1.84 5.74 -13.57
C TYR D 1093 -2.17 6.79 -14.64
N LEU D 1094 -3.22 6.55 -15.43
CA LEU D 1094 -3.59 7.51 -16.48
C LEU D 1094 -3.76 8.92 -15.92
N THR D 1095 -4.59 9.05 -14.88
CA THR D 1095 -4.84 10.34 -14.25
C THR D 1095 -3.53 11.02 -13.84
N ARG D 1096 -2.59 10.25 -13.26
CA ARG D 1096 -1.34 10.86 -12.83
C ARG D 1096 -0.53 11.42 -14.00
N LYS D 1097 -0.57 10.74 -15.15
CA LYS D 1097 0.08 11.26 -16.34
C LYS D 1097 -0.53 12.59 -16.75
N LEU D 1098 -1.87 12.63 -16.82
CA LEU D 1098 -2.63 13.82 -17.21
C LEU D 1098 -2.33 15.01 -16.29
N VAL D 1099 -2.26 14.81 -14.97
CA VAL D 1099 -1.95 15.94 -14.09
C VAL D 1099 -0.56 16.46 -14.40
N ASP D 1100 0.38 15.56 -14.62
CA ASP D 1100 1.76 15.95 -14.83
C ASP D 1100 1.98 16.66 -16.18
N VAL D 1101 1.21 16.32 -17.20
CA VAL D 1101 1.39 16.94 -18.51
C VAL D 1101 0.71 18.31 -18.56
N THR D 1102 -0.39 18.51 -17.81
CA THR D 1102 -1.13 19.78 -17.79
C THR D 1102 -0.92 20.70 -16.57
N HIS D 1103 -0.15 20.29 -15.54
CA HIS D 1103 -0.23 20.99 -14.25
C HIS D 1103 0.14 22.47 -14.35
N GLU D 1104 1.06 22.84 -15.26
CA GLU D 1104 1.48 24.24 -15.35
C GLU D 1104 0.41 25.14 -16.00
N ILE D 1105 -0.54 24.54 -16.72
CA ILE D 1105 -1.59 25.29 -17.42
C ILE D 1105 -2.55 25.94 -16.43
N VAL D 1106 -2.62 27.28 -16.46
CA VAL D 1106 -3.43 28.12 -15.59
C VAL D 1106 -4.00 29.20 -16.51
N VAL D 1107 -5.14 29.78 -16.11
CA VAL D 1107 -5.68 30.94 -16.85
C VAL D 1107 -4.85 32.14 -16.37
N ARG D 1108 -3.99 32.66 -17.25
CA ARG D 1108 -3.02 33.67 -16.84
C ARG D 1108 -3.32 35.10 -17.30
N GLU D 1109 -4.35 35.34 -18.12
CA GLU D 1109 -4.62 36.69 -18.61
C GLU D 1109 -6.03 36.71 -19.20
N ALA D 1110 -6.52 37.92 -19.55
CA ALA D 1110 -7.92 38.01 -19.99
C ALA D 1110 -8.10 37.70 -21.48
N ASP D 1111 -7.28 38.30 -22.33
CA ASP D 1111 -7.35 37.98 -23.75
C ASP D 1111 -5.94 38.01 -24.30
N CYS D 1112 -5.56 36.89 -24.93
CA CYS D 1112 -4.28 36.78 -25.61
C CYS D 1112 -4.32 37.50 -26.94
N GLY D 1113 -5.51 37.78 -27.47
CA GLY D 1113 -5.57 38.57 -28.67
C GLY D 1113 -5.62 37.75 -29.93
N THR D 1114 -5.60 36.44 -29.83
CA THR D 1114 -5.54 35.65 -31.04
C THR D 1114 -6.74 35.95 -31.93
N THR D 1115 -6.52 35.86 -33.22
CA THR D 1115 -7.59 35.96 -34.20
C THR D 1115 -8.11 34.61 -34.66
N ASN D 1116 -7.46 33.51 -34.26
CA ASN D 1116 -7.71 32.11 -34.59
C ASN D 1116 -8.84 31.52 -33.71
N TYR D 1117 -9.41 30.41 -34.18
CA TYR D 1117 -10.54 29.73 -33.53
C TYR D 1117 -10.75 28.35 -34.20
N ILE D 1118 -11.76 27.62 -33.74
CA ILE D 1118 -12.13 26.30 -34.26
C ILE D 1118 -13.61 26.30 -34.59
N SER D 1119 -14.00 25.53 -35.62
CA SER D 1119 -15.39 25.43 -36.07
C SER D 1119 -16.04 24.14 -35.56
N VAL D 1120 -16.94 24.24 -34.58
CA VAL D 1120 -17.60 23.04 -34.04
C VAL D 1120 -18.67 22.50 -34.98
N PRO D 1121 -18.56 21.29 -35.52
CA PRO D 1121 -19.60 20.79 -36.43
C PRO D 1121 -20.87 20.45 -35.68
N LEU D 1122 -22.01 20.88 -36.25
CA LEU D 1122 -23.34 20.50 -35.76
C LEU D 1122 -23.87 19.28 -36.48
N PHE D 1123 -23.23 18.87 -37.57
CA PHE D 1123 -23.64 17.72 -38.37
C PHE D 1123 -22.44 16.80 -38.51
N GLN D 1124 -22.65 15.47 -38.27
CA GLN D 1124 -21.65 14.41 -38.51
C GLN D 1124 -22.00 13.70 -39.80
N PRO D 1125 -21.05 13.48 -40.73
CA PRO D 1125 -21.43 12.69 -41.91
C PRO D 1125 -21.82 11.28 -41.50
N ASP D 1126 -23.05 10.91 -41.90
CA ASP D 1126 -23.64 9.62 -41.58
C ASP D 1126 -23.35 8.60 -42.66
N GLU D 1127 -22.93 7.41 -42.24
CA GLU D 1127 -22.58 6.32 -43.16
C GLU D 1127 -23.86 5.68 -43.70
N VAL D 1128 -24.89 5.55 -42.85
CA VAL D 1128 -26.14 4.85 -43.19
C VAL D 1128 -26.93 5.60 -44.26
N THR D 1129 -27.04 6.93 -44.15
CA THR D 1129 -27.69 7.75 -45.18
C THR D 1129 -26.68 8.21 -46.25
N ARG D 1130 -25.37 8.00 -45.99
CA ARG D 1130 -24.23 8.49 -46.80
C ARG D 1130 -24.37 9.97 -47.14
N SER D 1131 -24.80 10.75 -46.14
CA SER D 1131 -24.94 12.20 -46.30
C SER D 1131 -24.68 12.93 -44.98
N LEU D 1132 -25.71 13.49 -44.34
CA LEU D 1132 -25.53 14.23 -43.10
C LEU D 1132 -26.75 14.08 -42.19
N ARG D 1133 -26.50 13.89 -40.90
CA ARG D 1133 -27.56 13.98 -39.88
C ARG D 1133 -27.09 14.89 -38.74
N LEU D 1134 -28.04 15.37 -37.96
CA LEU D 1134 -27.75 16.26 -36.85
C LEU D 1134 -27.01 15.48 -35.79
N ARG D 1135 -25.94 16.05 -35.23
CA ARG D 1135 -25.29 15.38 -34.11
C ARG D 1135 -26.25 15.29 -32.91
N LYS D 1136 -26.02 14.32 -32.03
CA LYS D 1136 -26.88 14.15 -30.87
C LYS D 1136 -26.78 15.36 -29.93
N ARG D 1137 -27.88 15.65 -29.21
CA ARG D 1137 -27.97 16.78 -28.27
C ARG D 1137 -26.81 16.88 -27.28
N ALA D 1138 -26.70 15.90 -26.37
CA ALA D 1138 -25.67 15.96 -25.33
C ALA D 1138 -24.27 16.15 -25.91
N ASP D 1139 -24.00 15.58 -27.08
CA ASP D 1139 -22.69 15.75 -27.71
C ASP D 1139 -22.43 17.20 -28.08
N ILE D 1140 -23.40 17.84 -28.75
CA ILE D 1140 -23.29 19.26 -29.09
C ILE D 1140 -23.16 20.11 -27.85
N GLU D 1141 -23.95 19.80 -26.81
CA GLU D 1141 -23.82 20.58 -25.59
C GLU D 1141 -22.38 20.51 -25.09
N ALA D 1142 -21.77 19.32 -25.15
CA ALA D 1142 -20.39 19.13 -24.71
C ALA D 1142 -19.39 19.92 -25.56
N GLY D 1143 -19.67 20.13 -26.85
CA GLY D 1143 -18.77 20.93 -27.65
C GLY D 1143 -19.01 22.44 -27.66
N LEU D 1144 -20.20 22.93 -27.18
CA LEU D 1144 -20.69 24.31 -27.32
C LEU D 1144 -20.87 25.09 -26.02
N TYR D 1145 -21.56 24.53 -25.01
CA TYR D 1145 -21.94 25.27 -23.79
C TYR D 1145 -20.77 26.04 -23.19
N GLY D 1146 -20.98 27.32 -22.91
CA GLY D 1146 -19.97 28.10 -22.21
C GLY D 1146 -18.77 28.56 -23.00
N ARG D 1147 -18.83 28.52 -24.34
CA ARG D 1147 -17.75 28.95 -25.22
C ARG D 1147 -17.97 30.36 -25.72
N VAL D 1148 -16.90 31.12 -25.91
CA VAL D 1148 -16.99 32.42 -26.56
C VAL D 1148 -17.09 32.27 -28.08
N LEU D 1149 -17.99 33.02 -28.71
CA LEU D 1149 -18.10 33.02 -30.17
C LEU D 1149 -16.94 33.78 -30.80
N ALA D 1150 -16.32 33.20 -31.83
CA ALA D 1150 -15.17 33.83 -32.48
C ALA D 1150 -15.60 34.90 -33.49
N ARG D 1151 -16.72 34.67 -34.18
CA ARG D 1151 -17.30 35.59 -35.16
C ARG D 1151 -18.77 35.77 -34.84
N GLU D 1152 -19.35 36.82 -35.38
CA GLU D 1152 -20.79 37.04 -35.18
C GLU D 1152 -21.59 36.00 -35.95
N VAL D 1153 -22.72 35.60 -35.37
CA VAL D 1153 -23.60 34.61 -35.96
C VAL D 1153 -25.03 35.09 -35.86
N GLU D 1154 -25.70 35.25 -37.00
CA GLU D 1154 -27.12 35.58 -37.06
C GLU D 1154 -27.92 34.37 -37.54
N VAL D 1155 -28.81 33.86 -36.69
CA VAL D 1155 -29.71 32.78 -37.08
C VAL D 1155 -31.08 33.08 -36.50
N LEU D 1156 -32.13 32.77 -37.27
CA LEU D 1156 -33.53 33.01 -36.86
C LEU D 1156 -33.72 34.42 -36.33
N GLY D 1157 -33.04 35.39 -36.97
CA GLY D 1157 -33.22 36.78 -36.64
C GLY D 1157 -32.65 37.21 -35.32
N VAL D 1158 -31.74 36.42 -34.76
CA VAL D 1158 -31.09 36.75 -33.50
C VAL D 1158 -29.63 37.04 -33.77
N ARG D 1159 -29.11 38.07 -33.11
CA ARG D 1159 -27.71 38.44 -33.27
C ARG D 1159 -26.93 37.89 -32.10
N LEU D 1160 -26.10 36.86 -32.37
CA LEU D 1160 -25.12 36.36 -31.41
C LEU D 1160 -23.78 37.05 -31.74
N GLU D 1161 -23.37 37.96 -30.87
CA GLU D 1161 -22.24 38.86 -31.07
C GLU D 1161 -20.88 38.18 -30.86
N GLU D 1162 -19.85 38.80 -31.42
CA GLU D 1162 -18.49 38.37 -31.16
C GLU D 1162 -18.14 38.60 -29.68
N GLY D 1163 -17.73 37.54 -29.01
CA GLY D 1163 -17.30 37.65 -27.64
C GLY D 1163 -18.32 37.23 -26.63
N ARG D 1164 -19.44 36.68 -27.09
CA ARG D 1164 -20.56 36.30 -26.24
C ARG D 1164 -20.36 34.88 -25.72
N TYR D 1165 -20.48 34.70 -24.40
CA TYR D 1165 -20.47 33.34 -23.86
C TYR D 1165 -21.80 32.64 -24.16
N LEU D 1166 -21.76 31.41 -24.68
CA LEU D 1166 -23.01 30.76 -25.04
C LEU D 1166 -23.65 30.19 -23.75
N SER D 1167 -24.84 30.70 -23.42
CA SER D 1167 -25.63 30.09 -22.36
C SER D 1167 -26.23 28.78 -22.84
N MET D 1168 -26.59 27.93 -21.89
CA MET D 1168 -27.21 26.69 -22.31
C MET D 1168 -28.38 26.96 -23.22
N ASP D 1169 -29.14 28.03 -22.95
CA ASP D 1169 -30.22 28.48 -23.84
C ASP D 1169 -29.67 28.85 -25.22
N ASP D 1170 -28.58 29.61 -25.26
CA ASP D 1170 -27.97 29.93 -26.54
C ASP D 1170 -27.70 28.67 -27.33
N VAL D 1171 -27.23 27.61 -26.67
CA VAL D 1171 -26.94 26.36 -27.38
C VAL D 1171 -28.20 25.75 -27.97
N HIS D 1172 -29.28 25.67 -27.18
CA HIS D 1172 -30.54 25.14 -27.70
C HIS D 1172 -31.03 25.94 -28.90
N LEU D 1173 -30.83 27.26 -28.90
CA LEU D 1173 -31.19 28.09 -30.05
C LEU D 1173 -30.38 27.70 -31.31
N LEU D 1174 -29.07 27.53 -31.16
CA LEU D 1174 -28.23 27.14 -32.29
C LEU D 1174 -28.63 25.77 -32.82
N ILE D 1175 -29.05 24.86 -31.94
CA ILE D 1175 -29.47 23.55 -32.43
C ILE D 1175 -30.74 23.69 -33.26
N LYS D 1176 -31.71 24.51 -32.78
CA LYS D 1176 -32.96 24.75 -33.52
C LYS D 1176 -32.71 25.44 -34.87
N ALA D 1177 -31.74 26.35 -34.93
CA ALA D 1177 -31.45 27.01 -36.21
C ALA D 1177 -30.91 25.99 -37.20
N ALA D 1178 -30.08 25.06 -36.69
CA ALA D 1178 -29.52 23.99 -37.52
C ALA D 1178 -30.60 23.01 -37.98
N GLU D 1179 -31.62 22.75 -37.14
CA GLU D 1179 -32.68 21.85 -37.58
C GLU D 1179 -33.45 22.48 -38.74
N ALA D 1180 -33.43 23.81 -38.82
CA ALA D 1180 -34.05 24.65 -39.86
C ALA D 1180 -33.10 25.00 -41.01
N GLY D 1181 -31.88 24.43 -41.05
CA GLY D 1181 -30.95 24.59 -42.16
C GLY D 1181 -30.26 25.94 -42.29
N GLU D 1182 -30.32 26.78 -41.25
CA GLU D 1182 -29.68 28.10 -41.29
C GLU D 1182 -28.17 28.04 -41.03
N ILE D 1183 -27.70 27.13 -40.15
CA ILE D 1183 -26.30 27.13 -39.71
C ILE D 1183 -25.82 25.69 -39.56
N GLN D 1184 -24.65 25.38 -40.16
CA GLN D 1184 -24.03 24.05 -40.07
C GLN D 1184 -22.82 23.90 -39.15
N GLU D 1185 -22.23 24.99 -38.65
CA GLU D 1185 -21.08 24.88 -37.75
C GLU D 1185 -20.89 26.23 -37.06
N VAL D 1186 -20.27 26.21 -35.87
CA VAL D 1186 -20.18 27.40 -35.04
C VAL D 1186 -18.72 27.82 -34.79
N PRO D 1187 -18.30 29.02 -35.19
CA PRO D 1187 -16.95 29.51 -34.82
C PRO D 1187 -16.84 29.84 -33.33
N VAL D 1188 -15.82 29.29 -32.66
CA VAL D 1188 -15.76 29.33 -31.20
C VAL D 1188 -14.29 29.40 -30.75
N ARG D 1189 -14.02 30.21 -29.72
CA ARG D 1189 -12.69 30.25 -29.12
C ARG D 1189 -12.39 28.98 -28.33
N SER D 1190 -11.16 28.51 -28.45
CA SER D 1190 -10.81 27.24 -27.83
C SER D 1190 -9.39 27.25 -27.30
N PRO D 1191 -9.12 26.46 -26.26
CA PRO D 1191 -7.75 26.34 -25.79
C PRO D 1191 -6.77 25.77 -26.82
N LEU D 1192 -7.23 24.99 -27.82
CA LEU D 1192 -6.31 24.51 -28.83
C LEU D 1192 -5.57 25.66 -29.50
N THR D 1193 -6.28 26.74 -29.82
CA THR D 1193 -5.73 27.86 -30.58
C THR D 1193 -5.25 29.03 -29.74
N CYS D 1194 -5.40 28.99 -28.41
CA CYS D 1194 -4.98 30.12 -27.57
C CYS D 1194 -3.46 30.29 -27.67
N GLN D 1195 -3.02 31.54 -27.75
CA GLN D 1195 -1.63 31.95 -27.86
C GLN D 1195 -1.00 32.34 -26.51
N THR D 1196 -1.69 32.17 -25.40
CA THR D 1196 -1.13 32.56 -24.11
C THR D 1196 0.02 31.63 -23.78
N ARG D 1197 1.15 32.19 -23.35
CA ARG D 1197 2.27 31.37 -22.96
C ARG D 1197 2.10 30.78 -21.57
N TYR D 1198 2.41 29.49 -21.47
CA TYR D 1198 2.35 28.72 -20.22
C TYR D 1198 0.94 28.58 -19.65
N GLY D 1199 -0.09 28.59 -20.51
CA GLY D 1199 -1.46 28.43 -20.03
C GLY D 1199 -2.45 28.96 -21.06
N VAL D 1200 -3.68 29.21 -20.61
CA VAL D 1200 -4.67 29.83 -21.50
C VAL D 1200 -5.15 31.16 -20.98
N CYS D 1201 -6.06 31.78 -21.73
CA CYS D 1201 -6.70 33.06 -21.41
C CYS D 1201 -8.20 32.86 -21.21
N GLN D 1202 -8.83 33.82 -20.55
CA GLN D 1202 -10.26 33.73 -20.21
C GLN D 1202 -11.14 33.36 -21.40
N LYS D 1203 -10.97 34.06 -22.55
CA LYS D 1203 -11.83 33.90 -23.74
C LYS D 1203 -11.75 32.50 -24.34
N CYS D 1204 -10.54 32.02 -24.62
CA CYS D 1204 -10.44 30.69 -25.22
C CYS D 1204 -10.92 29.58 -24.27
N TYR D 1205 -10.88 29.80 -22.94
CA TYR D 1205 -11.40 28.79 -22.03
C TYR D 1205 -12.92 28.78 -22.03
N GLY D 1206 -13.56 29.92 -21.68
CA GLY D 1206 -15.00 30.00 -21.49
C GLY D 1206 -15.51 29.96 -20.06
N TYR D 1207 -16.69 29.38 -19.86
CA TYR D 1207 -17.34 29.32 -18.55
C TYR D 1207 -16.50 28.54 -17.53
N ASP D 1208 -16.56 28.94 -16.27
CA ASP D 1208 -16.06 28.07 -15.20
C ASP D 1208 -17.30 27.20 -14.91
N LEU D 1209 -17.28 25.96 -15.32
CA LEU D 1209 -18.51 25.22 -15.45
C LEU D 1209 -19.19 25.04 -14.10
N SER D 1210 -18.44 25.10 -12.98
CA SER D 1210 -19.05 24.88 -11.67
C SER D 1210 -19.84 26.10 -11.20
N MET D 1211 -19.46 27.29 -11.70
CA MET D 1211 -20.20 28.51 -11.40
C MET D 1211 -21.11 29.00 -12.52
N ALA D 1212 -21.15 28.30 -13.66
CA ALA D 1212 -21.99 28.64 -14.83
C ALA D 1212 -21.90 30.13 -15.21
N ARG D 1213 -20.68 30.58 -15.47
CA ARG D 1213 -20.34 31.97 -15.70
C ARG D 1213 -18.85 32.03 -16.10
N PRO D 1214 -18.40 33.12 -16.72
CA PRO D 1214 -16.99 33.18 -17.17
C PRO D 1214 -15.98 32.82 -16.06
N VAL D 1215 -14.96 32.04 -16.45
CA VAL D 1215 -13.92 31.58 -15.52
C VAL D 1215 -13.12 32.75 -14.97
N SER D 1216 -12.75 32.68 -13.70
CA SER D 1216 -11.91 33.75 -13.13
C SER D 1216 -10.44 33.55 -13.50
N ILE D 1217 -9.75 34.64 -13.85
CA ILE D 1217 -8.29 34.56 -14.05
C ILE D 1217 -7.64 34.04 -12.79
N GLY D 1218 -6.76 33.04 -12.97
CA GLY D 1218 -6.06 32.37 -11.90
C GLY D 1218 -6.55 30.97 -11.62
N GLU D 1219 -7.69 30.56 -12.17
CA GLU D 1219 -8.22 29.22 -11.93
C GLU D 1219 -7.24 28.22 -12.52
N ALA D 1220 -6.94 27.15 -11.77
CA ALA D 1220 -5.94 26.20 -12.26
C ALA D 1220 -6.68 25.21 -13.15
N VAL D 1221 -6.64 25.50 -14.44
CA VAL D 1221 -7.57 24.91 -15.41
C VAL D 1221 -7.08 23.55 -15.90
N GLY D 1222 -5.74 23.43 -16.03
CA GLY D 1222 -5.11 22.19 -16.45
C GLY D 1222 -5.41 21.06 -15.49
N ILE D 1223 -5.16 21.30 -14.20
CA ILE D 1223 -5.49 20.31 -13.17
C ILE D 1223 -6.97 19.90 -13.29
N VAL D 1224 -7.86 20.89 -13.44
CA VAL D 1224 -9.30 20.56 -13.54
C VAL D 1224 -9.53 19.71 -14.79
N ALA D 1225 -8.80 19.98 -15.87
CA ALA D 1225 -8.97 19.13 -17.04
C ALA D 1225 -8.52 17.70 -16.71
N ALA D 1226 -7.37 17.52 -16.05
CA ALA D 1226 -6.90 16.17 -15.75
C ALA D 1226 -7.85 15.45 -14.78
N GLN D 1227 -8.37 16.17 -13.78
CA GLN D 1227 -9.29 15.54 -12.83
C GLN D 1227 -10.61 15.18 -13.50
N SER D 1228 -11.08 16.02 -14.43
CA SER D 1228 -12.38 15.77 -15.03
C SER D 1228 -12.33 14.54 -15.91
N ILE D 1229 -11.20 14.35 -16.59
CA ILE D 1229 -10.98 13.21 -17.47
C ILE D 1229 -10.67 11.95 -16.67
N GLY D 1230 -9.94 12.08 -15.56
CA GLY D 1230 -9.50 10.90 -14.83
C GLY D 1230 -10.57 10.23 -13.99
N GLU D 1231 -11.41 11.04 -13.33
CA GLU D 1231 -12.41 10.56 -12.39
C GLU D 1231 -13.34 9.48 -12.95
N PRO D 1232 -13.87 9.60 -14.18
CA PRO D 1232 -14.68 8.54 -14.76
C PRO D 1232 -13.90 7.28 -15.11
N GLY D 1233 -12.57 7.33 -15.14
CA GLY D 1233 -11.82 6.19 -15.60
C GLY D 1233 -12.26 4.89 -14.97
N THR D 1234 -12.60 4.92 -13.70
CA THR D 1234 -13.02 3.72 -12.98
C THR D 1234 -14.07 2.95 -13.78
N GLN D 1235 -15.16 3.63 -14.11
CA GLN D 1235 -16.35 3.03 -14.74
C GLN D 1235 -16.34 3.11 -16.28
N LEU D 1236 -15.52 2.26 -16.93
CA LEU D 1236 -15.41 2.25 -18.40
C LEU D 1236 -15.13 0.83 -18.90
N THR D 1237 -16.04 0.31 -19.73
CA THR D 1237 -16.02 -1.08 -20.26
C THR D 1237 -15.76 -1.25 -21.79
N GLN D 1254 -13.59 0.84 -27.99
CA GLN D 1254 -13.36 -0.21 -27.00
C GLN D 1254 -13.84 0.20 -25.57
N GLY D 1255 -12.90 0.21 -24.60
CA GLY D 1255 -13.07 0.75 -23.28
C GLY D 1255 -11.91 1.68 -22.92
N LEU D 1256 -11.61 1.75 -21.63
CA LEU D 1256 -10.44 2.51 -21.17
C LEU D 1256 -9.16 2.24 -21.94
N PRO D 1257 -8.86 1.03 -22.40
CA PRO D 1257 -7.65 0.87 -23.18
C PRO D 1257 -7.65 1.76 -24.41
N ARG D 1258 -8.82 1.99 -25.03
CA ARG D 1258 -8.84 2.85 -26.21
C ARG D 1258 -8.47 4.28 -25.84
N VAL D 1259 -9.00 4.80 -24.72
CA VAL D 1259 -8.60 6.12 -24.23
C VAL D 1259 -7.08 6.22 -24.01
N ILE D 1260 -6.47 5.20 -23.40
CA ILE D 1260 -5.02 5.29 -23.16
C ILE D 1260 -4.26 5.20 -24.48
N GLU D 1261 -4.76 4.40 -25.42
CA GLU D 1261 -4.16 4.31 -26.74
C GLU D 1261 -4.14 5.70 -27.42
N LEU D 1262 -5.20 6.51 -27.19
CA LEU D 1262 -5.26 7.86 -27.75
C LEU D 1262 -4.39 8.86 -26.98
N PHE D 1263 -4.51 8.88 -25.65
CA PHE D 1263 -3.72 9.83 -24.88
C PHE D 1263 -2.24 9.56 -24.98
N GLU D 1264 -1.82 8.33 -25.30
CA GLU D 1264 -0.39 8.04 -25.43
C GLU D 1264 0.10 8.07 -26.89
N ALA D 1265 -0.79 8.32 -27.85
CA ALA D 1265 -0.41 8.50 -29.25
C ALA D 1265 0.31 7.27 -29.84
N ARG D 1266 -0.30 6.11 -29.67
CA ARG D 1266 0.30 4.84 -30.04
C ARG D 1266 -0.26 4.39 -31.40
N ARG D 1267 0.58 3.73 -32.21
CA ARG D 1267 0.11 3.20 -33.49
C ARG D 1267 -0.81 2.04 -33.14
N PRO D 1268 -2.10 2.10 -33.48
CA PRO D 1268 -3.03 1.05 -33.03
C PRO D 1268 -2.62 -0.33 -33.56
N LYS D 1269 -3.08 -1.37 -32.85
CA LYS D 1269 -2.64 -2.71 -33.22
C LYS D 1269 -3.24 -3.13 -34.56
N ALA D 1270 -4.56 -3.04 -34.71
CA ALA D 1270 -5.16 -3.22 -36.03
C ALA D 1270 -5.45 -1.82 -36.53
N LYS D 1271 -4.61 -1.35 -37.46
CA LYS D 1271 -4.67 0.03 -37.91
C LYS D 1271 -5.09 0.14 -39.38
N ALA D 1272 -5.88 1.16 -39.65
CA ALA D 1272 -6.27 1.54 -41.00
C ALA D 1272 -5.13 2.25 -41.72
N VAL D 1273 -5.15 2.12 -43.04
CA VAL D 1273 -4.21 2.80 -43.94
C VAL D 1273 -4.92 4.03 -44.51
N ILE D 1274 -4.25 5.18 -44.50
CA ILE D 1274 -4.83 6.44 -44.98
C ILE D 1274 -4.07 6.85 -46.23
N SER D 1275 -4.73 7.60 -47.13
CA SER D 1275 -4.07 8.05 -48.34
C SER D 1275 -3.10 9.20 -48.06
N GLU D 1276 -1.91 9.14 -48.67
CA GLU D 1276 -0.90 10.18 -48.44
C GLU D 1276 -1.18 11.46 -49.24
N ILE D 1277 -1.62 11.32 -50.49
CA ILE D 1277 -1.98 12.46 -51.34
C ILE D 1277 -3.40 12.25 -51.89
N ASP D 1278 -3.88 13.24 -52.64
CA ASP D 1278 -5.18 13.19 -53.32
C ASP D 1278 -5.13 12.33 -54.59
N GLY D 1279 -6.29 11.88 -55.02
CA GLY D 1279 -6.43 11.16 -56.26
C GLY D 1279 -7.79 10.50 -56.35
N VAL D 1280 -7.98 9.71 -57.40
CA VAL D 1280 -9.18 8.90 -57.55
C VAL D 1280 -8.81 7.43 -57.38
N VAL D 1281 -9.67 6.68 -56.68
CA VAL D 1281 -9.42 5.28 -56.35
C VAL D 1281 -9.77 4.36 -57.53
N ARG D 1282 -8.84 3.47 -57.86
CA ARG D 1282 -8.97 2.44 -58.88
C ARG D 1282 -8.67 1.10 -58.22
N ILE D 1283 -9.70 0.22 -58.09
CA ILE D 1283 -9.51 -1.05 -57.40
C ILE D 1283 -8.95 -2.10 -58.35
N GLU D 1284 -8.14 -3.00 -57.78
CA GLU D 1284 -7.60 -4.18 -58.46
C GLU D 1284 -7.73 -5.34 -57.47
N GLU D 1285 -8.43 -6.42 -57.86
CA GLU D 1285 -8.58 -7.59 -56.98
C GLU D 1285 -8.19 -8.85 -57.77
N THR D 1286 -7.02 -9.39 -57.44
CA THR D 1286 -6.46 -10.69 -57.74
C THR D 1286 -6.97 -11.77 -56.77
N GLU D 1287 -6.87 -13.03 -57.21
CA GLU D 1287 -7.21 -14.14 -56.32
C GLU D 1287 -6.40 -14.04 -55.02
N GLU D 1288 -5.09 -13.83 -55.15
CA GLU D 1288 -4.17 -13.73 -54.03
C GLU D 1288 -3.82 -12.30 -53.63
N LYS D 1289 -4.32 -11.29 -54.34
CA LYS D 1289 -4.00 -9.89 -54.02
C LYS D 1289 -5.23 -8.98 -54.09
N LEU D 1290 -5.09 -7.79 -53.44
CA LEU D 1290 -6.14 -6.77 -53.36
C LEU D 1290 -5.58 -5.35 -53.36
N SER D 1291 -4.47 -5.12 -54.07
CA SER D 1291 -3.88 -3.78 -54.25
C SER D 1291 -4.90 -2.70 -54.58
N VAL D 1292 -4.61 -1.46 -54.17
CA VAL D 1292 -5.46 -0.29 -54.42
C VAL D 1292 -4.60 0.87 -54.90
N PHE D 1293 -4.98 1.46 -56.03
CA PHE D 1293 -4.29 2.61 -56.57
C PHE D 1293 -5.15 3.84 -56.28
N VAL D 1294 -4.51 4.88 -55.77
CA VAL D 1294 -5.08 6.22 -55.66
C VAL D 1294 -4.28 7.02 -56.69
N GLU D 1295 -4.93 7.50 -57.75
CA GLU D 1295 -4.23 8.05 -58.91
C GLU D 1295 -4.47 9.55 -59.01
N SER D 1296 -3.38 10.32 -58.87
CA SER D 1296 -3.35 11.77 -59.02
C SER D 1296 -3.04 12.19 -60.46
N GLU D 1297 -3.04 13.51 -60.66
CA GLU D 1297 -2.67 14.09 -61.95
C GLU D 1297 -1.19 13.86 -62.26
N GLY D 1298 -0.32 14.04 -61.26
CA GLY D 1298 1.08 13.72 -61.49
C GLY D 1298 1.26 12.21 -61.42
N PHE D 1299 1.72 11.67 -60.29
CA PHE D 1299 2.10 10.26 -60.17
C PHE D 1299 1.36 9.66 -58.97
N SER D 1300 1.32 8.32 -58.87
CA SER D 1300 0.59 7.65 -57.79
C SER D 1300 1.25 6.50 -57.04
N LYS D 1301 0.92 6.44 -55.74
CA LYS D 1301 1.33 5.42 -54.77
C LYS D 1301 0.28 4.29 -54.62
N GLU D 1302 0.78 3.08 -54.45
CA GLU D 1302 0.01 1.83 -54.40
C GLU D 1302 0.04 1.25 -52.98
N TYR D 1303 -1.13 0.85 -52.46
CA TYR D 1303 -1.24 0.24 -51.14
C TYR D 1303 -1.76 -1.18 -51.22
N LYS D 1304 -0.93 -2.13 -50.79
CA LYS D 1304 -1.23 -3.55 -50.81
C LYS D 1304 -1.80 -3.95 -49.45
N LEU D 1305 -3.00 -4.55 -49.45
CA LEU D 1305 -3.73 -4.86 -48.24
C LEU D 1305 -4.08 -6.35 -48.13
N PRO D 1306 -4.28 -6.88 -46.90
CA PRO D 1306 -4.82 -8.25 -46.76
C PRO D 1306 -6.16 -8.45 -47.48
N LYS D 1307 -6.44 -9.70 -47.85
CA LYS D 1307 -7.54 -9.95 -48.79
C LYS D 1307 -8.90 -9.66 -48.17
N GLU D 1308 -9.07 -9.91 -46.88
CA GLU D 1308 -10.42 -9.75 -46.32
C GLU D 1308 -10.66 -8.37 -45.72
N ALA D 1309 -9.69 -7.46 -45.83
CA ALA D 1309 -9.81 -6.15 -45.21
C ALA D 1309 -11.05 -5.41 -45.70
N ARG D 1310 -11.68 -4.65 -44.80
CA ARG D 1310 -12.85 -3.83 -45.10
C ARG D 1310 -12.42 -2.47 -45.63
N LEU D 1311 -13.14 -1.97 -46.64
CA LEU D 1311 -12.82 -0.72 -47.31
C LEU D 1311 -13.90 0.31 -47.02
N LEU D 1312 -13.50 1.59 -46.98
CA LEU D 1312 -14.47 2.69 -46.91
C LEU D 1312 -14.77 3.38 -48.24
N VAL D 1313 -14.11 3.00 -49.34
CA VAL D 1313 -14.13 3.78 -50.57
C VAL D 1313 -14.81 2.99 -51.69
N LYS D 1314 -15.82 3.57 -52.33
CA LYS D 1314 -16.29 2.96 -53.57
C LYS D 1314 -15.25 3.21 -54.66
N ASP D 1315 -15.27 2.36 -55.68
CA ASP D 1315 -14.34 2.53 -56.79
C ASP D 1315 -14.62 3.83 -57.53
N GLY D 1316 -13.55 4.46 -58.01
CA GLY D 1316 -13.64 5.73 -58.71
C GLY D 1316 -14.16 6.86 -57.85
N ASP D 1317 -13.67 6.95 -56.62
CA ASP D 1317 -14.07 7.99 -55.69
C ASP D 1317 -12.88 8.93 -55.47
N TYR D 1318 -13.19 10.21 -55.22
CA TYR D 1318 -12.17 11.22 -54.94
C TYR D 1318 -11.92 11.23 -53.42
N VAL D 1319 -10.67 11.01 -53.01
CA VAL D 1319 -10.30 10.91 -51.59
C VAL D 1319 -9.29 12.02 -51.24
N GLU D 1320 -9.60 12.80 -50.20
CA GLU D 1320 -8.63 13.78 -49.71
C GLU D 1320 -7.43 13.07 -49.06
N ALA D 1321 -6.32 13.81 -48.94
CA ALA D 1321 -5.15 13.30 -48.22
C ALA D 1321 -5.46 13.15 -46.72
N GLY D 1322 -5.19 11.97 -46.18
CA GLY D 1322 -5.50 11.67 -44.78
C GLY D 1322 -6.87 11.08 -44.50
N GLN D 1323 -7.60 10.58 -45.54
CA GLN D 1323 -8.90 9.92 -45.47
C GLN D 1323 -8.75 8.42 -45.31
N PRO D 1324 -9.38 7.80 -44.32
CA PRO D 1324 -9.18 6.37 -44.12
C PRO D 1324 -9.71 5.60 -45.34
N LEU D 1325 -8.85 4.75 -45.91
CA LEU D 1325 -9.31 3.75 -46.87
C LEU D 1325 -9.81 2.48 -46.14
N THR D 1326 -9.01 1.96 -45.19
CA THR D 1326 -9.35 0.77 -44.41
C THR D 1326 -10.25 1.15 -43.24
N ARG D 1327 -11.00 0.17 -42.76
CA ARG D 1327 -11.60 0.29 -41.44
C ARG D 1327 -10.61 0.00 -40.35
N GLY D 1328 -10.54 0.88 -39.37
CA GLY D 1328 -9.65 0.69 -38.24
C GLY D 1328 -9.28 2.03 -37.64
N ALA D 1329 -8.52 1.96 -36.56
CA ALA D 1329 -8.09 3.18 -35.90
C ALA D 1329 -6.98 3.83 -36.71
N ILE D 1330 -7.06 5.14 -36.84
CA ILE D 1330 -6.05 5.88 -37.58
C ILE D 1330 -4.83 6.07 -36.67
N ASP D 1331 -3.66 5.92 -37.25
CA ASP D 1331 -2.42 6.26 -36.58
C ASP D 1331 -2.34 7.77 -36.50
N PRO D 1332 -2.33 8.37 -35.32
CA PRO D 1332 -2.37 9.84 -35.27
C PRO D 1332 -1.17 10.49 -35.96
N HIS D 1333 -0.03 9.79 -36.01
CA HIS D 1333 1.18 10.30 -36.62
C HIS D 1333 1.11 10.32 -38.15
N GLN D 1334 0.65 9.22 -38.76
CA GLN D 1334 0.43 9.23 -40.21
C GLN D 1334 -0.47 10.40 -40.58
N LEU D 1335 -1.53 10.62 -39.78
CA LEU D 1335 -2.45 11.73 -40.02
C LEU D 1335 -1.76 13.10 -39.85
N LEU D 1336 -0.82 13.23 -38.90
CA LEU D 1336 -0.15 14.52 -38.72
C LEU D 1336 0.68 14.91 -39.94
N GLU D 1337 1.41 13.95 -40.54
CA GLU D 1337 2.18 14.28 -41.74
C GLU D 1337 1.26 14.61 -42.91
N ALA D 1338 0.20 13.81 -43.10
CA ALA D 1338 -0.69 14.05 -44.24
C ALA D 1338 -1.50 15.34 -44.11
N LYS D 1339 -2.29 15.49 -43.03
CA LYS D 1339 -3.26 16.59 -42.90
C LYS D 1339 -2.87 17.79 -42.03
N GLY D 1340 -1.74 17.79 -41.32
CA GLY D 1340 -1.39 18.89 -40.42
C GLY D 1340 -1.98 18.87 -39.01
N PRO D 1341 -1.58 19.85 -38.17
CA PRO D 1341 -1.94 19.75 -36.75
C PRO D 1341 -3.45 19.77 -36.52
N GLU D 1342 -4.19 20.70 -37.13
CA GLU D 1342 -5.61 20.85 -36.79
C GLU D 1342 -6.38 19.57 -37.05
N ALA D 1343 -6.01 18.84 -38.10
CA ALA D 1343 -6.69 17.58 -38.39
C ALA D 1343 -6.46 16.56 -37.28
N VAL D 1344 -5.24 16.48 -36.74
CA VAL D 1344 -4.94 15.54 -35.64
C VAL D 1344 -5.70 15.95 -34.38
N GLU D 1345 -5.71 17.25 -34.08
CA GLU D 1345 -6.46 17.74 -32.93
C GLU D 1345 -7.93 17.33 -33.06
N ARG D 1346 -8.52 17.53 -34.24
CA ARG D 1346 -9.88 17.06 -34.45
C ARG D 1346 -10.02 15.57 -34.15
N TYR D 1347 -9.12 14.75 -34.70
CA TYR D 1347 -9.27 13.30 -34.55
C TYR D 1347 -9.17 12.86 -33.09
N LEU D 1348 -8.13 13.33 -32.38
CA LEU D 1348 -7.94 12.93 -30.99
C LEU D 1348 -9.14 13.31 -30.13
N VAL D 1349 -9.55 14.58 -30.16
CA VAL D 1349 -10.60 15.01 -29.23
C VAL D 1349 -11.88 14.21 -29.47
N GLU D 1350 -12.25 14.00 -30.74
CA GLU D 1350 -13.49 13.29 -30.99
C GLU D 1350 -13.37 11.81 -30.61
N GLU D 1351 -12.23 11.18 -30.94
CA GLU D 1351 -12.09 9.75 -30.70
C GLU D 1351 -12.05 9.40 -29.22
N ILE D 1352 -11.45 10.29 -28.41
CA ILE D 1352 -11.55 10.16 -26.97
C ILE D 1352 -12.99 10.24 -26.54
N GLN D 1353 -13.69 11.32 -26.90
CA GLN D 1353 -15.08 11.52 -26.51
C GLN D 1353 -15.99 10.34 -26.87
N LYS D 1354 -15.68 9.65 -27.96
CA LYS D 1354 -16.46 8.49 -28.37
C LYS D 1354 -16.58 7.48 -27.24
N VAL D 1355 -15.45 7.19 -26.57
CA VAL D 1355 -15.44 6.19 -25.49
C VAL D 1355 -16.29 6.67 -24.31
N TYR D 1356 -16.01 7.89 -23.81
CA TYR D 1356 -16.73 8.41 -22.66
C TYR D 1356 -18.22 8.53 -22.90
N ARG D 1357 -18.62 8.99 -24.08
CA ARG D 1357 -20.04 9.10 -24.38
C ARG D 1357 -20.73 7.74 -24.35
N ALA D 1358 -20.09 6.75 -24.96
CA ALA D 1358 -20.66 5.41 -25.02
C ALA D 1358 -20.81 4.81 -23.63
N GLN D 1359 -20.05 5.29 -22.67
CA GLN D 1359 -20.11 4.76 -21.32
C GLN D 1359 -21.05 5.62 -20.47
N GLY D 1360 -21.73 6.58 -21.11
CA GLY D 1360 -22.69 7.47 -20.46
C GLY D 1360 -22.11 8.55 -19.57
N VAL D 1361 -20.96 9.13 -19.95
CA VAL D 1361 -20.27 10.18 -19.21
C VAL D 1361 -20.31 11.52 -19.95
N LYS D 1362 -21.02 12.52 -19.40
CA LYS D 1362 -21.05 13.84 -20.01
C LYS D 1362 -19.77 14.57 -19.59
N LEU D 1363 -18.95 14.96 -20.56
CA LEU D 1363 -17.67 15.61 -20.29
C LEU D 1363 -17.40 16.65 -21.36
N HIS D 1364 -17.06 17.88 -20.96
CA HIS D 1364 -16.86 18.95 -21.93
C HIS D 1364 -15.58 18.76 -22.77
N ASP D 1365 -15.69 18.98 -24.10
CA ASP D 1365 -14.52 18.90 -24.97
C ASP D 1365 -13.41 19.81 -24.47
N LYS D 1366 -13.79 20.89 -23.82
CA LYS D 1366 -12.91 21.93 -23.31
C LYS D 1366 -11.70 21.29 -22.61
N HIS D 1367 -11.93 20.25 -21.79
CA HIS D 1367 -10.86 19.64 -21.01
C HIS D 1367 -9.88 18.81 -21.87
N ILE D 1368 -10.40 17.90 -22.69
CA ILE D 1368 -9.63 17.10 -23.63
C ILE D 1368 -8.77 17.97 -24.55
N GLU D 1369 -9.27 19.17 -24.92
CA GLU D 1369 -8.49 20.05 -25.79
C GLU D 1369 -7.25 20.56 -25.05
N ILE D 1370 -7.39 20.91 -23.76
CA ILE D 1370 -6.25 21.32 -22.93
C ILE D 1370 -5.12 20.28 -22.99
N VAL D 1371 -5.45 19.01 -22.75
CA VAL D 1371 -4.46 17.94 -22.84
C VAL D 1371 -3.90 17.82 -24.23
N VAL D 1372 -4.77 17.68 -25.26
CA VAL D 1372 -4.24 17.55 -26.63
C VAL D 1372 -3.31 18.69 -27.00
N ARG D 1373 -3.61 19.90 -26.53
CA ARG D 1373 -2.73 21.04 -26.78
C ARG D 1373 -1.30 20.78 -26.27
N GLN D 1374 -1.19 20.17 -25.07
CA GLN D 1374 0.12 19.80 -24.51
C GLN D 1374 0.79 18.71 -25.34
N MET D 1375 0.00 17.83 -25.95
CA MET D 1375 0.59 16.81 -26.82
C MET D 1375 1.28 17.43 -28.01
N MET D 1376 0.77 18.56 -28.55
CA MET D 1376 1.34 19.22 -29.73
C MET D 1376 2.38 20.29 -29.39
N LYS D 1377 2.76 20.40 -28.12
CA LYS D 1377 3.64 21.46 -27.62
C LYS D 1377 4.97 21.58 -28.36
N TYR D 1378 5.48 20.49 -28.97
CA TYR D 1378 6.86 20.41 -29.46
C TYR D 1378 6.99 20.32 -30.99
N VAL D 1379 8.14 20.77 -31.51
CA VAL D 1379 8.44 20.73 -32.94
C VAL D 1379 9.85 20.19 -33.19
N GLU D 1380 10.09 19.71 -34.42
CA GLU D 1380 11.39 19.19 -34.86
C GLU D 1380 11.89 20.04 -36.04
N VAL D 1381 13.15 20.51 -35.95
CA VAL D 1381 13.76 21.40 -36.97
C VAL D 1381 14.08 20.66 -38.26
N THR D 1382 13.52 21.14 -39.39
CA THR D 1382 13.94 20.67 -40.72
C THR D 1382 15.13 21.44 -41.33
N ASP D 1383 15.17 22.79 -41.26
CA ASP D 1383 16.41 23.50 -41.62
C ASP D 1383 16.66 24.70 -40.69
N PRO D 1384 17.88 24.86 -40.14
CA PRO D 1384 18.11 25.95 -39.18
C PRO D 1384 18.18 27.29 -39.87
N GLY D 1385 18.47 27.29 -41.17
CA GLY D 1385 18.72 28.50 -41.92
C GLY D 1385 19.92 29.25 -41.42
N ASP D 1386 19.70 30.25 -40.55
CA ASP D 1386 20.76 31.06 -39.95
C ASP D 1386 20.58 31.15 -38.42
N SER D 1387 20.65 30.00 -37.72
CA SER D 1387 20.46 29.92 -36.27
C SER D 1387 21.42 28.89 -35.69
N ARG D 1388 21.38 28.74 -34.35
CA ARG D 1388 22.28 27.81 -33.69
C ARG D 1388 21.73 26.39 -33.69
N LEU D 1389 20.47 26.22 -34.08
CA LEU D 1389 19.76 24.94 -34.03
C LEU D 1389 20.35 23.93 -35.02
N LEU D 1390 20.05 22.66 -34.79
CA LEU D 1390 20.51 21.56 -35.64
C LEU D 1390 19.31 20.89 -36.28
N GLU D 1391 19.51 20.32 -37.47
CA GLU D 1391 18.46 19.55 -38.12
C GLU D 1391 18.15 18.31 -37.29
N GLY D 1392 16.89 18.11 -36.97
CA GLY D 1392 16.44 17.01 -36.14
C GLY D 1392 16.30 17.34 -34.67
N GLN D 1393 16.76 18.51 -34.24
CA GLN D 1393 16.65 18.93 -32.85
C GLN D 1393 15.16 19.18 -32.55
N VAL D 1394 14.73 18.76 -31.37
CA VAL D 1394 13.35 18.89 -30.90
C VAL D 1394 13.29 20.04 -29.91
N LEU D 1395 12.24 20.84 -29.99
CA LEU D 1395 12.10 21.97 -29.08
C LEU D 1395 10.64 22.42 -29.00
N GLU D 1396 10.33 23.18 -27.95
CA GLU D 1396 8.97 23.64 -27.77
C GLU D 1396 8.58 24.56 -28.92
N LYS D 1397 7.31 24.46 -29.35
CA LYS D 1397 6.82 25.28 -30.45
C LYS D 1397 6.89 26.76 -30.09
N TRP D 1398 6.58 27.10 -28.82
CA TRP D 1398 6.69 28.49 -28.38
C TRP D 1398 8.10 29.06 -28.58
N ASP D 1399 9.14 28.32 -28.11
CA ASP D 1399 10.52 28.86 -28.15
C ASP D 1399 11.00 29.09 -29.58
N VAL D 1400 10.62 28.22 -30.52
CA VAL D 1400 11.02 28.41 -31.92
C VAL D 1400 10.19 29.51 -32.58
N GLU D 1401 8.93 29.72 -32.18
CA GLU D 1401 8.19 30.86 -32.71
C GLU D 1401 8.80 32.16 -32.18
N ALA D 1402 9.14 32.18 -30.88
CA ALA D 1402 9.80 33.34 -30.28
C ALA D 1402 11.12 33.64 -30.96
N LEU D 1403 11.94 32.61 -31.18
CA LEU D 1403 13.22 32.75 -31.89
C LEU D 1403 13.00 33.30 -33.31
N ASN D 1404 12.01 32.76 -34.04
CA ASN D 1404 11.80 33.12 -35.43
C ASN D 1404 11.40 34.60 -35.62
N GLU D 1405 10.71 35.23 -34.65
CA GLU D 1405 10.46 36.67 -34.85
C GLU D 1405 11.72 37.50 -34.57
N ARG D 1406 12.70 36.96 -33.81
CA ARG D 1406 13.95 37.68 -33.64
C ARG D 1406 14.84 37.52 -34.86
N LEU D 1407 14.70 36.40 -35.57
CA LEU D 1407 15.45 36.21 -36.80
C LEU D 1407 14.78 36.98 -37.93
N ILE D 1408 13.45 36.93 -38.04
CA ILE D 1408 12.82 37.61 -39.16
C ILE D 1408 12.96 39.12 -38.93
N ALA D 1409 13.15 39.56 -37.67
CA ALA D 1409 13.43 40.96 -37.37
C ALA D 1409 14.93 41.27 -37.46
N GLU D 1410 15.80 40.26 -37.54
CA GLU D 1410 17.24 40.41 -37.76
C GLU D 1410 17.60 40.21 -39.22
N GLY D 1411 16.62 39.88 -40.07
CA GLY D 1411 16.75 39.63 -41.49
C GLY D 1411 17.27 38.29 -41.95
N LYS D 1412 18.09 37.60 -41.14
CA LYS D 1412 18.61 36.28 -41.53
C LYS D 1412 17.45 35.30 -41.75
N THR D 1413 17.69 34.29 -42.59
CA THR D 1413 16.69 33.25 -42.87
C THR D 1413 16.20 32.49 -41.61
N PRO D 1414 14.89 32.42 -41.39
CA PRO D 1414 14.32 31.77 -40.20
C PRO D 1414 14.38 30.24 -40.20
N VAL D 1415 14.21 29.68 -39.00
CA VAL D 1415 14.23 28.24 -38.77
C VAL D 1415 13.01 27.58 -39.37
N ALA D 1416 13.24 26.52 -40.14
CA ALA D 1416 12.20 25.65 -40.68
C ALA D 1416 11.87 24.56 -39.66
N TRP D 1417 10.59 24.43 -39.30
CA TRP D 1417 10.16 23.45 -38.31
C TRP D 1417 8.94 22.65 -38.79
N LYS D 1418 8.65 21.57 -38.05
CA LYS D 1418 7.63 20.56 -38.32
C LYS D 1418 6.72 20.34 -37.12
N PRO D 1419 5.43 20.14 -37.31
CA PRO D 1419 4.60 19.81 -36.15
C PRO D 1419 5.03 18.44 -35.65
N LEU D 1420 5.02 18.26 -34.33
CA LEU D 1420 5.45 17.02 -33.69
C LEU D 1420 4.37 16.63 -32.69
N LEU D 1421 3.92 15.37 -32.74
CA LEU D 1421 2.90 14.90 -31.82
C LEU D 1421 3.48 13.85 -30.90
N MET D 1422 3.50 14.13 -29.59
CA MET D 1422 3.96 13.12 -28.64
C MET D 1422 2.92 12.89 -27.55
N GLY D 1423 2.85 11.63 -27.08
CA GLY D 1423 1.90 11.24 -26.04
C GLY D 1423 2.20 11.97 -24.73
N VAL D 1424 1.27 11.86 -23.77
CA VAL D 1424 1.40 12.66 -22.55
C VAL D 1424 2.66 12.33 -21.76
N THR D 1425 3.08 11.07 -21.73
CA THR D 1425 4.26 10.71 -20.93
C THR D 1425 5.50 11.40 -21.46
N LYS D 1426 5.79 11.23 -22.74
CA LYS D 1426 6.96 11.86 -23.35
C LYS D 1426 6.89 13.39 -23.21
N SER D 1427 5.70 13.97 -23.48
CA SER D 1427 5.45 15.42 -23.34
C SER D 1427 5.73 15.88 -21.91
N ALA D 1428 5.24 15.14 -20.93
CA ALA D 1428 5.50 15.47 -19.54
C ALA D 1428 6.99 15.49 -19.22
N LEU D 1429 7.75 14.49 -19.74
CA LEU D 1429 9.18 14.38 -19.46
C LEU D 1429 10.03 15.47 -20.14
N SER D 1430 9.50 16.14 -21.15
CA SER D 1430 10.23 17.14 -21.93
C SER D 1430 10.01 18.59 -21.48
N THR D 1431 9.18 18.88 -20.47
CA THR D 1431 8.97 20.29 -20.13
C THR D 1431 10.29 20.89 -19.65
N LYS D 1432 10.47 22.21 -19.88
CA LYS D 1432 11.71 22.87 -19.47
C LYS D 1432 11.99 22.69 -17.98
N SER D 1433 10.97 22.58 -17.15
CA SER D 1433 11.24 22.51 -15.72
C SER D 1433 11.69 21.10 -15.36
N TRP D 1434 12.94 21.00 -14.86
CA TRP D 1434 13.54 19.69 -14.54
C TRP D 1434 13.03 19.17 -13.20
N LEU D 1435 12.53 20.05 -12.33
CA LEU D 1435 11.89 19.61 -11.11
C LEU D 1435 10.55 18.94 -11.44
N SER D 1436 9.82 19.46 -12.43
CA SER D 1436 8.60 18.77 -12.82
C SER D 1436 8.93 17.38 -13.36
N ALA D 1437 9.87 17.29 -14.31
CA ALA D 1437 10.19 16.01 -14.96
C ALA D 1437 10.80 15.00 -13.99
N ALA D 1438 11.73 15.44 -13.14
CA ALA D 1438 12.41 14.51 -12.25
C ALA D 1438 11.47 13.95 -11.17
N SER D 1439 10.43 14.69 -10.78
CA SER D 1439 9.40 14.22 -9.85
C SER D 1439 8.34 13.31 -10.47
N PHE D 1440 8.14 13.38 -11.79
CA PHE D 1440 7.27 12.44 -12.54
C PHE D 1440 7.74 10.98 -12.54
N GLN D 1441 8.86 10.72 -13.23
CA GLN D 1441 9.30 9.39 -13.71
C GLN D 1441 10.72 9.53 -14.25
N ASN D 1442 11.34 8.38 -14.58
CA ASN D 1442 12.67 8.35 -15.21
C ASN D 1442 13.60 9.34 -14.54
N THR D 1443 13.58 9.30 -13.21
CA THR D 1443 14.25 10.31 -12.40
C THR D 1443 15.72 10.43 -12.73
N THR D 1444 16.46 9.30 -12.81
CA THR D 1444 17.88 9.45 -13.08
C THR D 1444 18.12 10.07 -14.44
N HIS D 1445 17.45 9.57 -15.49
CA HIS D 1445 17.69 10.10 -16.83
C HIS D 1445 17.43 11.61 -16.85
N VAL D 1446 16.24 12.03 -16.41
CA VAL D 1446 15.92 13.44 -16.31
C VAL D 1446 17.00 14.22 -15.58
N LEU D 1447 17.46 13.70 -14.44
CA LEU D 1447 18.38 14.47 -13.62
C LEU D 1447 19.78 14.54 -14.20
N THR D 1448 20.24 13.47 -14.89
CA THR D 1448 21.59 13.50 -15.46
C THR D 1448 21.66 14.49 -16.62
N GLU D 1449 20.65 14.49 -17.51
CA GLU D 1449 20.66 15.43 -18.64
C GLU D 1449 20.53 16.86 -18.14
N ALA D 1450 19.70 17.07 -17.11
CA ALA D 1450 19.58 18.40 -16.51
C ALA D 1450 20.91 18.88 -15.91
N ALA D 1451 21.65 18.00 -15.23
CA ALA D 1451 22.85 18.48 -14.53
C ALA D 1451 23.94 18.84 -15.52
N ILE D 1452 24.03 18.04 -16.60
CA ILE D 1452 24.95 18.31 -17.70
C ILE D 1452 24.65 19.67 -18.32
N ALA D 1453 23.36 19.91 -18.65
CA ALA D 1453 22.94 21.14 -19.31
C ALA D 1453 23.08 22.35 -18.39
N GLY D 1454 23.24 22.13 -17.08
CA GLY D 1454 23.30 23.28 -16.23
C GLY D 1454 21.98 23.98 -16.18
N LYS D 1455 20.89 23.21 -16.31
CA LYS D 1455 19.50 23.67 -16.43
C LYS D 1455 19.03 24.55 -15.30
N LYS D 1456 18.24 25.56 -15.63
CA LYS D 1456 17.64 26.41 -14.62
C LYS D 1456 16.12 26.26 -14.68
N ASP D 1457 15.54 25.89 -13.54
CA ASP D 1457 14.09 25.79 -13.36
C ASP D 1457 13.58 27.16 -12.95
N GLU D 1458 12.68 27.71 -13.75
CA GLU D 1458 12.25 29.07 -13.49
C GLU D 1458 11.09 29.08 -12.50
N LEU D 1459 10.65 27.90 -12.05
CA LEU D 1459 9.49 27.78 -11.15
C LEU D 1459 8.21 28.39 -11.74
N ILE D 1460 7.91 27.99 -12.99
CA ILE D 1460 6.73 28.45 -13.70
C ILE D 1460 5.48 27.66 -13.29
N GLY D 1461 5.57 26.34 -13.17
CA GLY D 1461 4.41 25.51 -12.93
C GLY D 1461 4.08 25.27 -11.44
N LEU D 1462 3.14 24.36 -11.21
CA LEU D 1462 2.68 24.11 -9.84
C LEU D 1462 3.61 23.17 -9.09
N LYS D 1463 3.92 22.00 -9.68
CA LYS D 1463 4.75 20.99 -8.99
C LYS D 1463 6.06 21.57 -8.50
N GLU D 1464 6.74 22.39 -9.31
CA GLU D 1464 7.99 22.99 -8.87
C GLU D 1464 7.79 23.70 -7.55
N ASN D 1465 6.74 24.54 -7.48
CA ASN D 1465 6.51 25.35 -6.29
C ASN D 1465 6.05 24.49 -5.13
N VAL D 1466 5.23 23.48 -5.38
CA VAL D 1466 4.86 22.53 -4.33
C VAL D 1466 6.10 21.92 -3.68
N ILE D 1467 7.07 21.48 -4.49
CA ILE D 1467 8.26 20.87 -3.93
C ILE D 1467 9.01 21.84 -3.03
N LEU D 1468 9.14 23.09 -3.45
CA LEU D 1468 9.82 24.03 -2.57
C LEU D 1468 8.96 24.49 -1.39
N GLY D 1469 7.68 24.10 -1.36
CA GLY D 1469 6.78 24.63 -0.36
C GLY D 1469 6.42 26.10 -0.54
N ARG D 1470 6.33 26.56 -1.78
CA ARG D 1470 6.08 27.96 -2.09
C ARG D 1470 4.57 28.17 -2.26
N LEU D 1471 4.17 29.42 -2.50
CA LEU D 1471 2.76 29.71 -2.74
C LEU D 1471 2.54 29.55 -4.24
N ILE D 1472 1.74 28.57 -4.63
CA ILE D 1472 1.64 28.16 -6.04
C ILE D 1472 1.17 29.33 -6.90
N PRO D 1473 1.48 29.34 -8.22
CA PRO D 1473 1.03 30.40 -9.12
C PRO D 1473 -0.39 30.14 -9.65
N ALA D 1474 -1.34 29.90 -8.74
CA ALA D 1474 -2.75 29.72 -9.09
C ALA D 1474 -3.60 30.19 -7.92
N GLY D 1475 -4.90 30.41 -8.22
CA GLY D 1475 -5.85 30.87 -7.22
C GLY D 1475 -5.39 32.16 -6.57
N THR D 1476 -5.42 32.19 -5.23
CA THR D 1476 -4.99 33.37 -4.49
C THR D 1476 -3.51 33.66 -4.68
N GLY D 1477 -2.78 32.76 -5.31
CA GLY D 1477 -1.37 32.98 -5.55
C GLY D 1477 -1.03 33.57 -6.90
N SER D 1478 -2.01 33.62 -7.81
CA SER D 1478 -1.74 34.24 -9.11
C SER D 1478 -1.36 35.70 -8.92
N ASP D 1479 -0.38 36.14 -9.72
CA ASP D 1479 0.10 37.51 -9.68
C ASP D 1479 -0.99 38.50 -10.07
N PHE D 1480 -2.10 38.02 -10.62
CA PHE D 1480 -3.15 38.94 -11.04
C PHE D 1480 -3.89 39.49 -9.82
N VAL D 1481 -4.24 38.61 -8.88
CA VAL D 1481 -4.98 38.97 -7.67
C VAL D 1481 -4.08 39.12 -6.43
N ARG D 1482 -2.79 38.80 -6.53
CA ARG D 1482 -1.97 38.61 -5.33
C ARG D 1482 -1.77 39.90 -4.53
N PHE D 1483 -1.54 41.02 -5.24
CA PHE D 1483 -1.11 42.28 -4.61
C PHE D 1483 -2.24 43.23 -4.29
N THR D 1484 -3.49 42.82 -4.52
CA THR D 1484 -4.65 43.67 -4.28
C THR D 1484 -4.70 44.16 -2.83
N GLN D 1485 -4.97 45.46 -2.66
CA GLN D 1485 -5.01 46.17 -1.38
C GLN D 1485 -6.45 46.50 -0.96
N VAL D 1486 -6.70 46.50 0.36
CA VAL D 1486 -7.97 46.97 0.91
C VAL D 1486 -7.70 48.15 1.82
N VAL D 1487 -8.54 49.17 1.71
CA VAL D 1487 -8.49 50.32 2.61
C VAL D 1487 -9.90 50.90 2.75
N ASP D 1488 -10.24 51.29 3.98
CA ASP D 1488 -11.51 51.91 4.30
C ASP D 1488 -11.50 53.40 3.96
N GLN D 1489 -12.69 53.94 3.62
CA GLN D 1489 -12.78 55.33 3.16
C GLN D 1489 -12.23 56.30 4.19
N LYS D 1490 -12.37 55.99 5.49
CA LYS D 1490 -11.83 56.83 6.55
C LYS D 1490 -10.30 56.90 6.42
N THR D 1491 -9.64 55.74 6.40
CA THR D 1491 -8.18 55.69 6.22
C THR D 1491 -7.72 56.20 4.84
N LEU D 1492 -8.49 55.97 3.77
CA LEU D 1492 -8.06 56.46 2.44
C LEU D 1492 -7.97 57.98 2.45
N LYS D 1493 -9.03 58.65 2.93
CA LYS D 1493 -9.01 60.11 3.00
C LYS D 1493 -8.00 60.61 4.05
N ALA D 1494 -7.87 59.93 5.20
CA ALA D 1494 -6.88 60.34 6.22
C ALA D 1494 -5.44 60.38 5.69
N ILE D 1495 -4.96 59.30 5.07
CA ILE D 1495 -3.63 59.29 4.47
C ILE D 1495 -3.49 60.36 3.39
N GLU D 1496 -4.55 60.51 2.57
CA GLU D 1496 -4.58 61.42 1.41
C GLU D 1496 -4.40 62.91 1.75
N GLU D 1497 -5.04 63.39 2.84
CA GLU D 1497 -4.95 64.81 3.21
C GLU D 1497 -3.56 65.27 3.66
N ALA D 1498 -2.84 64.48 4.46
CA ALA D 1498 -1.51 64.89 4.91
C ALA D 1498 -0.50 64.99 3.77
N ARG D 1499 -0.56 64.07 2.81
CA ARG D 1499 0.38 64.00 1.70
C ARG D 1499 0.12 64.99 0.55
N LYS D 1500 -1.11 65.49 0.38
CA LYS D 1500 -1.40 66.49 -0.67
C LYS D 1500 -0.84 67.88 -0.36
N GLU D 1501 0.45 67.97 0.00
CA GLU D 1501 1.08 69.23 0.41
C GLU D 1501 2.60 69.05 0.44
N ALA D 1502 3.31 70.14 0.69
CA ALA D 1502 4.77 70.08 0.88
C ALA D 1502 5.16 70.09 2.36
N ALA E 2 -24.75 28.41 2.74
CA ALA E 2 -24.01 29.34 1.86
C ALA E 2 -23.63 30.63 2.59
N GLU E 3 -22.49 31.22 2.27
CA GLU E 3 -22.13 32.47 2.91
C GLU E 3 -23.15 33.53 2.53
N PRO E 4 -23.60 34.33 3.49
CA PRO E 4 -24.65 35.32 3.20
C PRO E 4 -24.21 36.35 2.17
N GLY E 5 -25.03 36.50 1.14
CA GLY E 5 -24.79 37.46 0.07
C GLY E 5 -23.53 37.14 -0.70
N ILE E 6 -23.21 35.86 -0.82
CA ILE E 6 -22.01 35.44 -1.53
C ILE E 6 -22.11 35.83 -3.01
N ASP E 7 -23.33 35.77 -3.61
CA ASP E 7 -23.48 36.10 -5.03
C ASP E 7 -23.15 37.55 -5.30
N LYS E 8 -23.52 38.45 -4.38
CA LYS E 8 -23.24 39.87 -4.57
C LYS E 8 -21.75 40.11 -4.46
N LEU E 9 -21.07 39.34 -3.61
CA LEU E 9 -19.64 39.49 -3.45
C LEU E 9 -18.88 39.09 -4.70
N PHE E 10 -19.28 37.99 -5.36
CA PHE E 10 -18.64 37.61 -6.61
C PHE E 10 -18.92 38.66 -7.67
N GLY E 11 -20.04 39.38 -7.53
CA GLY E 11 -20.33 40.50 -8.41
C GLY E 11 -19.29 41.61 -8.33
N MET E 12 -18.79 41.89 -7.12
CA MET E 12 -17.86 43.01 -6.90
C MET E 12 -16.46 42.80 -7.52
N VAL E 13 -16.11 41.60 -8.01
CA VAL E 13 -14.72 41.35 -8.40
C VAL E 13 -14.63 40.84 -9.83
N ASP E 14 -13.46 41.07 -10.42
CA ASP E 14 -13.16 40.59 -11.77
C ASP E 14 -12.78 39.11 -11.76
N SER E 15 -12.26 38.64 -10.63
CA SER E 15 -11.81 37.27 -10.38
C SER E 15 -12.22 36.81 -8.99
N LYS E 16 -12.86 35.65 -8.88
CA LYS E 16 -13.28 35.19 -7.54
C LYS E 16 -12.09 35.17 -6.57
N TYR E 17 -10.88 34.81 -7.04
CA TYR E 17 -9.73 34.77 -6.15
C TYR E 17 -9.36 36.17 -5.62
N ARG E 18 -9.64 37.22 -6.39
CA ARG E 18 -9.40 38.57 -5.87
C ARG E 18 -10.33 38.87 -4.69
N LEU E 19 -11.59 38.40 -4.73
CA LEU E 19 -12.44 38.50 -3.54
C LEU E 19 -11.78 37.87 -2.33
N THR E 20 -11.26 36.64 -2.45
CA THR E 20 -10.68 35.96 -1.30
C THR E 20 -9.54 36.77 -0.69
N VAL E 21 -8.71 37.37 -1.53
CA VAL E 21 -7.58 38.16 -1.04
C VAL E 21 -8.05 39.39 -0.29
N VAL E 22 -9.02 40.13 -0.85
CA VAL E 22 -9.48 41.33 -0.18
C VAL E 22 -10.03 40.97 1.18
N VAL E 23 -10.89 39.94 1.24
CA VAL E 23 -11.45 39.47 2.51
C VAL E 23 -10.34 39.05 3.48
N ALA E 24 -9.40 38.21 3.02
CA ALA E 24 -8.35 37.68 3.90
C ALA E 24 -7.48 38.81 4.45
N LYS E 25 -7.04 39.73 3.58
CA LYS E 25 -6.22 40.86 4.03
C LYS E 25 -7.00 41.72 5.03
N ARG E 26 -8.29 41.99 4.72
CA ARG E 26 -9.11 42.79 5.62
C ARG E 26 -9.21 42.15 7.00
N ALA E 27 -9.46 40.84 7.06
CA ALA E 27 -9.54 40.17 8.35
C ALA E 27 -8.23 40.30 9.13
N GLN E 28 -7.09 40.21 8.46
CA GLN E 28 -5.83 40.45 9.13
C GLN E 28 -5.71 41.89 9.66
N GLN E 29 -6.19 42.89 8.90
CA GLN E 29 -6.16 44.26 9.42
C GLN E 29 -6.94 44.35 10.74
N LEU E 30 -8.15 43.80 10.75
CA LEU E 30 -8.98 43.85 11.94
C LEU E 30 -8.33 43.15 13.15
N LEU E 31 -7.82 41.91 12.98
CA LEU E 31 -7.23 41.20 14.11
C LEU E 31 -6.03 41.93 14.70
N ARG E 32 -5.14 42.43 13.85
CA ARG E 32 -3.94 43.10 14.36
C ARG E 32 -4.32 44.33 15.20
N HIS E 33 -5.31 45.11 14.74
CA HIS E 33 -5.72 46.35 15.40
C HIS E 33 -6.89 46.20 16.40
N GLY E 34 -7.34 44.99 16.69
CA GLY E 34 -8.38 44.84 17.70
C GLY E 34 -9.73 45.40 17.26
N PHE E 35 -10.06 45.24 15.98
CA PHE E 35 -11.36 45.58 15.41
C PHE E 35 -11.69 47.06 15.43
N LYS E 36 -10.85 47.90 16.02
CA LYS E 36 -11.30 49.27 16.16
C LYS E 36 -11.14 50.13 14.91
N ASN E 37 -10.65 49.58 13.79
CA ASN E 37 -10.66 50.33 12.54
C ASN E 37 -11.87 50.03 11.67
N THR E 38 -12.81 49.25 12.20
CA THR E 38 -13.96 48.80 11.43
C THR E 38 -14.79 49.96 10.89
N VAL E 39 -15.44 49.72 9.74
CA VAL E 39 -16.34 50.71 9.17
C VAL E 39 -17.78 50.42 9.56
N LEU E 40 -18.03 49.34 10.30
CA LEU E 40 -19.36 48.98 10.73
C LEU E 40 -19.80 49.82 11.94
N GLU E 41 -21.12 49.87 12.12
CA GLU E 41 -21.73 50.60 13.22
C GLU E 41 -22.26 49.59 14.25
N PRO E 42 -22.36 49.99 15.51
CA PRO E 42 -22.65 49.03 16.63
C PRO E 42 -23.77 48.00 16.45
N GLU E 43 -24.83 48.29 15.68
CA GLU E 43 -25.91 47.34 15.44
C GLU E 43 -25.64 46.42 14.26
N GLU E 44 -24.66 46.73 13.43
CA GLU E 44 -24.26 45.89 12.31
C GLU E 44 -23.18 44.91 12.70
N ARG E 45 -22.62 45.08 13.89
CA ARG E 45 -21.57 44.21 14.37
C ARG E 45 -22.09 42.78 14.47
N PRO E 46 -21.40 41.80 13.88
CA PRO E 46 -21.81 40.41 14.02
C PRO E 46 -21.69 39.97 15.47
N LYS E 47 -22.68 39.24 15.93
CA LYS E 47 -22.74 38.90 17.34
C LYS E 47 -22.65 37.39 17.50
N MET E 48 -22.24 36.97 18.69
CA MET E 48 -22.07 35.56 18.96
C MET E 48 -22.76 35.31 20.29
N GLN E 49 -23.57 34.28 20.30
CA GLN E 49 -24.41 33.92 21.44
C GLN E 49 -23.63 32.93 22.30
N THR E 50 -23.23 33.34 23.51
CA THR E 50 -22.56 32.43 24.42
C THR E 50 -23.57 31.89 25.45
N LEU E 51 -23.09 31.13 26.44
CA LEU E 51 -23.96 30.77 27.58
C LEU E 51 -24.22 31.99 28.46
N GLU E 52 -23.21 32.86 28.62
CA GLU E 52 -23.39 34.14 29.30
C GLU E 52 -24.42 35.01 28.58
N GLY E 53 -24.17 35.28 27.30
CA GLY E 53 -25.05 36.06 26.44
C GLY E 53 -24.27 36.59 25.24
N LEU E 54 -24.86 37.58 24.56
CA LEU E 54 -24.26 38.19 23.37
C LEU E 54 -22.92 38.92 23.57
N PHE E 55 -21.93 38.56 22.73
CA PHE E 55 -20.63 39.21 22.53
C PHE E 55 -20.35 39.40 21.04
N ASP E 56 -19.32 40.21 20.78
CA ASP E 56 -18.84 40.47 19.42
C ASP E 56 -18.38 39.16 18.76
N ASP E 57 -18.74 38.96 17.46
CA ASP E 57 -18.25 37.80 16.72
C ASP E 57 -16.73 37.85 16.68
N PRO E 58 -16.02 36.82 17.20
CA PRO E 58 -14.54 36.87 17.21
C PRO E 58 -13.93 36.66 15.85
N ASN E 59 -14.69 36.06 14.92
CA ASN E 59 -14.19 35.64 13.63
C ASN E 59 -14.08 36.86 12.72
N ALA E 60 -12.85 37.22 12.38
CA ALA E 60 -12.65 38.45 11.63
C ALA E 60 -13.01 38.26 10.17
N VAL E 61 -12.97 37.01 9.70
CA VAL E 61 -13.28 36.74 8.31
C VAL E 61 -14.78 36.94 8.07
N THR E 62 -15.63 36.58 9.05
CA THR E 62 -17.05 36.90 8.92
C THR E 62 -17.24 38.41 8.79
N TRP E 63 -16.62 39.15 9.70
CA TRP E 63 -16.61 40.60 9.71
C TRP E 63 -16.27 41.17 8.33
N ALA E 64 -15.14 40.74 7.77
CA ALA E 64 -14.64 41.32 6.52
C ALA E 64 -15.63 41.20 5.37
N MET E 65 -16.29 40.05 5.25
CA MET E 65 -17.29 39.90 4.21
C MET E 65 -18.47 40.83 4.45
N LYS E 66 -18.92 40.92 5.71
CA LYS E 66 -20.03 41.82 6.01
C LYS E 66 -19.65 43.26 5.71
N GLU E 67 -18.49 43.70 6.21
CA GLU E 67 -17.97 45.03 5.86
C GLU E 67 -17.96 45.28 4.36
N LEU E 68 -17.47 44.31 3.59
CA LEU E 68 -17.35 44.46 2.13
C LEU E 68 -18.71 44.76 1.48
N LEU E 69 -19.75 44.07 1.93
CA LEU E 69 -21.12 44.20 1.43
C LEU E 69 -21.67 45.63 1.59
N THR E 70 -21.25 46.33 2.66
CA THR E 70 -21.70 47.69 2.92
C THR E 70 -21.32 48.66 1.81
N GLY E 71 -20.13 48.52 1.25
CA GLY E 71 -19.68 49.42 0.23
C GLY E 71 -18.63 50.38 0.73
N ARG E 72 -18.38 50.40 2.05
CA ARG E 72 -17.45 51.34 2.66
C ARG E 72 -15.96 51.01 2.47
N LEU E 73 -15.61 49.85 1.89
CA LEU E 73 -14.22 49.46 1.63
C LEU E 73 -13.80 49.73 0.18
N VAL E 74 -12.55 50.15 -0.01
CA VAL E 74 -11.99 50.42 -1.34
C VAL E 74 -10.91 49.37 -1.59
N PHE E 75 -11.02 48.67 -2.72
CA PHE E 75 -10.08 47.61 -3.09
C PHE E 75 -9.54 47.91 -4.49
N GLY E 76 -8.27 47.59 -4.70
CA GLY E 76 -7.63 47.72 -6.00
C GLY E 76 -6.13 47.51 -5.86
N GLU E 77 -5.42 47.72 -6.97
CA GLU E 77 -3.97 47.61 -6.95
C GLU E 77 -3.30 48.99 -6.97
N ASN E 78 -2.16 49.09 -6.28
CA ASN E 78 -1.37 50.33 -6.23
C ASN E 78 -2.21 51.49 -5.70
N LEU E 79 -2.93 51.24 -4.61
CA LEU E 79 -3.72 52.30 -3.98
C LEU E 79 -2.91 53.23 -3.07
N VAL E 80 -1.77 52.76 -2.55
CA VAL E 80 -1.02 53.46 -1.50
C VAL E 80 0.24 52.63 -1.29
N PRO E 81 1.42 53.21 -1.06
CA PRO E 81 2.57 52.37 -0.71
C PRO E 81 2.20 51.51 0.49
N GLU E 82 2.62 50.24 0.47
CA GLU E 82 2.19 49.29 1.50
C GLU E 82 2.69 49.68 2.89
N ASP E 83 3.99 49.97 3.04
CA ASP E 83 4.48 50.33 4.37
C ASP E 83 3.76 51.56 4.93
N ARG E 84 3.56 52.62 4.12
CA ARG E 84 2.93 53.84 4.63
C ARG E 84 1.52 53.58 5.15
N LEU E 85 0.78 52.72 4.47
CA LEU E 85 -0.55 52.35 4.95
C LEU E 85 -0.44 51.80 6.37
N GLN E 86 0.48 50.86 6.61
CA GLN E 86 0.64 50.25 7.93
C GLN E 86 0.83 51.28 9.05
N LYS E 87 1.65 52.32 8.82
CA LYS E 87 1.91 53.32 9.86
C LYS E 87 0.68 54.19 10.13
N GLU E 88 -0.03 54.60 9.07
CA GLU E 88 -1.22 55.43 9.24
C GLU E 88 -2.31 54.69 9.99
N MET E 89 -2.45 53.38 9.75
CA MET E 89 -3.45 52.59 10.46
C MET E 89 -3.05 52.34 11.91
N GLU E 90 -1.76 52.10 12.18
CA GLU E 90 -1.33 51.92 13.55
C GLU E 90 -1.36 53.25 14.32
N ARG E 91 -1.35 54.37 13.58
CA ARG E 91 -1.49 55.70 14.19
C ARG E 91 -2.95 56.02 14.55
N LEU E 92 -3.89 55.71 13.64
CA LEU E 92 -5.33 55.95 13.87
C LEU E 92 -5.97 54.97 14.85
N TYR E 93 -5.55 53.70 14.82
CA TYR E 93 -6.15 52.66 15.65
C TYR E 93 -5.02 51.80 16.24
N PRO E 94 -4.45 52.21 17.41
CA PRO E 94 -3.32 51.45 18.02
C PRO E 94 -3.49 49.94 18.29
N VAL E 95 -2.42 49.33 18.81
CA VAL E 95 -2.32 47.87 19.06
C VAL E 95 -2.07 47.54 20.55
N SER F 78 32.13 -10.06 -17.07
CA SER F 78 30.84 -9.53 -16.58
C SER F 78 30.49 -9.97 -15.14
N ASP F 79 31.16 -11.04 -14.68
CA ASP F 79 31.07 -11.63 -13.34
C ASP F 79 32.40 -11.43 -12.61
N PRO F 80 32.47 -10.56 -11.60
CA PRO F 80 33.77 -10.18 -11.03
C PRO F 80 34.62 -11.34 -10.47
N VAL F 81 34.00 -12.37 -9.87
CA VAL F 81 34.76 -13.54 -9.43
C VAL F 81 35.31 -14.30 -10.63
N ARG F 82 34.46 -14.63 -11.58
CA ARG F 82 34.89 -15.39 -12.75
C ARG F 82 36.05 -14.69 -13.45
N GLN F 83 35.95 -13.38 -13.64
CA GLN F 83 37.04 -12.62 -14.27
C GLN F 83 38.37 -12.82 -13.52
N TYR F 84 38.37 -12.60 -12.20
CA TYR F 84 39.59 -12.78 -11.39
C TYR F 84 40.13 -14.21 -11.48
N LEU F 85 39.26 -15.21 -11.45
CA LEU F 85 39.74 -16.59 -11.60
C LEU F 85 40.47 -16.78 -12.91
N HIS F 86 39.99 -16.16 -13.99
CA HIS F 86 40.66 -16.25 -15.27
C HIS F 86 42.05 -15.56 -15.23
N GLU F 87 42.16 -14.40 -14.55
CA GLU F 87 43.46 -13.70 -14.50
C GLU F 87 44.55 -14.46 -13.73
N ILE F 88 44.22 -15.08 -12.58
CA ILE F 88 45.21 -15.89 -11.86
C ILE F 88 45.64 -17.07 -12.70
N GLY F 89 44.73 -17.62 -13.51
CA GLY F 89 45.09 -18.82 -14.26
C GLY F 89 46.07 -18.58 -15.39
N GLN F 90 46.51 -17.32 -15.57
CA GLN F 90 47.45 -16.87 -16.60
C GLN F 90 48.91 -16.84 -16.11
N VAL F 91 49.14 -17.01 -14.82
CA VAL F 91 50.46 -17.15 -14.19
C VAL F 91 50.65 -18.62 -13.85
N PRO F 92 51.57 -19.32 -14.50
CA PRO F 92 51.79 -20.74 -14.19
C PRO F 92 52.33 -20.97 -12.79
N LEU F 93 51.99 -22.12 -12.22
CA LEU F 93 52.48 -22.47 -10.90
C LEU F 93 53.99 -22.75 -10.94
N LEU F 94 54.67 -22.55 -9.80
CA LEU F 94 56.11 -22.71 -9.73
C LEU F 94 56.54 -24.18 -9.57
N THR F 95 57.66 -24.55 -10.23
CA THR F 95 58.38 -25.78 -9.98
C THR F 95 59.15 -25.64 -8.67
N LEU F 96 59.51 -26.78 -8.04
CA LEU F 96 60.30 -26.70 -6.80
C LEU F 96 61.53 -25.85 -7.01
N GLU F 97 62.19 -26.02 -8.15
CA GLU F 97 63.35 -25.22 -8.53
C GLU F 97 62.97 -23.73 -8.68
N GLU F 98 61.93 -23.46 -9.49
CA GLU F 98 61.48 -22.10 -9.73
C GLU F 98 61.09 -21.41 -8.43
N GLU F 99 60.39 -22.14 -7.56
CA GLU F 99 60.01 -21.61 -6.25
C GLU F 99 61.23 -21.23 -5.44
N VAL F 100 62.22 -22.12 -5.35
CA VAL F 100 63.45 -21.85 -4.60
C VAL F 100 64.25 -20.69 -5.24
N GLU F 101 64.27 -20.64 -6.59
CA GLU F 101 65.03 -19.60 -7.30
C GLU F 101 64.53 -18.19 -6.97
N LEU F 102 63.21 -17.98 -7.12
CA LEU F 102 62.61 -16.67 -6.82
C LEU F 102 62.80 -16.30 -5.35
N ALA F 103 62.49 -17.24 -4.46
CA ALA F 103 62.67 -17.01 -3.03
C ALA F 103 64.11 -16.61 -2.74
N ARG F 104 65.08 -17.31 -3.36
CA ARG F 104 66.49 -16.99 -3.13
C ARG F 104 66.81 -15.55 -3.53
N LYS F 105 66.40 -15.15 -4.74
CA LYS F 105 66.67 -13.81 -5.25
C LYS F 105 66.08 -12.70 -4.36
N VAL F 106 64.90 -12.93 -3.76
CA VAL F 106 64.27 -11.93 -2.90
C VAL F 106 65.11 -11.71 -1.63
N GLU F 107 65.56 -12.80 -0.99
CA GLU F 107 66.38 -12.71 0.21
C GLU F 107 67.69 -11.97 -0.06
N GLU F 108 68.40 -12.39 -1.12
CA GLU F 108 69.67 -11.77 -1.48
C GLU F 108 69.49 -10.27 -1.73
N GLY F 109 68.38 -9.91 -2.40
CA GLY F 109 68.05 -8.52 -2.67
C GLY F 109 67.83 -7.71 -1.40
N MET F 110 67.14 -8.29 -0.41
CA MET F 110 66.97 -7.61 0.87
C MET F 110 68.33 -7.34 1.52
N GLU F 111 69.22 -8.35 1.52
CA GLU F 111 70.59 -8.19 2.01
C GLU F 111 71.34 -7.13 1.23
N ALA F 112 71.14 -7.11 -0.09
CA ALA F 112 71.77 -6.09 -0.94
C ALA F 112 71.35 -4.69 -0.55
N ILE F 113 70.04 -4.49 -0.31
CA ILE F 113 69.56 -3.17 0.09
C ILE F 113 70.15 -2.77 1.44
N LYS F 114 70.26 -3.72 2.39
CA LYS F 114 70.89 -3.38 3.66
C LYS F 114 72.31 -2.88 3.44
N LYS F 115 73.09 -3.63 2.66
CA LYS F 115 74.47 -3.23 2.36
C LYS F 115 74.50 -1.89 1.62
N LEU F 116 73.65 -1.73 0.58
CA LEU F 116 73.60 -0.45 -0.13
C LEU F 116 73.34 0.72 0.80
N SER F 117 72.60 0.51 1.88
CA SER F 117 72.40 1.58 2.86
C SER F 117 73.74 2.04 3.49
N GLU F 118 74.52 1.09 4.04
CA GLU F 118 75.84 1.36 4.63
C GLU F 118 76.74 2.18 3.70
N ILE F 119 77.03 1.63 2.52
CA ILE F 119 77.87 2.26 1.49
C ILE F 119 77.46 3.71 1.22
N THR F 120 76.16 3.92 0.87
CA THR F 120 75.60 5.19 0.38
C THR F 120 75.26 6.23 1.44
N GLY F 121 75.03 5.84 2.70
CA GLY F 121 74.55 6.80 3.68
C GLY F 121 73.09 7.18 3.52
N LEU F 122 72.29 6.29 2.95
CA LEU F 122 70.89 6.57 2.69
C LEU F 122 70.05 5.83 3.74
N ASP F 123 68.78 5.63 3.46
CA ASP F 123 67.85 4.90 4.32
C ASP F 123 67.46 3.60 3.64
N PRO F 124 67.57 2.44 4.33
CA PRO F 124 67.22 1.18 3.66
C PRO F 124 65.83 1.14 3.06
N ASP F 125 64.84 1.74 3.73
CA ASP F 125 63.49 1.78 3.18
C ASP F 125 63.41 2.67 1.94
N LEU F 126 63.98 3.88 2.02
CA LEU F 126 64.01 4.81 0.90
C LEU F 126 64.67 4.18 -0.32
N ILE F 127 65.79 3.50 -0.13
CA ILE F 127 66.44 2.80 -1.24
C ILE F 127 65.48 1.75 -1.81
N ARG F 128 64.86 0.95 -0.93
CA ARG F 128 63.95 -0.11 -1.37
C ARG F 128 62.79 0.44 -2.20
N GLU F 129 62.20 1.56 -1.78
CA GLU F 129 61.08 2.12 -2.56
C GLU F 129 61.58 2.64 -3.91
N VAL F 130 62.81 3.22 -3.94
CA VAL F 130 63.44 3.73 -5.17
C VAL F 130 63.77 2.57 -6.12
N VAL F 131 64.39 1.52 -5.59
CA VAL F 131 64.65 0.30 -6.36
C VAL F 131 63.35 -0.25 -6.94
N ARG F 132 62.35 -0.41 -6.07
CA ARG F 132 61.04 -0.94 -6.45
C ARG F 132 60.33 -0.08 -7.50
N ALA F 133 60.51 1.25 -7.43
CA ALA F 133 59.86 2.15 -8.39
C ALA F 133 60.25 1.85 -9.84
N LYS F 134 61.55 1.67 -10.08
CA LYS F 134 62.02 1.40 -11.43
C LYS F 134 61.55 0.03 -11.98
N ILE F 135 61.37 -0.99 -11.13
CA ILE F 135 60.90 -2.28 -11.63
C ILE F 135 59.45 -2.21 -12.13
N LEU F 136 58.56 -1.59 -11.34
CA LEU F 136 57.15 -1.55 -11.72
C LEU F 136 56.87 -0.53 -12.82
N GLY F 137 57.69 0.50 -12.92
CA GLY F 137 57.56 1.50 -13.96
C GLY F 137 56.98 2.80 -13.43
N SER F 138 56.83 3.73 -14.38
CA SER F 138 56.28 5.07 -14.13
C SER F 138 54.82 5.05 -13.67
N ALA F 139 54.11 3.94 -13.92
CA ALA F 139 52.67 3.84 -13.62
C ALA F 139 52.39 4.28 -12.19
N ARG F 140 53.10 3.71 -11.22
CA ARG F 140 52.91 3.97 -9.80
C ARG F 140 54.01 4.92 -9.32
N VAL F 141 53.62 6.18 -9.07
CA VAL F 141 54.48 7.13 -8.37
C VAL F 141 53.63 7.93 -7.37
N ARG F 142 53.93 7.78 -6.08
CA ARG F 142 53.21 8.50 -5.02
C ARG F 142 54.09 8.63 -3.77
N HIS F 143 53.66 9.53 -2.89
CA HIS F 143 54.26 9.70 -1.57
C HIS F 143 54.02 8.40 -0.79
N ILE F 144 55.04 7.84 -0.14
CA ILE F 144 54.84 6.63 0.65
C ILE F 144 54.88 6.94 2.15
N PRO F 145 53.79 6.59 2.96
CA PRO F 145 53.78 6.93 4.40
C PRO F 145 55.03 6.46 5.16
N GLY F 146 55.86 7.39 5.63
CA GLY F 146 57.08 7.09 6.36
C GLY F 146 58.33 7.58 5.65
N LEU F 147 58.32 7.57 4.31
CA LEU F 147 59.44 8.05 3.51
C LEU F 147 59.64 9.55 3.73
N LYS F 148 60.91 9.95 3.81
CA LYS F 148 61.26 11.35 4.07
C LYS F 148 61.01 12.27 2.86
N GLU F 149 61.09 11.75 1.65
CA GLU F 149 60.94 12.51 0.40
C GLU F 149 59.62 12.26 -0.30
N THR F 150 59.03 13.30 -0.91
CA THR F 150 57.87 13.03 -1.72
C THR F 150 58.49 12.19 -2.82
N LEU F 151 57.90 11.06 -3.17
CA LEU F 151 58.62 10.15 -4.04
C LEU F 151 58.17 10.31 -5.49
N ASP F 152 58.46 11.52 -6.03
CA ASP F 152 58.15 12.01 -7.36
C ASP F 152 59.33 11.78 -8.29
N PRO F 153 59.10 11.78 -9.61
CA PRO F 153 60.18 11.46 -10.57
C PRO F 153 61.51 12.21 -10.35
N LYS F 154 61.50 13.44 -9.84
CA LYS F 154 62.73 14.17 -9.54
C LYS F 154 63.58 13.46 -8.49
N THR F 155 62.98 13.07 -7.36
CA THR F 155 63.74 12.43 -6.29
C THR F 155 64.21 11.03 -6.68
N VAL F 156 63.37 10.25 -7.36
CA VAL F 156 63.86 8.93 -7.78
C VAL F 156 64.95 9.03 -8.85
N GLU F 157 64.94 10.05 -9.71
CA GLU F 157 66.06 10.23 -10.63
C GLU F 157 67.33 10.69 -9.91
N GLU F 158 67.22 11.70 -9.03
CA GLU F 158 68.37 12.12 -8.23
C GLU F 158 68.99 10.98 -7.45
N ILE F 159 68.17 10.22 -6.71
CA ILE F 159 68.70 9.15 -5.89
C ILE F 159 69.18 7.97 -6.76
N ASP F 160 68.45 7.63 -7.83
CA ASP F 160 68.95 6.58 -8.73
C ASP F 160 70.28 6.94 -9.37
N GLN F 161 70.50 8.23 -9.67
CA GLN F 161 71.76 8.60 -10.29
C GLN F 161 72.92 8.52 -9.29
N LYS F 162 72.66 8.67 -8.00
CA LYS F 162 73.75 8.47 -7.05
C LYS F 162 74.07 6.97 -6.95
N LEU F 163 73.05 6.10 -7.08
CA LEU F 163 73.28 4.65 -7.04
C LEU F 163 73.97 4.16 -8.31
N LYS F 164 73.63 4.69 -9.50
CA LYS F 164 74.30 4.27 -10.71
C LYS F 164 75.68 4.92 -10.90
N SER F 165 76.05 5.86 -10.04
CA SER F 165 77.36 6.49 -10.07
C SER F 165 78.37 5.74 -9.21
N LEU F 166 77.98 4.56 -8.67
CA LEU F 166 78.86 3.75 -7.85
C LEU F 166 79.87 2.95 -8.69
N PRO F 167 81.05 2.71 -8.12
CA PRO F 167 82.03 1.81 -8.73
C PRO F 167 81.50 0.40 -8.92
N LYS F 168 82.10 -0.29 -9.88
CA LYS F 168 81.65 -1.62 -10.31
C LYS F 168 81.39 -2.57 -9.13
N GLU F 169 82.33 -2.67 -8.17
CA GLU F 169 82.15 -3.58 -7.02
C GLU F 169 81.04 -3.14 -6.06
N HIS F 170 80.74 -1.84 -5.97
CA HIS F 170 79.59 -1.40 -5.17
C HIS F 170 78.27 -1.52 -5.95
N LYS F 171 78.30 -1.14 -7.23
CA LYS F 171 77.17 -1.12 -8.16
C LYS F 171 76.61 -2.52 -8.39
N ARG F 172 77.36 -3.58 -8.06
CA ARG F 172 76.82 -4.92 -8.26
C ARG F 172 75.61 -5.12 -7.38
N TYR F 173 75.60 -4.51 -6.19
CA TYR F 173 74.47 -4.58 -5.27
C TYR F 173 73.19 -3.91 -5.81
N LEU F 174 73.32 -2.84 -6.62
CA LEU F 174 72.15 -2.24 -7.27
C LEU F 174 71.48 -3.26 -8.18
N HIS F 175 72.26 -3.96 -8.99
CA HIS F 175 71.70 -4.96 -9.89
C HIS F 175 70.97 -6.06 -9.11
N ILE F 176 71.53 -6.47 -7.95
CA ILE F 176 70.90 -7.47 -7.07
C ILE F 176 69.55 -6.99 -6.56
N ALA F 177 69.49 -5.76 -6.04
CA ALA F 177 68.22 -5.26 -5.53
C ALA F 177 67.16 -5.23 -6.61
N ARG F 178 67.49 -4.69 -7.78
CA ARG F 178 66.54 -4.67 -8.88
C ARG F 178 66.02 -6.08 -9.15
N GLU F 179 66.91 -7.06 -9.32
CA GLU F 179 66.43 -8.42 -9.61
C GLU F 179 65.68 -9.04 -8.44
N GLY F 180 65.98 -8.62 -7.21
CA GLY F 180 65.21 -9.11 -6.07
C GLY F 180 63.75 -8.71 -6.16
N GLU F 181 63.49 -7.42 -6.38
CA GLU F 181 62.12 -6.92 -6.55
C GLU F 181 61.36 -7.60 -7.70
N ALA F 182 62.01 -7.77 -8.86
CA ALA F 182 61.38 -8.47 -9.98
C ALA F 182 60.90 -9.86 -9.60
N ALA F 183 61.73 -10.62 -8.87
CA ALA F 183 61.38 -11.99 -8.50
C ALA F 183 60.25 -12.01 -7.49
N ARG F 184 60.26 -11.05 -6.56
CA ARG F 184 59.17 -10.89 -5.60
C ARG F 184 57.81 -10.78 -6.28
N GLN F 185 57.69 -9.86 -7.27
CA GLN F 185 56.48 -9.73 -8.08
C GLN F 185 56.03 -11.07 -8.63
N HIS F 186 56.93 -11.80 -9.29
CA HIS F 186 56.55 -13.08 -9.86
C HIS F 186 56.13 -14.07 -8.77
N LEU F 187 56.89 -14.12 -7.66
CA LEU F 187 56.54 -15.04 -6.57
C LEU F 187 55.13 -14.81 -6.05
N ILE F 188 54.78 -13.55 -5.76
CA ILE F 188 53.44 -13.22 -5.28
C ILE F 188 52.39 -13.68 -6.27
N GLU F 189 52.53 -13.26 -7.54
CA GLU F 189 51.57 -13.57 -8.60
C GLU F 189 51.39 -15.07 -8.79
N ALA F 190 52.45 -15.85 -8.61
CA ALA F 190 52.29 -17.26 -8.88
C ALA F 190 51.56 -17.99 -7.78
N ASN F 191 51.51 -17.41 -6.58
CA ASN F 191 50.81 -18.04 -5.47
C ASN F 191 49.38 -17.56 -5.22
N LEU F 192 48.79 -16.76 -6.12
CA LEU F 192 47.47 -16.19 -5.84
C LEU F 192 46.40 -17.27 -5.69
N ARG F 193 46.49 -18.37 -6.44
CA ARG F 193 45.50 -19.44 -6.35
C ARG F 193 45.46 -20.07 -4.97
N LEU F 194 46.58 -20.07 -4.24
CA LEU F 194 46.56 -20.57 -2.87
C LEU F 194 45.57 -19.79 -2.00
N VAL F 195 45.64 -18.45 -2.03
CA VAL F 195 44.71 -17.59 -1.30
C VAL F 195 43.24 -17.92 -1.58
N VAL F 196 42.89 -18.14 -2.86
CA VAL F 196 41.50 -18.49 -3.19
C VAL F 196 41.07 -19.74 -2.42
N SER F 197 41.90 -20.80 -2.44
CA SER F 197 41.50 -22.04 -1.80
C SER F 197 41.38 -21.91 -0.28
N ILE F 198 42.09 -20.97 0.35
CA ILE F 198 41.88 -20.75 1.78
C ILE F 198 40.65 -19.86 2.04
N ALA F 199 40.44 -18.84 1.21
CA ALA F 199 39.37 -17.86 1.43
C ALA F 199 37.98 -18.48 1.22
N LYS F 200 37.85 -19.37 0.23
CA LYS F 200 36.55 -20.00 -0.05
C LYS F 200 35.99 -20.72 1.19
N LYS F 201 36.86 -21.16 2.10
CA LYS F 201 36.43 -21.85 3.30
C LYS F 201 35.95 -20.86 4.36
N TYR F 202 36.34 -19.60 4.26
CA TYR F 202 35.96 -18.57 5.21
C TYR F 202 34.75 -17.73 4.77
N THR F 203 34.03 -18.10 3.71
CA THR F 203 32.84 -17.35 3.28
C THR F 203 31.76 -17.41 4.35
N GLY F 204 30.85 -16.41 4.29
CA GLY F 204 29.67 -16.38 5.13
C GLY F 204 29.85 -15.74 6.49
N ARG F 205 31.04 -15.19 6.79
CA ARG F 205 31.33 -14.55 8.07
C ARG F 205 31.18 -13.04 8.07
N GLY F 206 30.61 -12.44 7.03
CA GLY F 206 30.36 -11.00 6.99
C GLY F 206 31.21 -10.21 6.01
N LEU F 207 32.20 -10.84 5.36
CA LEU F 207 32.97 -10.28 4.26
C LEU F 207 32.68 -11.04 2.97
N SER F 208 32.55 -10.29 1.88
CA SER F 208 32.34 -10.88 0.56
C SER F 208 33.54 -11.69 0.11
N PHE F 209 33.30 -12.66 -0.78
CA PHE F 209 34.39 -13.53 -1.25
C PHE F 209 35.60 -12.71 -1.69
N LEU F 210 35.40 -11.72 -2.58
CA LEU F 210 36.54 -10.91 -3.02
C LEU F 210 37.15 -10.14 -1.86
N ASP F 211 36.34 -9.65 -0.91
CA ASP F 211 36.99 -9.02 0.23
C ASP F 211 37.90 -10.02 0.93
N LEU F 212 37.44 -11.29 1.09
CA LEU F 212 38.33 -12.28 1.72
C LEU F 212 39.60 -12.53 0.90
N ILE F 213 39.49 -12.64 -0.44
CA ILE F 213 40.67 -12.80 -1.30
C ILE F 213 41.67 -11.65 -1.11
N GLN F 214 41.19 -10.42 -1.05
CA GLN F 214 42.13 -9.30 -0.97
C GLN F 214 42.81 -9.30 0.38
N GLU F 215 42.08 -9.54 1.46
CA GLU F 215 42.76 -9.69 2.75
C GLU F 215 43.71 -10.88 2.76
N GLY F 216 43.27 -12.01 2.18
CA GLY F 216 44.16 -13.16 2.02
C GLY F 216 45.42 -12.83 1.22
N ASN F 217 45.26 -12.09 0.13
CA ASN F 217 46.43 -11.63 -0.60
C ASN F 217 47.34 -10.77 0.29
N GLN F 218 46.77 -9.91 1.15
CA GLN F 218 47.62 -9.12 2.04
C GLN F 218 48.57 -9.96 2.90
N GLY F 219 48.06 -11.06 3.46
CA GLY F 219 48.93 -11.95 4.21
C GLY F 219 50.01 -12.59 3.34
N LEU F 220 49.65 -12.99 2.11
CA LEU F 220 50.61 -13.57 1.17
C LEU F 220 51.78 -12.61 0.94
N ILE F 221 51.51 -11.32 0.82
CA ILE F 221 52.58 -10.34 0.70
C ILE F 221 53.46 -10.41 1.95
N ARG F 222 52.84 -10.38 3.15
CA ARG F 222 53.63 -10.56 4.38
C ARG F 222 54.49 -11.81 4.34
N ALA F 223 53.91 -12.94 3.88
CA ALA F 223 54.63 -14.22 3.83
C ALA F 223 55.84 -14.19 2.90
N VAL F 224 55.71 -13.58 1.72
CA VAL F 224 56.83 -13.48 0.78
C VAL F 224 58.01 -12.71 1.37
N GLU F 225 57.72 -11.64 2.13
CA GLU F 225 58.80 -10.86 2.74
C GLU F 225 59.49 -11.60 3.89
N LYS F 226 58.77 -12.45 4.64
CA LYS F 226 59.35 -13.15 5.78
C LYS F 226 59.92 -14.53 5.46
N PHE F 227 59.67 -15.08 4.26
CA PHE F 227 60.08 -16.45 3.94
C PHE F 227 61.60 -16.63 3.92
N GLU F 228 62.07 -17.69 4.61
CA GLU F 228 63.47 -18.10 4.64
C GLU F 228 63.59 -19.43 3.89
N TYR F 229 64.15 -19.39 2.68
CA TYR F 229 64.12 -20.54 1.79
C TYR F 229 65.05 -21.64 2.25
N LYS F 230 66.05 -21.28 3.06
CA LYS F 230 67.09 -22.20 3.54
C LYS F 230 66.49 -23.35 4.36
N ARG F 231 65.36 -23.12 5.04
CA ARG F 231 64.71 -24.12 5.89
C ARG F 231 64.20 -25.32 5.09
N ARG F 232 64.25 -25.24 3.75
CA ARG F 232 63.94 -26.27 2.78
C ARG F 232 62.45 -26.59 2.71
N PHE F 233 61.62 -25.91 3.50
CA PHE F 233 60.17 -26.02 3.43
C PHE F 233 59.61 -25.48 2.11
N LYS F 234 58.54 -26.11 1.62
CA LYS F 234 57.89 -25.53 0.45
C LYS F 234 57.20 -24.23 0.86
N PHE F 235 57.02 -23.32 -0.09
CA PHE F 235 56.43 -22.00 0.21
C PHE F 235 55.00 -22.11 0.71
N SER F 236 54.21 -22.98 0.08
CA SER F 236 52.81 -23.14 0.46
C SER F 236 52.64 -23.34 1.98
N THR F 237 53.53 -24.09 2.62
CA THR F 237 53.46 -24.30 4.07
C THR F 237 53.53 -22.99 4.86
N TYR F 238 54.54 -22.16 4.62
CA TYR F 238 54.67 -20.90 5.36
C TYR F 238 53.55 -19.91 5.04
N ALA F 239 53.26 -19.71 3.75
CA ALA F 239 52.25 -18.74 3.34
C ALA F 239 50.93 -18.95 4.08
N THR F 240 50.45 -20.20 4.10
CA THR F 240 49.14 -20.51 4.67
C THR F 240 48.94 -19.91 6.05
N TRP F 241 49.96 -19.94 6.92
CA TRP F 241 49.81 -19.33 8.25
C TRP F 241 49.47 -17.84 8.13
N TRP F 242 50.25 -17.10 7.32
CA TRP F 242 50.08 -15.64 7.17
C TRP F 242 48.76 -15.29 6.47
N ILE F 243 48.34 -16.09 5.49
CA ILE F 243 47.07 -15.89 4.79
C ILE F 243 45.88 -16.14 5.72
N ARG F 244 45.91 -17.26 6.46
CA ARG F 244 44.87 -17.54 7.45
C ARG F 244 44.81 -16.44 8.48
N GLN F 245 45.97 -15.99 8.96
CA GLN F 245 46.02 -14.89 9.93
C GLN F 245 45.34 -13.61 9.40
N ALA F 246 45.60 -13.25 8.14
CA ALA F 246 45.07 -12.03 7.51
C ALA F 246 43.56 -12.03 7.33
N ILE F 247 43.01 -13.15 6.83
CA ILE F 247 41.56 -13.27 6.67
C ILE F 247 40.88 -13.15 8.01
N ASN F 248 41.37 -13.89 9.01
CA ASN F 248 40.73 -13.88 10.32
C ASN F 248 40.81 -12.49 10.93
N ARG F 249 41.91 -11.77 10.77
CA ARG F 249 41.92 -10.40 11.27
C ARG F 249 40.92 -9.51 10.50
N ALA F 250 40.79 -9.73 9.18
CA ALA F 250 39.85 -8.95 8.38
C ALA F 250 38.41 -9.13 8.85
N ILE F 251 38.02 -10.38 9.07
CA ILE F 251 36.66 -10.66 9.51
C ILE F 251 36.40 -9.99 10.85
N ALA F 252 37.34 -10.12 11.79
CA ALA F 252 37.18 -9.48 13.10
C ALA F 252 37.17 -7.95 13.02
N ASP F 253 37.91 -7.34 12.08
CA ASP F 253 37.93 -5.87 12.08
C ASP F 253 36.76 -5.25 11.31
N GLN F 254 36.41 -5.79 10.13
CA GLN F 254 35.47 -5.06 9.28
C GLN F 254 34.03 -5.54 9.27
N ALA F 255 33.69 -6.67 9.90
CA ALA F 255 32.38 -7.29 9.67
C ALA F 255 31.23 -6.56 10.38
N ARG F 256 31.49 -5.69 11.35
CA ARG F 256 30.46 -5.11 12.19
C ARG F 256 30.28 -3.60 11.98
N THR F 257 29.02 -3.18 11.88
CA THR F 257 28.68 -1.75 11.81
C THR F 257 29.24 -1.02 13.03
N ILE F 258 29.03 -1.58 14.22
CA ILE F 258 29.71 -1.13 15.44
C ILE F 258 30.99 -1.96 15.57
N ARG F 259 32.17 -1.33 15.38
CA ARG F 259 33.45 -2.06 15.38
C ARG F 259 33.76 -2.56 16.79
N ILE F 260 34.28 -3.79 16.86
CA ILE F 260 34.62 -4.37 18.16
C ILE F 260 36.12 -4.72 18.23
N PRO F 261 36.78 -4.46 19.36
CA PRO F 261 38.19 -4.85 19.48
C PRO F 261 38.34 -6.32 19.15
N VAL F 262 39.42 -6.64 18.42
CA VAL F 262 39.66 -8.00 17.94
C VAL F 262 39.64 -9.01 19.09
N HIS F 263 40.23 -8.67 20.25
CA HIS F 263 40.25 -9.60 21.39
C HIS F 263 38.86 -9.85 21.95
N MET F 264 38.04 -8.80 21.99
CA MET F 264 36.65 -8.90 22.49
C MET F 264 35.80 -9.78 21.58
N VAL F 265 36.01 -9.67 20.27
CA VAL F 265 35.33 -10.55 19.34
C VAL F 265 35.68 -12.00 19.65
N GLU F 266 36.95 -12.26 19.96
CA GLU F 266 37.36 -13.62 20.33
C GLU F 266 36.57 -14.15 21.54
N THR F 267 36.41 -13.32 22.59
CA THR F 267 35.64 -13.74 23.77
C THR F 267 34.19 -14.04 23.42
N ILE F 268 33.53 -13.16 22.66
CA ILE F 268 32.15 -13.40 22.24
C ILE F 268 32.02 -14.74 21.50
N ASN F 269 32.91 -15.01 20.56
CA ASN F 269 32.85 -16.29 19.83
C ASN F 269 32.99 -17.47 20.76
N LYS F 270 33.81 -17.30 21.82
CA LYS F 270 33.96 -18.36 22.81
C LYS F 270 32.62 -18.65 23.49
N LEU F 271 31.87 -17.60 23.89
CA LEU F 271 30.57 -17.82 24.52
C LEU F 271 29.64 -18.60 23.60
N SER F 272 29.67 -18.26 22.31
CA SER F 272 28.87 -18.97 21.32
C SER F 272 29.19 -20.46 21.29
N ARG F 273 30.45 -20.82 21.03
CA ARG F 273 30.84 -22.22 21.03
C ARG F 273 30.43 -22.92 22.33
N THR F 274 30.69 -22.24 23.47
CA THR F 274 30.42 -22.83 24.78
C THR F 274 28.95 -23.14 24.94
N ALA F 275 28.10 -22.15 24.72
CA ALA F 275 26.65 -22.34 24.79
C ALA F 275 26.18 -23.41 23.81
N ARG F 276 26.78 -23.45 22.61
CA ARG F 276 26.38 -24.42 21.59
C ARG F 276 26.70 -25.85 22.08
N GLN F 277 27.86 -26.08 22.71
CA GLN F 277 28.11 -27.35 23.39
C GLN F 277 27.05 -27.62 24.47
N LEU F 278 26.84 -26.64 25.36
CA LEU F 278 25.90 -26.75 26.48
C LEU F 278 24.49 -27.11 26.01
N GLN F 279 24.06 -26.53 24.91
CA GLN F 279 22.75 -26.85 24.36
C GLN F 279 22.70 -28.27 23.79
N GLN F 280 23.84 -28.78 23.31
CA GLN F 280 23.90 -30.11 22.72
C GLN F 280 23.88 -31.22 23.77
N GLU F 281 24.44 -30.97 24.95
CA GLU F 281 24.34 -31.97 26.01
C GLU F 281 23.02 -31.90 26.76
N LEU F 282 22.47 -30.69 26.95
CA LEU F 282 21.27 -30.51 27.77
C LEU F 282 19.95 -30.67 27.02
N GLY F 283 19.96 -30.69 25.69
CA GLY F 283 18.73 -30.82 24.91
C GLY F 283 17.77 -29.65 25.08
N ARG F 284 18.30 -28.45 25.36
CA ARG F 284 17.50 -27.23 25.59
C ARG F 284 18.49 -26.07 25.79
N GLU F 285 17.98 -24.85 25.72
CA GLU F 285 18.82 -23.66 25.87
C GLU F 285 19.37 -23.50 27.28
N PRO F 286 20.64 -23.12 27.41
CA PRO F 286 21.25 -22.91 28.73
C PRO F 286 20.84 -21.56 29.29
N THR F 287 20.91 -21.45 30.62
CA THR F 287 20.65 -20.19 31.29
C THR F 287 21.93 -19.35 31.25
N TYR F 288 21.86 -18.13 31.76
CA TYR F 288 23.10 -17.34 31.87
C TYR F 288 24.03 -18.01 32.88
N GLU F 289 23.43 -18.56 33.95
CA GLU F 289 24.20 -19.21 35.02
C GLU F 289 24.90 -20.48 34.52
N GLU F 290 24.24 -21.28 33.68
CA GLU F 290 24.86 -22.50 33.18
C GLU F 290 26.08 -22.17 32.31
N ILE F 291 25.98 -21.11 31.50
CA ILE F 291 27.11 -20.64 30.71
C ILE F 291 28.21 -20.07 31.60
N ALA F 292 27.84 -19.32 32.65
CA ALA F 292 28.85 -18.72 33.53
C ALA F 292 29.70 -19.80 34.22
N GLU F 293 29.06 -20.90 34.66
CA GLU F 293 29.82 -22.02 35.19
C GLU F 293 30.77 -22.61 34.14
N ALA F 294 30.24 -22.93 32.94
CA ALA F 294 31.03 -23.55 31.88
C ALA F 294 32.20 -22.68 31.46
N MET F 295 32.13 -21.38 31.69
CA MET F 295 33.19 -20.46 31.29
C MET F 295 34.30 -20.38 32.32
N GLY F 296 34.09 -20.93 33.53
CA GLY F 296 35.09 -20.98 34.57
C GLY F 296 35.08 -19.80 35.53
N PRO F 297 36.22 -19.58 36.19
CA PRO F 297 36.33 -18.51 37.18
C PRO F 297 36.38 -17.13 36.52
N GLY F 298 35.85 -16.13 37.24
CA GLY F 298 35.77 -14.78 36.74
C GLY F 298 34.42 -14.44 36.13
N TRP F 299 33.67 -15.47 35.75
CA TRP F 299 32.38 -15.37 35.08
C TRP F 299 31.25 -15.65 36.05
N ASP F 300 30.33 -14.67 36.15
CA ASP F 300 29.06 -14.86 36.80
C ASP F 300 27.97 -14.69 35.74
N ALA F 301 26.72 -14.88 36.13
CA ALA F 301 25.67 -14.78 35.14
C ALA F 301 25.55 -13.36 34.61
N LYS F 302 25.77 -12.38 35.48
CA LYS F 302 25.67 -10.96 35.13
C LYS F 302 26.59 -10.57 33.98
N ARG F 303 27.83 -11.08 34.00
CA ARG F 303 28.85 -10.75 33.00
C ARG F 303 28.52 -11.41 31.65
N VAL F 304 27.95 -12.61 31.66
CA VAL F 304 27.52 -13.26 30.41
C VAL F 304 26.47 -12.39 29.71
N GLU F 305 25.49 -11.90 30.47
CA GLU F 305 24.46 -11.03 29.90
C GLU F 305 25.04 -9.72 29.33
N GLU F 306 25.90 -9.03 30.10
CA GLU F 306 26.47 -7.77 29.62
C GLU F 306 27.25 -7.97 28.33
N THR F 307 27.95 -9.11 28.23
CA THR F 307 28.71 -9.44 27.03
C THR F 307 27.77 -9.60 25.82
N LEU F 308 26.63 -10.28 26.03
CA LEU F 308 25.64 -10.44 24.97
C LEU F 308 25.04 -9.12 24.55
N LYS F 309 24.83 -8.20 25.50
CA LYS F 309 24.28 -6.89 25.16
C LYS F 309 25.22 -6.19 24.20
N ILE F 310 26.52 -6.17 24.54
CA ILE F 310 27.58 -5.62 23.68
C ILE F 310 27.62 -6.31 22.30
N ALA F 311 27.26 -7.58 22.23
CA ALA F 311 27.40 -8.30 20.97
C ALA F 311 26.24 -8.10 20.02
N GLN F 312 25.23 -7.30 20.39
CA GLN F 312 24.03 -7.12 19.57
C GLN F 312 24.30 -6.27 18.32
N GLU F 313 23.96 -6.82 17.13
CA GLU F 313 24.20 -5.99 15.96
C GLU F 313 22.99 -5.13 15.62
N PRO F 314 23.24 -3.89 15.17
CA PRO F 314 22.14 -3.02 14.75
C PRO F 314 21.33 -3.58 13.59
N VAL F 315 20.12 -3.02 13.43
CA VAL F 315 19.16 -3.43 12.41
C VAL F 315 18.86 -2.24 11.50
N SER F 316 18.57 -2.57 10.23
CA SER F 316 18.33 -1.58 9.20
C SER F 316 17.05 -0.78 9.43
N LEU F 317 17.15 0.55 9.30
CA LEU F 317 15.96 1.40 9.33
C LEU F 317 15.01 1.10 8.19
N GLU F 318 15.50 0.53 7.10
CA GLU F 318 14.71 0.19 5.91
C GLU F 318 14.12 -1.23 5.95
N THR F 319 14.23 -1.95 7.06
CA THR F 319 13.59 -3.26 7.16
C THR F 319 12.08 -3.22 6.90
N PRO F 320 11.57 -3.99 5.92
CA PRO F 320 10.15 -3.95 5.58
C PRO F 320 9.29 -4.55 6.67
N ILE F 321 8.11 -3.95 6.87
CA ILE F 321 7.07 -4.50 7.75
C ILE F 321 5.87 -4.83 6.88
N GLY F 322 5.46 -6.09 6.87
CA GLY F 322 4.34 -6.51 6.05
C GLY F 322 4.68 -7.01 4.66
N ASP F 323 3.66 -7.64 4.06
CA ASP F 323 3.71 -8.26 2.74
C ASP F 323 3.59 -7.25 1.61
N GLU F 324 2.76 -6.20 1.80
CA GLU F 324 2.82 -5.04 0.93
C GLU F 324 4.26 -4.51 1.05
N LYS F 325 4.86 -4.17 -0.07
CA LYS F 325 6.21 -3.64 0.04
C LYS F 325 6.24 -2.16 0.39
N ASP F 326 5.33 -1.64 1.24
CA ASP F 326 5.21 -0.20 1.37
C ASP F 326 5.16 0.25 2.84
N SER F 327 6.18 -0.12 3.61
CA SER F 327 6.25 0.25 5.03
C SER F 327 7.68 0.05 5.56
N PHE F 328 8.25 1.07 6.21
CA PHE F 328 9.59 0.90 6.74
C PHE F 328 9.57 1.02 8.25
N TYR F 329 10.54 0.37 8.87
CA TYR F 329 10.68 0.39 10.32
C TYR F 329 11.02 1.80 10.81
N GLY F 330 11.85 2.52 10.07
CA GLY F 330 12.25 3.84 10.53
C GLY F 330 11.10 4.81 10.69
N ASP F 331 9.99 4.58 9.97
CA ASP F 331 8.79 5.41 9.96
C ASP F 331 8.04 5.37 11.28
N PHE F 332 8.28 4.35 12.08
CA PHE F 332 7.67 4.17 13.38
C PHE F 332 8.53 4.70 14.52
N ILE F 333 9.63 5.37 14.19
CA ILE F 333 10.60 5.88 15.15
C ILE F 333 10.48 7.40 15.26
N PRO F 334 10.09 7.93 16.42
CA PRO F 334 10.01 9.38 16.60
C PRO F 334 11.40 10.02 16.63
N ASP F 335 11.49 11.32 16.36
CA ASP F 335 12.74 12.08 16.51
C ASP F 335 12.67 12.73 17.86
N GLU F 336 13.51 12.26 18.77
CA GLU F 336 13.54 12.71 20.15
C GLU F 336 14.48 13.88 20.40
N HIS F 337 15.28 14.26 19.39
CA HIS F 337 16.27 15.30 19.60
C HIS F 337 15.65 16.69 19.52
N LEU F 338 15.15 17.05 18.34
CA LEU F 338 14.57 18.38 18.11
C LEU F 338 13.39 18.67 19.03
N PRO F 339 13.36 19.85 19.67
CA PRO F 339 12.21 20.20 20.52
C PRO F 339 10.90 20.16 19.74
N SER F 340 9.83 19.69 20.39
CA SER F 340 8.52 19.73 19.74
C SER F 340 7.96 21.15 19.77
N PRO F 341 6.97 21.47 18.90
CA PRO F 341 6.36 22.82 18.96
C PRO F 341 5.93 23.22 20.36
N VAL F 342 5.39 22.28 21.13
CA VAL F 342 4.96 22.57 22.50
C VAL F 342 6.16 22.98 23.35
N ASP F 343 7.23 22.19 23.26
CA ASP F 343 8.44 22.39 24.06
C ASP F 343 9.17 23.67 23.66
N ALA F 344 9.34 23.89 22.36
CA ALA F 344 9.96 25.11 21.85
C ALA F 344 9.17 26.32 22.32
N ALA F 345 7.83 26.25 22.18
CA ALA F 345 6.95 27.29 22.69
C ALA F 345 7.23 27.51 24.17
N THR F 346 7.22 26.41 24.96
CA THR F 346 7.49 26.47 26.40
C THR F 346 8.83 27.16 26.73
N GLN F 347 9.92 26.79 26.03
CA GLN F 347 11.22 27.41 26.31
C GLN F 347 11.19 28.92 26.07
N SER F 348 10.55 29.37 24.99
CA SER F 348 10.45 30.82 24.78
C SER F 348 9.67 31.48 25.91
N LEU F 349 8.48 30.94 26.22
CA LEU F 349 7.65 31.43 27.34
C LEU F 349 8.38 31.40 28.70
N LEU F 350 9.23 30.38 28.98
CA LEU F 350 9.95 30.34 30.24
C LEU F 350 10.99 31.46 30.36
N SER F 351 11.78 31.71 29.32
CA SER F 351 12.72 32.82 29.32
C SER F 351 12.00 34.15 29.50
N GLU F 352 10.80 34.29 28.90
CA GLU F 352 10.07 35.55 28.95
C GLU F 352 9.53 35.83 30.35
N GLU F 353 9.01 34.81 31.06
CA GLU F 353 8.61 34.98 32.46
C GLU F 353 9.80 35.12 33.39
N LEU F 354 10.92 34.43 33.11
CA LEU F 354 12.11 34.57 33.96
C LEU F 354 12.73 35.96 33.96
N GLU F 355 12.92 36.58 32.78
CA GLU F 355 13.48 37.94 32.83
C GLU F 355 12.45 38.95 33.37
N LYS F 356 11.20 38.87 32.88
CA LYS F 356 10.07 39.67 33.39
C LYS F 356 9.77 39.43 34.88
N ALA F 357 10.63 38.67 35.57
CA ALA F 357 10.49 38.36 36.99
C ALA F 357 11.67 38.85 37.81
N LEU F 358 12.90 38.83 37.27
CA LEU F 358 14.03 39.35 38.01
C LEU F 358 14.05 40.88 38.06
N SER F 359 13.40 41.53 37.09
CA SER F 359 13.26 43.00 37.03
C SER F 359 12.16 43.59 37.91
N LYS F 360 11.20 42.78 38.39
CA LYS F 360 10.10 43.29 39.21
C LYS F 360 10.45 43.40 40.68
N LEU F 361 11.69 43.07 41.04
CA LEU F 361 12.28 43.28 42.36
C LEU F 361 13.19 44.49 42.17
N SER F 362 14.40 44.27 41.67
CA SER F 362 15.21 45.38 41.16
C SER F 362 16.07 44.79 40.05
N GLU F 363 16.42 45.62 39.06
CA GLU F 363 17.28 45.14 37.99
C GLU F 363 18.67 44.81 38.52
N ARG F 364 19.17 45.59 39.48
CA ARG F 364 20.54 45.45 39.96
C ARG F 364 20.66 44.19 40.80
N GLU F 365 19.66 43.89 41.62
CA GLU F 365 19.71 42.68 42.43
C GLU F 365 19.35 41.52 41.54
N ALA F 366 18.74 41.83 40.38
CA ALA F 366 18.56 40.87 39.30
C ALA F 366 19.87 40.73 38.52
N MET F 367 20.63 41.84 38.37
CA MET F 367 21.93 41.83 37.68
C MET F 367 22.98 41.00 38.42
N VAL F 368 23.02 41.10 39.75
CA VAL F 368 23.91 40.25 40.55
C VAL F 368 23.54 38.77 40.46
N LEU F 369 22.25 38.46 40.65
CA LEU F 369 21.78 37.07 40.56
C LEU F 369 21.91 36.47 39.16
N LYS F 370 21.50 37.22 38.12
CA LYS F 370 21.59 36.75 36.73
C LYS F 370 23.02 36.41 36.33
N LEU F 371 24.02 37.14 36.84
CA LEU F 371 25.40 36.80 36.51
C LEU F 371 25.81 35.46 37.16
N ARG F 372 25.22 35.11 38.31
CA ARG F 372 25.58 33.89 39.06
C ARG F 372 25.04 32.57 38.48
N LYS F 373 24.48 32.57 37.27
CA LYS F 373 23.94 31.37 36.63
C LYS F 373 23.98 31.47 35.10
N GLY F 374 23.49 32.59 34.55
CA GLY F 374 23.55 32.88 33.12
C GLY F 374 22.38 32.33 32.33
N LEU F 375 21.65 33.21 31.63
CA LEU F 375 20.49 32.86 30.79
C LEU F 375 20.84 31.90 29.65
N ILE F 376 21.61 32.36 28.66
CA ILE F 376 22.16 31.46 27.64
C ILE F 376 23.69 31.42 27.76
N ASP F 377 24.23 30.88 28.89
CA ASP F 377 25.68 30.75 29.07
C ASP F 377 26.05 29.70 30.14
N GLY F 378 25.51 29.80 31.37
CA GLY F 378 25.76 28.80 32.38
C GLY F 378 27.08 29.14 33.05
N ARG F 379 27.00 30.17 33.89
CA ARG F 379 28.13 30.76 34.61
C ARG F 379 28.13 30.44 36.11
N GLU F 380 27.91 29.18 36.49
CA GLU F 380 27.98 28.78 37.90
C GLU F 380 29.39 28.25 38.19
N HIS F 381 30.24 29.04 38.86
CA HIS F 381 31.31 28.52 39.71
C HIS F 381 30.90 28.16 41.15
N THR F 382 31.52 28.84 42.14
CA THR F 382 31.20 28.70 43.57
C THR F 382 31.69 29.81 44.51
N LEU F 383 33.00 30.15 44.52
CA LEU F 383 33.47 31.21 45.42
C LEU F 383 34.60 32.13 44.93
N GLU F 384 35.55 31.58 44.19
CA GLU F 384 36.70 32.34 43.69
C GLU F 384 36.33 33.44 42.70
N GLU F 385 36.24 33.08 41.41
CA GLU F 385 35.86 33.92 40.28
C GLU F 385 34.94 35.10 40.59
N VAL F 386 33.97 34.88 41.50
CA VAL F 386 32.97 35.85 41.95
C VAL F 386 33.63 37.05 42.62
N GLY F 387 34.97 37.00 42.75
CA GLY F 387 35.74 38.13 43.25
C GLY F 387 35.63 39.44 42.48
N ALA F 388 35.63 39.37 41.13
CA ALA F 388 35.52 40.57 40.28
C ALA F 388 34.23 41.42 40.29
N PHE F 389 33.80 41.88 39.09
CA PHE F 389 32.64 42.77 38.89
C PHE F 389 31.28 42.09 39.03
N PHE F 390 30.76 42.11 40.26
CA PHE F 390 29.35 42.35 40.52
C PHE F 390 29.08 43.82 40.84
N GLY F 391 29.89 44.39 41.73
CA GLY F 391 29.86 45.77 42.17
C GLY F 391 30.36 45.91 43.60
N VAL F 392 30.34 44.78 44.33
CA VAL F 392 30.74 44.63 45.74
C VAL F 392 32.02 43.79 45.80
N THR F 393 32.51 43.50 47.02
CA THR F 393 33.78 42.77 47.21
C THR F 393 33.64 41.25 47.02
N ARG F 394 33.29 40.44 48.04
CA ARG F 394 33.16 38.99 47.75
C ARG F 394 32.22 38.09 48.56
N GLU F 395 32.11 38.25 49.88
CA GLU F 395 31.12 37.50 50.67
C GLU F 395 29.70 38.03 50.43
N ARG F 396 29.60 39.35 50.23
CA ARG F 396 28.35 40.08 49.98
C ARG F 396 27.50 39.49 48.85
N ILE F 397 28.11 39.00 47.77
CA ILE F 397 27.31 38.49 46.66
C ILE F 397 26.54 37.25 47.05
N ARG F 398 27.08 36.45 47.97
CA ARG F 398 26.33 35.31 48.47
C ARG F 398 25.07 35.78 49.20
N GLN F 399 25.15 36.92 49.92
CA GLN F 399 24.00 37.45 50.66
C GLN F 399 22.91 38.00 49.74
N ILE F 400 23.27 38.86 48.76
CA ILE F 400 22.29 39.40 47.82
C ILE F 400 21.77 38.28 46.92
N GLU F 401 22.53 37.20 46.78
CA GLU F 401 21.99 36.01 46.13
C GLU F 401 20.79 35.51 46.92
N ASN F 402 20.89 35.48 48.26
CA ASN F 402 19.76 35.06 49.08
C ASN F 402 18.62 36.08 49.09
N LYS F 403 18.90 37.40 49.21
CA LYS F 403 17.75 38.33 49.17
C LYS F 403 17.11 38.39 47.78
N ALA F 404 17.91 38.29 46.72
CA ALA F 404 17.30 38.17 45.40
C ALA F 404 16.44 36.93 45.38
N LEU F 405 17.03 35.80 45.78
CA LEU F 405 16.29 34.56 45.86
C LEU F 405 15.15 34.64 46.88
N ARG F 406 15.35 35.39 47.99
CA ARG F 406 14.29 35.55 49.00
C ARG F 406 13.12 36.42 48.52
N LYS F 407 13.41 37.62 47.99
CA LYS F 407 12.34 38.45 47.44
C LYS F 407 11.65 37.72 46.29
N LEU F 408 12.42 37.00 45.49
CA LEU F 408 11.83 36.18 44.44
C LEU F 408 10.85 35.18 45.05
N LYS F 409 11.25 34.51 46.14
CA LYS F 409 10.40 33.52 46.82
C LYS F 409 9.07 34.12 47.31
N TYR F 410 9.09 35.31 47.93
CA TYR F 410 7.85 35.96 48.36
C TYR F 410 7.03 36.39 47.14
N HIS F 411 7.68 37.11 46.23
CA HIS F 411 7.11 37.58 44.96
C HIS F 411 6.51 36.44 44.15
N GLU F 412 7.04 35.22 44.31
CA GLU F 412 6.55 33.99 43.66
C GLU F 412 5.16 33.55 44.13
N SER F 413 4.88 33.58 45.44
CA SER F 413 3.55 33.14 45.91
C SER F 413 2.38 33.93 45.31
N ARG F 414 2.57 35.21 44.98
CA ARG F 414 1.50 35.97 44.30
C ARG F 414 1.39 35.57 42.83
N THR F 415 2.52 35.64 42.10
CA THR F 415 2.60 35.37 40.66
C THR F 415 2.97 33.89 40.49
N ARG F 416 2.19 33.03 41.16
CA ARG F 416 2.45 31.58 41.19
C ARG F 416 2.33 30.91 39.82
N LYS F 417 2.70 31.65 38.76
CA LYS F 417 2.54 31.12 37.41
C LYS F 417 3.71 30.21 37.08
N LEU F 418 4.76 30.23 37.92
CA LEU F 418 5.99 29.52 37.63
C LEU F 418 5.96 28.12 38.26
N ARG F 419 4.90 27.80 39.01
CA ARG F 419 4.82 26.50 39.70
C ARG F 419 4.70 25.38 38.68
N ASP F 420 3.84 25.60 37.67
CA ASP F 420 3.51 24.63 36.63
C ASP F 420 4.72 24.30 35.74
N PHE F 421 5.81 25.07 35.80
CA PHE F 421 6.94 24.71 34.95
C PHE F 421 7.81 23.63 35.58
N LEU F 422 7.43 23.13 36.76
CA LEU F 422 8.13 22.05 37.45
C LEU F 422 7.75 20.67 36.92
N ASP F 423 6.75 20.61 36.03
CA ASP F 423 6.21 19.39 35.40
C ASP F 423 5.69 18.38 36.43
#